data_9CZJ
#
_entry.id   9CZJ
#
_cell.length_a   1.00
_cell.length_b   1.00
_cell.length_c   1.00
_cell.angle_alpha   90.00
_cell.angle_beta   90.00
_cell.angle_gamma   90.00
#
_symmetry.space_group_name_H-M   'P 1'
#
loop_
_entity.id
_entity.type
_entity.pdbx_description
1 polymer 'Isoform 5 of Calcium-activated potassium channel subunit alpha-1'
2 polymer 'Large-conductance Ca2+-activated K+ channel beta2 subunit,Calcium-activated potassium channel subunit beta-4'
3 non-polymer CHOLESTEROL
4 non-polymer 'POTASSIUM ION'
#
loop_
_entity_poly.entity_id
_entity_poly.type
_entity_poly.pdbx_seq_one_letter_code
_entity_poly.pdbx_strand_id
1 'polypeptide(L)'
;MDALIIPVTMEVPCDSRGQRMWWAFLASSMVTFFGGLFIILLWRTLKYLWTVCCHCGGKTKEAQKINNGSSQADGTLKPV
DEKEEAVAAEVGWMTSVKDWAGVMISAQTLTGRVLVVLVFALSIGALVIYFIDSSNPIESCQNFYKDFTLQIDMAFNVFF
LLYFGLRFIAANDKLWFWLEVNSVVDFFTVPPVFVSVYLNRSWLGLRFLRALRLIQFSEILQFLNILKTSNSIKLVNLLS
IFISTWLTAAGFIHLVENSGDPWENFQNNQALTYWECVYLLMVTMSTVGYGDVYAKTTLGRLFMVFFILGGLAMFASYVP
EIIELIGNRKKYGGSYSAVSGRKHIVVCGHITLESVSNFLKDFLHKDRDDVNVEIVFLHNISPNLELEALFKRHFTQVEF
YQGSVLNPHDLARVKIESADACLILANKYCADPDAEDASNIMRVISIKNYHPKIRIITQMLQYHNKAHLLNIPSWNWKEG
DDAICLAELKLGFIAQSCLAQGLSTMLANLFSMRSFIKIEEDTWQKYYLEGVSNEMYTEYLSSAFVGLSFPTVCELCFVK
LKLLMIAIEYKSANRESRILINPGNHLKIQEGTLGFFIASDAKEVKRAFFYCKACHDDITDPKRIKKCGCKRLEDEQPST
LSPKKKQRNGGMRNSPNTSPKLMRHDPLLIPGNDQIDNMDSNVKKYDSTGMFHWCAPKEIEKVILTRSEAAMTVLSGHVV
VCIFGDVSSALIGLRNLVMPLRASNFHYHELKHIVFVGSIEYLKREWETLHNFPKVSILPGTPLSRADLRAVNINLCDMC
VILSANQNNIDDTSLQDKECILASLNIKSMQFDDSIGVLQANSQGFTPPGMDRSSPDNSPVHGMLRQPSITTGVNIPIIT
ELVNDTNVQFLDQDDDDDPDTELYLTQPFACGTAFAVSVLDSLMSATYFNDNILTLIRTLVTGGATPELEALIAEENALR
GGYSTPQTLANRDRCRVAQLALLDGPFADLGDGGCYGDLFCKALKTYNMLCFGIYRLRDAHLSTPSQCTKRYVITNPPYE
FELVPTDLIFCLMQFD
;
A,B,C,D
2 'polypeptide(L)'
;FIWTSGRTSSSYRHDEKRNIYQKIRDHDLLDKRKTVTALKAGEDKSIRLGLFLIISGVVSLFIFGFCWLSPALQDLQATE
ANCTVLSVQQIGEVFECTFTCGADCRGTSQYPCVQVYVNNSESNSRALLHSDEHQLLTNPKCSYIPPCKRENQKNLESVM
NWQQYWKDEIGSQPFTCYFNQHQRPDDVLLHRTHDEIVLLHCFLWPLVTFVVGVLIVVLTICAKSLAVKAEAMKKRKFS
;
E,F,G,H
#
loop_
_chem_comp.id
_chem_comp.type
_chem_comp.name
_chem_comp.formula
CLR non-polymer CHOLESTEROL 'C27 H46 O'
K non-polymer 'POTASSIUM ION' 'K 1'
#
# COMPACT_ATOMS: atom_id res chain seq x y z
N GLN A 19 -12.69 56.59 -28.00
CA GLN A 19 -11.45 56.90 -27.26
C GLN A 19 -10.49 55.69 -27.30
N ARG A 20 -9.20 55.91 -27.59
CA ARG A 20 -8.17 54.85 -27.77
C ARG A 20 -7.09 54.77 -26.67
N MET A 21 -7.09 55.68 -25.70
CA MET A 21 -6.03 55.81 -24.68
C MET A 21 -5.90 54.64 -23.68
N TRP A 22 -6.78 53.64 -23.73
CA TRP A 22 -6.70 52.42 -22.91
C TRP A 22 -5.35 51.68 -22.99
N TRP A 23 -4.55 51.86 -24.05
CA TRP A 23 -3.20 51.29 -24.12
C TRP A 23 -2.27 51.84 -23.03
N ALA A 24 -2.46 53.09 -22.63
CA ALA A 24 -1.59 53.76 -21.66
C ALA A 24 -1.71 53.19 -20.25
N PHE A 25 -2.85 52.60 -19.89
CA PHE A 25 -3.10 52.02 -18.58
C PHE A 25 -2.20 50.80 -18.37
N LEU A 26 -2.25 49.83 -19.29
CA LEU A 26 -1.39 48.66 -19.24
C LEU A 26 0.08 49.05 -19.44
N ALA A 27 0.36 50.01 -20.34
CA ALA A 27 1.70 50.53 -20.50
C ALA A 27 2.24 51.04 -19.16
N SER A 28 1.51 51.85 -18.40
CA SER A 28 1.96 52.36 -17.09
C SER A 28 2.30 51.25 -16.09
N SER A 29 1.61 50.11 -16.12
CA SER A 29 2.04 48.96 -15.34
C SER A 29 3.36 48.38 -15.85
N MET A 30 3.40 48.00 -17.12
CA MET A 30 4.61 47.42 -17.70
C MET A 30 5.83 48.33 -17.54
N VAL A 31 5.61 49.64 -17.64
CA VAL A 31 6.70 50.60 -17.52
C VAL A 31 7.35 50.57 -16.14
N THR A 32 6.53 50.42 -15.10
CA THR A 32 7.06 50.37 -13.73
C THR A 32 7.77 49.05 -13.48
N PHE A 33 7.31 47.99 -14.15
CA PHE A 33 7.92 46.69 -14.02
C PHE A 33 9.30 46.71 -14.65
N PHE A 34 9.34 47.30 -15.85
CA PHE A 34 10.55 47.41 -16.64
C PHE A 34 11.66 47.98 -15.79
N GLY A 35 11.47 49.21 -15.24
CA GLY A 35 12.42 49.93 -14.41
C GLY A 35 12.85 49.08 -13.23
N GLY A 36 11.89 48.35 -12.67
CA GLY A 36 12.15 47.47 -11.54
C GLY A 36 13.13 46.36 -11.83
N LEU A 37 12.95 45.65 -12.94
CA LEU A 37 13.84 44.55 -13.29
C LEU A 37 15.20 45.05 -13.79
N PHE A 38 15.26 46.22 -14.44
CA PHE A 38 16.58 46.68 -14.90
C PHE A 38 17.50 47.21 -13.79
N ILE A 39 16.97 48.13 -12.97
CA ILE A 39 17.81 48.92 -12.07
C ILE A 39 18.24 48.12 -10.86
N ILE A 40 17.35 47.31 -10.28
CA ILE A 40 17.63 46.58 -9.05
C ILE A 40 18.76 45.54 -9.23
N LEU A 41 18.93 45.02 -10.45
CA LEU A 41 20.01 44.11 -10.85
C LEU A 41 21.28 44.88 -11.27
N LEU A 42 21.14 45.98 -12.01
CA LEU A 42 22.27 46.84 -12.39
C LEU A 42 23.04 47.40 -11.18
N TRP A 43 22.35 47.58 -10.06
CA TRP A 43 22.99 48.11 -8.86
C TRP A 43 24.01 47.15 -8.24
N ARG A 44 23.81 45.86 -8.42
CA ARG A 44 24.72 44.85 -7.88
C ARG A 44 25.67 44.30 -8.94
N THR A 45 26.57 45.17 -9.38
CA THR A 45 27.58 44.85 -10.38
C THR A 45 28.78 45.74 -10.09
N LEU A 46 29.97 45.29 -10.51
CA LEU A 46 31.28 45.95 -10.35
C LEU A 46 31.69 46.13 -8.89
N LYS A 47 32.48 45.19 -8.35
CA LYS A 47 32.95 45.22 -6.97
C LYS A 47 33.55 46.58 -6.60
N TYR A 48 34.45 47.09 -7.45
CA TYR A 48 35.05 48.38 -7.21
C TYR A 48 33.99 49.46 -7.45
N LEU A 49 33.53 50.13 -6.40
CA LEU A 49 32.52 51.17 -6.54
C LEU A 49 32.97 52.21 -7.55
N TRP A 50 34.17 52.75 -7.34
CA TRP A 50 34.71 53.72 -8.29
C TRP A 50 36.24 53.61 -8.55
N THR A 51 37.08 53.53 -7.52
CA THR A 51 38.56 53.42 -7.61
C THR A 51 39.23 54.33 -8.68
N VAL A 52 39.11 53.99 -9.97
CA VAL A 52 39.69 54.83 -11.02
C VAL A 52 38.98 54.67 -12.35
N TRP A 93 22.22 55.49 8.06
CA TRP A 93 20.81 55.88 7.96
C TRP A 93 19.98 54.78 7.33
N MET A 94 20.59 54.03 6.42
CA MET A 94 19.89 52.93 5.76
C MET A 94 19.47 51.86 6.75
N THR A 95 20.36 51.52 7.70
CA THR A 95 20.04 50.49 8.67
C THR A 95 18.86 50.90 9.54
N SER A 96 18.81 52.17 9.96
CA SER A 96 17.74 52.63 10.83
C SER A 96 16.39 52.55 10.13
N VAL A 97 16.32 53.03 8.89
CA VAL A 97 15.04 53.01 8.17
C VAL A 97 14.65 51.58 7.82
N LYS A 98 15.62 50.73 7.50
CA LYS A 98 15.31 49.33 7.23
C LYS A 98 14.75 48.64 8.48
N ASP A 99 15.34 48.90 9.65
CA ASP A 99 14.82 48.32 10.88
C ASP A 99 13.43 48.86 11.20
N TRP A 100 13.21 50.17 10.99
CA TRP A 100 11.90 50.76 11.25
C TRP A 100 10.84 50.18 10.31
N ALA A 101 11.22 49.86 9.07
CA ALA A 101 10.27 49.26 8.15
C ALA A 101 10.01 47.79 8.50
N GLY A 102 11.05 47.06 8.87
CA GLY A 102 10.93 45.64 9.14
C GLY A 102 10.44 45.24 10.51
N VAL A 103 10.39 46.18 11.46
CA VAL A 103 9.92 45.82 12.80
C VAL A 103 8.42 45.51 12.78
N MET A 104 7.68 46.26 11.95
CA MET A 104 6.24 46.06 11.71
C MET A 104 5.98 44.85 10.82
N ILE A 105 6.86 44.53 9.87
CA ILE A 105 6.57 43.48 8.88
C ILE A 105 6.58 42.06 9.49
N SER A 106 7.03 41.89 10.74
CA SER A 106 7.09 40.58 11.37
C SER A 106 5.71 39.96 11.52
N ALA A 107 5.54 38.72 11.09
CA ALA A 107 4.28 37.99 11.20
C ALA A 107 3.94 37.65 12.67
N GLN A 108 4.96 37.50 13.52
CA GLN A 108 4.75 37.18 14.93
C GLN A 108 4.37 38.42 15.75
N THR A 109 4.83 39.58 15.31
CA THR A 109 4.54 40.83 16.00
C THR A 109 3.07 41.19 15.88
N LEU A 110 2.46 41.89 16.84
CA LEU A 110 1.04 42.26 16.77
C LEU A 110 0.76 43.26 15.63
N THR A 111 1.63 44.25 15.46
CA THR A 111 1.52 45.26 14.40
C THR A 111 1.57 44.64 12.99
N GLY A 112 2.40 43.61 12.77
CA GLY A 112 2.45 42.93 11.48
C GLY A 112 1.26 42.04 11.21
N ARG A 113 0.81 41.23 12.17
CA ARG A 113 -0.37 40.40 11.96
C ARG A 113 -1.62 41.26 11.66
N VAL A 114 -1.78 42.41 12.33
CA VAL A 114 -2.96 43.27 12.08
C VAL A 114 -2.87 44.05 10.77
N LEU A 115 -1.69 44.49 10.32
CA LEU A 115 -1.59 45.07 8.97
C LEU A 115 -1.78 44.00 7.88
N VAL A 116 -1.37 42.74 8.09
CA VAL A 116 -1.62 41.66 7.13
C VAL A 116 -3.12 41.34 7.02
N VAL A 117 -3.89 41.42 8.10
CA VAL A 117 -5.37 41.37 8.00
C VAL A 117 -5.89 42.52 7.14
N LEU A 118 -5.25 43.68 7.26
CA LEU A 118 -5.65 44.87 6.50
C LEU A 118 -5.44 44.73 5.00
N VAL A 119 -4.23 44.35 4.59
CA VAL A 119 -3.96 44.16 3.15
C VAL A 119 -4.94 43.16 2.54
N PHE A 120 -5.31 42.13 3.30
CA PHE A 120 -6.27 41.11 2.89
C PHE A 120 -7.71 41.66 2.81
N ALA A 121 -8.16 42.40 3.81
CA ALA A 121 -9.48 43.02 3.80
C ALA A 121 -9.62 44.05 2.68
N LEU A 122 -8.61 44.90 2.47
CA LEU A 122 -8.62 45.87 1.39
C LEU A 122 -8.56 45.18 0.02
N SER A 123 -7.85 44.05 -0.08
CA SER A 123 -7.82 43.24 -1.30
C SER A 123 -9.20 42.73 -1.65
N ILE A 124 -9.95 42.16 -0.70
CA ILE A 124 -11.33 41.73 -0.94
C ILE A 124 -12.18 42.94 -1.33
N GLY A 125 -12.05 44.09 -0.67
CA GLY A 125 -12.78 45.31 -1.04
C GLY A 125 -12.53 45.75 -2.49
N ALA A 126 -11.28 45.67 -2.95
CA ALA A 126 -10.93 45.91 -4.34
C ALA A 126 -11.58 44.91 -5.30
N LEU A 127 -11.75 43.64 -4.89
CA LEU A 127 -12.48 42.66 -5.69
C LEU A 127 -13.99 42.91 -5.69
N VAL A 128 -14.59 43.31 -4.57
CA VAL A 128 -16.02 43.63 -4.53
C VAL A 128 -16.36 44.73 -5.51
N ILE A 129 -15.58 45.81 -5.52
CA ILE A 129 -15.84 46.92 -6.45
C ILE A 129 -15.49 46.51 -7.88
N TYR A 130 -14.49 45.64 -8.05
CA TYR A 130 -14.23 45.05 -9.37
C TYR A 130 -15.44 44.27 -9.90
N PHE A 131 -16.07 43.46 -9.07
CA PHE A 131 -17.28 42.76 -9.47
C PHE A 131 -18.42 43.72 -9.80
N ILE A 132 -18.56 44.83 -9.08
CA ILE A 132 -19.51 45.89 -9.42
C ILE A 132 -19.25 46.40 -10.83
N ASP A 133 -18.11 47.03 -11.11
CA ASP A 133 -17.93 47.62 -12.45
C ASP A 133 -17.79 46.62 -13.59
N SER A 134 -17.09 45.52 -13.35
CA SER A 134 -17.00 44.51 -14.42
C SER A 134 -18.38 44.03 -14.89
N SER A 135 -19.43 44.18 -14.08
CA SER A 135 -20.80 43.79 -14.41
C SER A 135 -21.55 44.82 -15.28
N ASN A 136 -21.01 46.02 -15.47
CA ASN A 136 -21.61 47.04 -16.32
C ASN A 136 -21.41 46.78 -17.83
N PRO A 137 -22.17 47.48 -18.70
CA PRO A 137 -21.86 47.62 -20.11
C PRO A 137 -20.45 48.16 -20.38
N ILE A 138 -19.99 48.04 -21.63
CA ILE A 138 -18.65 48.49 -22.05
C ILE A 138 -18.45 50.01 -21.96
N GLU A 139 -19.53 50.80 -22.13
CA GLU A 139 -19.54 52.25 -21.89
C GLU A 139 -20.83 52.69 -21.18
N SER A 140 -20.70 53.66 -20.29
CA SER A 140 -21.78 54.24 -19.48
C SER A 140 -21.52 55.72 -19.22
N CYS A 141 -22.54 56.51 -18.88
CA CYS A 141 -22.22 57.92 -18.57
C CYS A 141 -21.66 57.99 -17.14
N GLN A 142 -20.34 57.94 -17.01
CA GLN A 142 -19.69 58.00 -15.72
C GLN A 142 -19.46 59.44 -15.26
N ASN A 143 -20.39 59.99 -14.47
CA ASN A 143 -20.24 61.37 -13.98
C ASN A 143 -20.90 61.64 -12.63
N PHE A 144 -22.23 61.50 -12.56
CA PHE A 144 -22.96 61.75 -11.32
C PHE A 144 -22.88 60.62 -10.32
N TYR A 145 -22.60 59.41 -10.81
CA TYR A 145 -22.50 58.25 -9.93
C TYR A 145 -21.63 57.16 -10.55
N LYS A 146 -20.32 57.36 -10.43
CA LYS A 146 -19.33 56.43 -10.92
C LYS A 146 -18.80 55.55 -9.79
N ASP A 147 -19.63 54.63 -9.33
CA ASP A 147 -19.25 53.65 -8.30
C ASP A 147 -18.58 54.29 -7.07
N PHE A 148 -19.25 55.27 -6.47
CA PHE A 148 -18.76 56.10 -5.36
C PHE A 148 -17.47 56.86 -5.67
N THR A 149 -17.30 57.28 -6.92
CA THR A 149 -16.32 58.29 -7.41
C THR A 149 -14.84 57.89 -7.36
N LEU A 150 -13.98 58.78 -7.88
CA LEU A 150 -12.53 58.65 -7.85
C LEU A 150 -11.95 58.47 -6.43
N GLN A 151 -12.68 58.87 -5.38
CA GLN A 151 -12.22 58.72 -4.00
C GLN A 151 -12.04 57.24 -3.62
N ILE A 152 -13.06 56.40 -3.80
CA ILE A 152 -12.88 54.96 -3.52
C ILE A 152 -11.98 54.32 -4.57
N ASP A 153 -11.94 54.84 -5.80
CA ASP A 153 -10.98 54.34 -6.80
C ASP A 153 -9.55 54.48 -6.30
N MET A 154 -9.15 55.63 -5.74
CA MET A 154 -7.80 55.81 -5.22
C MET A 154 -7.59 55.15 -3.84
N ALA A 155 -8.61 55.09 -2.98
CA ALA A 155 -8.43 54.81 -1.56
C ALA A 155 -7.63 53.53 -1.26
N PHE A 156 -7.97 52.41 -1.91
CA PHE A 156 -7.30 51.13 -1.66
C PHE A 156 -5.85 51.13 -2.15
N ASN A 157 -5.60 51.66 -3.36
CA ASN A 157 -4.26 51.69 -3.93
C ASN A 157 -3.39 52.83 -3.41
N VAL A 158 -3.95 53.89 -2.84
CA VAL A 158 -3.18 54.83 -1.99
C VAL A 158 -2.54 54.07 -0.83
N PHE A 159 -3.26 53.14 -0.22
CA PHE A 159 -2.66 52.22 0.75
C PHE A 159 -1.71 51.20 0.09
N PHE A 160 -2.12 50.50 -0.98
CA PHE A 160 -1.24 49.47 -1.56
C PHE A 160 0.05 50.04 -2.14
N LEU A 161 0.05 51.27 -2.67
CA LEU A 161 1.25 51.94 -3.17
C LEU A 161 2.20 52.27 -2.01
N LEU A 162 1.66 52.80 -0.91
CA LEU A 162 2.39 52.98 0.34
C LEU A 162 2.91 51.64 0.87
N TYR A 163 2.13 50.57 0.80
CA TYR A 163 2.53 49.25 1.25
C TYR A 163 3.54 48.59 0.31
N PHE A 164 3.50 48.88 -0.99
CA PHE A 164 4.52 48.47 -1.96
C PHE A 164 5.85 49.21 -1.70
N GLY A 165 5.78 50.52 -1.44
CA GLY A 165 6.92 51.31 -1.00
C GLY A 165 7.49 50.79 0.32
N LEU A 166 6.62 50.55 1.31
CA LEU A 166 6.98 49.92 2.57
C LEU A 166 7.63 48.58 2.30
N ARG A 167 7.06 47.70 1.47
CA ARG A 167 7.70 46.42 1.13
C ARG A 167 9.05 46.60 0.45
N PHE A 168 9.24 47.63 -0.36
CA PHE A 168 10.54 47.87 -1.01
C PHE A 168 11.59 48.42 -0.05
N ILE A 169 11.28 49.43 0.76
CA ILE A 169 12.21 49.87 1.81
C ILE A 169 12.35 48.80 2.90
N ALA A 170 11.35 47.92 3.07
CA ALA A 170 11.46 46.84 4.03
C ALA A 170 12.22 45.65 3.44
N ALA A 171 12.38 45.66 2.13
CA ALA A 171 13.09 44.58 1.43
C ALA A 171 14.47 44.35 2.03
N ASN A 172 14.83 43.09 2.23
CA ASN A 172 16.12 42.73 2.79
C ASN A 172 17.02 42.02 1.78
N ASP A 173 16.57 41.75 0.56
CA ASP A 173 17.43 41.13 -0.44
C ASP A 173 17.06 41.66 -1.81
N LYS A 174 16.91 42.98 -1.88
CA LYS A 174 16.51 43.78 -3.04
C LYS A 174 15.84 43.04 -4.21
N LEU A 175 16.62 42.34 -5.03
CA LEU A 175 16.07 41.69 -6.21
C LEU A 175 15.05 40.61 -5.88
N TRP A 176 15.28 39.88 -4.80
CA TRP A 176 14.40 38.78 -4.45
C TRP A 176 13.03 39.28 -3.98
N PHE A 177 13.05 40.45 -3.35
CA PHE A 177 11.84 41.09 -2.92
C PHE A 177 11.01 41.38 -4.17
N TRP A 178 11.63 41.85 -5.25
CA TRP A 178 10.87 42.18 -6.47
C TRP A 178 10.31 40.95 -7.21
N LEU A 179 11.08 39.88 -7.18
CA LEU A 179 10.72 38.61 -7.84
C LEU A 179 9.90 37.63 -7.00
N GLU A 180 9.57 37.96 -5.75
CA GLU A 180 8.51 37.26 -5.00
C GLU A 180 7.18 37.41 -5.75
N VAL A 181 6.45 36.32 -5.99
CA VAL A 181 5.16 36.35 -6.70
C VAL A 181 4.14 37.24 -6.01
N ASN A 182 4.23 37.35 -4.69
CA ASN A 182 3.40 38.24 -3.88
C ASN A 182 3.68 39.73 -4.18
N SER A 183 4.88 40.09 -4.62
CA SER A 183 5.24 41.44 -5.05
C SER A 183 4.83 41.73 -6.49
N VAL A 184 4.94 40.79 -7.39
CA VAL A 184 4.72 40.97 -8.83
C VAL A 184 3.33 41.52 -9.11
N VAL A 185 2.32 40.98 -8.47
CA VAL A 185 0.92 41.38 -8.63
C VAL A 185 0.64 42.84 -8.27
N ASP A 186 1.43 43.45 -7.37
CA ASP A 186 1.16 44.82 -6.89
C ASP A 186 1.37 45.88 -7.99
N PHE A 187 2.51 45.87 -8.68
CA PHE A 187 2.72 46.80 -9.80
C PHE A 187 1.96 46.41 -11.09
N PHE A 188 1.28 45.26 -11.11
CA PHE A 188 0.22 45.01 -12.09
C PHE A 188 -1.10 45.68 -11.72
N THR A 189 -1.58 45.55 -10.48
CA THR A 189 -2.89 46.12 -10.12
C THR A 189 -2.88 47.62 -9.80
N VAL A 190 -1.76 48.20 -9.32
CA VAL A 190 -1.74 49.59 -8.81
C VAL A 190 -1.71 50.68 -9.92
N PRO A 191 -0.73 50.72 -10.85
CA PRO A 191 -0.61 51.79 -11.82
C PRO A 191 -1.81 52.02 -12.76
N PRO A 192 -2.54 51.00 -13.25
CA PRO A 192 -3.67 51.23 -14.15
C PRO A 192 -4.74 52.15 -13.56
N VAL A 193 -5.00 52.03 -12.25
CA VAL A 193 -5.92 52.92 -11.54
C VAL A 193 -5.36 54.33 -11.39
N PHE A 194 -4.05 54.48 -11.18
CA PHE A 194 -3.43 55.80 -11.17
C PHE A 194 -3.54 56.51 -12.54
N VAL A 195 -3.67 55.78 -13.65
CA VAL A 195 -3.98 56.39 -14.94
C VAL A 195 -5.47 56.67 -15.07
N SER A 196 -6.33 55.79 -14.56
CA SER A 196 -7.78 56.01 -14.51
C SER A 196 -8.14 57.32 -13.78
N VAL A 197 -7.51 57.61 -12.64
CA VAL A 197 -7.77 58.88 -11.93
C VAL A 197 -7.24 60.09 -12.69
N TYR A 198 -6.08 59.99 -13.36
CA TYR A 198 -5.59 61.05 -14.23
C TYR A 198 -6.55 61.35 -15.40
N LEU A 199 -7.13 60.31 -15.99
CA LEU A 199 -8.15 60.45 -17.03
C LEU A 199 -9.55 60.77 -16.47
N ASN A 200 -9.75 60.55 -15.17
CA ASN A 200 -11.06 60.74 -14.51
C ASN A 200 -12.16 59.95 -15.24
N ARG A 201 -11.80 58.73 -15.64
CA ARG A 201 -12.66 57.83 -16.43
C ARG A 201 -12.27 56.38 -16.22
N SER A 202 -13.16 55.58 -15.63
CA SER A 202 -12.86 54.20 -15.25
C SER A 202 -12.58 53.31 -16.45
N TRP A 203 -11.56 52.46 -16.33
CA TRP A 203 -11.25 51.42 -17.31
C TRP A 203 -11.13 50.06 -16.62
N LEU A 204 -11.87 49.08 -17.12
CA LEU A 204 -11.71 47.68 -16.72
C LEU A 204 -10.30 47.16 -17.02
N GLY A 205 -9.45 47.15 -16.01
CA GLY A 205 -8.09 46.66 -16.10
C GLY A 205 -7.93 45.25 -15.56
N LEU A 206 -6.69 44.89 -15.23
CA LEU A 206 -6.29 43.60 -14.68
C LEU A 206 -6.45 43.51 -13.15
N ARG A 207 -7.31 44.37 -12.61
CA ARG A 207 -7.56 44.44 -11.16
C ARG A 207 -8.05 43.15 -10.49
N PHE A 208 -8.50 42.19 -11.27
CA PHE A 208 -8.93 40.89 -10.76
C PHE A 208 -7.76 40.07 -10.24
N LEU A 209 -6.54 40.35 -10.71
CA LEU A 209 -5.32 39.72 -10.19
C LEU A 209 -5.13 39.97 -8.70
N ARG A 210 -5.78 41.01 -8.18
CA ARG A 210 -5.73 41.26 -6.74
C ARG A 210 -6.31 40.05 -5.95
N ALA A 211 -7.21 39.26 -6.57
CA ALA A 211 -7.74 38.08 -5.91
C ALA A 211 -6.64 37.11 -5.50
N LEU A 212 -5.44 37.19 -6.08
CA LEU A 212 -4.30 36.38 -5.69
C LEU A 212 -3.83 36.68 -4.25
N ARG A 213 -4.20 37.79 -3.60
CA ARG A 213 -3.93 37.93 -2.15
C ARG A 213 -4.66 36.88 -1.29
N LEU A 214 -5.70 36.20 -1.79
CA LEU A 214 -6.41 35.15 -1.05
C LEU A 214 -5.51 33.95 -0.69
N ILE A 215 -4.35 33.78 -1.32
CA ILE A 215 -3.35 32.77 -0.94
C ILE A 215 -2.98 32.87 0.56
N GLN A 216 -3.01 34.06 1.14
CA GLN A 216 -2.66 34.28 2.55
C GLN A 216 -3.74 33.90 3.57
N PHE A 217 -4.95 33.50 3.13
CA PHE A 217 -6.08 33.31 4.04
C PHE A 217 -5.84 32.23 5.11
N SER A 218 -5.12 31.15 4.76
CA SER A 218 -4.74 30.10 5.71
C SER A 218 -3.90 30.66 6.87
N GLU A 219 -2.92 31.51 6.58
CA GLU A 219 -2.00 32.06 7.57
C GLU A 219 -2.72 32.97 8.57
N ILE A 220 -3.63 33.83 8.10
CA ILE A 220 -4.37 34.71 9.01
C ILE A 220 -5.33 33.92 9.91
N LEU A 221 -5.92 32.82 9.40
CA LEU A 221 -6.73 31.91 10.20
C LEU A 221 -5.90 31.21 11.30
N GLN A 222 -4.60 31.10 11.07
CA GLN A 222 -3.64 30.54 12.03
C GLN A 222 -3.19 31.53 13.13
N PHE A 223 -3.00 32.82 12.82
CA PHE A 223 -2.60 33.79 13.86
C PHE A 223 -3.82 34.36 14.61
N LEU A 224 -4.94 34.53 13.91
CA LEU A 224 -6.19 34.89 14.59
C LEU A 224 -6.75 33.74 15.45
N ASN A 225 -6.16 32.55 15.33
CA ASN A 225 -6.47 31.35 16.13
C ASN A 225 -7.93 30.89 16.03
N ILE A 226 -8.56 31.05 14.86
CA ILE A 226 -9.92 30.57 14.62
C ILE A 226 -9.92 29.05 14.41
N LEU A 227 -8.99 28.54 13.60
CA LEU A 227 -8.83 27.11 13.26
C LEU A 227 -7.44 26.61 13.65
N LYS A 228 -7.38 25.38 14.16
CA LYS A 228 -6.20 24.85 14.87
C LYS A 228 -5.64 23.54 14.30
N THR A 229 -6.51 22.65 13.80
CA THR A 229 -6.08 21.40 13.21
C THR A 229 -5.24 21.64 11.96
N SER A 230 -4.16 20.88 11.83
CA SER A 230 -3.30 21.00 10.66
C SER A 230 -4.05 20.61 9.39
N ASN A 231 -4.88 19.57 9.46
CA ASN A 231 -5.69 19.18 8.31
C ASN A 231 -6.65 20.29 7.92
N SER A 232 -7.26 20.95 8.90
CA SER A 232 -8.15 22.06 8.61
C SER A 232 -7.39 23.21 7.94
N ILE A 233 -6.20 23.53 8.42
CA ILE A 233 -5.38 24.60 7.83
C ILE A 233 -4.99 24.23 6.39
N LYS A 234 -4.66 22.96 6.12
CA LYS A 234 -4.34 22.54 4.75
C LYS A 234 -5.57 22.64 3.85
N LEU A 235 -6.74 22.22 4.36
CA LEU A 235 -7.96 22.31 3.58
C LEU A 235 -8.30 23.77 3.26
N VAL A 236 -8.17 24.68 4.22
CA VAL A 236 -8.42 26.10 4.00
C VAL A 236 -7.40 26.69 3.03
N ASN A 237 -6.14 26.27 3.11
CA ASN A 237 -5.12 26.66 2.16
C ASN A 237 -5.51 26.24 0.73
N LEU A 238 -5.90 24.97 0.55
CA LEU A 238 -6.25 24.43 -0.75
C LEU A 238 -7.49 25.11 -1.32
N LEU A 239 -8.53 25.30 -0.51
CA LEU A 239 -9.72 26.00 -0.97
C LEU A 239 -9.34 27.41 -1.41
N SER A 240 -8.51 28.10 -0.64
CA SER A 240 -8.13 29.47 -0.98
C SER A 240 -7.35 29.55 -2.29
N ILE A 241 -6.40 28.66 -2.51
CA ILE A 241 -5.63 28.67 -3.75
C ILE A 241 -6.52 28.28 -4.93
N PHE A 242 -7.46 27.36 -4.74
CA PHE A 242 -8.36 26.95 -5.81
C PHE A 242 -9.26 28.12 -6.19
N ILE A 243 -9.77 28.85 -5.20
CA ILE A 243 -10.62 30.00 -5.48
C ILE A 243 -9.83 31.10 -6.18
N SER A 244 -8.59 31.34 -5.73
CA SER A 244 -7.77 32.37 -6.35
C SER A 244 -7.48 32.05 -7.81
N THR A 245 -7.11 30.81 -8.15
CA THR A 245 -6.78 30.46 -9.54
C THR A 245 -8.03 30.46 -10.40
N TRP A 246 -9.15 29.97 -9.89
CA TRP A 246 -10.42 29.99 -10.61
C TRP A 246 -10.82 31.43 -10.95
N LEU A 247 -10.75 32.35 -9.98
CA LEU A 247 -11.10 33.75 -10.20
C LEU A 247 -10.08 34.47 -11.11
N THR A 248 -8.79 34.16 -11.02
CA THR A 248 -7.79 34.71 -11.94
C THR A 248 -8.05 34.26 -13.37
N ALA A 249 -8.24 32.96 -13.58
CA ALA A 249 -8.43 32.43 -14.93
C ALA A 249 -9.76 32.89 -15.51
N ALA A 250 -10.82 32.99 -14.70
CA ALA A 250 -12.08 33.57 -15.14
C ALA A 250 -11.92 35.05 -15.53
N GLY A 251 -11.16 35.83 -14.78
CA GLY A 251 -10.90 37.22 -15.15
C GLY A 251 -10.12 37.33 -16.44
N PHE A 252 -9.10 36.47 -16.65
CA PHE A 252 -8.37 36.45 -17.92
C PHE A 252 -9.31 36.16 -19.10
N ILE A 253 -10.13 35.13 -19.03
CA ILE A 253 -11.07 34.84 -20.12
C ILE A 253 -12.06 35.99 -20.32
N HIS A 254 -12.55 36.61 -19.23
CA HIS A 254 -13.46 37.74 -19.40
C HIS A 254 -12.75 38.86 -20.18
N LEU A 255 -11.55 39.21 -19.72
CA LEU A 255 -10.79 40.29 -20.36
C LEU A 255 -10.49 39.97 -21.82
N VAL A 256 -10.15 38.72 -22.13
CA VAL A 256 -9.86 38.30 -23.51
C VAL A 256 -11.09 38.33 -24.40
N GLU A 257 -12.28 38.04 -23.87
CA GLU A 257 -13.52 38.11 -24.61
C GLU A 257 -14.22 39.48 -24.60
N ASN A 258 -13.86 40.43 -23.72
CA ASN A 258 -14.47 41.76 -23.74
C ASN A 258 -14.27 42.47 -25.09
N SER A 259 -13.05 42.49 -25.64
CA SER A 259 -12.79 43.00 -26.98
C SER A 259 -12.58 41.82 -27.93
N GLY A 260 -13.00 41.90 -29.19
CA GLY A 260 -12.85 40.74 -30.10
C GLY A 260 -11.39 40.33 -30.38
N ASP A 261 -11.18 39.27 -31.15
CA ASP A 261 -9.85 38.95 -31.71
C ASP A 261 -9.33 40.13 -32.56
N PRO A 262 -8.00 40.38 -32.56
CA PRO A 262 -7.39 41.37 -33.44
C PRO A 262 -7.67 41.12 -34.94
N TRP A 263 -7.66 39.86 -35.37
CA TRP A 263 -7.71 39.48 -36.78
C TRP A 263 -9.00 39.89 -37.50
N GLU A 264 -10.15 39.90 -36.83
CA GLU A 264 -11.42 40.33 -37.42
C GLU A 264 -11.78 41.76 -37.03
N ASN A 265 -10.76 42.56 -36.69
CA ASN A 265 -10.91 43.96 -36.28
C ASN A 265 -11.90 44.09 -35.12
N PHE A 266 -11.80 43.16 -34.15
CA PHE A 266 -12.57 43.15 -32.90
C PHE A 266 -14.07 43.03 -33.14
N GLN A 267 -14.51 42.47 -34.27
CA GLN A 267 -15.94 42.32 -34.56
C GLN A 267 -16.54 41.01 -34.01
N ASN A 268 -15.73 40.00 -33.69
CA ASN A 268 -16.22 38.71 -33.18
C ASN A 268 -16.30 38.68 -31.63
N ASN A 269 -16.65 39.79 -30.99
CA ASN A 269 -16.63 39.90 -29.54
C ASN A 269 -17.89 39.29 -28.94
N GLN A 270 -17.71 38.55 -27.85
CA GLN A 270 -18.82 37.91 -27.16
C GLN A 270 -19.25 38.78 -25.99
N ALA A 271 -20.52 39.18 -26.00
CA ALA A 271 -21.06 40.05 -24.95
C ALA A 271 -21.58 39.17 -23.82
N LEU A 272 -20.66 38.77 -22.95
CA LEU A 272 -20.88 37.96 -21.74
C LEU A 272 -20.32 38.63 -20.47
N THR A 273 -20.96 38.41 -19.33
CA THR A 273 -20.52 38.99 -18.05
C THR A 273 -19.36 38.21 -17.45
N TYR A 274 -18.69 38.78 -16.45
CA TYR A 274 -17.74 38.02 -15.64
C TYR A 274 -18.40 36.79 -15.01
N TRP A 275 -19.67 36.88 -14.64
CA TRP A 275 -20.38 35.76 -14.04
C TRP A 275 -20.64 34.61 -15.00
N GLU A 276 -21.04 34.88 -16.24
CA GLU A 276 -21.10 33.81 -17.24
C GLU A 276 -19.70 33.24 -17.50
N CYS A 277 -18.67 34.06 -17.40
CA CYS A 277 -17.31 33.64 -17.62
C CYS A 277 -16.77 32.72 -16.51
N VAL A 278 -16.94 33.09 -15.24
CA VAL A 278 -16.48 32.24 -14.13
C VAL A 278 -17.28 30.95 -14.03
N TYR A 279 -18.54 30.98 -14.41
CA TYR A 279 -19.38 29.79 -14.54
C TYR A 279 -18.83 28.82 -15.56
N LEU A 280 -18.57 29.30 -16.77
CA LEU A 280 -18.01 28.53 -17.87
C LEU A 280 -16.76 27.78 -17.41
N LEU A 281 -15.88 28.45 -16.67
CA LEU A 281 -14.65 27.82 -16.25
C LEU A 281 -14.87 26.73 -15.18
N MET A 282 -15.85 26.89 -14.29
CA MET A 282 -16.25 25.81 -13.38
C MET A 282 -16.83 24.62 -14.13
N VAL A 283 -17.78 24.84 -15.03
CA VAL A 283 -18.35 23.80 -15.90
C VAL A 283 -17.28 23.09 -16.72
N THR A 284 -16.20 23.79 -17.08
CA THR A 284 -15.08 23.22 -17.84
C THR A 284 -14.10 22.45 -16.97
N MET A 285 -13.63 23.02 -15.86
CA MET A 285 -12.61 22.39 -15.01
C MET A 285 -13.17 21.19 -14.25
N SER A 286 -14.47 21.17 -13.98
CA SER A 286 -15.20 19.97 -13.51
C SER A 286 -15.47 18.96 -14.62
N THR A 287 -15.10 19.26 -15.86
CA THR A 287 -15.31 18.46 -17.07
C THR A 287 -16.76 18.21 -17.48
N VAL A 288 -17.72 18.90 -16.88
CA VAL A 288 -19.13 18.81 -17.28
C VAL A 288 -19.32 19.32 -18.71
N GLY A 289 -18.85 20.52 -19.04
CA GLY A 289 -18.84 21.05 -20.41
C GLY A 289 -20.17 20.99 -21.18
N TYR A 290 -21.18 21.74 -20.72
CA TYR A 290 -22.47 21.82 -21.37
C TYR A 290 -22.44 22.43 -22.78
N GLY A 291 -21.42 23.25 -23.14
CA GLY A 291 -21.36 23.95 -24.42
C GLY A 291 -22.54 24.88 -24.67
N ASP A 292 -23.28 25.29 -23.64
CA ASP A 292 -24.24 26.40 -23.72
C ASP A 292 -23.52 27.75 -23.85
N VAL A 293 -22.37 27.89 -23.17
CA VAL A 293 -21.41 28.98 -23.37
C VAL A 293 -20.00 28.41 -23.55
N TYR A 294 -19.24 28.97 -24.47
CA TYR A 294 -17.86 28.60 -24.73
C TYR A 294 -17.16 29.80 -25.35
N ALA A 295 -15.84 29.87 -25.24
CA ALA A 295 -15.08 30.96 -25.83
C ALA A 295 -15.21 30.90 -27.36
N LYS A 296 -15.64 31.96 -28.02
CA LYS A 296 -15.69 32.01 -29.49
C LYS A 296 -14.37 32.45 -30.09
N THR A 297 -13.64 33.35 -29.43
CA THR A 297 -12.40 33.91 -29.98
C THR A 297 -11.28 32.89 -30.07
N THR A 298 -10.35 33.09 -31.00
CA THR A 298 -9.16 32.24 -31.13
C THR A 298 -8.23 32.44 -29.96
N LEU A 299 -8.05 33.68 -29.49
CA LEU A 299 -7.33 33.93 -28.24
C LEU A 299 -8.02 33.24 -27.06
N GLY A 300 -9.34 33.34 -26.96
CA GLY A 300 -10.10 32.67 -25.92
C GLY A 300 -9.88 31.16 -25.94
N ARG A 301 -9.89 30.55 -27.11
CA ARG A 301 -9.63 29.12 -27.23
C ARG A 301 -8.21 28.76 -26.77
N LEU A 302 -7.23 29.53 -27.24
CA LEU A 302 -5.82 29.29 -26.91
C LEU A 302 -5.61 29.35 -25.40
N PHE A 303 -6.15 30.36 -24.74
CA PHE A 303 -6.17 30.41 -23.27
C PHE A 303 -6.97 29.26 -22.67
N MET A 304 -8.11 28.89 -23.24
CA MET A 304 -8.94 27.83 -22.69
C MET A 304 -8.23 26.47 -22.69
N VAL A 305 -7.53 26.13 -23.78
CA VAL A 305 -6.70 24.92 -23.82
C VAL A 305 -5.58 25.01 -22.79
N PHE A 306 -4.96 26.17 -22.60
CA PHE A 306 -3.97 26.35 -21.54
C PHE A 306 -4.60 26.17 -20.15
N PHE A 307 -5.77 26.75 -19.86
CA PHE A 307 -6.38 26.61 -18.54
C PHE A 307 -6.86 25.18 -18.27
N ILE A 308 -7.34 24.44 -19.27
CA ILE A 308 -7.59 23.01 -19.14
C ILE A 308 -6.30 22.31 -18.72
N LEU A 309 -5.20 22.51 -19.46
CA LEU A 309 -3.93 21.89 -19.11
C LEU A 309 -3.40 22.34 -17.74
N GLY A 310 -3.54 23.62 -17.33
CA GLY A 310 -3.07 23.99 -16.00
C GLY A 310 -3.89 23.35 -14.89
N GLY A 311 -5.21 23.31 -15.06
CA GLY A 311 -6.06 22.67 -14.07
C GLY A 311 -5.79 21.18 -13.96
N LEU A 312 -5.60 20.51 -15.10
CA LEU A 312 -5.25 19.09 -15.07
C LEU A 312 -3.90 18.88 -14.38
N ALA A 313 -2.93 19.74 -14.65
CA ALA A 313 -1.62 19.62 -14.00
C ALA A 313 -1.75 19.81 -12.49
N MET A 314 -2.52 20.81 -12.07
CA MET A 314 -2.71 21.04 -10.64
C MET A 314 -3.44 19.87 -9.98
N PHE A 315 -4.45 19.31 -10.65
CA PHE A 315 -5.15 18.16 -10.13
C PHE A 315 -4.23 16.96 -9.98
N ALA A 316 -3.35 16.75 -10.97
CA ALA A 316 -2.41 15.63 -10.90
C ALA A 316 -1.34 15.85 -9.82
N SER A 317 -0.94 17.09 -9.60
CA SER A 317 0.13 17.40 -8.65
C SER A 317 -0.37 17.69 -7.25
N TYR A 318 -1.69 17.73 -7.03
CA TYR A 318 -2.23 18.04 -5.71
C TYR A 318 -3.02 16.90 -5.10
N VAL A 319 -3.83 16.19 -5.89
CA VAL A 319 -4.68 15.14 -5.32
C VAL A 319 -3.87 14.02 -4.65
N PRO A 320 -2.88 13.39 -5.30
CA PRO A 320 -2.16 12.31 -4.63
C PRO A 320 -1.34 12.76 -3.43
N GLU A 321 -1.00 14.04 -3.34
CA GLU A 321 -0.08 14.52 -2.30
C GLU A 321 -0.81 15.05 -1.08
N ILE A 322 -1.66 16.07 -1.26
CA ILE A 322 -2.30 16.76 -0.15
C ILE A 322 -3.78 16.39 -0.03
N ILE A 323 -4.51 16.36 -1.16
CA ILE A 323 -5.95 16.15 -1.10
C ILE A 323 -6.27 14.76 -0.57
N GLU A 324 -5.49 13.75 -0.96
CA GLU A 324 -5.70 12.41 -0.44
C GLU A 324 -5.49 12.35 1.07
N LEU A 325 -4.46 13.03 1.57
CA LEU A 325 -4.22 13.06 3.01
C LEU A 325 -5.35 13.78 3.74
N ILE A 326 -5.86 14.87 3.18
CA ILE A 326 -6.96 15.60 3.80
C ILE A 326 -8.23 14.75 3.80
N GLY A 327 -8.44 13.97 2.74
CA GLY A 327 -9.66 13.16 2.66
C GLY A 327 -9.80 12.18 3.80
N ASN A 328 -8.71 11.53 4.18
CA ASN A 328 -8.72 10.59 5.30
C ASN A 328 -8.35 11.32 6.58
N ARG A 329 -9.27 11.33 7.54
CA ARG A 329 -9.04 12.01 8.81
C ARG A 329 -9.28 11.03 9.97
N LYS A 330 -9.23 11.53 11.21
CA LYS A 330 -9.63 10.79 12.42
C LYS A 330 -11.01 10.17 12.26
N LYS A 331 -11.19 8.93 12.72
CA LYS A 331 -12.51 8.29 12.75
C LYS A 331 -13.28 8.61 14.04
N TYR A 332 -12.55 8.83 15.15
CA TYR A 332 -13.12 9.12 16.47
C TYR A 332 -12.43 10.30 17.16
N GLY A 333 -13.21 11.09 17.89
CA GLY A 333 -12.76 12.26 18.65
C GLY A 333 -13.92 12.88 19.43
N GLY A 334 -13.63 13.86 20.28
CA GLY A 334 -14.64 14.49 21.14
C GLY A 334 -15.15 13.59 22.26
N SER A 335 -15.99 14.15 23.13
CA SER A 335 -16.53 13.46 24.30
C SER A 335 -17.72 12.53 24.00
N TYR A 336 -18.08 11.68 24.97
CA TYR A 336 -19.26 10.80 24.92
C TYR A 336 -20.63 11.52 25.02
N SER A 337 -20.64 12.85 25.08
CA SER A 337 -21.76 13.72 25.45
C SER A 337 -23.05 13.58 24.63
N ALA A 338 -24.10 14.28 25.09
CA ALA A 338 -25.49 14.31 24.59
C ALA A 338 -26.35 13.09 24.96
N VAL A 339 -26.13 12.53 26.15
CA VAL A 339 -26.94 11.46 26.77
C VAL A 339 -27.34 11.84 28.19
N SER A 340 -28.55 12.37 28.34
CA SER A 340 -29.07 12.90 29.61
C SER A 340 -29.29 11.83 30.67
N GLY A 341 -29.16 12.19 31.96
CA GLY A 341 -29.53 11.37 33.12
C GLY A 341 -28.68 10.10 33.40
N ARG A 342 -28.06 9.47 32.42
CA ARG A 342 -27.56 8.20 32.71
C ARG A 342 -26.27 8.27 33.51
N LYS A 343 -25.97 7.10 34.05
CA LYS A 343 -24.67 6.69 34.59
C LYS A 343 -23.64 6.55 33.47
N HIS A 344 -22.36 6.50 33.85
CA HIS A 344 -21.32 6.40 32.86
C HIS A 344 -20.10 5.61 33.42
N ILE A 345 -19.51 4.72 32.61
CA ILE A 345 -18.30 3.97 32.94
C ILE A 345 -17.41 3.94 31.71
N VAL A 346 -16.09 3.89 31.88
CA VAL A 346 -15.18 3.66 30.75
C VAL A 346 -14.44 2.36 30.92
N VAL A 347 -14.55 1.49 29.94
CA VAL A 347 -13.66 0.35 29.79
C VAL A 347 -12.33 0.88 29.26
N CYS A 348 -11.39 1.04 30.18
CA CYS A 348 -10.00 1.40 29.97
C CYS A 348 -9.20 0.18 29.47
N GLY A 349 -7.90 0.35 29.23
CA GLY A 349 -6.99 -0.79 29.10
C GLY A 349 -7.02 -1.49 27.75
N HIS A 350 -6.86 -2.82 27.75
CA HIS A 350 -6.80 -3.61 26.53
C HIS A 350 -8.11 -3.96 25.82
N ILE A 351 -8.55 -3.10 24.90
CA ILE A 351 -9.72 -3.44 24.08
C ILE A 351 -9.30 -4.37 22.96
N THR A 352 -9.89 -5.56 22.94
CA THR A 352 -9.81 -6.50 21.82
C THR A 352 -11.09 -7.29 21.71
N LEU A 353 -11.32 -7.88 20.55
CA LEU A 353 -12.63 -8.33 20.11
C LEU A 353 -13.24 -9.31 21.10
N GLU A 354 -12.45 -10.29 21.58
CA GLU A 354 -13.00 -11.32 22.46
C GLU A 354 -13.43 -10.72 23.80
N SER A 355 -12.56 -9.90 24.39
CA SER A 355 -12.75 -9.33 25.71
C SER A 355 -14.01 -8.49 25.77
N VAL A 356 -14.24 -7.63 24.79
CA VAL A 356 -15.44 -6.80 24.73
C VAL A 356 -16.66 -7.63 24.34
N SER A 357 -16.52 -8.62 23.45
CA SER A 357 -17.65 -9.49 23.11
C SER A 357 -18.19 -10.21 24.34
N ASN A 358 -17.31 -10.71 25.22
CA ASN A 358 -17.79 -11.43 26.39
C ASN A 358 -18.19 -10.50 27.54
N PHE A 359 -17.59 -9.32 27.65
CA PHE A 359 -17.99 -8.33 28.64
C PHE A 359 -19.36 -7.74 28.32
N LEU A 360 -19.56 -7.24 27.09
CA LEU A 360 -20.81 -6.60 26.69
C LEU A 360 -22.00 -7.55 26.78
N LYS A 361 -21.82 -8.80 26.34
CA LYS A 361 -22.86 -9.84 26.38
C LYS A 361 -23.39 -10.14 27.78
N ASP A 362 -22.59 -9.88 28.81
CA ASP A 362 -22.99 -10.00 30.22
C ASP A 362 -23.48 -8.67 30.80
N PHE A 363 -22.81 -7.57 30.47
CA PHE A 363 -23.18 -6.25 30.97
C PHE A 363 -24.53 -5.77 30.42
N LEU A 364 -24.80 -6.09 29.15
CA LEU A 364 -26.05 -5.69 28.51
C LEU A 364 -26.81 -6.90 28.01
N HIS A 365 -27.11 -7.84 28.89
CA HIS A 365 -27.78 -9.08 28.49
C HIS A 365 -29.30 -9.03 28.50
N LYS A 366 -29.84 -7.91 29.00
CA LYS A 366 -31.29 -7.63 29.18
C LYS A 366 -31.97 -8.42 30.30
N ASP A 367 -31.18 -9.01 31.20
CA ASP A 367 -31.71 -9.72 32.35
C ASP A 367 -31.44 -8.92 33.64
N ARG A 368 -30.92 -7.69 33.52
CA ARG A 368 -30.71 -6.82 34.68
C ARG A 368 -31.92 -5.91 34.93
N ASP A 369 -32.80 -5.77 33.92
CA ASP A 369 -34.03 -4.97 33.99
C ASP A 369 -33.88 -3.47 34.32
N ASP A 370 -33.59 -3.12 35.57
CA ASP A 370 -33.48 -1.71 35.94
C ASP A 370 -32.07 -1.16 35.82
N VAL A 371 -31.58 -1.04 34.57
CA VAL A 371 -30.23 -0.57 34.30
C VAL A 371 -30.13 0.29 33.02
N ASN A 372 -29.06 1.08 32.92
CA ASN A 372 -28.78 1.92 31.76
C ASN A 372 -27.67 1.28 30.91
N VAL A 373 -27.24 1.92 29.82
CA VAL A 373 -26.18 1.32 28.99
C VAL A 373 -24.74 1.66 29.45
N GLU A 374 -24.45 2.96 29.52
CA GLU A 374 -23.17 3.56 29.98
C GLU A 374 -21.91 3.47 29.08
N ILE A 375 -21.26 2.29 29.03
CA ILE A 375 -20.01 2.00 28.26
C ILE A 375 -19.45 3.05 27.27
N VAL A 376 -18.42 3.81 27.66
CA VAL A 376 -17.87 4.82 26.76
C VAL A 376 -16.75 4.33 25.83
N PHE A 377 -15.89 3.46 26.36
CA PHE A 377 -14.70 2.84 25.69
C PHE A 377 -13.51 3.79 25.41
N LEU A 378 -12.29 3.28 25.52
CA LEU A 378 -11.10 4.09 25.28
C LEU A 378 -9.95 3.18 24.82
N HIS A 379 -9.22 3.59 23.78
CA HIS A 379 -8.11 2.80 23.27
C HIS A 379 -7.11 3.69 22.56
N ASN A 380 -5.88 3.21 22.41
CA ASN A 380 -4.85 3.96 21.71
C ASN A 380 -4.48 3.49 20.31
N ILE A 381 -4.75 2.22 19.98
CA ILE A 381 -4.42 1.70 18.65
C ILE A 381 -5.60 1.58 17.70
N SER A 382 -6.74 2.19 18.07
CA SER A 382 -8.01 2.23 17.31
C SER A 382 -8.80 0.91 17.09
N PRO A 383 -10.11 1.02 16.80
CA PRO A 383 -10.85 -0.22 16.53
C PRO A 383 -10.86 -0.53 15.04
N ASN A 384 -9.70 -0.88 14.49
CA ASN A 384 -9.60 -1.18 13.07
C ASN A 384 -10.54 -2.29 12.64
N LEU A 385 -10.37 -3.46 13.24
CA LEU A 385 -11.20 -4.62 12.92
C LEU A 385 -12.48 -4.71 13.76
N GLU A 386 -12.46 -4.15 14.97
CA GLU A 386 -13.64 -4.21 15.86
C GLU A 386 -14.90 -3.67 15.19
N LEU A 387 -14.75 -2.63 14.37
CA LEU A 387 -15.86 -1.93 13.73
C LEU A 387 -16.57 -2.82 12.70
N GLU A 388 -15.86 -3.65 11.93
CA GLU A 388 -16.48 -4.66 11.09
C GLU A 388 -16.72 -6.00 11.79
N ALA A 389 -15.83 -6.46 12.67
CA ALA A 389 -15.96 -7.77 13.30
C ALA A 389 -17.09 -7.82 14.34
N LEU A 390 -17.42 -6.65 14.88
CA LEU A 390 -18.54 -6.50 15.81
C LEU A 390 -19.19 -5.12 16.10
N PHE A 391 -18.58 -3.96 15.77
CA PHE A 391 -19.10 -2.63 16.13
C PHE A 391 -19.13 -2.61 17.69
N LYS A 392 -20.15 -2.12 18.39
CA LYS A 392 -20.11 -2.20 19.85
C LYS A 392 -21.37 -2.88 20.38
N ARG A 393 -21.95 -3.77 19.55
CA ARG A 393 -23.19 -4.52 19.83
C ARG A 393 -24.42 -3.62 20.05
N HIS A 394 -24.40 -2.46 19.38
CA HIS A 394 -25.42 -1.41 19.43
C HIS A 394 -24.92 -0.33 18.47
N PHE A 395 -25.83 0.41 17.86
CA PHE A 395 -25.42 1.45 16.93
C PHE A 395 -25.58 2.86 17.51
N THR A 396 -26.74 3.14 18.07
CA THR A 396 -27.02 4.47 18.62
C THR A 396 -26.29 4.71 19.94
N GLN A 397 -26.20 3.67 20.77
CA GLN A 397 -25.53 3.75 22.06
C GLN A 397 -24.08 3.25 21.92
N VAL A 398 -23.32 3.20 23.03
CA VAL A 398 -21.91 2.71 23.15
C VAL A 398 -20.85 3.28 22.10
N GLU A 399 -20.09 4.31 22.49
CA GLU A 399 -19.28 5.13 21.60
C GLU A 399 -17.81 4.63 21.65
N PHE A 400 -16.86 5.30 20.99
CA PHE A 400 -15.49 4.80 21.04
C PHE A 400 -14.52 5.97 21.02
N TYR A 401 -13.60 6.08 21.99
CA TYR A 401 -12.73 7.20 22.00
C TYR A 401 -11.40 6.71 21.54
N GLN A 402 -10.79 7.43 20.59
CA GLN A 402 -9.50 7.07 20.02
C GLN A 402 -8.33 7.57 20.86
N GLY A 403 -8.62 8.30 21.93
CA GLY A 403 -7.59 8.76 22.82
C GLY A 403 -7.06 7.78 23.88
N SER A 404 -5.79 7.91 24.24
CA SER A 404 -5.15 7.01 25.21
C SER A 404 -5.55 7.22 26.68
N VAL A 405 -5.26 6.22 27.53
CA VAL A 405 -5.64 6.30 28.95
C VAL A 405 -4.68 7.20 29.74
N LEU A 406 -3.45 7.34 29.28
CA LEU A 406 -2.39 8.05 29.99
C LEU A 406 -2.42 9.55 29.75
N ASN A 407 -2.90 9.98 28.59
CA ASN A 407 -2.92 11.40 28.27
C ASN A 407 -3.99 12.11 29.08
N PRO A 408 -3.64 13.13 29.89
CA PRO A 408 -4.67 13.85 30.64
C PRO A 408 -5.72 14.53 29.77
N HIS A 409 -5.33 15.02 28.60
CA HIS A 409 -6.31 15.68 27.73
C HIS A 409 -7.34 14.70 27.20
N ASP A 410 -6.92 13.49 26.81
CA ASP A 410 -7.83 12.42 26.39
C ASP A 410 -8.67 11.89 27.54
N LEU A 411 -8.09 11.82 28.73
CA LEU A 411 -8.80 11.42 29.92
C LEU A 411 -9.89 12.45 30.29
N ALA A 412 -9.61 13.74 30.08
CA ALA A 412 -10.62 14.78 30.20
C ALA A 412 -11.68 14.66 29.09
N ARG A 413 -11.29 14.23 27.88
CA ARG A 413 -12.22 14.01 26.75
C ARG A 413 -13.34 13.04 27.12
N VAL A 414 -13.04 11.95 27.82
CA VAL A 414 -14.01 10.97 28.31
C VAL A 414 -14.77 11.44 29.56
N LYS A 415 -14.40 12.58 30.15
CA LYS A 415 -14.96 13.10 31.41
C LYS A 415 -14.93 12.05 32.51
N ILE A 416 -13.76 11.46 32.74
CA ILE A 416 -13.56 10.42 33.75
C ILE A 416 -14.10 10.81 35.14
N GLU A 417 -14.09 12.09 35.47
CA GLU A 417 -14.56 12.59 36.77
C GLU A 417 -16.03 12.29 36.96
N SER A 418 -16.81 12.29 35.88
CA SER A 418 -18.24 12.02 35.87
C SER A 418 -18.57 10.53 35.69
N ALA A 419 -17.59 9.66 35.52
CA ALA A 419 -17.80 8.23 35.48
C ALA A 419 -18.08 7.67 36.89
N ASP A 420 -18.88 6.61 36.97
CA ASP A 420 -19.10 5.81 38.16
C ASP A 420 -17.91 4.88 38.43
N ALA A 421 -17.28 4.36 37.37
CA ALA A 421 -16.08 3.54 37.44
C ALA A 421 -15.26 3.54 36.14
N CYS A 422 -13.97 3.22 36.24
CA CYS A 422 -13.14 2.75 35.12
C CYS A 422 -12.86 1.26 35.30
N LEU A 423 -13.03 0.49 34.25
CA LEU A 423 -12.79 -0.94 34.23
C LEU A 423 -11.54 -1.19 33.38
N ILE A 424 -10.50 -1.82 33.91
CA ILE A 424 -9.26 -2.05 33.14
C ILE A 424 -9.16 -3.52 32.75
N LEU A 425 -9.22 -3.80 31.45
CA LEU A 425 -9.04 -5.15 30.90
C LEU A 425 -7.57 -5.40 30.56
N ALA A 426 -7.11 -6.64 30.69
CA ALA A 426 -5.73 -7.05 30.40
C ALA A 426 -5.70 -8.16 29.35
N ASN A 427 -4.69 -8.20 28.47
CA ASN A 427 -4.56 -9.31 27.53
C ASN A 427 -3.91 -10.53 28.20
N LYS A 428 -4.69 -11.56 28.48
CA LYS A 428 -4.20 -12.83 29.03
C LYS A 428 -3.11 -13.46 28.17
N TYR A 429 -3.12 -13.15 26.87
CA TYR A 429 -2.22 -13.68 25.86
C TYR A 429 -0.90 -12.90 25.74
N CYS A 430 -0.54 -12.09 26.75
CA CYS A 430 0.70 -11.33 26.73
C CYS A 430 1.96 -12.22 26.73
N ALA A 431 3.04 -11.77 26.10
CA ALA A 431 4.34 -12.40 26.18
C ALA A 431 4.96 -12.30 27.58
N ASP A 432 4.87 -11.13 28.23
CA ASP A 432 5.38 -10.90 29.57
C ASP A 432 4.23 -10.46 30.47
N PRO A 433 3.69 -11.35 31.32
CA PRO A 433 2.63 -10.99 32.25
C PRO A 433 2.98 -9.85 33.19
N ASP A 434 4.24 -9.79 33.62
CA ASP A 434 4.72 -8.74 34.50
C ASP A 434 4.62 -7.38 33.81
N ALA A 435 5.02 -7.31 32.55
CA ALA A 435 4.94 -6.06 31.82
C ALA A 435 3.50 -5.58 31.67
N GLU A 436 2.59 -6.48 31.32
CA GLU A 436 1.20 -6.13 31.14
C GLU A 436 0.59 -5.66 32.47
N ASP A 437 0.87 -6.36 33.57
CA ASP A 437 0.44 -5.95 34.90
C ASP A 437 0.97 -4.58 35.29
N ALA A 438 2.26 -4.34 35.10
CA ALA A 438 2.81 -3.03 35.40
C ALA A 438 2.20 -1.95 34.52
N SER A 439 1.88 -2.21 33.25
CA SER A 439 1.16 -1.24 32.44
C SER A 439 -0.23 -0.96 33.00
N ASN A 440 -0.94 -1.98 33.46
CA ASN A 440 -2.24 -1.74 34.04
C ASN A 440 -2.13 -1.01 35.37
N ILE A 441 -1.12 -1.27 36.19
CA ILE A 441 -0.88 -0.47 37.38
C ILE A 441 -0.58 0.98 36.99
N MET A 442 0.19 1.23 35.93
CA MET A 442 0.46 2.59 35.47
C MET A 442 -0.84 3.29 35.07
N ARG A 443 -1.75 2.54 34.45
CA ARG A 443 -3.05 3.07 34.07
C ARG A 443 -3.85 3.42 35.33
N VAL A 444 -3.93 2.48 36.27
CA VAL A 444 -4.58 2.76 37.55
C VAL A 444 -4.01 4.02 38.18
N ILE A 445 -2.69 4.17 38.18
CA ILE A 445 -2.06 5.33 38.81
C ILE A 445 -2.47 6.61 38.13
N SER A 446 -2.48 6.62 36.79
CA SER A 446 -2.89 7.82 36.06
C SER A 446 -4.35 8.17 36.34
N ILE A 447 -5.25 7.18 36.32
CA ILE A 447 -6.67 7.42 36.59
C ILE A 447 -6.83 7.98 37.99
N LYS A 448 -6.17 7.39 38.99
CA LYS A 448 -6.30 7.88 40.35
C LYS A 448 -5.72 9.28 40.50
N ASN A 449 -4.61 9.57 39.81
CA ASN A 449 -4.01 10.89 39.87
C ASN A 449 -4.94 11.95 39.30
N TYR A 450 -5.58 11.66 38.17
CA TYR A 450 -6.51 12.63 37.60
C TYR A 450 -7.69 12.87 38.52
N HIS A 451 -8.24 11.80 39.10
CA HIS A 451 -9.39 11.90 40.00
C HIS A 451 -9.22 10.87 41.12
N PRO A 452 -8.84 11.33 42.31
CA PRO A 452 -8.67 10.37 43.43
C PRO A 452 -9.96 9.64 43.81
N LYS A 453 -11.12 10.27 43.66
CA LYS A 453 -12.39 9.71 44.12
C LYS A 453 -13.10 9.05 42.95
N ILE A 454 -12.73 7.82 42.58
CA ILE A 454 -13.42 7.05 41.52
C ILE A 454 -13.24 5.57 41.77
N ARG A 455 -14.26 4.74 41.56
CA ARG A 455 -14.07 3.33 41.70
C ARG A 455 -13.26 2.78 40.47
N ILE A 456 -12.26 1.94 40.69
CA ILE A 456 -11.53 1.26 39.61
C ILE A 456 -11.62 -0.23 39.84
N ILE A 457 -11.86 -0.98 38.78
CA ILE A 457 -11.81 -2.45 38.78
C ILE A 457 -10.78 -2.85 37.72
N THR A 458 -9.96 -3.85 37.97
CA THR A 458 -8.76 -4.11 37.16
C THR A 458 -8.41 -5.57 37.11
N GLN A 459 -8.17 -6.10 35.92
CA GLN A 459 -7.60 -7.43 35.74
C GLN A 459 -6.09 -7.43 35.98
N MET A 460 -5.61 -8.30 36.87
CA MET A 460 -4.19 -8.59 37.08
C MET A 460 -3.86 -10.00 36.59
N LEU A 461 -2.84 -10.18 35.79
CA LEU A 461 -2.42 -11.48 35.29
C LEU A 461 -1.66 -12.32 36.32
N GLN A 462 -0.95 -11.70 37.27
CA GLN A 462 -0.17 -12.39 38.28
C GLN A 462 -0.54 -11.95 39.68
N TYR A 463 -0.53 -12.86 40.65
CA TYR A 463 -0.96 -12.54 42.00
C TYR A 463 -0.01 -11.58 42.71
N HIS A 464 1.30 -11.75 42.58
CA HIS A 464 2.24 -10.93 43.34
C HIS A 464 2.16 -9.44 43.01
N ASN A 465 1.62 -9.14 41.84
CA ASN A 465 1.44 -7.76 41.37
C ASN A 465 0.29 -7.00 42.07
N LYS A 466 -0.65 -7.72 42.66
CA LYS A 466 -1.73 -7.06 43.41
C LYS A 466 -1.20 -6.23 44.57
N ALA A 467 -0.08 -6.61 45.17
CA ALA A 467 0.54 -5.83 46.21
C ALA A 467 0.91 -4.42 45.79
N HIS A 468 1.27 -4.19 44.52
CA HIS A 468 1.64 -2.87 44.05
C HIS A 468 0.46 -1.91 44.05
N LEU A 469 -0.78 -2.38 43.91
CA LEU A 469 -1.94 -1.51 43.97
C LEU A 469 -2.12 -0.95 45.38
N LEU A 470 -1.87 -1.73 46.41
CA LEU A 470 -1.88 -1.26 47.80
C LEU A 470 -0.81 -0.20 48.09
N ASN A 471 0.18 0.00 47.21
CA ASN A 471 1.17 1.07 47.39
C ASN A 471 0.62 2.45 47.05
N ILE A 472 -0.44 2.56 46.25
CA ILE A 472 -1.01 3.85 45.84
C ILE A 472 -1.77 4.45 47.04
N PRO A 473 -1.47 5.68 47.53
CA PRO A 473 -2.12 6.20 48.74
C PRO A 473 -3.62 6.36 48.61
N SER A 474 -4.11 6.69 47.42
CA SER A 474 -5.54 6.91 47.20
C SER A 474 -6.30 5.64 46.84
N TRP A 475 -5.61 4.51 46.69
CA TRP A 475 -6.26 3.23 46.37
C TRP A 475 -6.86 2.68 47.65
N ASN A 476 -8.16 2.89 47.83
CA ASN A 476 -8.88 2.42 49.01
C ASN A 476 -9.76 1.25 48.61
N TRP A 477 -9.37 0.04 49.02
CA TRP A 477 -10.15 -1.15 48.68
C TRP A 477 -11.46 -1.20 49.45
N LYS A 478 -11.51 -0.58 50.64
CA LYS A 478 -12.75 -0.54 51.39
C LYS A 478 -13.80 0.30 50.68
N GLU A 479 -13.38 1.37 50.00
CA GLU A 479 -14.32 2.19 49.24
C GLU A 479 -14.92 1.42 48.07
N GLY A 480 -14.18 0.48 47.50
CA GLY A 480 -14.66 -0.29 46.38
C GLY A 480 -13.61 -0.60 45.34
N ASP A 481 -12.42 -0.02 45.51
CA ASP A 481 -11.33 -0.26 44.57
C ASP A 481 -10.74 -1.65 44.76
N ASP A 482 -11.26 -2.63 44.02
CA ASP A 482 -10.82 -4.01 44.12
C ASP A 482 -10.29 -4.49 42.77
N ALA A 483 -9.24 -5.31 42.78
CA ALA A 483 -8.64 -5.88 41.57
C ALA A 483 -8.89 -7.38 41.47
N ILE A 484 -9.23 -7.84 40.27
CA ILE A 484 -9.50 -9.24 39.96
C ILE A 484 -8.21 -9.86 39.42
N CYS A 485 -7.58 -10.78 40.14
CA CYS A 485 -6.42 -11.45 39.58
C CYS A 485 -6.86 -12.69 38.79
N LEU A 486 -6.64 -12.69 37.49
CA LEU A 486 -7.15 -13.75 36.62
C LEU A 486 -6.49 -15.07 36.94
N ALA A 487 -5.19 -15.10 37.20
CA ALA A 487 -4.50 -16.31 37.65
C ALA A 487 -4.88 -16.75 39.06
N GLU A 488 -4.99 -15.84 40.03
CA GLU A 488 -5.41 -16.17 41.40
C GLU A 488 -6.74 -16.92 41.39
N LEU A 489 -7.71 -16.40 40.63
CA LEU A 489 -9.05 -16.97 40.67
C LEU A 489 -9.16 -18.18 39.76
N LYS A 490 -8.50 -18.20 38.60
CA LYS A 490 -8.55 -19.37 37.75
C LYS A 490 -8.00 -20.60 38.46
N LEU A 491 -6.78 -20.49 39.02
CA LEU A 491 -6.19 -21.63 39.71
C LEU A 491 -6.95 -21.98 40.98
N GLY A 492 -7.56 -20.99 41.64
CA GLY A 492 -8.39 -21.29 42.79
C GLY A 492 -9.64 -22.07 42.41
N PHE A 493 -10.28 -21.70 41.31
CA PHE A 493 -11.46 -22.47 40.92
C PHE A 493 -10.98 -23.88 40.55
N ILE A 494 -9.86 -24.01 39.82
CA ILE A 494 -9.39 -25.34 39.44
C ILE A 494 -9.11 -26.19 40.68
N ALA A 495 -8.45 -25.61 41.68
CA ALA A 495 -8.14 -26.35 42.90
C ALA A 495 -9.40 -26.73 43.66
N GLN A 496 -10.36 -25.81 43.77
CA GLN A 496 -11.62 -26.14 44.43
C GLN A 496 -12.40 -27.19 43.63
N SER A 497 -12.19 -27.25 42.31
CA SER A 497 -12.77 -28.33 41.53
C SER A 497 -12.18 -29.69 41.91
N CYS A 498 -10.92 -29.71 42.34
CA CYS A 498 -10.32 -30.96 42.80
C CYS A 498 -11.03 -31.47 44.06
N LEU A 499 -11.30 -30.58 45.01
CA LEU A 499 -12.01 -30.98 46.22
C LEU A 499 -13.47 -31.31 45.92
N ALA A 500 -14.13 -30.47 45.12
CA ALA A 500 -15.54 -30.66 44.76
C ALA A 500 -15.64 -30.52 43.24
N GLN A 501 -15.80 -31.64 42.55
CA GLN A 501 -15.88 -31.62 41.09
C GLN A 501 -17.11 -30.86 40.63
N GLY A 502 -16.92 -30.00 39.63
CA GLY A 502 -17.99 -29.19 39.10
C GLY A 502 -18.26 -27.90 39.85
N LEU A 503 -17.47 -27.59 40.88
CA LEU A 503 -17.69 -26.36 41.64
C LEU A 503 -17.40 -25.12 40.80
N SER A 504 -16.44 -25.22 39.87
CA SER A 504 -16.14 -24.08 39.01
C SER A 504 -17.35 -23.71 38.15
N THR A 505 -18.04 -24.71 37.59
CA THR A 505 -19.24 -24.43 36.81
C THR A 505 -20.34 -23.83 37.67
N MET A 506 -20.51 -24.35 38.90
CA MET A 506 -21.54 -23.82 39.79
C MET A 506 -21.26 -22.36 40.14
N LEU A 507 -20.01 -22.04 40.45
CA LEU A 507 -19.66 -20.65 40.76
C LEU A 507 -19.75 -19.75 39.54
N ALA A 508 -19.49 -20.30 38.35
CA ALA A 508 -19.55 -19.49 37.13
C ALA A 508 -20.95 -18.96 36.89
N ASN A 509 -21.98 -19.78 37.12
CA ASN A 509 -23.35 -19.37 36.87
C ASN A 509 -23.94 -18.51 37.98
N LEU A 510 -23.24 -18.36 39.10
CA LEU A 510 -23.76 -17.56 40.21
C LEU A 510 -23.67 -16.06 39.94
N PHE A 511 -22.76 -15.67 39.05
CA PHE A 511 -22.48 -14.28 38.74
C PHE A 511 -22.67 -13.91 37.26
N SER A 512 -22.56 -14.84 36.31
CA SER A 512 -22.85 -14.53 34.91
C SER A 512 -24.35 -14.40 34.63
N MET A 513 -24.79 -13.34 33.97
CA MET A 513 -26.13 -13.34 33.37
C MET A 513 -26.22 -14.42 32.29
N ARG A 514 -27.22 -15.32 32.42
CA ARG A 514 -27.45 -16.39 31.48
C ARG A 514 -28.99 -16.50 31.30
N SER A 515 -29.51 -16.39 30.07
CA SER A 515 -30.94 -16.46 29.80
C SER A 515 -31.49 -17.84 30.12
N PHE A 516 -32.66 -17.87 30.77
CA PHE A 516 -33.32 -19.11 31.12
C PHE A 516 -34.21 -19.55 29.96
N ILE A 517 -33.99 -20.78 29.49
CA ILE A 517 -34.76 -21.34 28.38
C ILE A 517 -35.48 -22.58 28.90
N LYS A 518 -36.80 -22.61 28.74
CA LYS A 518 -37.59 -23.74 29.21
C LYS A 518 -37.36 -24.95 28.30
N ILE A 519 -37.11 -26.10 28.92
CA ILE A 519 -36.87 -27.35 28.20
C ILE A 519 -38.00 -28.31 28.58
N GLU A 520 -38.85 -28.64 27.60
CA GLU A 520 -39.95 -29.57 27.87
C GLU A 520 -39.48 -31.01 27.95
N GLU A 521 -38.40 -31.36 27.26
CA GLU A 521 -37.90 -32.72 27.28
C GLU A 521 -37.31 -33.05 28.66
N ASP A 522 -37.50 -34.31 29.08
CA ASP A 522 -36.99 -34.78 30.36
C ASP A 522 -35.54 -35.21 30.17
N THR A 523 -34.66 -34.23 30.07
CA THR A 523 -33.23 -34.45 29.88
C THR A 523 -32.45 -33.72 30.96
N TRP A 524 -31.14 -33.99 31.00
CA TRP A 524 -30.27 -33.34 31.97
C TRP A 524 -30.19 -31.84 31.75
N GLN A 525 -30.43 -31.37 30.52
CA GLN A 525 -30.32 -29.95 30.23
C GLN A 525 -31.36 -29.15 31.01
N LYS A 526 -32.58 -29.68 31.14
CA LYS A 526 -33.61 -28.98 31.89
C LYS A 526 -33.21 -28.81 33.36
N TYR A 527 -32.73 -29.88 33.99
CA TYR A 527 -32.31 -29.80 35.38
C TYR A 527 -31.11 -28.86 35.53
N TYR A 528 -30.18 -28.89 34.59
CA TYR A 528 -29.03 -28.00 34.64
C TYR A 528 -29.46 -26.54 34.54
N LEU A 529 -30.33 -26.23 33.57
CA LEU A 529 -30.78 -24.85 33.39
C LEU A 529 -31.71 -24.39 34.51
N GLU A 530 -32.29 -25.33 35.27
CA GLU A 530 -33.10 -24.93 36.42
C GLU A 530 -32.27 -24.15 37.44
N GLY A 531 -31.04 -24.61 37.70
CA GLY A 531 -30.16 -23.92 38.61
C GLY A 531 -29.33 -22.81 38.01
N VAL A 532 -29.31 -22.69 36.67
CA VAL A 532 -28.52 -21.64 36.03
C VAL A 532 -29.12 -20.27 36.33
N SER A 533 -30.45 -20.16 36.32
CA SER A 533 -31.11 -18.88 36.53
C SER A 533 -30.83 -18.30 37.92
N ASN A 534 -30.44 -19.14 38.87
CA ASN A 534 -30.12 -18.65 40.22
C ASN A 534 -28.87 -17.78 40.18
N GLU A 535 -28.93 -16.64 40.87
CA GLU A 535 -27.83 -15.70 40.96
C GLU A 535 -27.54 -15.41 42.42
N MET A 536 -26.52 -14.58 42.67
CA MET A 536 -26.04 -14.30 44.01
C MET A 536 -26.18 -12.81 44.29
N TYR A 537 -26.72 -12.48 45.47
CA TYR A 537 -26.96 -11.09 45.85
C TYR A 537 -26.56 -10.89 47.30
N THR A 538 -26.51 -9.63 47.71
CA THR A 538 -26.20 -9.25 49.08
C THR A 538 -27.34 -8.41 49.64
N GLU A 539 -27.72 -8.68 50.90
CA GLU A 539 -28.80 -7.94 51.52
C GLU A 539 -28.58 -7.88 53.03
N TYR A 540 -28.88 -6.73 53.62
CA TYR A 540 -28.74 -6.58 55.06
C TYR A 540 -29.79 -7.41 55.78
N LEU A 541 -29.37 -8.09 56.84
CA LEU A 541 -30.27 -8.93 57.62
C LEU A 541 -31.25 -8.08 58.42
N SER A 542 -32.45 -8.63 58.61
CA SER A 542 -33.48 -7.93 59.36
C SER A 542 -33.13 -7.89 60.85
N SER A 543 -33.73 -6.91 61.55
CA SER A 543 -33.48 -6.76 62.98
C SER A 543 -34.02 -7.94 63.78
N ALA A 544 -34.96 -8.70 63.23
CA ALA A 544 -35.47 -9.87 63.94
C ALA A 544 -34.45 -11.00 64.02
N PHE A 545 -33.44 -10.98 63.16
CA PHE A 545 -32.40 -12.01 63.14
C PHE A 545 -31.25 -11.72 64.10
N VAL A 546 -31.25 -10.56 64.75
CA VAL A 546 -30.19 -10.21 65.67
C VAL A 546 -30.27 -11.10 66.91
N GLY A 547 -29.12 -11.65 67.30
CA GLY A 547 -29.07 -12.53 68.46
C GLY A 547 -29.40 -13.98 68.18
N LEU A 548 -29.54 -14.38 66.92
CA LEU A 548 -29.86 -15.74 66.54
C LEU A 548 -28.66 -16.38 65.86
N SER A 549 -28.49 -17.68 66.10
CA SER A 549 -27.38 -18.41 65.49
C SER A 549 -27.58 -18.54 63.99
N PHE A 550 -26.46 -18.67 63.28
CA PHE A 550 -26.50 -18.75 61.82
C PHE A 550 -27.32 -19.92 61.30
N PRO A 551 -27.18 -21.15 61.82
CA PRO A 551 -28.03 -22.24 61.29
C PRO A 551 -29.52 -21.98 61.42
N THR A 552 -29.96 -21.39 62.53
CA THR A 552 -31.39 -21.17 62.72
C THR A 552 -31.94 -20.14 61.74
N VAL A 553 -31.25 -19.01 61.57
CA VAL A 553 -31.70 -18.00 60.63
C VAL A 553 -31.61 -18.52 59.20
N CYS A 554 -30.59 -19.33 58.90
CA CYS A 554 -30.49 -19.91 57.57
C CYS A 554 -31.66 -20.85 57.28
N GLU A 555 -32.03 -21.68 58.26
CA GLU A 555 -33.19 -22.56 58.10
C GLU A 555 -34.47 -21.75 57.94
N LEU A 556 -34.61 -20.68 58.71
CA LEU A 556 -35.80 -19.83 58.59
C LEU A 556 -35.88 -19.20 57.20
N CYS A 557 -34.75 -18.72 56.69
CA CYS A 557 -34.74 -18.11 55.36
C CYS A 557 -35.04 -19.14 54.28
N PHE A 558 -34.49 -20.34 54.40
CA PHE A 558 -34.70 -21.36 53.37
C PHE A 558 -36.13 -21.87 53.37
N VAL A 559 -36.65 -22.21 54.54
CA VAL A 559 -37.98 -22.81 54.61
C VAL A 559 -39.06 -21.79 54.29
N LYS A 560 -38.95 -20.59 54.87
CA LYS A 560 -39.98 -19.57 54.71
C LYS A 560 -39.75 -18.69 53.49
N LEU A 561 -38.58 -18.03 53.43
CA LEU A 561 -38.29 -17.06 52.40
C LEU A 561 -37.71 -17.67 51.12
N LYS A 562 -37.45 -18.98 51.12
CA LYS A 562 -36.87 -19.67 49.97
C LYS A 562 -35.56 -19.02 49.54
N LEU A 563 -34.74 -18.64 50.51
CA LEU A 563 -33.45 -18.01 50.27
C LEU A 563 -32.35 -18.83 50.95
N LEU A 564 -31.25 -19.02 50.24
CA LEU A 564 -30.10 -19.76 50.75
C LEU A 564 -29.00 -18.77 51.12
N MET A 565 -28.76 -18.61 52.41
CA MET A 565 -27.75 -17.69 52.92
C MET A 565 -26.45 -18.43 53.14
N ILE A 566 -25.35 -17.86 52.64
CA ILE A 566 -24.05 -18.52 52.69
C ILE A 566 -23.16 -17.89 53.75
N ALA A 567 -22.93 -16.58 53.63
CA ALA A 567 -21.95 -15.91 54.47
C ALA A 567 -22.51 -14.60 55.00
N ILE A 568 -21.89 -14.12 56.08
CA ILE A 568 -22.22 -12.85 56.71
C ILE A 568 -20.92 -12.17 57.12
N GLU A 569 -21.02 -11.00 57.72
CA GLU A 569 -19.88 -10.25 58.22
C GLU A 569 -19.94 -10.17 59.75
N TYR A 570 -18.82 -10.50 60.39
CA TYR A 570 -18.70 -10.42 61.84
C TYR A 570 -17.66 -9.36 62.19
N LYS A 571 -18.06 -8.41 63.02
CA LYS A 571 -17.18 -7.31 63.44
C LYS A 571 -16.62 -7.62 64.82
N SER A 572 -15.31 -7.80 64.90
CA SER A 572 -14.63 -8.07 66.16
C SER A 572 -14.06 -6.82 66.82
N ALA A 573 -14.30 -5.65 66.24
CA ALA A 573 -13.80 -4.37 66.76
C ALA A 573 -12.28 -4.35 66.84
N ASN A 574 -11.63 -5.11 65.96
CA ASN A 574 -10.17 -5.14 65.91
C ASN A 574 -9.67 -4.94 64.48
N ARG A 575 -10.47 -5.35 63.50
CA ARG A 575 -10.11 -5.23 62.10
C ARG A 575 -11.39 -5.17 61.28
N GLU A 576 -11.24 -5.24 59.95
CA GLU A 576 -12.39 -5.23 59.06
C GLU A 576 -13.21 -6.51 59.24
N SER A 577 -14.52 -6.37 59.08
CA SER A 577 -15.43 -7.50 59.25
C SER A 577 -15.18 -8.54 58.17
N ARG A 578 -14.58 -9.67 58.55
CA ARG A 578 -14.27 -10.72 57.61
C ARG A 578 -15.54 -11.42 57.14
N ILE A 579 -15.44 -12.06 55.97
CA ILE A 579 -16.54 -12.81 55.40
C ILE A 579 -16.45 -14.25 55.91
N LEU A 580 -17.32 -14.59 56.86
CA LEU A 580 -17.33 -15.92 57.46
C LEU A 580 -18.23 -16.84 56.64
N ILE A 581 -17.64 -17.89 56.07
CA ILE A 581 -18.36 -18.81 55.20
C ILE A 581 -19.07 -19.84 56.07
N ASN A 582 -20.40 -19.81 56.08
CA ASN A 582 -21.24 -20.71 56.85
C ASN A 582 -20.83 -20.71 58.33
N PRO A 583 -21.09 -19.63 59.07
CA PRO A 583 -20.74 -19.63 60.49
C PRO A 583 -21.54 -20.66 61.27
N GLY A 584 -20.93 -21.17 62.33
CA GLY A 584 -21.58 -22.13 63.20
C GLY A 584 -22.48 -21.46 64.22
N ASN A 585 -22.93 -22.27 65.19
CA ASN A 585 -23.77 -21.77 66.26
C ASN A 585 -22.98 -21.14 67.39
N HIS A 586 -21.65 -21.14 67.31
CA HIS A 586 -20.84 -20.52 68.36
C HIS A 586 -21.07 -19.02 68.44
N LEU A 587 -21.18 -18.36 67.28
CA LEU A 587 -21.30 -16.91 67.21
C LEU A 587 -22.69 -16.52 66.76
N LYS A 588 -23.21 -15.43 67.32
CA LYS A 588 -24.52 -14.91 66.97
C LYS A 588 -24.40 -13.89 65.84
N ILE A 589 -25.47 -13.17 65.56
CA ILE A 589 -25.54 -12.22 64.46
C ILE A 589 -25.85 -10.84 65.03
N GLN A 590 -25.04 -9.86 64.65
CA GLN A 590 -25.23 -8.48 65.09
C GLN A 590 -26.20 -7.75 64.16
N GLU A 591 -26.52 -6.51 64.52
CA GLU A 591 -27.46 -5.72 63.72
C GLU A 591 -26.90 -5.42 62.33
N GLY A 592 -25.62 -5.05 62.26
CA GLY A 592 -25.02 -4.68 61.00
C GLY A 592 -24.39 -5.85 60.25
N THR A 593 -25.22 -6.73 59.71
CA THR A 593 -24.76 -7.88 58.95
C THR A 593 -25.36 -7.84 57.55
N LEU A 594 -24.53 -8.10 56.55
CA LEU A 594 -24.91 -8.06 55.14
C LEU A 594 -24.80 -9.48 54.59
N GLY A 595 -25.88 -10.25 54.71
CA GLY A 595 -25.83 -11.64 54.31
C GLY A 595 -25.79 -11.80 52.80
N PHE A 596 -25.15 -12.89 52.38
CA PHE A 596 -25.06 -13.25 50.97
C PHE A 596 -26.09 -14.35 50.69
N PHE A 597 -26.96 -14.10 49.72
CA PHE A 597 -28.06 -15.00 49.41
C PHE A 597 -27.98 -15.44 47.95
N ILE A 598 -28.61 -16.57 47.66
CA ILE A 598 -28.72 -17.12 46.32
C ILE A 598 -30.20 -17.18 45.96
N ALA A 599 -30.58 -16.53 44.87
CA ALA A 599 -31.97 -16.54 44.43
C ALA A 599 -32.01 -16.24 42.93
N SER A 600 -33.04 -16.74 42.28
CA SER A 600 -33.18 -16.55 40.83
C SER A 600 -33.38 -15.07 40.49
N ASP A 601 -34.18 -14.37 41.29
CA ASP A 601 -34.47 -12.96 41.07
C ASP A 601 -33.88 -12.13 42.21
N ALA A 602 -34.14 -10.82 42.15
CA ALA A 602 -33.59 -9.88 43.13
C ALA A 602 -34.60 -9.42 44.16
N LYS A 603 -35.88 -9.39 43.83
CA LYS A 603 -36.89 -8.93 44.78
C LYS A 603 -37.05 -9.91 45.94
N GLU A 604 -36.82 -11.20 45.70
CA GLU A 604 -36.90 -12.17 46.80
C GLU A 604 -35.82 -11.92 47.84
N VAL A 605 -34.61 -11.55 47.40
CA VAL A 605 -33.54 -11.25 48.34
C VAL A 605 -33.87 -10.03 49.18
N LYS A 606 -34.54 -9.04 48.57
CA LYS A 606 -34.88 -7.82 49.30
C LYS A 606 -35.86 -8.07 50.44
N ARG A 607 -36.71 -9.10 50.30
CA ARG A 607 -37.73 -9.36 51.32
C ARG A 607 -37.12 -9.80 52.64
N ALA A 608 -35.87 -10.27 52.65
CA ALA A 608 -35.21 -10.64 53.89
C ALA A 608 -34.77 -9.45 54.73
N PHE A 609 -34.75 -8.25 54.14
CA PHE A 609 -34.32 -7.07 54.89
C PHE A 609 -35.39 -6.63 55.90
N PHE A 610 -36.66 -6.78 55.55
CA PHE A 610 -37.77 -6.34 56.38
C PHE A 610 -38.63 -7.50 56.85
N TYR A 611 -37.99 -8.61 57.22
CA TYR A 611 -38.70 -9.75 57.76
C TYR A 611 -39.11 -9.49 59.21
N CYS A 612 -40.38 -9.73 59.51
CA CYS A 612 -40.91 -9.52 60.85
C CYS A 612 -41.30 -10.88 61.44
N LYS A 613 -40.73 -11.20 62.60
CA LYS A 613 -41.04 -12.48 63.23
C LYS A 613 -42.48 -12.57 63.67
N ALA A 614 -43.00 -11.50 64.30
CA ALA A 614 -44.38 -11.54 64.79
C ALA A 614 -45.39 -11.46 63.64
N CYS A 615 -45.15 -10.55 62.69
CA CYS A 615 -46.10 -10.36 61.60
C CYS A 615 -46.12 -11.57 60.66
N HIS A 616 -44.95 -12.17 60.42
CA HIS A 616 -44.80 -13.28 59.49
C HIS A 616 -44.51 -14.59 60.21
N ASP A 617 -45.16 -14.81 61.35
CA ASP A 617 -44.97 -16.06 62.09
C ASP A 617 -45.41 -17.25 61.26
N ASP A 618 -46.56 -17.15 60.60
CA ASP A 618 -47.06 -18.19 59.72
C ASP A 618 -46.94 -17.72 58.27
N ILE A 619 -46.21 -18.48 57.46
CA ILE A 619 -45.93 -18.13 56.08
C ILE A 619 -46.33 -19.33 55.22
N THR A 620 -47.55 -19.33 54.71
CA THR A 620 -47.99 -20.40 53.82
C THR A 620 -47.23 -20.36 52.50
N ASP A 621 -47.12 -19.17 51.91
CA ASP A 621 -46.37 -18.96 50.68
C ASP A 621 -45.48 -17.74 50.84
N PRO A 622 -44.36 -17.69 50.10
CA PRO A 622 -43.43 -16.56 50.25
C PRO A 622 -44.03 -15.22 49.88
N LYS A 623 -45.11 -15.19 49.11
CA LYS A 623 -45.74 -13.94 48.73
C LYS A 623 -46.36 -13.20 49.91
N ARG A 624 -46.53 -13.85 51.06
CA ARG A 624 -47.10 -13.18 52.23
C ARG A 624 -46.21 -12.05 52.70
N ILE A 625 -44.89 -12.23 52.66
CA ILE A 625 -43.97 -11.21 53.14
C ILE A 625 -44.02 -10.00 52.22
N LYS A 626 -44.21 -8.82 52.81
CA LYS A 626 -44.27 -7.57 52.06
C LYS A 626 -43.59 -6.49 52.87
N LYS A 627 -43.58 -5.26 52.34
CA LYS A 627 -42.95 -4.15 53.04
C LYS A 627 -43.65 -3.87 54.37
N CYS A 628 -44.98 -3.92 54.38
CA CYS A 628 -45.73 -3.70 55.61
C CYS A 628 -45.47 -4.84 56.60
N GLY A 629 -45.35 -4.49 57.87
CA GLY A 629 -45.09 -5.48 58.89
C GLY A 629 -45.11 -4.84 60.27
N CYS A 630 -44.88 -5.68 61.28
CA CYS A 630 -44.87 -5.25 62.67
C CYS A 630 -43.43 -5.16 63.15
N LYS A 631 -43.07 -3.99 63.68
CA LYS A 631 -41.71 -3.76 64.18
C LYS A 631 -41.63 -4.06 65.67
N SER A 681 4.92 -26.85 70.82
CA SER A 681 6.32 -27.18 70.57
C SER A 681 6.94 -26.25 69.55
N ASN A 682 8.25 -26.32 69.41
CA ASN A 682 8.98 -25.47 68.45
C ASN A 682 9.12 -26.19 67.10
N VAL A 683 7.97 -26.56 66.55
CA VAL A 683 7.88 -27.25 65.28
C VAL A 683 7.07 -26.40 64.31
N LYS A 684 7.61 -26.17 63.13
CA LYS A 684 6.95 -25.35 62.10
C LYS A 684 5.90 -26.20 61.42
N LYS A 685 4.63 -25.95 61.75
CA LYS A 685 3.50 -26.67 61.16
C LYS A 685 2.64 -25.81 60.26
N TYR A 686 2.43 -24.55 60.61
CA TYR A 686 1.62 -23.62 59.82
C TYR A 686 2.41 -22.34 59.62
N ASP A 687 1.83 -21.42 58.86
CA ASP A 687 2.48 -20.14 58.56
C ASP A 687 2.35 -19.22 59.78
N SER A 688 2.73 -17.95 59.59
CA SER A 688 2.72 -16.99 60.70
C SER A 688 1.30 -16.79 61.21
N THR A 689 0.33 -16.65 60.32
CA THR A 689 -1.06 -16.46 60.71
C THR A 689 -1.80 -17.77 60.93
N GLY A 690 -1.21 -18.90 60.57
CA GLY A 690 -1.90 -20.18 60.71
C GLY A 690 -2.97 -20.44 59.67
N MET A 691 -3.06 -19.60 58.65
CA MET A 691 -4.12 -19.74 57.65
C MET A 691 -3.86 -20.90 56.69
N PHE A 692 -2.59 -21.29 56.51
CA PHE A 692 -2.24 -22.34 55.56
C PHE A 692 -1.19 -23.25 56.19
N HIS A 693 -1.15 -24.49 55.69
CA HIS A 693 -0.10 -25.41 56.11
C HIS A 693 1.26 -24.93 55.60
N TRP A 694 2.29 -25.10 56.42
CA TRP A 694 3.64 -24.69 56.07
C TRP A 694 4.62 -25.79 56.43
N CYS A 695 5.71 -25.85 55.67
CA CYS A 695 6.78 -26.81 55.90
C CYS A 695 8.11 -26.12 55.68
N ALA A 696 9.16 -26.71 56.26
CA ALA A 696 10.49 -26.15 56.12
C ALA A 696 10.92 -26.18 54.65
N PRO A 697 11.59 -25.15 54.16
CA PRO A 697 12.00 -25.13 52.75
C PRO A 697 12.92 -26.29 52.42
N LYS A 698 12.69 -26.89 51.25
CA LYS A 698 13.42 -28.06 50.75
C LYS A 698 13.85 -27.86 49.31
N GLU A 699 15.09 -28.23 49.01
CA GLU A 699 15.63 -28.14 47.65
C GLU A 699 14.86 -29.06 46.70
N ILE A 700 14.75 -28.71 45.43
CA ILE A 700 13.92 -29.44 44.46
C ILE A 700 14.31 -30.92 44.33
N GLU A 701 15.58 -31.24 44.60
CA GLU A 701 16.09 -32.61 44.64
C GLU A 701 15.39 -33.52 45.66
N LYS A 702 14.73 -32.97 46.68
CA LYS A 702 13.96 -33.75 47.67
C LYS A 702 12.58 -34.17 47.16
N VAL A 703 12.07 -33.55 46.09
CA VAL A 703 10.69 -33.75 45.60
C VAL A 703 10.61 -34.24 44.16
N ILE A 704 11.67 -34.03 43.38
CA ILE A 704 11.82 -34.61 42.05
C ILE A 704 11.89 -36.13 42.15
N LEU A 705 11.32 -36.86 41.20
CA LEU A 705 11.42 -38.31 41.18
C LEU A 705 11.33 -38.94 39.79
N THR A 706 11.88 -40.12 39.63
CA THR A 706 11.90 -40.90 38.37
C THR A 706 10.66 -41.79 38.24
N ARG A 707 10.42 -42.34 37.05
CA ARG A 707 9.28 -43.22 36.82
C ARG A 707 9.18 -44.38 37.83
N SER A 708 10.29 -45.06 38.09
CA SER A 708 10.29 -46.18 39.03
C SER A 708 9.94 -45.74 40.45
N GLU A 709 10.46 -44.60 40.90
CA GLU A 709 10.12 -44.03 42.20
C GLU A 709 8.65 -43.64 42.31
N ALA A 710 8.07 -43.09 41.24
CA ALA A 710 6.62 -42.89 41.18
C ALA A 710 5.88 -44.24 41.23
N ALA A 711 6.28 -45.18 40.38
CA ALA A 711 5.55 -46.43 40.16
C ALA A 711 5.44 -47.31 41.41
N MET A 712 6.47 -47.38 42.27
CA MET A 712 6.38 -48.16 43.51
C MET A 712 5.78 -47.35 44.68
N THR A 713 5.55 -46.06 44.53
CA THR A 713 4.84 -45.25 45.54
C THR A 713 3.35 -45.60 45.59
N VAL A 714 2.79 -45.60 46.80
CA VAL A 714 1.48 -46.12 47.17
C VAL A 714 0.48 -44.97 47.19
N LEU A 715 0.84 -43.85 46.57
CA LEU A 715 -0.04 -42.69 46.55
C LEU A 715 -1.39 -43.02 45.92
N SER A 716 -2.45 -42.55 46.56
CA SER A 716 -3.81 -42.80 46.09
C SER A 716 -4.69 -41.62 46.52
N GLY A 717 -5.70 -41.35 45.71
CA GLY A 717 -6.56 -40.20 45.97
C GLY A 717 -5.82 -38.89 45.94
N HIS A 718 -4.83 -38.76 45.08
CA HIS A 718 -3.99 -37.58 45.00
C HIS A 718 -4.44 -36.69 43.84
N VAL A 719 -3.70 -35.61 43.63
CA VAL A 719 -3.98 -34.65 42.57
C VAL A 719 -2.80 -34.64 41.62
N VAL A 720 -3.08 -34.78 40.33
CA VAL A 720 -2.06 -34.75 39.28
C VAL A 720 -2.27 -33.47 38.48
N VAL A 721 -1.18 -32.73 38.25
CA VAL A 721 -1.22 -31.50 37.48
C VAL A 721 -0.21 -31.61 36.34
N CYS A 722 -0.70 -31.63 35.11
CA CYS A 722 0.14 -31.66 33.92
C CYS A 722 0.35 -30.24 33.43
N ILE A 723 1.60 -29.88 33.15
CA ILE A 723 1.99 -28.54 32.75
C ILE A 723 2.67 -28.61 31.39
N PHE A 724 2.18 -27.79 30.46
CA PHE A 724 2.81 -27.63 29.14
C PHE A 724 3.56 -26.31 29.15
N GLY A 725 4.79 -26.34 29.63
CA GLY A 725 5.60 -25.13 29.75
C GLY A 725 7.02 -25.38 29.34
N ASP A 726 7.66 -24.31 28.84
CA ASP A 726 9.05 -24.37 28.41
C ASP A 726 9.86 -23.26 29.08
N VAL A 727 11.10 -23.06 28.62
CA VAL A 727 11.94 -22.02 29.20
C VAL A 727 11.36 -20.64 28.92
N SER A 728 10.90 -20.41 27.69
CA SER A 728 10.33 -19.12 27.31
C SER A 728 8.87 -18.96 27.69
N SER A 729 8.16 -19.99 28.13
CA SER A 729 6.75 -19.72 28.41
C SER A 729 6.60 -18.99 29.69
N ALA A 730 5.56 -18.30 29.83
CA ALA A 730 5.24 -17.47 31.00
C ALA A 730 4.97 -18.31 32.27
N LEU A 731 5.18 -17.74 33.46
CA LEU A 731 4.81 -18.44 34.69
C LEU A 731 3.29 -18.55 34.84
N ILE A 732 2.78 -19.74 35.10
CA ILE A 732 1.40 -19.96 35.47
C ILE A 732 1.15 -19.45 36.90
N GLY A 733 2.15 -19.50 37.78
CA GLY A 733 2.02 -19.06 39.16
C GLY A 733 1.32 -20.11 40.01
N LEU A 734 1.91 -21.30 40.10
CA LEU A 734 1.26 -22.49 40.66
C LEU A 734 0.96 -22.36 42.16
N ARG A 735 1.54 -21.37 42.85
CA ARG A 735 1.29 -21.13 44.29
C ARG A 735 -0.19 -20.98 44.55
N ASN A 736 -0.88 -20.23 43.68
CA ASN A 736 -2.31 -20.01 43.78
C ASN A 736 -3.12 -21.28 43.56
N LEU A 737 -2.53 -22.31 42.95
CA LEU A 737 -3.15 -23.63 42.84
C LEU A 737 -2.90 -24.50 44.05
N VAL A 738 -1.82 -24.24 44.81
CA VAL A 738 -1.45 -25.11 45.92
C VAL A 738 -2.04 -24.62 47.24
N MET A 739 -2.03 -23.32 47.48
CA MET A 739 -2.56 -22.72 48.70
C MET A 739 -3.98 -23.17 49.01
N PRO A 740 -4.98 -23.03 48.13
CA PRO A 740 -6.34 -23.46 48.47
C PRO A 740 -6.46 -24.95 48.78
N LEU A 741 -5.64 -25.79 48.15
CA LEU A 741 -5.71 -27.22 48.41
C LEU A 741 -5.24 -27.59 49.81
N ARG A 742 -4.43 -26.74 50.44
CA ARG A 742 -4.01 -26.93 51.84
C ARG A 742 -4.08 -25.57 52.52
N ALA A 743 -5.25 -25.27 53.10
CA ALA A 743 -5.51 -24.00 53.76
C ALA A 743 -5.78 -24.20 55.25
N SER A 744 -5.10 -25.17 55.85
CA SER A 744 -5.16 -25.45 57.28
C SER A 744 -6.54 -25.90 57.73
N ASN A 745 -7.47 -26.03 56.78
CA ASN A 745 -8.81 -26.53 57.08
C ASN A 745 -8.90 -28.04 56.96
N PHE A 746 -7.85 -28.70 56.48
CA PHE A 746 -7.80 -30.14 56.35
C PHE A 746 -6.69 -30.70 57.22
N HIS A 747 -6.91 -31.91 57.73
CA HIS A 747 -5.88 -32.56 58.53
C HIS A 747 -4.70 -32.95 57.65
N TYR A 748 -3.56 -33.18 58.29
CA TYR A 748 -2.33 -33.49 57.55
C TYR A 748 -2.50 -34.76 56.72
N HIS A 749 -3.12 -35.80 57.29
CA HIS A 749 -3.39 -37.00 56.52
C HIS A 749 -4.47 -36.76 55.46
N GLU A 750 -5.36 -35.80 55.71
CA GLU A 750 -6.44 -35.52 54.76
C GLU A 750 -5.97 -34.72 53.55
N LEU A 751 -4.79 -34.11 53.62
CA LEU A 751 -4.28 -33.32 52.50
C LEU A 751 -4.03 -34.20 51.29
N LYS A 752 -4.41 -33.70 50.11
CA LYS A 752 -4.23 -34.44 48.87
C LYS A 752 -2.84 -34.15 48.29
N HIS A 753 -2.12 -35.22 47.94
CA HIS A 753 -0.79 -35.11 47.43
C HIS A 753 -0.84 -34.50 46.03
N ILE A 754 0.06 -33.58 45.72
CA ILE A 754 0.13 -32.93 44.42
C ILE A 754 1.36 -33.45 43.70
N VAL A 755 1.16 -33.97 42.49
CA VAL A 755 2.23 -34.43 41.61
C VAL A 755 2.22 -33.62 40.31
N PHE A 756 3.31 -32.96 39.98
CA PHE A 756 3.43 -32.17 38.76
C PHE A 756 4.13 -32.99 37.69
N VAL A 757 3.54 -33.02 36.50
CA VAL A 757 4.11 -33.71 35.35
C VAL A 757 4.39 -32.66 34.28
N GLY A 758 5.66 -32.44 33.98
CA GLY A 758 6.04 -31.42 33.02
C GLY A 758 7.53 -31.28 32.93
N SER A 759 7.96 -30.24 32.23
CA SER A 759 9.39 -29.98 32.08
C SER A 759 10.00 -29.59 33.42
N ILE A 760 11.10 -30.22 33.79
CA ILE A 760 11.71 -29.87 35.06
C ILE A 760 12.32 -28.49 35.00
N GLU A 761 12.85 -28.05 33.85
CA GLU A 761 13.41 -26.70 33.77
C GLU A 761 12.35 -25.64 34.07
N TYR A 762 11.14 -25.82 33.54
CA TYR A 762 10.06 -24.89 33.84
C TYR A 762 9.69 -24.91 35.31
N LEU A 763 9.64 -26.10 35.91
CA LEU A 763 9.31 -26.21 37.33
C LEU A 763 10.37 -25.57 38.21
N LYS A 764 11.63 -25.59 37.77
CA LYS A 764 12.69 -24.93 38.53
C LYS A 764 12.50 -23.42 38.59
N ARG A 765 11.81 -22.85 37.59
CA ARG A 765 11.62 -21.41 37.56
C ARG A 765 10.78 -20.92 38.72
N GLU A 766 9.71 -21.66 39.06
CA GLU A 766 8.76 -21.24 40.09
C GLU A 766 8.73 -22.20 41.27
N TRP A 767 9.75 -23.04 41.46
CA TRP A 767 9.81 -23.94 42.60
C TRP A 767 9.99 -23.19 43.90
N GLU A 768 10.69 -22.05 43.90
CA GLU A 768 10.96 -21.33 45.13
C GLU A 768 9.68 -20.81 45.79
N THR A 769 8.59 -20.71 45.04
CA THR A 769 7.30 -20.29 45.59
C THR A 769 6.45 -21.47 46.05
N LEU A 770 6.90 -22.70 45.84
CA LEU A 770 6.14 -23.89 46.22
C LEU A 770 6.89 -24.83 47.15
N HIS A 771 8.15 -24.52 47.49
CA HIS A 771 8.94 -25.42 48.33
C HIS A 771 8.50 -25.41 49.79
N ASN A 772 7.63 -24.49 50.20
CA ASN A 772 7.17 -24.42 51.58
C ASN A 772 5.98 -25.34 51.86
N PHE A 773 5.50 -26.06 50.86
CA PHE A 773 4.34 -26.90 51.12
C PHE A 773 4.75 -28.35 51.37
N PRO A 774 4.06 -29.04 52.28
CA PRO A 774 4.51 -30.39 52.69
C PRO A 774 4.48 -31.43 51.59
N LYS A 775 3.34 -31.63 50.94
CA LYS A 775 3.16 -32.72 49.98
C LYS A 775 3.16 -32.16 48.57
N VAL A 776 4.34 -32.08 48.00
CA VAL A 776 4.52 -31.83 46.58
C VAL A 776 5.52 -32.82 46.04
N SER A 777 5.30 -33.27 44.82
CA SER A 777 6.26 -34.07 44.09
C SER A 777 6.26 -33.67 42.62
N ILE A 778 7.36 -33.89 41.94
CA ILE A 778 7.53 -33.51 40.55
C ILE A 778 8.06 -34.71 39.80
N LEU A 779 7.49 -35.02 38.65
CA LEU A 779 7.99 -36.03 37.73
C LEU A 779 8.47 -35.31 36.46
N PRO A 780 9.76 -35.39 36.09
CA PRO A 780 10.30 -34.72 34.93
C PRO A 780 9.89 -35.47 33.67
N GLY A 781 8.90 -34.97 32.92
CA GLY A 781 8.42 -35.71 31.75
C GLY A 781 7.24 -35.06 31.03
N THR A 782 7.00 -35.47 29.79
CA THR A 782 5.97 -34.87 28.94
C THR A 782 4.56 -35.35 29.37
N PRO A 783 3.58 -34.46 29.60
CA PRO A 783 2.20 -34.83 29.92
C PRO A 783 1.57 -35.75 28.90
N LEU A 784 1.91 -35.61 27.62
CA LEU A 784 1.36 -36.48 26.59
C LEU A 784 1.90 -37.91 26.69
N SER A 785 2.98 -38.16 27.42
CA SER A 785 3.57 -39.49 27.56
C SER A 785 2.72 -40.39 28.44
N ARG A 786 2.17 -41.46 27.88
CA ARG A 786 1.31 -42.36 28.62
C ARG A 786 2.07 -43.07 29.74
N ALA A 787 3.36 -43.35 29.58
CA ALA A 787 4.15 -44.01 30.60
C ALA A 787 4.23 -43.18 31.89
N ASP A 788 4.47 -41.88 31.77
CA ASP A 788 4.50 -40.99 32.92
C ASP A 788 3.16 -41.01 33.64
N LEU A 789 2.04 -40.92 32.91
CA LEU A 789 0.72 -40.89 33.52
C LEU A 789 0.42 -42.21 34.23
N ARG A 790 0.82 -43.33 33.63
CA ARG A 790 0.64 -44.62 34.29
C ARG A 790 1.52 -44.74 35.52
N ALA A 791 2.72 -44.16 35.49
CA ALA A 791 3.66 -44.19 36.61
C ALA A 791 3.18 -43.33 37.78
N VAL A 792 2.43 -42.25 37.53
CA VAL A 792 1.79 -41.48 38.59
C VAL A 792 0.51 -42.15 39.09
N ASN A 793 0.05 -43.20 38.41
CA ASN A 793 -1.18 -43.91 38.77
C ASN A 793 -2.39 -42.98 38.68
N ILE A 794 -2.57 -42.41 37.48
CA ILE A 794 -3.67 -41.49 37.22
C ILE A 794 -5.03 -42.19 37.18
N ASN A 795 -5.05 -43.53 37.12
CA ASN A 795 -6.32 -44.24 37.07
C ASN A 795 -7.13 -44.03 38.34
N LEU A 796 -6.48 -44.06 39.49
CA LEU A 796 -7.17 -43.91 40.78
C LEU A 796 -6.88 -42.58 41.45
N CYS A 797 -6.33 -41.61 40.72
CA CYS A 797 -6.07 -40.30 41.29
C CYS A 797 -7.39 -39.57 41.57
N ASP A 798 -7.39 -38.75 42.61
CA ASP A 798 -8.60 -38.02 42.97
C ASP A 798 -8.98 -37.01 41.90
N MET A 799 -8.00 -36.30 41.34
CA MET A 799 -8.29 -35.29 40.32
C MET A 799 -7.07 -35.11 39.42
N CYS A 800 -7.36 -34.75 38.17
CA CYS A 800 -6.33 -34.44 37.18
C CYS A 800 -6.61 -33.07 36.58
N VAL A 801 -5.54 -32.31 36.37
CA VAL A 801 -5.61 -30.95 35.85
C VAL A 801 -4.64 -30.84 34.69
N ILE A 802 -5.05 -30.14 33.63
CA ILE A 802 -4.21 -29.89 32.47
C ILE A 802 -4.08 -28.39 32.31
N LEU A 803 -2.83 -27.89 32.29
CA LEU A 803 -2.56 -26.47 32.15
C LEU A 803 -1.51 -26.26 31.08
N SER A 804 -1.64 -25.13 30.42
CA SER A 804 -0.64 -24.81 29.52
C SER A 804 -0.11 -23.46 29.91
N ALA A 805 1.08 -23.17 29.51
CA ALA A 805 1.68 -21.87 29.73
C ALA A 805 2.02 -21.13 28.44
N ASN A 806 1.69 -21.73 27.28
CA ASN A 806 2.04 -21.13 25.99
C ASN A 806 0.86 -20.36 25.40
N GLN A 807 0.46 -19.29 26.11
CA GLN A 807 -0.56 -18.38 25.63
C GLN A 807 0.03 -17.17 24.91
N ASN A 808 1.35 -17.12 24.78
CA ASN A 808 2.04 -16.00 24.15
C ASN A 808 2.08 -16.07 22.62
N ASN A 809 1.98 -17.28 22.08
CA ASN A 809 2.03 -17.47 20.63
C ASN A 809 1.00 -16.59 19.92
N ILE A 810 1.41 -15.81 18.93
CA ILE A 810 0.49 -14.93 18.22
C ILE A 810 -0.17 -15.63 17.03
N ASP A 811 0.53 -16.61 16.46
CA ASP A 811 0.00 -17.35 15.32
C ASP A 811 -1.20 -18.22 15.72
N ASP A 812 -2.09 -18.47 14.76
CA ASP A 812 -3.30 -19.30 14.95
C ASP A 812 -4.18 -18.86 16.13
N THR A 813 -4.97 -17.81 15.91
CA THR A 813 -5.87 -17.25 16.92
C THR A 813 -6.70 -18.27 17.71
N SER A 814 -7.27 -19.26 17.02
CA SER A 814 -8.09 -20.27 17.69
C SER A 814 -7.40 -21.65 17.72
N LEU A 815 -6.20 -21.69 18.29
CA LEU A 815 -5.43 -22.93 18.33
C LEU A 815 -4.58 -23.08 19.59
N GLN A 816 -4.67 -22.14 20.54
CA GLN A 816 -3.79 -22.18 21.70
C GLN A 816 -4.06 -23.41 22.56
N ASP A 817 -5.34 -23.74 22.78
CA ASP A 817 -5.71 -24.92 23.57
C ASP A 817 -5.64 -26.18 22.69
N LYS A 818 -4.41 -26.47 22.25
CA LYS A 818 -4.15 -27.56 21.32
C LYS A 818 -3.65 -28.82 22.02
N GLU A 819 -2.62 -28.69 22.86
CA GLU A 819 -2.08 -29.85 23.55
C GLU A 819 -3.00 -30.31 24.69
N CYS A 820 -3.80 -29.40 25.23
CA CYS A 820 -4.66 -29.75 26.36
C CYS A 820 -5.70 -30.78 25.97
N ILE A 821 -6.37 -30.58 24.83
CA ILE A 821 -7.38 -31.53 24.40
C ILE A 821 -6.74 -32.86 24.03
N LEU A 822 -5.54 -32.84 23.45
CA LEU A 822 -4.84 -34.08 23.13
C LEU A 822 -4.52 -34.85 24.40
N ALA A 823 -4.04 -34.16 25.45
CA ALA A 823 -3.75 -34.83 26.70
C ALA A 823 -5.02 -35.38 27.33
N SER A 824 -6.12 -34.61 27.28
CA SER A 824 -7.38 -35.08 27.84
C SER A 824 -7.88 -36.33 27.12
N LEU A 825 -7.78 -36.35 25.79
CA LEU A 825 -8.22 -37.52 25.03
C LEU A 825 -7.31 -38.72 25.29
N ASN A 826 -6.00 -38.47 25.45
CA ASN A 826 -5.09 -39.56 25.79
C ASN A 826 -5.43 -40.15 27.16
N ILE A 827 -5.77 -39.29 28.12
CA ILE A 827 -6.17 -39.78 29.44
C ILE A 827 -7.47 -40.57 29.34
N LYS A 828 -8.45 -40.05 28.60
CA LYS A 828 -9.72 -40.75 28.45
C LYS A 828 -9.54 -42.09 27.73
N SER A 829 -8.76 -42.11 26.65
CA SER A 829 -8.56 -43.31 25.85
C SER A 829 -7.35 -44.10 26.34
N MET A 830 -7.34 -44.41 27.64
CA MET A 830 -6.28 -45.19 28.26
C MET A 830 -6.89 -46.27 29.12
N GLN A 831 -6.39 -47.50 28.98
CA GLN A 831 -6.92 -48.65 29.69
C GLN A 831 -5.96 -49.07 30.80
N PHE A 832 -6.53 -49.67 31.85
CA PHE A 832 -5.76 -50.11 33.00
C PHE A 832 -6.16 -51.53 33.37
N ASP A 833 -5.26 -52.22 34.05
CA ASP A 833 -5.48 -53.60 34.48
C ASP A 833 -5.77 -53.62 35.98
N ASP A 834 -6.83 -54.33 36.36
CA ASP A 834 -7.22 -54.43 37.76
C ASP A 834 -6.17 -55.20 38.57
N THR A 871 -9.25 -50.72 34.01
CA THR A 871 -10.43 -50.36 33.23
C THR A 871 -10.15 -49.15 32.35
N THR A 872 -11.19 -48.67 31.67
CA THR A 872 -11.04 -47.52 30.80
C THR A 872 -10.81 -46.25 31.61
N GLY A 873 -10.12 -45.30 30.98
CA GLY A 873 -9.78 -44.03 31.59
C GLY A 873 -10.80 -42.93 31.44
N VAL A 874 -11.97 -43.22 30.87
CA VAL A 874 -13.00 -42.20 30.71
C VAL A 874 -13.52 -41.76 32.08
N ASN A 875 -13.60 -42.68 33.04
CA ASN A 875 -14.11 -42.35 34.38
C ASN A 875 -13.16 -41.45 35.16
N ILE A 876 -11.93 -41.25 34.70
CA ILE A 876 -10.96 -40.42 35.40
C ILE A 876 -11.41 -38.96 35.34
N PRO A 877 -11.59 -38.29 36.47
CA PRO A 877 -11.97 -36.87 36.43
C PRO A 877 -10.78 -36.00 36.04
N ILE A 878 -10.98 -35.18 35.02
CA ILE A 878 -9.93 -34.31 34.49
C ILE A 878 -10.47 -32.90 34.36
N ILE A 879 -9.64 -31.91 34.67
CA ILE A 879 -9.97 -30.50 34.54
C ILE A 879 -9.03 -29.89 33.50
N THR A 880 -9.61 -29.27 32.48
CA THR A 880 -8.85 -28.72 31.36
C THR A 880 -9.03 -27.21 31.30
N GLU A 881 -7.92 -26.50 31.17
CA GLU A 881 -7.95 -25.04 31.01
C GLU A 881 -8.03 -24.71 29.52
N LEU A 882 -9.10 -24.02 29.13
CA LEU A 882 -9.33 -23.64 27.75
C LEU A 882 -9.32 -22.12 27.62
N VAL A 883 -8.57 -21.61 26.65
CA VAL A 883 -8.55 -20.17 26.38
C VAL A 883 -9.57 -19.77 25.32
N ASN A 884 -10.15 -20.73 24.60
CA ASN A 884 -11.14 -20.48 23.57
C ASN A 884 -12.40 -21.26 23.88
N ASP A 885 -13.55 -20.59 23.84
CA ASP A 885 -14.82 -21.23 24.12
C ASP A 885 -15.33 -22.08 22.97
N THR A 886 -14.72 -21.90 21.80
CA THR A 886 -15.07 -22.65 20.62
C THR A 886 -14.44 -24.04 20.52
N ASN A 887 -13.69 -24.52 21.50
CA ASN A 887 -13.09 -25.85 21.53
C ASN A 887 -13.56 -26.68 22.73
N VAL A 888 -14.59 -26.23 23.44
CA VAL A 888 -15.06 -26.96 24.61
C VAL A 888 -15.69 -28.28 24.21
N GLN A 889 -16.40 -28.31 23.08
CA GLN A 889 -17.09 -29.51 22.64
C GLN A 889 -16.14 -30.63 22.25
N PHE A 890 -14.86 -30.32 22.02
CA PHE A 890 -13.89 -31.35 21.65
C PHE A 890 -13.49 -32.23 22.84
N LEU A 891 -13.88 -31.87 24.05
CA LEU A 891 -13.48 -32.64 25.23
C LEU A 891 -14.30 -33.92 25.36
N ASP A 892 -15.62 -33.79 25.51
CA ASP A 892 -16.50 -34.93 25.69
C ASP A 892 -17.03 -35.36 24.33
N GLN A 893 -16.38 -36.36 23.73
CA GLN A 893 -16.81 -36.90 22.44
C GLN A 893 -17.69 -38.14 22.64
N ASP A 894 -18.82 -37.92 23.31
CA ASP A 894 -19.76 -39.00 23.56
C ASP A 894 -21.18 -38.59 23.18
N ASP A 895 -21.46 -37.29 23.23
CA ASP A 895 -22.79 -36.78 22.92
C ASP A 895 -22.64 -35.37 22.36
N ASP A 896 -22.93 -35.20 21.09
CA ASP A 896 -22.85 -33.90 20.40
C ASP A 896 -24.27 -33.49 20.02
N ASP A 897 -24.93 -32.75 20.92
CA ASP A 897 -26.30 -32.31 20.67
C ASP A 897 -26.35 -31.37 19.46
N ASP A 898 -25.43 -30.41 19.40
CA ASP A 898 -25.35 -29.46 18.30
C ASP A 898 -24.02 -28.74 18.33
N PRO A 899 -23.35 -28.59 17.17
CA PRO A 899 -22.06 -27.89 17.16
C PRO A 899 -22.14 -26.44 17.63
N ASP A 900 -23.25 -25.76 17.34
CA ASP A 900 -23.44 -24.37 17.75
C ASP A 900 -24.24 -24.38 19.05
N THR A 901 -23.52 -24.35 20.18
CA THR A 901 -24.13 -24.39 21.49
C THR A 901 -23.49 -23.35 22.39
N GLU A 902 -24.26 -22.87 23.36
CA GLU A 902 -23.76 -21.90 24.33
C GLU A 902 -22.69 -22.55 25.21
N LEU A 903 -21.79 -21.71 25.72
CA LEU A 903 -20.69 -22.21 26.54
C LEU A 903 -21.21 -22.88 27.80
N TYR A 904 -22.17 -22.26 28.48
CA TYR A 904 -22.70 -22.85 29.71
C TYR A 904 -23.53 -24.09 29.41
N LEU A 905 -24.27 -24.08 28.30
CA LEU A 905 -25.11 -25.22 27.96
C LEU A 905 -24.29 -26.41 27.45
N THR A 906 -23.03 -26.20 27.11
CA THR A 906 -22.19 -27.28 26.62
C THR A 906 -21.96 -28.32 27.71
N GLN A 907 -22.01 -29.59 27.32
CA GLN A 907 -21.89 -30.68 28.30
C GLN A 907 -20.56 -30.68 29.04
N PRO A 908 -19.39 -30.55 28.38
CA PRO A 908 -18.14 -30.52 29.17
C PRO A 908 -18.09 -29.40 30.19
N PHE A 909 -18.64 -28.23 29.86
CA PHE A 909 -18.67 -27.14 30.83
C PHE A 909 -19.66 -27.43 31.94
N ALA A 910 -20.83 -27.96 31.60
CA ALA A 910 -21.83 -28.28 32.63
C ALA A 910 -21.33 -29.35 33.57
N CYS A 911 -20.63 -30.36 33.05
CA CYS A 911 -20.06 -31.41 33.89
C CYS A 911 -18.90 -30.92 34.75
N GLY A 912 -18.36 -29.74 34.47
CA GLY A 912 -17.25 -29.19 35.23
C GLY A 912 -15.89 -29.69 34.81
N THR A 913 -15.79 -30.54 33.78
CA THR A 913 -14.51 -31.06 33.32
C THR A 913 -13.72 -30.06 32.50
N ALA A 914 -14.33 -28.94 32.09
CA ALA A 914 -13.66 -27.93 31.30
C ALA A 914 -13.87 -26.56 31.94
N PHE A 915 -12.80 -25.76 31.95
CA PHE A 915 -12.83 -24.41 32.50
C PHE A 915 -12.29 -23.44 31.48
N ALA A 916 -12.88 -22.25 31.42
CA ALA A 916 -12.50 -21.22 30.45
C ALA A 916 -12.21 -19.91 31.17
N VAL A 917 -11.17 -19.23 30.72
CA VAL A 917 -10.73 -17.97 31.33
C VAL A 917 -11.71 -16.85 30.97
N SER A 918 -12.45 -17.03 29.89
CA SER A 918 -13.63 -16.27 29.50
C SER A 918 -14.60 -16.06 30.66
N VAL A 919 -14.74 -17.05 31.55
CA VAL A 919 -15.61 -16.97 32.71
C VAL A 919 -15.25 -15.79 33.62
N LEU A 920 -13.96 -15.48 33.81
CA LEU A 920 -13.58 -14.36 34.65
C LEU A 920 -13.96 -13.00 34.04
N ASP A 921 -14.08 -12.87 32.71
CA ASP A 921 -14.56 -11.63 32.10
C ASP A 921 -16.01 -11.30 32.49
N SER A 922 -16.78 -12.30 32.90
CA SER A 922 -18.10 -12.05 33.46
C SER A 922 -18.05 -11.62 34.93
N LEU A 923 -17.16 -12.18 35.75
CA LEU A 923 -16.96 -11.73 37.14
C LEU A 923 -16.57 -10.24 37.18
N MET A 924 -15.86 -9.80 36.15
CA MET A 924 -15.52 -8.42 35.87
C MET A 924 -16.75 -7.49 35.85
N SER A 925 -17.92 -7.96 35.40
CA SER A 925 -19.17 -7.19 35.48
C SER A 925 -19.86 -7.34 36.83
N ALA A 926 -19.88 -8.53 37.44
CA ALA A 926 -20.63 -8.78 38.65
C ALA A 926 -20.11 -7.93 39.79
N THR A 927 -18.79 -7.71 39.85
CA THR A 927 -18.22 -6.79 40.83
C THR A 927 -18.54 -5.32 40.57
N TYR A 928 -18.88 -4.92 39.35
CA TYR A 928 -19.40 -3.56 39.15
C TYR A 928 -20.79 -3.44 39.75
N PHE A 929 -21.72 -4.31 39.36
CA PHE A 929 -23.10 -4.24 39.85
C PHE A 929 -23.24 -4.54 41.33
N ASN A 930 -22.39 -5.39 41.90
CA ASN A 930 -22.36 -5.64 43.33
C ASN A 930 -20.92 -5.89 43.80
N ASP A 931 -20.37 -4.88 44.47
CA ASP A 931 -18.98 -4.81 44.91
C ASP A 931 -18.54 -5.98 45.80
N ASN A 932 -19.47 -6.56 46.55
CA ASN A 932 -19.15 -7.58 47.55
C ASN A 932 -18.96 -8.98 46.95
N ILE A 933 -19.50 -9.23 45.76
CA ILE A 933 -19.49 -10.55 45.12
C ILE A 933 -18.06 -11.05 44.95
N LEU A 934 -17.15 -10.19 44.46
CA LEU A 934 -15.74 -10.55 44.32
C LEU A 934 -15.13 -10.92 45.66
N THR A 935 -15.43 -10.19 46.73
CA THR A 935 -14.83 -10.52 48.03
C THR A 935 -15.32 -11.88 48.52
N LEU A 936 -16.62 -12.15 48.38
CA LEU A 936 -17.16 -13.44 48.81
C LEU A 936 -16.53 -14.59 48.02
N ILE A 937 -16.45 -14.45 46.70
CA ILE A 937 -15.84 -15.48 45.85
C ILE A 937 -14.38 -15.67 46.25
N ARG A 938 -13.62 -14.59 46.41
CA ARG A 938 -12.24 -14.71 46.79
C ARG A 938 -12.12 -15.46 48.12
N THR A 939 -12.86 -15.08 49.16
CA THR A 939 -12.69 -15.69 50.47
C THR A 939 -13.21 -17.13 50.49
N LEU A 940 -14.17 -17.47 49.63
CA LEU A 940 -14.65 -18.84 49.54
C LEU A 940 -13.68 -19.73 48.77
N VAL A 941 -12.99 -19.18 47.77
CA VAL A 941 -12.13 -19.97 46.89
C VAL A 941 -10.72 -20.09 47.43
N THR A 942 -10.11 -18.96 47.82
CA THR A 942 -8.73 -18.99 48.31
C THR A 942 -8.61 -19.65 49.68
N GLY A 943 -9.72 -19.91 50.37
CA GLY A 943 -9.64 -20.51 51.69
C GLY A 943 -8.98 -19.61 52.71
N GLY A 944 -9.34 -18.33 52.72
CA GLY A 944 -8.72 -17.37 53.62
C GLY A 944 -8.16 -16.18 52.90
N ALA A 945 -6.83 -16.06 52.89
CA ALA A 945 -6.09 -14.98 52.23
C ALA A 945 -6.54 -13.58 52.72
N THR A 946 -6.45 -13.35 54.03
CA THR A 946 -6.83 -12.08 54.62
C THR A 946 -5.89 -10.97 54.13
N PRO A 947 -6.36 -9.72 54.11
CA PRO A 947 -5.49 -8.63 53.65
C PRO A 947 -4.20 -8.50 54.45
N GLU A 948 -4.25 -8.75 55.76
CA GLU A 948 -3.02 -8.76 56.55
C GLU A 948 -2.09 -9.88 56.10
N LEU A 949 -2.65 -11.06 55.82
CA LEU A 949 -1.84 -12.15 55.29
C LEU A 949 -1.29 -11.80 53.92
N GLU A 950 -2.07 -11.16 53.06
CA GLU A 950 -1.63 -10.70 51.74
C GLU A 950 -0.48 -9.70 51.88
N ALA A 951 -0.57 -8.77 52.82
CA ALA A 951 0.52 -7.86 53.13
C ALA A 951 1.77 -8.61 53.59
N LEU A 952 1.63 -9.56 54.52
CA LEU A 952 2.77 -10.33 55.02
C LEU A 952 3.45 -11.10 53.90
N ILE A 953 2.65 -11.68 52.99
CA ILE A 953 3.16 -12.35 51.78
C ILE A 953 3.86 -11.32 50.90
N ALA A 954 3.27 -10.16 50.65
CA ALA A 954 3.86 -9.13 49.82
C ALA A 954 5.21 -8.62 50.36
N GLU A 955 5.41 -8.64 51.69
CA GLU A 955 6.62 -8.11 52.29
C GLU A 955 7.84 -8.97 52.01
N GLU A 956 7.66 -10.25 51.70
CA GLU A 956 8.80 -11.12 51.43
C GLU A 956 8.60 -12.05 50.23
N ASN A 957 7.47 -11.99 49.55
CA ASN A 957 7.05 -12.87 48.44
C ASN A 957 7.18 -14.37 48.77
N ALA A 958 7.00 -14.73 50.04
CA ALA A 958 7.16 -16.10 50.53
C ALA A 958 6.32 -16.26 51.79
N LEU A 959 6.21 -17.50 52.25
CA LEU A 959 5.49 -17.84 53.47
C LEU A 959 6.50 -18.23 54.55
N ARG A 960 6.36 -17.63 55.72
CA ARG A 960 7.21 -17.91 56.87
C ARG A 960 6.42 -18.67 57.92
N GLY A 961 6.98 -19.78 58.39
CA GLY A 961 6.28 -20.61 59.36
C GLY A 961 6.17 -19.94 60.72
N GLY A 962 5.04 -20.15 61.37
CA GLY A 962 4.82 -19.62 62.70
C GLY A 962 4.90 -20.68 63.79
N TYR A 963 4.18 -20.47 64.88
CA TYR A 963 4.14 -21.42 65.98
C TYR A 963 2.70 -21.64 66.42
N SER A 964 2.46 -22.81 67.02
CA SER A 964 1.12 -23.18 67.45
C SER A 964 0.73 -22.36 68.67
N THR A 965 -0.25 -21.50 68.52
CA THR A 965 -0.78 -20.65 69.57
C THR A 965 -2.30 -20.81 69.61
N PRO A 966 -2.93 -20.54 70.75
CA PRO A 966 -4.39 -20.72 70.83
C PRO A 966 -5.16 -19.92 69.79
N GLN A 967 -4.71 -18.71 69.47
CA GLN A 967 -5.36 -17.94 68.42
C GLN A 967 -5.10 -18.55 67.05
N THR A 968 -3.91 -19.11 66.84
CA THR A 968 -3.61 -19.75 65.56
C THR A 968 -4.47 -20.99 65.35
N LEU A 969 -4.60 -21.84 66.38
CA LEU A 969 -5.41 -23.03 66.26
C LEU A 969 -6.88 -22.69 66.07
N ALA A 970 -7.37 -21.66 66.77
CA ALA A 970 -8.75 -21.24 66.59
C ALA A 970 -8.98 -20.51 65.27
N ASN A 971 -7.91 -20.08 64.60
CA ASN A 971 -8.06 -19.37 63.33
C ASN A 971 -8.58 -20.29 62.24
N ARG A 972 -8.17 -21.56 62.24
CA ARG A 972 -8.59 -22.51 61.22
C ARG A 972 -9.91 -23.18 61.58
N ASP A 973 -10.92 -22.37 61.89
CA ASP A 973 -12.24 -22.85 62.25
C ASP A 973 -13.27 -22.60 61.15
N ARG A 974 -12.83 -22.22 59.95
CA ARG A 974 -13.74 -21.92 58.86
C ARG A 974 -14.25 -23.23 58.23
N CYS A 975 -15.04 -23.09 57.18
CA CYS A 975 -15.65 -24.23 56.50
C CYS A 975 -14.89 -24.56 55.22
N ARG A 976 -14.85 -25.86 54.90
CA ARG A 976 -14.17 -26.37 53.72
C ARG A 976 -15.19 -26.94 52.75
N VAL A 977 -15.00 -26.65 51.46
CA VAL A 977 -15.90 -27.17 50.44
C VAL A 977 -15.61 -28.65 50.20
N ALA A 978 -16.66 -29.46 50.19
CA ALA A 978 -16.50 -30.90 49.98
C ALA A 978 -17.76 -31.44 49.33
N GLN A 979 -17.73 -32.73 49.01
CA GLN A 979 -18.88 -33.44 48.46
C GLN A 979 -19.15 -34.68 49.28
N LEU A 980 -20.43 -35.01 49.46
CA LEU A 980 -20.81 -36.22 50.17
C LEU A 980 -21.86 -36.98 49.37
N ALA A 981 -21.84 -38.30 49.54
CA ALA A 981 -22.75 -39.20 48.85
C ALA A 981 -23.74 -39.80 49.83
N LEU A 982 -24.94 -40.09 49.33
CA LEU A 982 -26.01 -40.67 50.14
C LEU A 982 -26.07 -42.19 50.04
N LEU A 983 -25.13 -42.81 49.34
CA LEU A 983 -25.14 -44.26 49.22
C LEU A 983 -24.91 -44.94 50.56
N ASP A 984 -23.98 -44.42 51.36
CA ASP A 984 -23.66 -45.02 52.65
C ASP A 984 -23.54 -43.98 53.76
N GLY A 985 -23.93 -42.73 53.51
CA GLY A 985 -23.85 -41.70 54.52
C GLY A 985 -24.98 -41.78 55.52
N PRO A 986 -24.95 -40.86 56.48
CA PRO A 986 -26.03 -40.82 57.49
C PRO A 986 -27.41 -40.58 56.89
N PHE A 987 -27.48 -39.92 55.74
CA PHE A 987 -28.75 -39.61 55.09
C PHE A 987 -29.16 -40.68 54.08
N ALA A 988 -28.64 -41.90 54.22
CA ALA A 988 -28.95 -42.96 53.26
C ALA A 988 -30.45 -43.25 53.22
N ASP A 989 -31.10 -43.28 54.38
CA ASP A 989 -32.54 -43.48 54.41
C ASP A 989 -33.27 -42.36 53.68
N LEU A 990 -32.69 -41.17 53.64
CA LEU A 990 -33.26 -40.06 52.89
C LEU A 990 -32.67 -39.95 51.48
N GLY A 991 -31.78 -40.87 51.11
CA GLY A 991 -31.18 -40.80 49.78
C GLY A 991 -32.17 -41.05 48.66
N ASP A 992 -33.10 -41.99 48.86
CA ASP A 992 -34.08 -42.35 47.85
C ASP A 992 -35.45 -41.81 48.25
N GLY A 993 -36.10 -41.12 47.32
CA GLY A 993 -37.42 -40.57 47.58
C GLY A 993 -37.46 -39.55 48.69
N GLY A 994 -36.47 -38.66 48.75
CA GLY A 994 -36.39 -37.64 49.78
C GLY A 994 -36.29 -36.26 49.18
N CYS A 995 -36.96 -35.29 49.81
CA CYS A 995 -36.90 -33.92 49.34
C CYS A 995 -35.55 -33.30 49.66
N TYR A 996 -35.08 -32.43 48.76
CA TYR A 996 -33.82 -31.82 48.94
C TYR A 996 -33.91 -30.98 50.19
N GLY A 997 -34.98 -30.13 50.34
CA GLY A 997 -35.10 -29.21 51.45
C GLY A 997 -35.03 -29.90 52.80
N ASP A 998 -35.68 -31.06 52.92
CA ASP A 998 -35.61 -31.82 54.17
C ASP A 998 -34.18 -32.26 54.46
N LEU A 999 -33.46 -32.71 53.42
CA LEU A 999 -32.07 -33.10 53.60
C LEU A 999 -31.21 -31.94 54.05
N PHE A 1000 -31.41 -30.77 53.42
CA PHE A 1000 -30.65 -29.58 53.80
C PHE A 1000 -30.94 -29.18 55.24
N CYS A 1001 -32.21 -29.17 55.63
CA CYS A 1001 -32.57 -28.81 57.00
C CYS A 1001 -31.98 -29.79 58.00
N LYS A 1002 -32.05 -31.09 57.70
CA LYS A 1002 -31.49 -32.09 58.60
C LYS A 1002 -29.99 -31.91 58.76
N ALA A 1003 -29.28 -31.73 57.64
CA ALA A 1003 -27.84 -31.57 57.71
C ALA A 1003 -27.46 -30.31 58.48
N LEU A 1004 -28.12 -29.19 58.21
CA LEU A 1004 -27.80 -27.95 58.90
C LEU A 1004 -28.13 -28.02 60.38
N LYS A 1005 -29.22 -28.69 60.75
CA LYS A 1005 -29.58 -28.81 62.16
C LYS A 1005 -28.69 -29.77 62.92
N THR A 1006 -28.20 -30.83 62.26
CA THR A 1006 -27.40 -31.83 62.96
C THR A 1006 -25.91 -31.50 62.95
N TYR A 1007 -25.32 -31.41 61.76
CA TYR A 1007 -23.87 -31.25 61.63
C TYR A 1007 -23.47 -29.81 61.34
N ASN A 1008 -24.42 -28.87 61.35
CA ASN A 1008 -24.16 -27.48 60.98
C ASN A 1008 -23.53 -27.39 59.61
N MET A 1009 -24.00 -28.24 58.70
CA MET A 1009 -23.44 -28.36 57.35
C MET A 1009 -24.39 -27.70 56.37
N LEU A 1010 -23.87 -26.72 55.62
CA LEU A 1010 -24.67 -26.01 54.63
C LEU A 1010 -24.76 -26.86 53.37
N CYS A 1011 -25.92 -27.46 53.14
CA CYS A 1011 -26.11 -28.34 51.99
C CYS A 1011 -26.22 -27.48 50.73
N PHE A 1012 -25.21 -27.59 49.86
CA PHE A 1012 -25.18 -26.83 48.62
C PHE A 1012 -25.88 -27.64 47.52
N GLY A 1013 -25.72 -27.24 46.27
CA GLY A 1013 -26.39 -27.88 45.16
C GLY A 1013 -26.07 -29.35 44.96
N ILE A 1014 -26.71 -29.97 43.97
CA ILE A 1014 -26.62 -31.41 43.74
C ILE A 1014 -25.82 -31.65 42.46
N TYR A 1015 -24.81 -32.50 42.55
CA TYR A 1015 -24.01 -32.92 41.40
C TYR A 1015 -24.62 -34.18 40.81
N ARG A 1016 -25.84 -34.02 40.28
CA ARG A 1016 -26.62 -35.17 39.81
C ARG A 1016 -25.97 -35.83 38.61
N LEU A 1017 -26.02 -37.15 38.58
CA LEU A 1017 -25.51 -37.91 37.44
C LEU A 1017 -26.32 -37.60 36.19
N ARG A 1018 -25.63 -37.54 35.05
CA ARG A 1018 -26.30 -37.19 33.79
C ARG A 1018 -27.34 -38.24 33.42
N ASP A 1019 -26.99 -39.51 33.52
CA ASP A 1019 -27.91 -40.59 33.18
C ASP A 1019 -28.61 -41.11 34.44
N ALA A 1020 -29.33 -40.20 35.09
CA ALA A 1020 -30.10 -40.53 36.29
C ALA A 1020 -31.60 -40.58 36.03
N HIS A 1021 -32.15 -39.61 35.30
CA HIS A 1021 -33.58 -39.63 35.01
C HIS A 1021 -33.95 -40.79 34.09
N LEU A 1022 -33.09 -41.11 33.14
CA LEU A 1022 -33.37 -42.21 32.22
C LEU A 1022 -33.36 -43.55 32.97
N SER A 1023 -34.31 -44.42 32.62
CA SER A 1023 -34.41 -45.73 33.25
C SER A 1023 -33.43 -46.73 32.66
N THR A 1024 -32.82 -46.44 31.52
CA THR A 1024 -31.86 -47.35 30.93
C THR A 1024 -30.59 -47.40 31.79
N PRO A 1025 -30.10 -48.60 32.14
CA PRO A 1025 -28.90 -48.68 32.98
C PRO A 1025 -27.65 -48.25 32.24
N SER A 1026 -27.51 -46.94 32.00
CA SER A 1026 -26.33 -46.42 31.32
C SER A 1026 -25.12 -46.50 32.25
N GLN A 1027 -23.96 -46.80 31.66
CA GLN A 1027 -22.72 -46.93 32.40
C GLN A 1027 -21.91 -45.64 32.45
N CYS A 1028 -22.43 -44.56 31.88
CA CYS A 1028 -21.71 -43.29 31.90
C CYS A 1028 -21.68 -42.72 33.32
N THR A 1029 -20.49 -42.33 33.77
CA THR A 1029 -20.30 -41.80 35.11
C THR A 1029 -20.26 -40.26 35.15
N LYS A 1030 -20.45 -39.61 34.00
CA LYS A 1030 -20.42 -38.15 33.97
C LYS A 1030 -21.64 -37.58 34.69
N ARG A 1031 -21.41 -36.52 35.46
CA ARG A 1031 -22.46 -35.87 36.23
C ARG A 1031 -22.48 -34.38 35.91
N TYR A 1032 -23.62 -33.74 36.18
CA TYR A 1032 -23.78 -32.32 35.95
C TYR A 1032 -24.27 -31.65 37.23
N VAL A 1033 -23.90 -30.39 37.39
CA VAL A 1033 -24.18 -29.63 38.60
C VAL A 1033 -25.57 -29.01 38.52
N ILE A 1034 -26.29 -29.06 39.63
CA ILE A 1034 -27.57 -28.37 39.79
C ILE A 1034 -27.42 -27.38 40.93
N THR A 1035 -27.60 -26.10 40.63
CA THR A 1035 -27.33 -25.03 41.58
C THR A 1035 -28.60 -24.70 42.37
N ASN A 1036 -28.54 -24.93 43.68
CA ASN A 1036 -29.61 -24.61 44.62
C ASN A 1036 -30.96 -25.16 44.17
N PRO A 1037 -31.17 -26.47 44.24
CA PRO A 1037 -32.48 -27.02 43.91
C PRO A 1037 -33.52 -26.59 44.93
N PRO A 1038 -34.79 -26.50 44.54
CA PRO A 1038 -35.82 -26.02 45.47
C PRO A 1038 -36.12 -26.99 46.60
N TYR A 1039 -37.01 -26.58 47.51
CA TYR A 1039 -37.35 -27.42 48.65
C TYR A 1039 -38.02 -28.71 48.20
N GLU A 1040 -38.93 -28.64 47.23
CA GLU A 1040 -39.67 -29.80 46.78
C GLU A 1040 -38.87 -30.71 45.86
N PHE A 1041 -37.66 -30.30 45.47
CA PHE A 1041 -36.84 -31.10 44.57
C PHE A 1041 -36.46 -32.43 45.23
N GLU A 1042 -36.54 -33.51 44.46
CA GLU A 1042 -36.20 -34.84 44.93
C GLU A 1042 -34.95 -35.33 44.22
N LEU A 1043 -34.13 -36.09 44.96
CA LEU A 1043 -32.85 -36.57 44.45
C LEU A 1043 -32.76 -38.08 44.64
N VAL A 1044 -32.16 -38.74 43.66
CA VAL A 1044 -31.96 -40.19 43.70
C VAL A 1044 -30.81 -40.50 44.66
N PRO A 1045 -30.72 -41.72 45.21
CA PRO A 1045 -29.61 -42.02 46.14
C PRO A 1045 -28.23 -41.90 45.49
N THR A 1046 -28.11 -42.18 44.19
CA THR A 1046 -26.82 -42.11 43.52
C THR A 1046 -26.50 -40.68 43.07
N ASP A 1047 -26.59 -39.73 43.99
CA ASP A 1047 -26.30 -38.32 43.71
C ASP A 1047 -25.36 -37.77 44.78
N LEU A 1048 -24.35 -37.03 44.33
CA LEU A 1048 -23.46 -36.31 45.24
C LEU A 1048 -24.06 -34.95 45.56
N ILE A 1049 -23.75 -34.45 46.76
CA ILE A 1049 -24.20 -33.13 47.18
C ILE A 1049 -23.00 -32.36 47.71
N PHE A 1050 -22.86 -31.11 47.26
CA PHE A 1050 -21.83 -30.22 47.76
C PHE A 1050 -22.17 -29.77 49.18
N CYS A 1051 -21.14 -29.39 49.93
CA CYS A 1051 -21.34 -29.00 51.32
C CYS A 1051 -20.16 -28.15 51.77
N LEU A 1052 -20.39 -27.41 52.85
CA LEU A 1052 -19.37 -26.58 53.49
C LEU A 1052 -19.18 -27.14 54.90
N MET A 1053 -18.29 -28.13 55.03
CA MET A 1053 -18.10 -28.80 56.30
C MET A 1053 -17.35 -27.93 57.29
N GLN A 1054 -17.60 -28.17 58.58
CA GLN A 1054 -16.93 -27.44 59.65
C GLN A 1054 -15.55 -28.06 59.88
N PHE A 1055 -14.88 -27.64 60.95
CA PHE A 1055 -13.57 -28.15 61.31
C PHE A 1055 -13.59 -28.70 62.73
N ASP A 1056 -12.86 -29.78 62.95
CA ASP A 1056 -12.80 -30.42 64.26
C ASP A 1056 -11.44 -31.08 64.49
N GLN B 19 -8.79 19.06 -60.71
CA GLN B 19 -7.60 18.18 -60.85
C GLN B 19 -7.74 16.96 -59.93
N ARG B 20 -7.47 15.75 -60.42
CA ARG B 20 -7.63 14.47 -59.68
C ARG B 20 -6.33 13.73 -59.31
N MET B 21 -5.16 14.23 -59.72
CA MET B 21 -3.86 13.54 -59.55
C MET B 21 -3.35 13.38 -58.12
N TRP B 22 -4.05 13.92 -57.11
CA TRP B 22 -3.74 13.73 -55.68
C TRP B 22 -3.60 12.26 -55.24
N TRP B 23 -4.18 11.29 -55.95
CA TRP B 23 -3.98 9.87 -55.66
C TRP B 23 -2.51 9.44 -55.83
N ALA B 24 -1.78 10.06 -56.76
CA ALA B 24 -0.41 9.68 -57.09
C ALA B 24 0.59 10.01 -55.96
N PHE B 25 0.29 11.00 -55.13
CA PHE B 25 1.14 11.42 -54.02
C PHE B 25 1.20 10.32 -52.97
N LEU B 26 0.04 9.87 -52.48
CA LEU B 26 -0.01 8.77 -51.52
C LEU B 26 0.45 7.46 -52.15
N ALA B 27 0.11 7.22 -53.43
CA ALA B 27 0.62 6.07 -54.16
C ALA B 27 2.15 6.06 -54.14
N SER B 28 2.83 7.15 -54.44
CA SER B 28 4.31 7.22 -54.42
C SER B 28 4.91 6.86 -53.05
N SER B 29 4.24 7.19 -51.94
CA SER B 29 4.68 6.70 -50.64
C SER B 29 4.49 5.18 -50.53
N MET B 30 3.27 4.71 -50.71
CA MET B 30 2.97 3.28 -50.61
C MET B 30 3.85 2.44 -51.53
N VAL B 31 4.16 2.96 -52.71
CA VAL B 31 4.97 2.24 -53.68
C VAL B 31 6.39 2.00 -53.17
N THR B 32 6.96 2.98 -52.49
CA THR B 32 8.31 2.84 -51.95
C THR B 32 8.31 1.90 -50.76
N PHE B 33 7.20 1.87 -50.03
CA PHE B 33 7.07 0.99 -48.88
C PHE B 33 7.01 -0.46 -49.37
N PHE B 34 6.19 -0.65 -50.39
CA PHE B 34 5.96 -1.96 -50.99
C PHE B 34 7.28 -2.60 -51.31
N GLY B 35 8.13 -1.94 -52.16
CA GLY B 35 9.43 -2.43 -52.58
C GLY B 35 10.31 -2.74 -51.39
N GLY B 36 10.21 -1.90 -50.36
CA GLY B 36 10.97 -2.07 -49.14
C GLY B 36 10.67 -3.36 -48.40
N LEU B 37 9.39 -3.67 -48.20
CA LEU B 37 9.01 -4.88 -47.48
C LEU B 37 9.22 -6.14 -48.34
N PHE B 38 9.10 -6.06 -49.66
CA PHE B 38 9.31 -7.27 -50.46
C PHE B 38 10.79 -7.70 -50.60
N ILE B 39 11.63 -6.75 -51.00
CA ILE B 39 12.99 -7.07 -51.46
C ILE B 39 13.91 -7.37 -50.29
N ILE B 40 13.81 -6.61 -49.20
CA ILE B 40 14.72 -6.75 -48.07
C ILE B 40 14.61 -8.12 -47.38
N LEU B 41 13.42 -8.73 -47.44
CA LEU B 41 13.13 -10.08 -46.94
C LEU B 41 13.48 -11.16 -47.98
N LEU B 42 13.17 -10.93 -49.26
CA LEU B 42 13.52 -11.85 -50.35
C LEU B 42 15.04 -12.10 -50.45
N TRP B 43 15.85 -11.12 -50.06
CA TRP B 43 17.30 -11.24 -50.11
C TRP B 43 17.86 -12.29 -49.14
N ARG B 44 17.17 -12.50 -48.02
CA ARG B 44 17.62 -13.46 -47.03
C ARG B 44 16.82 -14.77 -47.11
N THR B 45 17.06 -15.49 -48.20
CA THR B 45 16.42 -16.78 -48.47
C THR B 45 17.41 -17.57 -49.32
N LEU B 46 17.29 -18.91 -49.25
CA LEU B 46 18.12 -19.90 -49.96
C LEU B 46 19.61 -19.86 -49.57
N LYS B 47 20.01 -20.69 -48.61
CA LYS B 47 21.39 -20.76 -48.14
C LYS B 47 22.39 -20.87 -49.29
N TYR B 48 22.14 -21.78 -50.22
CA TYR B 48 23.02 -21.93 -51.38
C TYR B 48 22.81 -20.71 -52.28
N LEU B 49 23.81 -19.83 -52.39
CA LEU B 49 23.69 -18.65 -53.24
C LEU B 49 23.34 -19.07 -54.65
N TRP B 50 24.12 -19.98 -55.23
CA TRP B 50 23.83 -20.47 -56.57
C TRP B 50 24.09 -21.99 -56.78
N THR B 51 25.26 -22.52 -56.41
CA THR B 51 25.64 -23.94 -56.55
C THR B 51 25.27 -24.59 -57.90
N VAL B 52 23.99 -24.92 -58.12
CA VAL B 52 23.57 -25.51 -59.40
C VAL B 52 22.11 -25.25 -59.70
N TRP B 93 34.33 -4.11 -49.59
CA TRP B 93 33.90 -2.74 -49.79
C TRP B 93 32.67 -2.41 -48.94
N MET B 94 31.83 -3.43 -48.73
CA MET B 94 30.62 -3.23 -47.93
C MET B 94 30.96 -2.89 -46.49
N THR B 95 31.97 -3.55 -45.92
CA THR B 95 32.35 -3.27 -44.54
C THR B 95 32.85 -1.83 -44.38
N SER B 96 33.64 -1.35 -45.34
CA SER B 96 34.18 0.01 -45.24
C SER B 96 33.07 1.05 -45.27
N VAL B 97 32.14 0.92 -46.21
CA VAL B 97 31.06 1.91 -46.31
C VAL B 97 30.13 1.80 -45.12
N LYS B 98 29.89 0.58 -44.62
CA LYS B 98 29.06 0.42 -43.43
C LYS B 98 29.70 1.09 -42.22
N ASP B 99 31.02 0.92 -42.05
CA ASP B 99 31.71 1.58 -40.94
C ASP B 99 31.70 3.10 -41.10
N TRP B 100 31.89 3.59 -42.32
CA TRP B 100 31.86 5.03 -42.56
C TRP B 100 30.48 5.61 -42.28
N ALA B 101 29.42 4.84 -42.56
CA ALA B 101 28.08 5.33 -42.28
C ALA B 101 27.77 5.26 -40.79
N GLY B 102 28.21 4.20 -40.11
CA GLY B 102 27.90 4.02 -38.70
C GLY B 102 28.79 4.71 -37.71
N VAL B 103 29.92 5.27 -38.14
CA VAL B 103 30.80 5.96 -37.20
C VAL B 103 30.15 7.25 -36.72
N MET B 104 29.43 7.93 -37.64
CA MET B 104 28.66 9.14 -37.35
C MET B 104 27.37 8.83 -36.61
N ILE B 105 26.74 7.68 -36.84
CA ILE B 105 25.41 7.40 -36.27
C ILE B 105 25.45 7.17 -34.74
N SER B 106 26.63 7.04 -34.13
CA SER B 106 26.74 6.80 -32.69
C SER B 106 26.18 7.96 -31.88
N ALA B 107 25.30 7.67 -30.93
CA ALA B 107 24.71 8.67 -30.04
C ALA B 107 25.75 9.28 -29.08
N GLN B 108 26.80 8.53 -28.74
CA GLN B 108 27.84 9.01 -27.83
C GLN B 108 28.85 9.89 -28.54
N THR B 109 29.04 9.66 -29.83
CA THR B 109 29.99 10.46 -30.62
C THR B 109 29.47 11.88 -30.80
N LEU B 110 30.36 12.88 -30.94
CA LEU B 110 29.93 14.28 -31.11
C LEU B 110 29.20 14.50 -32.44
N THR B 111 29.69 13.91 -33.52
CA THR B 111 29.08 14.01 -34.86
C THR B 111 27.65 13.44 -34.89
N GLY B 112 27.39 12.34 -34.18
CA GLY B 112 26.05 11.75 -34.11
C GLY B 112 25.08 12.56 -33.25
N ARG B 113 25.49 13.00 -32.07
CA ARG B 113 24.60 13.83 -31.24
C ARG B 113 24.21 15.13 -31.97
N VAL B 114 25.12 15.78 -32.69
CA VAL B 114 24.80 17.02 -33.40
C VAL B 114 23.97 16.81 -34.67
N LEU B 115 24.14 15.71 -35.42
CA LEU B 115 23.21 15.42 -36.51
C LEU B 115 21.82 15.02 -35.98
N VAL B 116 21.71 14.36 -34.82
CA VAL B 116 20.40 14.06 -34.21
C VAL B 116 19.67 15.33 -33.77
N VAL B 117 20.38 16.35 -33.27
CA VAL B 117 19.76 17.68 -33.07
C VAL B 117 19.22 18.24 -34.38
N LEU B 118 19.96 18.00 -35.46
CA LEU B 118 19.59 18.48 -36.80
C LEU B 118 18.30 17.84 -37.32
N VAL B 119 18.23 16.52 -37.32
CA VAL B 119 17.01 15.84 -37.78
C VAL B 119 15.77 16.32 -37.01
N PHE B 120 15.95 16.60 -35.71
CA PHE B 120 14.91 17.10 -34.83
C PHE B 120 14.52 18.55 -35.16
N ALA B 121 15.51 19.44 -35.36
CA ALA B 121 15.25 20.83 -35.72
C ALA B 121 14.58 20.94 -37.09
N LEU B 122 15.04 20.18 -38.08
CA LEU B 122 14.45 20.16 -39.41
C LEU B 122 13.04 19.55 -39.36
N SER B 123 12.80 18.57 -38.50
CA SER B 123 11.47 18.00 -38.28
C SER B 123 10.49 19.06 -37.76
N ILE B 124 10.87 19.84 -36.76
CA ILE B 124 10.04 20.95 -36.28
C ILE B 124 9.82 21.96 -37.40
N GLY B 125 10.84 22.31 -38.18
CA GLY B 125 10.69 23.22 -39.32
C GLY B 125 9.68 22.73 -40.36
N ALA B 126 9.68 21.43 -40.65
CA ALA B 126 8.68 20.81 -41.51
C ALA B 126 7.26 20.88 -40.91
N LEU B 127 7.12 20.81 -39.58
CA LEU B 127 5.82 21.02 -38.93
C LEU B 127 5.39 22.49 -38.95
N VAL B 128 6.29 23.44 -38.76
CA VAL B 128 5.95 24.85 -38.82
C VAL B 128 5.35 25.21 -40.17
N ILE B 129 6.00 24.77 -41.26
CA ILE B 129 5.50 25.07 -42.60
C ILE B 129 4.23 24.26 -42.88
N TYR B 130 4.11 23.06 -42.31
CA TYR B 130 2.85 22.30 -42.36
C TYR B 130 1.70 23.07 -41.72
N PHE B 131 1.92 23.67 -40.55
CA PHE B 131 0.90 24.49 -39.92
C PHE B 131 0.56 25.72 -40.76
N ILE B 132 1.53 26.34 -41.44
CA ILE B 132 1.27 27.42 -42.39
C ILE B 132 0.30 26.93 -43.48
N ASP B 133 0.68 25.98 -44.32
CA ASP B 133 -0.22 25.61 -45.44
C ASP B 133 -1.51 24.91 -45.04
N SER B 134 -1.45 24.04 -44.04
CA SER B 134 -2.70 23.41 -43.59
C SER B 134 -3.75 24.44 -43.17
N SER B 135 -3.35 25.66 -42.81
CA SER B 135 -4.27 26.73 -42.42
C SER B 135 -4.91 27.48 -43.59
N ASN B 136 -4.48 27.24 -44.82
CA ASN B 136 -5.07 27.85 -46.02
C ASN B 136 -6.39 27.20 -46.44
N PRO B 137 -7.18 27.87 -47.31
CA PRO B 137 -8.26 27.25 -48.08
C PRO B 137 -7.81 26.01 -48.88
N ILE B 138 -8.77 25.22 -49.35
CA ILE B 138 -8.52 23.99 -50.11
C ILE B 138 -7.85 24.24 -51.48
N GLU B 139 -8.08 25.39 -52.10
CA GLU B 139 -7.38 25.86 -53.30
C GLU B 139 -7.05 27.36 -53.23
N SER B 140 -5.88 27.73 -53.74
CA SER B 140 -5.36 29.11 -53.77
C SER B 140 -4.52 29.33 -55.03
N CYS B 141 -4.30 30.57 -55.46
CA CYS B 141 -3.43 30.73 -56.62
C CYS B 141 -1.97 30.61 -56.19
N GLN B 142 -1.42 29.40 -56.27
CA GLN B 142 -0.04 29.15 -55.88
C GLN B 142 0.94 29.45 -57.01
N ASN B 143 1.50 30.67 -57.05
CA ASN B 143 2.44 31.02 -58.10
C ASN B 143 3.49 32.07 -57.69
N PHE B 144 3.05 33.27 -57.34
CA PHE B 144 3.96 34.35 -56.96
C PHE B 144 4.46 34.22 -55.52
N TYR B 145 3.71 33.52 -54.68
CA TYR B 145 4.10 33.34 -53.30
C TYR B 145 3.49 32.09 -52.70
N LYS B 146 4.12 30.96 -53.01
CA LYS B 146 3.71 29.66 -52.52
C LYS B 146 4.57 29.24 -51.34
N ASP B 147 4.36 29.88 -50.19
CA ASP B 147 5.04 29.53 -48.94
C ASP B 147 6.57 29.40 -49.10
N PHE B 148 7.19 30.46 -49.64
CA PHE B 148 8.62 30.51 -49.98
C PHE B 148 9.07 29.42 -50.98
N THR B 149 8.18 29.05 -51.90
CA THR B 149 8.45 28.29 -53.14
C THR B 149 8.88 26.81 -52.97
N LEU B 150 9.03 26.13 -54.12
CA LEU B 150 9.53 24.76 -54.19
C LEU B 150 10.90 24.54 -53.52
N GLN B 151 11.69 25.60 -53.33
CA GLN B 151 13.00 25.51 -52.69
C GLN B 151 12.88 25.04 -51.23
N ILE B 152 12.08 25.72 -50.39
CA ILE B 152 11.87 25.25 -49.02
C ILE B 152 11.05 23.96 -49.00
N ASP B 153 10.17 23.73 -49.98
CA ASP B 153 9.46 22.46 -50.09
C ASP B 153 10.44 21.28 -50.21
N MET B 154 11.47 21.38 -51.06
CA MET B 154 12.46 20.31 -51.20
C MET B 154 13.49 20.30 -50.06
N ALA B 155 13.87 21.45 -49.51
CA ALA B 155 15.07 21.58 -48.68
C ALA B 155 15.17 20.58 -47.52
N PHE B 156 14.10 20.43 -46.74
CA PHE B 156 14.09 19.53 -45.59
C PHE B 156 14.17 18.06 -46.00
N ASN B 157 13.39 17.65 -47.00
CA ASN B 157 13.36 16.26 -47.46
C ASN B 157 14.53 15.90 -48.38
N VAL B 158 15.20 16.85 -49.03
CA VAL B 158 16.52 16.62 -49.62
C VAL B 158 17.49 16.11 -48.55
N PHE B 159 17.45 16.70 -47.35
CA PHE B 159 18.19 16.15 -46.22
C PHE B 159 17.57 14.83 -45.71
N PHE B 160 16.27 14.74 -45.46
CA PHE B 160 15.71 13.49 -44.90
C PHE B 160 15.85 12.30 -45.84
N LEU B 161 15.81 12.49 -47.16
CA LEU B 161 16.03 11.42 -48.13
C LEU B 161 17.49 10.94 -48.09
N LEU B 162 18.44 11.87 -48.03
CA LEU B 162 19.85 11.57 -47.77
C LEU B 162 20.01 10.87 -46.42
N TYR B 163 19.31 11.29 -45.39
CA TYR B 163 19.39 10.69 -44.06
C TYR B 163 18.69 9.32 -44.00
N PHE B 164 17.64 9.09 -44.80
CA PHE B 164 17.01 7.78 -44.98
C PHE B 164 17.94 6.82 -45.72
N GLY B 165 18.61 7.29 -46.78
CA GLY B 165 19.67 6.56 -47.47
C GLY B 165 20.83 6.25 -46.53
N LEU B 166 21.31 7.25 -45.78
CA LEU B 166 22.30 7.08 -44.74
C LEU B 166 21.83 6.05 -43.73
N ARG B 167 20.60 6.12 -43.21
CA ARG B 167 20.08 5.11 -42.29
C ARG B 167 20.03 3.73 -42.93
N PHE B 168 19.75 3.60 -44.22
CA PHE B 168 19.71 2.29 -44.89
C PHE B 168 21.11 1.72 -45.14
N ILE B 169 22.06 2.50 -45.65
CA ILE B 169 23.44 2.02 -45.74
C ILE B 169 24.07 1.89 -44.34
N ALA B 170 23.57 2.62 -43.35
CA ALA B 170 24.07 2.49 -41.98
C ALA B 170 23.40 1.32 -41.27
N ALA B 171 22.31 0.82 -41.84
CA ALA B 171 21.58 -0.30 -41.27
C ALA B 171 22.50 -1.49 -41.01
N ASN B 172 22.34 -2.10 -39.84
CA ASN B 172 23.16 -3.26 -39.47
C ASN B 172 22.36 -4.54 -39.38
N ASP B 173 21.04 -4.51 -39.58
CA ASP B 173 20.26 -5.74 -39.55
C ASP B 173 19.10 -5.62 -40.56
N LYS B 174 19.47 -5.15 -41.75
CA LYS B 174 18.59 -4.86 -42.88
C LYS B 174 17.08 -4.75 -42.63
N LEU B 175 16.40 -5.88 -42.45
CA LEU B 175 14.96 -5.85 -42.27
C LEU B 175 14.50 -5.09 -41.03
N TRP B 176 15.27 -5.23 -39.96
CA TRP B 176 14.89 -4.61 -38.70
C TRP B 176 14.99 -3.09 -38.76
N PHE B 177 15.96 -2.63 -39.55
CA PHE B 177 16.13 -1.22 -39.78
C PHE B 177 14.86 -0.71 -40.44
N TRP B 178 14.30 -1.44 -41.40
CA TRP B 178 13.09 -0.97 -42.09
C TRP B 178 11.83 -0.98 -41.22
N LEU B 179 11.73 -1.96 -40.35
CA LEU B 179 10.59 -2.14 -39.45
C LEU B 179 10.70 -1.42 -38.10
N GLU B 180 11.79 -0.69 -37.82
CA GLU B 180 11.83 0.30 -36.75
C GLU B 180 10.77 1.39 -37.00
N VAL B 181 9.93 1.69 -36.02
CA VAL B 181 8.87 2.71 -36.15
C VAL B 181 9.42 4.08 -36.54
N ASN B 182 10.65 4.38 -36.09
CA ASN B 182 11.38 5.58 -36.44
C ASN B 182 11.73 5.66 -37.93
N SER B 183 11.89 4.52 -38.61
CA SER B 183 12.10 4.43 -40.06
C SER B 183 10.81 4.50 -40.85
N VAL B 184 9.74 3.91 -40.40
CA VAL B 184 8.49 3.79 -41.14
C VAL B 184 7.94 5.15 -41.55
N VAL B 185 7.96 6.11 -40.64
CA VAL B 185 7.46 7.48 -40.88
C VAL B 185 8.21 8.22 -42.01
N ASP B 186 9.47 7.89 -42.29
CA ASP B 186 10.27 8.62 -43.29
C ASP B 186 9.76 8.43 -44.71
N PHE B 187 9.55 7.19 -45.17
CA PHE B 187 8.98 6.94 -46.49
C PHE B 187 7.46 7.21 -46.57
N PHE B 188 6.79 7.53 -45.46
CA PHE B 188 5.49 8.18 -45.49
C PHE B 188 5.59 9.69 -45.74
N THR B 189 6.46 10.42 -45.05
CA THR B 189 6.52 11.88 -45.22
C THR B 189 7.32 12.36 -46.44
N VAL B 190 8.32 11.60 -46.92
CA VAL B 190 9.26 12.08 -47.96
C VAL B 190 8.69 12.06 -49.39
N PRO B 191 8.25 10.91 -49.96
CA PRO B 191 7.80 10.83 -51.35
C PRO B 191 6.65 11.76 -51.77
N PRO B 192 5.61 12.04 -50.96
CA PRO B 192 4.52 12.91 -51.39
C PRO B 192 4.99 14.30 -51.82
N VAL B 193 5.99 14.85 -51.13
CA VAL B 193 6.60 16.14 -51.51
C VAL B 193 7.41 16.03 -52.79
N PHE B 194 8.11 14.91 -53.01
CA PHE B 194 8.78 14.68 -54.28
C PHE B 194 7.82 14.62 -55.47
N VAL B 195 6.54 14.26 -55.26
CA VAL B 195 5.53 14.36 -56.31
C VAL B 195 4.99 15.79 -56.40
N SER B 196 4.83 16.49 -55.28
CA SER B 196 4.46 17.91 -55.25
C SER B 196 5.41 18.77 -56.07
N VAL B 197 6.73 18.57 -55.96
CA VAL B 197 7.70 19.34 -56.75
C VAL B 197 7.64 18.96 -58.23
N TYR B 198 7.42 17.69 -58.59
CA TYR B 198 7.22 17.29 -59.98
C TYR B 198 5.97 17.95 -60.58
N LEU B 199 4.89 18.05 -59.82
CA LEU B 199 3.68 18.76 -60.24
C LEU B 199 3.79 20.29 -60.10
N ASN B 200 4.78 20.77 -59.33
CA ASN B 200 4.96 22.20 -59.04
C ASN B 200 3.67 22.82 -58.48
N ARG B 201 3.02 22.06 -57.60
CA ARG B 201 1.71 22.40 -57.01
C ARG B 201 1.52 21.71 -55.67
N SER B 202 1.45 22.48 -54.59
CA SER B 202 1.41 21.93 -53.23
C SER B 202 0.15 21.12 -52.96
N TRP B 203 0.30 19.98 -52.29
CA TRP B 203 -0.80 19.16 -51.81
C TRP B 203 -0.63 18.86 -50.33
N LEU B 204 -1.67 19.15 -49.54
CA LEU B 204 -1.75 18.74 -48.15
C LEU B 204 -1.71 17.22 -48.00
N GLY B 205 -0.53 16.69 -47.68
CA GLY B 205 -0.31 15.27 -47.47
C GLY B 205 -0.27 14.90 -46.00
N LEU B 206 0.32 13.74 -45.73
CA LEU B 206 0.48 13.16 -44.39
C LEU B 206 1.72 13.70 -43.65
N ARG B 207 2.20 14.86 -44.07
CA ARG B 207 3.40 15.49 -43.51
C ARG B 207 3.36 15.77 -41.99
N PHE B 208 2.18 15.73 -41.39
CA PHE B 208 2.03 15.92 -39.95
C PHE B 208 2.60 14.75 -39.15
N LEU B 209 2.71 13.56 -39.77
CA LEU B 209 3.37 12.40 -39.17
C LEU B 209 4.82 12.69 -38.81
N ARG B 210 5.41 13.70 -39.43
CA ARG B 210 6.76 14.10 -39.06
C ARG B 210 6.82 14.54 -37.55
N ALA B 211 5.70 14.98 -36.99
CA ALA B 211 5.68 15.34 -35.57
C ALA B 211 6.09 14.17 -34.68
N LEU B 212 6.02 12.93 -35.17
CA LEU B 212 6.47 11.76 -34.43
C LEU B 212 7.99 11.77 -34.17
N ARG B 213 8.82 12.59 -34.85
CA ARG B 213 10.22 12.76 -34.39
C ARG B 213 10.35 13.38 -32.99
N LEU B 214 9.30 14.03 -32.45
CA LEU B 214 9.35 14.60 -31.10
C LEU B 214 9.56 13.55 -30.00
N ILE B 215 9.35 12.26 -30.28
CA ILE B 215 9.67 11.17 -29.35
C ILE B 215 11.14 11.24 -28.86
N GLN B 216 12.05 11.73 -29.69
CA GLN B 216 13.48 11.84 -29.35
C GLN B 216 13.85 13.02 -28.42
N PHE B 217 12.92 13.91 -28.09
CA PHE B 217 13.25 15.15 -27.37
C PHE B 217 13.88 14.91 -25.99
N SER B 218 13.45 13.88 -25.27
CA SER B 218 14.04 13.49 -23.99
C SER B 218 15.53 13.16 -24.12
N GLU B 219 15.92 12.40 -25.14
CA GLU B 219 17.29 11.96 -25.36
C GLU B 219 18.24 13.13 -25.65
N ILE B 220 17.81 14.09 -26.49
CA ILE B 220 18.66 15.24 -26.79
C ILE B 220 18.82 16.16 -25.58
N LEU B 221 17.80 16.28 -24.72
CA LEU B 221 17.90 17.00 -23.46
C LEU B 221 18.89 16.33 -22.48
N GLN B 222 19.10 15.04 -22.67
CA GLN B 222 20.07 14.25 -21.90
C GLN B 222 21.54 14.39 -22.39
N PHE B 223 21.78 14.46 -23.71
CA PHE B 223 23.17 14.63 -24.20
C PHE B 223 23.60 16.11 -24.23
N LEU B 224 22.66 17.01 -24.51
CA LEU B 224 22.94 18.45 -24.39
C LEU B 224 23.09 18.89 -22.92
N ASN B 225 22.78 17.99 -21.97
CA ASN B 225 22.94 18.16 -20.53
C ASN B 225 22.18 19.37 -19.95
N ILE B 226 21.01 19.68 -20.49
CA ILE B 226 20.16 20.75 -19.96
C ILE B 226 19.44 20.29 -18.68
N LEU B 227 18.89 19.08 -18.70
CA LEU B 227 18.15 18.48 -17.58
C LEU B 227 18.79 17.15 -17.17
N LYS B 228 18.83 16.89 -15.85
CA LYS B 228 19.67 15.84 -15.25
C LYS B 228 18.91 14.84 -14.39
N THR B 229 17.86 15.27 -13.67
CA THR B 229 17.06 14.38 -12.85
C THR B 229 16.35 13.34 -13.71
N SER B 230 16.35 12.09 -13.23
CA SER B 230 15.67 11.02 -13.96
C SER B 230 14.16 11.28 -14.03
N ASN B 231 13.58 11.79 -12.94
CA ASN B 231 12.16 12.13 -12.96
C ASN B 231 11.87 13.22 -13.98
N SER B 232 12.75 14.22 -14.07
CA SER B 232 12.57 15.26 -15.08
C SER B 232 12.65 14.70 -16.49
N ILE B 233 13.60 13.80 -16.75
CA ILE B 233 13.73 13.17 -18.07
C ILE B 233 12.50 12.33 -18.39
N LYS B 234 11.93 11.61 -17.42
CA LYS B 234 10.71 10.85 -17.65
C LYS B 234 9.52 11.77 -17.93
N LEU B 235 9.42 12.88 -17.19
CA LEU B 235 8.35 13.83 -17.43
C LEU B 235 8.46 14.45 -18.82
N VAL B 236 9.66 14.82 -19.25
CA VAL B 236 9.88 15.38 -20.59
C VAL B 236 9.60 14.34 -21.66
N ASN B 237 9.97 13.08 -21.43
CA ASN B 237 9.62 11.99 -22.32
C ASN B 237 8.10 11.86 -22.48
N LEU B 238 7.37 11.83 -21.37
CA LEU B 238 5.91 11.68 -21.37
C LEU B 238 5.23 12.86 -22.05
N LEU B 239 5.64 14.08 -21.74
CA LEU B 239 5.07 15.26 -22.38
C LEU B 239 5.31 15.17 -23.89
N SER B 240 6.50 14.78 -24.31
CA SER B 240 6.83 14.70 -25.74
C SER B 240 5.99 13.66 -26.46
N ILE B 241 5.80 12.48 -25.88
CA ILE B 241 5.00 11.45 -26.52
C ILE B 241 3.53 11.84 -26.53
N PHE B 242 3.04 12.52 -25.50
CA PHE B 242 1.66 12.97 -25.45
C PHE B 242 1.43 14.02 -26.53
N ILE B 243 2.37 14.96 -26.70
CA ILE B 243 2.23 15.97 -27.74
C ILE B 243 2.27 15.34 -29.12
N SER B 244 3.17 14.37 -29.33
CA SER B 244 3.29 13.73 -30.63
C SER B 244 2.00 12.98 -30.99
N THR B 245 1.41 12.22 -30.06
CA THR B 245 0.20 11.46 -30.38
C THR B 245 -0.99 12.39 -30.56
N TRP B 246 -1.11 13.43 -29.75
CA TRP B 246 -2.17 14.43 -29.89
C TRP B 246 -2.10 15.10 -31.27
N LEU B 247 -0.91 15.54 -31.70
CA LEU B 247 -0.74 16.17 -33.00
C LEU B 247 -0.93 15.18 -34.17
N THR B 248 -0.51 13.92 -34.04
CA THR B 248 -0.76 12.90 -35.06
C THR B 248 -2.26 12.64 -35.21
N ALA B 249 -2.96 12.43 -34.10
CA ALA B 249 -4.37 12.10 -34.16
C ALA B 249 -5.19 13.30 -34.63
N ALA B 250 -4.82 14.52 -34.24
CA ALA B 250 -5.43 15.73 -34.77
C ALA B 250 -5.21 15.87 -36.27
N GLY B 251 -4.01 15.58 -36.77
CA GLY B 251 -3.76 15.61 -38.21
C GLY B 251 -4.57 14.57 -38.95
N PHE B 252 -4.70 13.34 -38.42
CA PHE B 252 -5.56 12.33 -39.03
C PHE B 252 -7.01 12.81 -39.13
N ILE B 253 -7.60 13.32 -38.05
CA ILE B 253 -8.98 13.82 -38.12
C ILE B 253 -9.08 15.00 -39.09
N HIS B 254 -8.10 15.90 -39.13
CA HIS B 254 -8.17 17.00 -40.09
C HIS B 254 -8.21 16.44 -41.52
N LEU B 255 -7.27 15.54 -41.81
CA LEU B 255 -7.17 14.97 -43.15
C LEU B 255 -8.46 14.22 -43.51
N VAL B 256 -9.05 13.48 -42.57
CA VAL B 256 -10.29 12.72 -42.81
C VAL B 256 -11.49 13.65 -43.04
N GLU B 257 -11.53 14.81 -42.38
CA GLU B 257 -12.59 15.79 -42.58
C GLU B 257 -12.35 16.80 -43.71
N ASN B 258 -11.12 16.96 -44.25
CA ASN B 258 -10.89 17.87 -45.36
C ASN B 258 -11.74 17.53 -46.59
N SER B 259 -11.79 16.24 -47.01
CA SER B 259 -12.69 15.80 -48.07
C SER B 259 -13.85 15.04 -47.43
N GLY B 260 -15.07 15.11 -47.97
CA GLY B 260 -16.21 14.42 -47.33
C GLY B 260 -16.10 12.88 -47.28
N ASP B 261 -17.07 12.21 -46.67
CA ASP B 261 -17.20 10.76 -46.81
C ASP B 261 -17.35 10.34 -48.29
N PRO B 262 -16.79 9.18 -48.71
CA PRO B 262 -17.01 8.64 -50.05
C PRO B 262 -18.49 8.45 -50.41
N TRP B 263 -19.30 7.99 -49.46
CA TRP B 263 -20.68 7.57 -49.70
C TRP B 263 -21.61 8.69 -50.18
N GLU B 264 -21.43 9.94 -49.76
CA GLU B 264 -22.23 11.06 -50.21
C GLU B 264 -21.51 11.88 -51.29
N ASN B 265 -20.59 11.25 -52.00
CA ASN B 265 -19.79 11.86 -53.06
C ASN B 265 -19.08 13.12 -52.55
N PHE B 266 -18.53 13.02 -51.33
CA PHE B 266 -17.71 14.07 -50.70
C PHE B 266 -18.49 15.37 -50.48
N GLN B 267 -19.82 15.32 -50.39
CA GLN B 267 -20.61 16.54 -50.17
C GLN B 267 -20.81 16.89 -48.69
N ASN B 268 -20.60 15.95 -47.75
CA ASN B 268 -20.76 16.20 -46.31
C ASN B 268 -19.46 16.66 -45.63
N ASN B 269 -18.64 17.46 -46.31
CA ASN B 269 -17.34 17.85 -45.81
C ASN B 269 -17.47 19.01 -44.84
N GLN B 270 -16.71 18.94 -43.75
CA GLN B 270 -16.72 19.97 -42.72
C GLN B 270 -15.55 20.92 -42.97
N ALA B 271 -15.86 22.20 -43.15
CA ALA B 271 -14.83 23.21 -43.41
C ALA B 271 -14.34 23.75 -42.08
N LEU B 272 -13.40 23.02 -41.48
CA LEU B 272 -12.70 23.32 -40.22
C LEU B 272 -11.17 23.33 -40.38
N THR B 273 -10.48 24.15 -39.60
CA THR B 273 -9.01 24.25 -39.65
C THR B 273 -8.35 23.12 -38.87
N TYR B 274 -7.05 22.92 -39.06
CA TYR B 274 -6.28 22.04 -38.18
C TYR B 274 -6.39 22.48 -36.72
N TRP B 275 -6.49 23.78 -36.46
CA TRP B 275 -6.59 24.31 -35.10
C TRP B 275 -7.92 23.98 -34.44
N GLU B 276 -9.05 24.10 -35.14
CA GLU B 276 -10.32 23.60 -34.58
C GLU B 276 -10.26 22.10 -34.37
N CYS B 277 -9.53 21.39 -35.23
CA CYS B 277 -9.39 19.95 -35.12
C CYS B 277 -8.56 19.49 -33.91
N VAL B 278 -7.38 20.08 -33.69
CA VAL B 278 -6.54 19.72 -32.53
C VAL B 278 -7.19 20.14 -31.21
N TYR B 279 -7.96 21.23 -31.22
CA TYR B 279 -8.77 21.66 -30.10
C TYR B 279 -9.81 20.61 -29.72
N LEU B 280 -10.60 20.18 -30.70
CA LEU B 280 -11.63 19.17 -30.54
C LEU B 280 -11.06 17.93 -29.85
N LEU B 281 -9.88 17.48 -30.27
CA LEU B 281 -9.31 16.29 -29.70
C LEU B 281 -8.83 16.49 -28.25
N MET B 282 -8.34 17.67 -27.87
CA MET B 282 -8.06 18.01 -26.47
C MET B 282 -9.34 18.01 -25.64
N VAL B 283 -10.37 18.72 -26.07
CA VAL B 283 -11.69 18.74 -25.43
C VAL B 283 -12.27 17.34 -25.28
N THR B 284 -11.98 16.43 -26.20
CA THR B 284 -12.45 15.05 -26.17
C THR B 284 -11.61 14.16 -25.25
N MET B 285 -10.29 14.16 -25.37
CA MET B 285 -9.42 13.28 -24.59
C MET B 285 -9.37 13.67 -23.12
N SER B 286 -9.58 14.95 -22.79
CA SER B 286 -9.85 15.42 -21.43
C SER B 286 -11.27 15.11 -20.94
N THR B 287 -12.12 14.53 -21.78
CA THR B 287 -13.53 14.19 -21.54
C THR B 287 -14.47 15.35 -21.28
N VAL B 288 -14.04 16.60 -21.53
CA VAL B 288 -14.91 17.77 -21.42
C VAL B 288 -16.04 17.70 -22.43
N GLY B 289 -15.75 17.50 -23.71
CA GLY B 289 -16.75 17.27 -24.76
C GLY B 289 -17.89 18.29 -24.84
N TYR B 290 -17.59 19.54 -25.18
CA TYR B 290 -18.58 20.59 -25.34
C TYR B 290 -19.57 20.36 -26.47
N GLY B 291 -19.25 19.54 -27.51
CA GLY B 291 -20.09 19.32 -28.68
C GLY B 291 -20.41 20.60 -29.47
N ASP B 292 -19.63 21.67 -29.30
CA ASP B 292 -19.63 22.83 -30.19
C ASP B 292 -19.02 22.49 -31.56
N VAL B 293 -17.99 21.65 -31.57
CA VAL B 293 -17.45 20.98 -32.76
C VAL B 293 -17.31 19.49 -32.53
N TYR B 294 -17.65 18.69 -33.51
CA TYR B 294 -17.52 17.25 -33.49
C TYR B 294 -17.40 16.75 -34.91
N ALA B 295 -16.82 15.57 -35.13
CA ALA B 295 -16.70 15.01 -36.46
C ALA B 295 -18.09 14.70 -37.02
N LYS B 296 -18.45 15.23 -38.18
CA LYS B 296 -19.72 14.89 -38.83
C LYS B 296 -19.63 13.62 -39.66
N THR B 297 -18.49 13.36 -40.30
CA THR B 297 -18.35 12.21 -41.20
C THR B 297 -18.38 10.88 -40.48
N THR B 298 -18.80 9.83 -41.18
CA THR B 298 -18.81 8.48 -40.64
C THR B 298 -17.38 7.96 -40.47
N LEU B 299 -16.47 8.26 -41.40
CA LEU B 299 -15.05 7.97 -41.21
C LEU B 299 -14.51 8.74 -40.01
N GLY B 300 -14.85 10.02 -39.87
CA GLY B 300 -14.44 10.82 -38.72
C GLY B 300 -14.90 10.21 -37.41
N ARG B 301 -16.14 9.75 -37.35
CA ARG B 301 -16.65 9.09 -36.15
C ARG B 301 -15.88 7.80 -35.83
N LEU B 302 -15.69 6.96 -36.85
CA LEU B 302 -15.00 5.69 -36.70
C LEU B 302 -13.59 5.91 -36.15
N PHE B 303 -12.84 6.87 -36.70
CA PHE B 303 -11.56 7.28 -36.15
C PHE B 303 -11.72 7.87 -34.74
N MET B 304 -12.75 8.67 -34.49
CA MET B 304 -12.93 9.30 -33.19
C MET B 304 -13.15 8.28 -32.08
N VAL B 305 -13.97 7.26 -32.32
CA VAL B 305 -14.14 6.15 -31.37
C VAL B 305 -12.82 5.40 -31.17
N PHE B 306 -12.04 5.19 -32.23
CA PHE B 306 -10.71 4.61 -32.08
C PHE B 306 -9.78 5.50 -31.25
N PHE B 307 -9.73 6.82 -31.49
CA PHE B 307 -8.86 7.71 -30.72
C PHE B 307 -9.28 7.84 -29.27
N ILE B 308 -10.57 7.82 -28.96
CA ILE B 308 -11.05 7.70 -27.57
C ILE B 308 -10.48 6.43 -26.96
N LEU B 309 -10.67 5.27 -27.59
CA LEU B 309 -10.14 4.02 -27.06
C LEU B 309 -8.60 4.01 -26.98
N GLY B 310 -7.85 4.58 -27.93
CA GLY B 310 -6.40 4.59 -27.78
C GLY B 310 -5.94 5.48 -26.63
N GLY B 311 -6.57 6.65 -26.48
CA GLY B 311 -6.22 7.53 -25.37
C GLY B 311 -6.56 6.91 -24.03
N LEU B 312 -7.71 6.25 -23.93
CA LEU B 312 -8.06 5.55 -22.70
C LEU B 312 -7.07 4.44 -22.39
N ALA B 313 -6.66 3.68 -23.42
CA ALA B 313 -5.68 2.62 -23.22
C ALA B 313 -4.35 3.18 -22.75
N MET B 314 -3.90 4.28 -23.36
CA MET B 314 -2.64 4.89 -22.94
C MET B 314 -2.73 5.43 -21.52
N PHE B 315 -3.86 6.03 -21.16
CA PHE B 315 -4.05 6.52 -19.80
C PHE B 315 -4.02 5.37 -18.80
N ALA B 316 -4.65 4.24 -19.13
CA ALA B 316 -4.64 3.10 -18.24
C ALA B 316 -3.27 2.45 -18.14
N SER B 317 -2.50 2.46 -19.22
CA SER B 317 -1.20 1.81 -19.24
C SER B 317 -0.04 2.72 -18.85
N TYR B 318 -0.30 4.00 -18.62
CA TYR B 318 0.76 4.94 -18.27
C TYR B 318 0.63 5.54 -16.88
N VAL B 319 -0.59 5.88 -16.45
CA VAL B 319 -0.76 6.53 -15.15
C VAL B 319 -0.29 5.67 -13.99
N PRO B 320 -0.74 4.41 -13.83
CA PRO B 320 -0.27 3.63 -12.67
C PRO B 320 1.21 3.30 -12.70
N GLU B 321 1.86 3.36 -13.86
CA GLU B 321 3.24 2.90 -13.98
C GLU B 321 4.25 4.05 -13.85
N ILE B 322 4.14 5.06 -14.72
CA ILE B 322 5.13 6.12 -14.79
C ILE B 322 4.59 7.43 -14.20
N ILE B 323 3.35 7.80 -14.54
CA ILE B 323 2.82 9.09 -14.12
C ILE B 323 2.69 9.16 -12.61
N GLU B 324 2.26 8.06 -11.97
CA GLU B 324 2.18 8.05 -10.52
C GLU B 324 3.54 8.23 -9.88
N LEU B 325 4.57 7.59 -10.43
CA LEU B 325 5.92 7.75 -9.89
C LEU B 325 6.42 9.18 -10.06
N ILE B 326 6.12 9.79 -11.21
CA ILE B 326 6.54 11.17 -11.44
C ILE B 326 5.81 12.12 -10.51
N GLY B 327 4.54 11.83 -10.20
CA GLY B 327 3.76 12.73 -9.35
C GLY B 327 4.37 12.90 -7.98
N ASN B 328 4.85 11.81 -7.38
CA ASN B 328 5.49 11.86 -6.08
C ASN B 328 6.99 12.05 -6.26
N ARG B 329 7.51 13.16 -5.73
CA ARG B 329 8.93 13.46 -5.83
C ARG B 329 9.51 13.72 -4.45
N LYS B 330 10.78 14.15 -4.38
CA LYS B 330 11.44 14.62 -3.16
C LYS B 330 10.59 15.70 -2.48
N LYS B 331 10.51 15.67 -1.14
CA LYS B 331 9.84 16.73 -0.38
C LYS B 331 10.81 17.85 -0.01
N TYR B 332 12.10 17.54 0.15
CA TYR B 332 13.16 18.49 0.51
C TYR B 332 14.42 18.35 -0.35
N GLY B 333 15.06 19.47 -0.64
CA GLY B 333 16.28 19.56 -1.45
C GLY B 333 16.77 21.01 -1.52
N GLY B 334 17.96 21.22 -2.08
CA GLY B 334 18.58 22.55 -2.15
C GLY B 334 19.06 23.10 -0.80
N SER B 335 19.71 24.24 -0.82
CA SER B 335 20.31 24.88 0.37
C SER B 335 19.31 25.64 1.23
N TYR B 336 19.73 26.02 2.45
CA TYR B 336 18.97 26.85 3.39
C TYR B 336 18.84 28.34 2.99
N SER B 337 19.35 28.72 1.81
CA SER B 337 19.59 30.09 1.34
C SER B 337 18.37 31.04 1.30
N ALA B 338 18.65 32.31 1.01
CA ALA B 338 17.75 33.48 0.97
C ALA B 338 17.34 34.05 2.34
N VAL B 339 18.25 34.01 3.32
CA VAL B 339 18.14 34.63 4.64
C VAL B 339 19.37 35.48 4.96
N SER B 340 19.27 36.78 4.71
CA SER B 340 20.37 37.73 4.84
C SER B 340 20.85 37.94 6.27
N GLY B 341 22.13 38.26 6.47
CA GLY B 341 22.74 38.68 7.74
C GLY B 341 22.82 37.64 8.87
N ARG B 342 21.97 36.63 8.94
CA ARG B 342 21.95 35.89 10.13
C ARG B 342 23.13 34.93 10.23
N LYS B 343 23.29 34.49 11.46
CA LYS B 343 24.07 33.31 11.86
C LYS B 343 23.41 32.02 11.38
N HIS B 344 24.16 30.93 11.42
CA HIS B 344 23.63 29.67 10.95
C HIS B 344 24.26 28.48 11.72
N ILE B 345 23.45 27.49 12.09
CA ILE B 345 23.89 26.24 12.74
C ILE B 345 23.12 25.09 12.12
N VAL B 346 23.71 23.90 12.06
CA VAL B 346 22.98 22.70 11.66
C VAL B 346 22.92 21.71 12.81
N VAL B 347 21.72 21.32 13.18
CA VAL B 347 21.50 20.14 14.02
C VAL B 347 21.68 18.92 13.13
N CYS B 348 22.86 18.33 13.26
CA CYS B 348 23.29 17.09 12.64
C CYS B 348 22.71 15.89 13.41
N GLY B 349 23.01 14.67 12.99
CA GLY B 349 22.82 13.48 13.82
C GLY B 349 21.39 12.97 13.89
N HIS B 350 20.97 12.47 15.06
CA HIS B 350 19.66 11.88 15.26
C HIS B 350 18.47 12.82 15.46
N ILE B 351 17.81 13.20 14.37
CA ILE B 351 16.58 13.99 14.49
C ILE B 351 15.41 13.06 14.81
N THR B 352 14.78 13.28 15.94
CA THR B 352 13.51 12.65 16.31
C THR B 352 12.69 13.61 17.15
N LEU B 353 11.39 13.34 17.23
CA LEU B 353 10.40 14.33 17.65
C LEU B 353 10.70 14.90 19.03
N GLU B 354 11.05 14.04 19.98
CA GLU B 354 11.27 14.49 21.35
C GLU B 354 12.50 15.41 21.44
N SER B 355 13.60 14.97 20.82
CA SER B 355 14.89 15.65 20.89
C SER B 355 14.80 17.08 20.34
N VAL B 356 14.16 17.25 19.18
CA VAL B 356 13.98 18.56 18.59
C VAL B 356 12.93 19.36 19.34
N SER B 357 11.85 18.75 19.84
CA SER B 357 10.86 19.47 20.63
C SER B 357 11.50 20.10 21.86
N ASN B 358 12.38 19.39 22.57
CA ASN B 358 12.99 19.95 23.77
C ASN B 358 14.18 20.87 23.47
N PHE B 359 14.90 20.65 22.37
CA PHE B 359 15.97 21.55 21.95
C PHE B 359 15.41 22.89 21.47
N LEU B 360 14.44 22.89 20.54
CA LEU B 360 13.89 24.12 19.97
C LEU B 360 13.22 24.99 21.03
N LYS B 361 12.47 24.37 21.95
CA LYS B 361 11.77 25.06 23.04
C LYS B 361 12.71 25.85 23.97
N ASP B 362 13.97 25.45 24.06
CA ASP B 362 15.01 26.16 24.81
C ASP B 362 15.82 27.12 23.92
N PHE B 363 16.15 26.70 22.70
CA PHE B 363 16.92 27.53 21.77
C PHE B 363 16.13 28.77 21.31
N LEU B 364 14.82 28.60 21.11
CA LEU B 364 13.97 29.69 20.64
C LEU B 364 12.84 29.94 21.64
N HIS B 365 13.19 30.20 22.89
CA HIS B 365 12.17 30.39 23.93
C HIS B 365 11.66 31.82 24.10
N LYS B 366 12.30 32.75 23.39
CA LYS B 366 12.05 34.21 23.40
C LYS B 366 12.52 34.93 24.68
N ASP B 367 13.37 34.27 25.47
CA ASP B 367 13.94 34.88 26.66
C ASP B 367 15.43 35.18 26.44
N ARG B 368 15.93 35.00 25.22
CA ARG B 368 17.32 35.33 24.90
C ARG B 368 17.44 36.77 24.35
N ASP B 369 16.31 37.35 23.93
CA ASP B 369 16.22 38.72 23.41
C ASP B 369 17.08 39.07 22.18
N ASP B 370 18.39 39.21 22.34
CA ASP B 370 19.25 39.60 21.22
C ASP B 370 19.81 38.40 20.47
N VAL B 371 18.95 37.66 19.78
CA VAL B 371 19.34 36.45 19.04
C VAL B 371 18.57 36.25 17.74
N ASN B 372 19.13 35.44 16.84
CA ASN B 372 18.51 35.11 15.56
C ASN B 372 17.94 33.69 15.62
N VAL B 373 17.37 33.17 14.53
CA VAL B 373 16.80 31.81 14.57
C VAL B 373 17.80 30.69 14.26
N GLU B 374 18.43 30.78 13.07
CA GLU B 374 19.48 29.88 12.55
C GLU B 374 19.11 28.44 12.08
N ILE B 375 18.87 27.51 13.02
CA ILE B 375 18.54 26.08 12.79
C ILE B 375 18.24 25.58 11.36
N VAL B 376 19.20 24.93 10.69
CA VAL B 376 18.96 24.45 9.33
C VAL B 376 18.37 23.04 9.24
N PHE B 377 18.83 22.15 10.12
CA PHE B 377 18.44 20.71 10.23
C PHE B 377 18.94 19.79 9.09
N LEU B 378 19.28 18.54 9.42
CA LEU B 378 19.77 17.59 8.43
C LEU B 378 19.45 16.16 8.88
N HIS B 379 18.94 15.32 7.98
CA HIS B 379 18.62 13.95 8.33
C HIS B 379 18.65 13.07 7.09
N ASN B 380 18.79 11.76 7.29
CA ASN B 380 18.80 10.82 6.18
C ASN B 380 17.53 9.99 5.96
N ILE B 381 16.71 9.81 7.00
CA ILE B 381 15.50 9.02 6.87
C ILE B 381 14.21 9.83 6.76
N SER B 382 14.36 11.15 6.52
CA SER B 382 13.26 12.13 6.34
C SER B 382 12.35 12.45 7.55
N PRO B 383 11.67 13.61 7.51
CA PRO B 383 10.75 13.90 8.61
C PRO B 383 9.33 13.43 8.27
N ASN B 384 9.12 12.13 8.20
CA ASN B 384 7.82 11.58 7.85
C ASN B 384 6.73 12.05 8.81
N LEU B 385 6.91 11.74 10.10
CA LEU B 385 5.93 12.11 11.11
C LEU B 385 6.19 13.50 11.71
N GLU B 386 7.44 13.95 11.71
CA GLU B 386 7.80 15.26 12.31
C GLU B 386 6.95 16.40 11.72
N LEU B 387 6.67 16.32 10.43
CA LEU B 387 5.96 17.36 9.69
C LEU B 387 4.51 17.52 10.15
N GLU B 388 3.81 16.42 10.49
CA GLU B 388 2.49 16.50 11.13
C GLU B 388 2.56 16.57 12.66
N ALA B 389 3.47 15.84 13.32
CA ALA B 389 3.53 15.78 14.77
C ALA B 389 4.01 17.08 15.40
N LEU B 390 4.77 17.85 14.62
CA LEU B 390 5.25 19.17 15.03
C LEU B 390 5.77 20.22 14.01
N PHE B 391 6.08 19.88 12.74
CA PHE B 391 6.68 20.80 11.77
C PHE B 391 8.03 21.25 12.41
N LYS B 392 8.46 22.52 12.40
CA LYS B 392 9.71 22.83 13.08
C LYS B 392 9.50 23.96 14.08
N ARG B 393 8.27 24.04 14.61
CA ARG B 393 7.82 25.07 15.57
C ARG B 393 7.90 26.51 15.03
N HIS B 394 7.73 26.63 13.72
CA HIS B 394 7.78 27.86 12.93
C HIS B 394 7.50 27.43 11.50
N PHE B 395 6.91 28.32 10.70
CA PHE B 395 6.61 27.97 9.31
C PHE B 395 7.55 28.63 8.32
N THR B 396 7.74 29.95 8.47
CA THR B 396 8.58 30.70 7.55
C THR B 396 10.07 30.44 7.77
N GLN B 397 10.45 30.29 9.03
CA GLN B 397 11.84 30.03 9.41
C GLN B 397 12.04 28.52 9.60
N VAL B 398 13.26 28.10 10.00
CA VAL B 398 13.68 26.68 10.30
C VAL B 398 13.32 25.58 9.19
N GLU B 399 14.30 25.25 8.34
CA GLU B 399 14.10 24.47 7.10
C GLU B 399 14.47 23.00 7.37
N PHE B 400 14.46 22.12 6.37
CA PHE B 400 14.80 20.73 6.63
C PHE B 400 15.54 20.15 5.44
N TYR B 401 16.74 19.57 5.62
CA TYR B 401 17.43 19.07 4.50
C TYR B 401 17.32 17.58 4.55
N GLN B 402 16.97 16.96 3.42
CA GLN B 402 16.79 15.52 3.33
C GLN B 402 18.11 14.79 3.06
N GLY B 403 19.20 15.54 2.90
CA GLY B 403 20.49 14.94 2.71
C GLY B 403 21.24 14.47 3.96
N SER B 404 22.05 13.41 3.82
CA SER B 404 22.80 12.83 4.94
C SER B 404 24.01 13.65 5.43
N VAL B 405 24.50 13.34 6.63
CA VAL B 405 25.64 14.09 7.21
C VAL B 405 26.98 13.65 6.59
N LEU B 406 27.05 12.42 6.10
CA LEU B 406 28.28 11.80 5.61
C LEU B 406 28.59 12.17 4.17
N ASN B 407 27.56 12.44 3.37
CA ASN B 407 27.76 12.75 1.96
C ASN B 407 28.35 14.15 1.80
N PRO B 408 29.52 14.29 1.18
CA PRO B 408 30.08 15.64 0.99
C PRO B 408 29.20 16.56 0.17
N HIS B 409 28.48 16.04 -0.82
CA HIS B 409 27.62 16.88 -1.65
C HIS B 409 26.45 17.43 -0.83
N ASP B 410 25.84 16.62 0.03
CA ASP B 410 24.78 17.06 0.95
C ASP B 410 25.31 18.01 2.02
N LEU B 411 26.52 17.77 2.50
CA LEU B 411 27.17 18.63 3.45
C LEU B 411 27.46 20.02 2.83
N ALA B 412 27.84 20.05 1.55
CA ALA B 412 27.95 21.29 0.80
C ALA B 412 26.58 21.95 0.61
N ARG B 413 25.51 21.16 0.43
CA ARG B 413 24.13 21.66 0.29
C ARG B 413 23.71 22.54 1.47
N VAL B 414 24.05 22.15 2.69
CA VAL B 414 23.80 22.93 3.93
C VAL B 414 24.79 24.10 4.12
N LYS B 415 25.83 24.21 3.29
CA LYS B 415 26.90 25.19 3.43
C LYS B 415 27.52 25.17 4.83
N ILE B 416 27.92 23.99 5.29
CA ILE B 416 28.50 23.79 6.62
C ILE B 416 29.66 24.76 6.92
N GLU B 417 30.39 25.18 5.90
CA GLU B 417 31.53 26.08 6.06
C GLU B 417 31.09 27.43 6.62
N SER B 418 29.88 27.87 6.28
CA SER B 418 29.27 29.11 6.72
C SER B 418 28.49 28.98 8.02
N ALA B 419 28.37 27.78 8.59
CA ALA B 419 27.77 27.60 9.91
C ALA B 419 28.71 28.06 11.03
N ASP B 420 28.12 28.54 12.11
CA ASP B 420 28.81 28.85 13.37
C ASP B 420 29.13 27.57 14.15
N ALA B 421 28.24 26.57 14.09
CA ALA B 421 28.42 25.26 14.69
C ALA B 421 27.58 24.16 14.03
N CYS B 422 28.01 22.90 14.17
CA CYS B 422 27.16 21.72 14.01
C CYS B 422 26.89 21.10 15.39
N LEU B 423 25.64 20.77 15.67
CA LEU B 423 25.21 20.17 16.91
C LEU B 423 24.82 18.72 16.60
N ILE B 424 25.42 17.72 17.24
CA ILE B 424 25.10 16.32 16.95
C ILE B 424 24.29 15.73 18.10
N LEU B 425 23.03 15.37 17.82
CA LEU B 425 22.16 14.69 18.77
C LEU B 425 22.28 13.17 18.65
N ALA B 426 22.12 12.45 19.75
CA ALA B 426 22.20 10.99 19.81
C ALA B 426 20.90 10.38 20.36
N ASN B 427 20.48 9.21 19.90
CA ASN B 427 19.32 8.54 20.48
C ASN B 427 19.70 7.79 21.76
N LYS B 428 19.32 8.32 22.92
CA LYS B 428 19.52 7.67 24.22
C LYS B 428 18.93 6.26 24.27
N TYR B 429 17.91 6.01 23.46
CA TYR B 429 17.15 4.77 23.38
C TYR B 429 17.78 3.72 22.45
N CYS B 430 19.05 3.87 22.09
CA CYS B 430 19.75 2.91 21.22
C CYS B 430 19.87 1.52 21.85
N ALA B 431 19.85 0.47 21.02
CA ALA B 431 20.16 -0.89 21.44
C ALA B 431 21.63 -1.07 21.86
N ASP B 432 22.56 -0.50 21.09
CA ASP B 432 23.99 -0.56 21.36
C ASP B 432 24.53 0.86 21.51
N PRO B 433 24.77 1.34 22.73
CA PRO B 433 25.33 2.67 22.95
C PRO B 433 26.67 2.90 22.26
N ASP B 434 27.51 1.85 22.22
CA ASP B 434 28.80 1.93 21.57
C ASP B 434 28.64 2.20 20.08
N ALA B 435 27.71 1.51 19.44
CA ALA B 435 27.49 1.74 18.01
C ALA B 435 27.03 3.15 17.73
N GLU B 436 26.09 3.66 18.51
CA GLU B 436 25.58 5.01 18.32
C GLU B 436 26.68 6.04 18.54
N ASP B 437 27.49 5.89 19.59
CA ASP B 437 28.64 6.75 19.83
C ASP B 437 29.65 6.72 18.70
N ALA B 438 30.01 5.54 18.21
CA ALA B 438 30.92 5.45 17.09
C ALA B 438 30.32 6.09 15.83
N SER B 439 29.02 5.97 15.59
CA SER B 439 28.39 6.68 14.47
C SER B 439 28.50 8.19 14.66
N ASN B 440 28.29 8.70 15.86
CA ASN B 440 28.44 10.13 16.08
C ASN B 440 29.89 10.57 15.95
N ILE B 441 30.86 9.76 16.39
CA ILE B 441 32.27 10.09 16.13
C ILE B 441 32.54 10.08 14.62
N MET B 442 31.97 9.16 13.85
CA MET B 442 32.13 9.16 12.40
C MET B 442 31.58 10.43 11.78
N ARG B 443 30.47 10.92 12.33
CA ARG B 443 29.86 12.16 11.87
C ARG B 443 30.80 13.34 12.19
N VAL B 444 31.26 13.40 13.44
CA VAL B 444 32.25 14.43 13.82
C VAL B 444 33.43 14.40 12.87
N ILE B 445 33.95 13.21 12.54
CA ILE B 445 35.12 13.09 11.68
C ILE B 445 34.83 13.64 10.30
N SER B 446 33.67 13.30 9.74
CA SER B 446 33.31 13.80 8.41
C SER B 446 33.17 15.33 8.43
N ILE B 447 32.49 15.89 9.43
CA ILE B 447 32.31 17.34 9.52
C ILE B 447 33.67 18.01 9.62
N LYS B 448 34.57 17.50 10.48
CA LYS B 448 35.88 18.12 10.62
C LYS B 448 36.70 17.99 9.35
N ASN B 449 36.57 16.86 8.66
CA ASN B 449 37.32 16.67 7.40
C ASN B 449 36.86 17.66 6.34
N TYR B 450 35.54 17.88 6.22
CA TYR B 450 35.07 18.85 5.24
C TYR B 450 35.54 20.26 5.58
N HIS B 451 35.48 20.64 6.87
CA HIS B 451 35.89 21.96 7.31
C HIS B 451 36.58 21.83 8.66
N PRO B 452 37.91 21.91 8.71
CA PRO B 452 38.61 21.80 10.01
C PRO B 452 38.24 22.89 11.00
N LYS B 453 37.92 24.09 10.54
CA LYS B 453 37.68 25.24 11.41
C LYS B 453 36.18 25.40 11.61
N ILE B 454 35.56 24.65 12.51
CA ILE B 454 34.13 24.80 12.86
C ILE B 454 33.88 24.31 14.27
N ARG B 455 33.07 24.98 15.07
CA ARG B 455 32.76 24.45 16.37
C ARG B 455 31.77 23.25 16.23
N ILE B 456 32.02 22.15 16.93
CA ILE B 456 31.10 21.01 16.99
C ILE B 456 30.76 20.75 18.44
N ILE B 457 29.48 20.49 18.72
CA ILE B 457 28.99 20.05 20.02
C ILE B 457 28.29 18.72 19.80
N THR B 458 28.44 17.76 20.69
CA THR B 458 28.06 16.37 20.41
C THR B 458 27.63 15.63 21.65
N GLN B 459 26.49 14.96 21.60
CA GLN B 459 26.06 14.03 22.64
C GLN B 459 26.80 12.69 22.53
N MET B 460 27.43 12.25 23.61
CA MET B 460 28.01 10.90 23.76
C MET B 460 27.21 10.10 24.78
N LEU B 461 26.80 8.88 24.46
CA LEU B 461 26.05 8.02 25.36
C LEU B 461 26.93 7.36 26.44
N GLN B 462 28.21 7.12 26.17
CA GLN B 462 29.12 6.48 27.13
C GLN B 462 30.37 7.30 27.36
N TYR B 463 30.89 7.31 28.57
CA TYR B 463 32.03 8.14 28.91
C TYR B 463 33.31 7.72 28.20
N HIS B 464 33.60 6.42 28.12
CA HIS B 464 34.87 5.96 27.57
C HIS B 464 35.07 6.35 26.11
N ASN B 465 33.97 6.62 25.42
CA ASN B 465 33.98 7.04 24.01
C ASN B 465 34.47 8.49 23.79
N LYS B 466 34.40 9.33 24.81
CA LYS B 466 34.91 10.70 24.69
C LYS B 466 36.39 10.74 24.34
N ALA B 467 37.16 9.75 24.77
CA ALA B 467 38.56 9.65 24.43
C ALA B 467 38.82 9.58 22.92
N HIS B 468 37.93 8.97 22.15
CA HIS B 468 38.10 8.86 20.70
C HIS B 468 38.02 10.22 20.01
N LEU B 469 37.30 11.19 20.56
CA LEU B 469 37.26 12.52 19.97
C LEU B 469 38.61 13.21 20.06
N LEU B 470 39.33 13.04 21.17
CA LEU B 470 40.70 13.54 21.32
C LEU B 470 41.70 12.91 20.35
N ASN B 471 41.34 11.82 19.65
CA ASN B 471 42.21 11.23 18.64
C ASN B 471 42.21 12.01 17.32
N ILE B 472 41.18 12.81 17.04
CA ILE B 472 41.09 13.58 15.79
C ILE B 472 42.07 14.76 15.86
N PRO B 473 43.03 14.94 14.92
CA PRO B 473 44.04 15.99 15.05
C PRO B 473 43.47 17.40 15.05
N SER B 474 42.37 17.63 14.34
CA SER B 474 41.76 18.96 14.25
C SER B 474 40.73 19.22 15.34
N TRP B 475 40.45 18.24 16.20
CA TRP B 475 39.51 18.43 17.30
C TRP B 475 40.21 19.17 18.42
N ASN B 476 40.00 20.48 18.49
CA ASN B 476 40.61 21.33 19.50
C ASN B 476 39.54 21.72 20.51
N TRP B 477 39.62 21.14 21.71
CA TRP B 477 38.63 21.46 22.74
C TRP B 477 38.84 22.87 23.30
N LYS B 478 40.06 23.39 23.24
CA LYS B 478 40.31 24.75 23.69
C LYS B 478 39.61 25.77 22.78
N GLU B 479 39.54 25.48 21.49
CA GLU B 479 38.84 26.37 20.56
C GLU B 479 37.35 26.42 20.85
N GLY B 480 36.78 25.32 21.35
CA GLY B 480 35.36 25.28 21.66
C GLY B 480 34.71 23.94 21.35
N ASP B 481 35.48 23.04 20.73
CA ASP B 481 34.96 21.71 20.40
C ASP B 481 34.84 20.85 21.66
N ASP B 482 33.68 20.88 22.29
CA ASP B 482 33.43 20.12 23.51
C ASP B 482 32.28 19.15 23.30
N ALA B 483 32.35 17.96 23.89
CA ALA B 483 31.32 16.94 23.82
C ALA B 483 30.62 16.74 25.16
N ILE B 484 29.29 16.62 25.13
CA ILE B 484 28.44 16.41 26.30
C ILE B 484 28.21 14.90 26.44
N CYS B 485 28.72 14.27 27.48
CA CYS B 485 28.40 12.86 27.68
C CYS B 485 27.15 12.73 28.53
N LEU B 486 26.07 12.20 27.96
CA LEU B 486 24.77 12.15 28.61
C LEU B 486 24.81 11.27 29.85
N ALA B 487 25.49 10.13 29.80
CA ALA B 487 25.71 9.29 30.98
C ALA B 487 26.64 9.90 32.02
N GLU B 488 27.77 10.49 31.62
CA GLU B 488 28.69 11.15 32.55
C GLU B 488 27.96 12.18 33.39
N LEU B 489 27.15 13.01 32.75
CA LEU B 489 26.52 14.12 33.46
C LEU B 489 25.26 13.66 34.19
N LYS B 490 24.48 12.74 33.63
CA LYS B 490 23.30 12.24 34.33
C LYS B 490 23.69 11.59 35.66
N LEU B 491 24.63 10.65 35.62
CA LEU B 491 25.04 9.98 36.85
C LEU B 491 25.76 10.92 37.79
N GLY B 492 26.48 11.92 37.27
CA GLY B 492 27.07 12.92 38.14
C GLY B 492 26.05 13.77 38.85
N PHE B 493 24.99 14.17 38.16
CA PHE B 493 23.98 14.95 38.84
C PHE B 493 23.32 14.03 39.89
N ILE B 494 23.03 12.77 39.54
CA ILE B 494 22.40 11.88 40.52
C ILE B 494 23.28 11.72 41.75
N ALA B 495 24.59 11.53 41.56
CA ALA B 495 25.50 11.36 42.69
C ALA B 495 25.58 12.62 43.53
N GLN B 496 25.66 13.79 42.88
CA GLN B 496 25.68 15.05 43.63
C GLN B 496 24.36 15.28 44.35
N SER B 497 23.26 14.71 43.82
CA SER B 497 22.00 14.77 44.55
C SER B 497 22.07 13.96 45.84
N CYS B 498 22.87 12.89 45.87
CA CYS B 498 23.04 12.13 47.10
C CYS B 498 23.71 12.98 48.18
N LEU B 499 24.75 13.72 47.81
CA LEU B 499 25.41 14.59 48.77
C LEU B 499 24.54 15.77 49.16
N ALA B 500 23.91 16.40 48.16
CA ALA B 500 23.02 17.55 48.38
C ALA B 500 21.72 17.29 47.64
N GLN B 501 20.68 16.96 48.38
CA GLN B 501 19.39 16.65 47.76
C GLN B 501 18.83 17.88 47.05
N GLY B 502 18.32 17.66 45.83
CA GLY B 502 17.77 18.74 45.04
C GLY B 502 18.79 19.53 44.23
N LEU B 503 20.06 19.14 44.27
CA LEU B 503 21.07 19.88 43.51
C LEU B 503 20.88 19.71 42.01
N SER B 504 20.36 18.56 41.57
CA SER B 504 20.12 18.37 40.15
C SER B 504 19.08 19.36 39.63
N THR B 505 18.01 19.57 40.39
CA THR B 505 17.01 20.56 39.99
C THR B 505 17.59 21.97 39.96
N MET B 506 18.40 22.31 40.96
CA MET B 506 19.02 23.63 41.00
C MET B 506 19.93 23.86 39.80
N LEU B 507 20.74 22.87 39.46
CA LEU B 507 21.62 23.01 38.30
C LEU B 507 20.84 22.99 37.00
N ALA B 508 19.71 22.30 36.95
CA ALA B 508 18.91 22.26 35.73
C ALA B 508 18.40 23.63 35.34
N ASN B 509 17.96 24.42 36.32
CA ASN B 509 17.40 25.74 36.05
C ASN B 509 18.47 26.81 35.81
N LEU B 510 19.74 26.49 36.05
CA LEU B 510 20.80 27.48 35.87
C LEU B 510 21.12 27.73 34.40
N PHE B 511 20.79 26.75 33.54
CA PHE B 511 21.11 26.79 32.13
C PHE B 511 19.88 26.67 31.20
N SER B 512 18.77 26.07 31.63
CA SER B 512 17.56 26.06 30.80
C SER B 512 16.84 27.40 30.80
N MET B 513 16.48 27.91 29.61
CA MET B 513 15.50 29.00 29.55
C MET B 513 14.16 28.51 30.09
N ARG B 514 13.60 29.24 31.08
CA ARG B 514 12.32 28.91 31.69
C ARG B 514 11.59 30.28 31.94
N SER B 515 10.39 30.45 31.40
CA SER B 515 9.63 31.70 31.55
C SER B 515 9.24 31.92 33.00
N PHE B 516 9.39 33.16 33.45
CA PHE B 516 9.02 33.54 34.82
C PHE B 516 7.56 33.94 34.84
N ILE B 517 6.79 33.30 35.72
CA ILE B 517 5.36 33.56 35.88
C ILE B 517 5.13 34.04 37.30
N LYS B 518 4.52 35.20 37.45
CA LYS B 518 4.26 35.75 38.77
C LYS B 518 3.13 34.99 39.45
N ILE B 519 3.34 34.60 40.70
CA ILE B 519 2.37 33.87 41.49
C ILE B 519 1.97 34.75 42.67
N GLU B 520 0.72 35.19 42.69
CA GLU B 520 0.24 36.04 43.78
C GLU B 520 -0.03 35.24 45.04
N GLU B 521 -0.38 33.96 44.91
CA GLU B 521 -0.66 33.13 46.07
C GLU B 521 0.62 32.87 46.87
N ASP B 522 0.48 32.82 48.19
CA ASP B 522 1.62 32.56 49.09
C ASP B 522 1.79 31.05 49.19
N THR B 523 2.36 30.47 48.14
CA THR B 523 2.61 29.04 48.06
C THR B 523 4.08 28.79 47.75
N TRP B 524 4.48 27.52 47.83
CA TRP B 524 5.85 27.14 47.52
C TRP B 524 6.21 27.41 46.07
N GLN B 525 5.21 27.43 45.17
CA GLN B 525 5.51 27.63 43.76
C GLN B 525 6.10 29.01 43.50
N LYS B 526 5.60 30.04 44.22
CA LYS B 526 6.15 31.38 44.04
C LYS B 526 7.63 31.43 44.43
N TYR B 527 7.96 30.87 45.60
CA TYR B 527 9.35 30.86 46.04
C TYR B 527 10.22 30.06 45.10
N TYR B 528 9.72 28.93 44.60
CA TYR B 528 10.47 28.12 43.67
C TYR B 528 10.75 28.88 42.36
N LEU B 529 9.72 29.51 41.80
CA LEU B 529 9.88 30.26 40.56
C LEU B 529 10.69 31.53 40.74
N GLU B 530 10.82 32.02 41.98
CA GLU B 530 11.67 33.18 42.21
C GLU B 530 13.12 32.88 41.83
N GLY B 531 13.62 31.70 42.18
CA GLY B 531 14.96 31.29 41.80
C GLY B 531 15.11 30.66 40.44
N VAL B 532 14.00 30.33 39.78
CA VAL B 532 14.08 29.72 38.46
C VAL B 532 14.61 30.71 37.43
N SER B 533 14.17 31.97 37.52
CA SER B 533 14.59 32.97 36.55
C SER B 533 16.09 33.23 36.57
N ASN B 534 16.77 32.90 37.67
CA ASN B 534 18.21 33.09 37.73
C ASN B 534 18.92 32.15 36.77
N GLU B 535 19.89 32.70 36.05
CA GLU B 535 20.68 31.95 35.08
C GLU B 535 22.16 32.13 35.39
N MET B 536 23.01 31.48 34.61
CA MET B 536 24.46 31.47 34.84
C MET B 536 25.17 32.06 33.64
N TYR B 537 26.12 32.97 33.90
CA TYR B 537 26.85 33.66 32.86
C TYR B 537 28.33 33.71 33.22
N THR B 538 29.14 34.12 32.25
CA THR B 538 30.58 34.30 32.43
C THR B 538 30.96 35.72 32.08
N GLU B 539 31.82 36.32 32.90
CA GLU B 539 32.25 37.69 32.64
C GLU B 539 33.65 37.90 33.20
N TYR B 540 34.47 38.64 32.44
CA TYR B 540 35.83 38.94 32.89
C TYR B 540 35.80 39.87 34.09
N LEU B 541 36.64 39.58 35.07
CA LEU B 541 36.70 40.40 36.28
C LEU B 541 37.35 41.74 35.99
N SER B 542 36.91 42.76 36.73
CA SER B 542 37.46 44.10 36.57
C SER B 542 38.88 44.18 37.10
N SER B 543 39.62 45.17 36.60
CA SER B 543 41.00 45.37 37.02
C SER B 543 41.11 45.75 38.49
N ALA B 544 40.04 46.29 39.08
CA ALA B 544 40.06 46.64 40.50
C ALA B 544 40.09 45.40 41.40
N PHE B 545 39.70 44.23 40.87
CA PHE B 545 39.68 43.00 41.64
C PHE B 545 41.02 42.27 41.62
N VAL B 546 42.00 42.76 40.86
CA VAL B 546 43.29 42.09 40.78
C VAL B 546 44.03 42.26 42.11
N GLY B 547 44.58 41.15 42.61
CA GLY B 547 45.29 41.17 43.87
C GLY B 547 44.43 41.02 45.10
N LEU B 548 43.14 40.71 44.95
CA LEU B 548 42.23 40.55 46.06
C LEU B 548 41.82 39.09 46.19
N SER B 549 41.64 38.64 47.43
CA SER B 549 41.25 37.27 47.68
C SER B 549 39.83 37.01 47.18
N PHE B 550 39.55 35.74 46.86
CA PHE B 550 38.24 35.38 46.33
C PHE B 550 37.09 35.70 47.28
N PRO B 551 37.16 35.38 48.58
CA PRO B 551 36.02 35.73 49.45
C PRO B 551 35.70 37.22 49.48
N THR B 552 36.72 38.08 49.47
CA THR B 552 36.47 39.51 49.56
C THR B 552 35.78 40.03 48.30
N VAL B 553 36.28 39.65 47.13
CA VAL B 553 35.65 40.11 45.89
C VAL B 553 34.26 39.50 45.74
N CYS B 554 34.07 38.26 46.20
CA CYS B 554 32.74 37.66 46.15
C CYS B 554 31.76 38.42 47.05
N GLU B 555 32.20 38.80 48.25
CA GLU B 555 31.34 39.59 49.13
C GLU B 555 31.04 40.95 48.52
N LEU B 556 32.03 41.59 47.90
CA LEU B 556 31.80 42.87 47.25
C LEU B 556 30.80 42.75 46.11
N CYS B 557 30.91 41.69 45.31
CA CYS B 557 29.97 41.49 44.21
C CYS B 557 28.56 41.22 44.72
N PHE B 558 28.44 40.42 45.79
CA PHE B 558 27.12 40.06 46.29
C PHE B 558 26.44 41.26 46.96
N VAL B 559 27.16 41.97 47.83
CA VAL B 559 26.55 43.05 48.59
C VAL B 559 26.26 44.24 47.68
N LYS B 560 27.22 44.61 46.82
CA LYS B 560 27.08 45.80 45.99
C LYS B 560 26.40 45.49 44.65
N LEU B 561 26.98 44.58 43.88
CA LEU B 561 26.53 44.30 42.53
C LEU B 561 25.41 43.26 42.47
N LYS B 562 25.04 42.67 43.61
CA LYS B 562 23.99 41.64 43.67
C LYS B 562 24.30 40.48 42.72
N LEU B 563 25.57 40.08 42.66
CA LEU B 563 26.02 38.98 41.82
C LEU B 563 26.71 37.93 42.68
N LEU B 564 26.41 36.66 42.40
CA LEU B 564 27.00 35.54 43.12
C LEU B 564 28.05 34.88 42.23
N MET B 565 29.32 35.05 42.59
CA MET B 565 30.43 34.49 41.83
C MET B 565 30.82 33.14 42.41
N ILE B 566 30.96 32.14 41.54
CA ILE B 566 31.21 30.77 41.97
C ILE B 566 32.66 30.40 41.72
N ALA B 567 33.11 30.51 40.46
CA ALA B 567 34.41 30.00 40.07
C ALA B 567 35.13 31.01 39.20
N ILE B 568 36.46 30.85 39.13
CA ILE B 568 37.35 31.65 38.30
C ILE B 568 38.38 30.73 37.68
N GLU B 569 39.28 31.30 36.89
CA GLU B 569 40.38 30.57 36.26
C GLU B 569 41.70 31.04 36.83
N TYR B 570 42.54 30.09 37.23
CA TYR B 570 43.87 30.37 37.75
C TYR B 570 44.91 29.79 36.81
N LYS B 571 45.83 30.64 36.34
CA LYS B 571 46.88 30.23 35.43
C LYS B 571 48.16 29.99 36.20
N SER B 572 48.63 28.74 36.20
CA SER B 572 49.86 28.37 36.88
C SER B 572 51.07 28.35 35.95
N ALA B 573 50.89 28.74 34.68
CA ALA B 573 51.97 28.76 33.68
C ALA B 573 52.57 27.37 33.49
N ASN B 574 51.77 26.32 33.72
CA ASN B 574 52.23 24.95 33.52
C ASN B 574 51.22 24.17 32.67
N ARG B 575 49.96 24.54 32.75
CA ARG B 575 48.90 23.87 32.00
C ARG B 575 47.76 24.86 31.79
N GLU B 576 46.64 24.35 31.28
CA GLU B 576 45.46 25.19 31.06
C GLU B 576 44.89 25.65 32.39
N SER B 577 44.34 26.86 32.39
CA SER B 577 43.78 27.45 33.60
C SER B 577 42.56 26.66 34.05
N ARG B 578 42.71 25.91 35.14
CA ARG B 578 41.63 25.08 35.64
C ARG B 578 40.53 25.95 36.26
N ILE B 579 39.33 25.38 36.33
CA ILE B 579 38.18 26.05 36.92
C ILE B 579 38.17 25.72 38.41
N LEU B 580 38.56 26.68 39.24
CA LEU B 580 38.62 26.49 40.68
C LEU B 580 37.27 26.86 41.29
N ILE B 581 36.62 25.89 41.91
CA ILE B 581 35.28 26.09 42.48
C ILE B 581 35.43 26.69 43.87
N ASN B 582 34.98 27.94 44.02
CA ASN B 582 35.06 28.69 45.28
C ASN B 582 36.48 28.69 45.84
N PRO B 583 37.42 29.41 45.21
CA PRO B 583 38.78 29.46 45.75
C PRO B 583 38.81 30.14 47.12
N GLY B 584 39.76 29.71 47.94
CA GLY B 584 39.95 30.29 49.24
C GLY B 584 40.77 31.56 49.20
N ASN B 585 41.17 32.02 50.39
CA ASN B 585 41.99 33.22 50.51
C ASN B 585 43.47 32.96 50.29
N HIS B 586 43.86 31.70 50.08
CA HIS B 586 45.27 31.39 49.86
C HIS B 586 45.78 32.02 48.56
N LEU B 587 44.98 31.99 47.51
CA LEU B 587 45.38 32.47 46.20
C LEU B 587 44.63 33.75 45.85
N LYS B 588 45.33 34.66 45.17
CA LYS B 588 44.75 35.93 44.75
C LYS B 588 44.17 35.79 43.34
N ILE B 589 43.79 36.91 42.73
CA ILE B 589 43.15 36.93 41.43
C ILE B 589 44.01 37.74 40.46
N GLN B 590 44.31 37.15 39.30
CA GLN B 590 45.11 37.81 38.29
C GLN B 590 44.22 38.66 37.37
N GLU B 591 44.85 39.39 36.46
CA GLU B 591 44.11 40.26 35.55
C GLU B 591 43.21 39.45 34.62
N GLY B 592 43.71 38.34 34.08
CA GLY B 592 42.95 37.54 33.14
C GLY B 592 42.11 36.46 33.78
N THR B 593 41.04 36.86 34.48
CA THR B 593 40.14 35.92 35.13
C THR B 593 38.73 36.12 34.59
N LEU B 594 38.06 35.01 34.28
CA LEU B 594 36.70 35.01 33.72
C LEU B 594 35.77 34.38 34.74
N GLY B 595 35.24 35.21 35.64
CA GLY B 595 34.41 34.69 36.71
C GLY B 595 33.06 34.21 36.23
N PHE B 596 32.54 33.21 36.94
CA PHE B 596 31.21 32.67 36.67
C PHE B 596 30.23 33.25 37.67
N PHE B 597 29.16 33.87 37.18
CA PHE B 597 28.19 34.57 38.01
C PHE B 597 26.80 34.00 37.78
N ILE B 598 25.95 34.20 38.78
CA ILE B 598 24.54 33.80 38.71
C ILE B 598 23.70 35.06 38.83
N ALA B 599 22.84 35.31 37.84
CA ALA B 599 21.97 36.47 37.87
C ALA B 599 20.77 36.20 36.97
N SER B 600 19.65 36.85 37.29
CA SER B 600 18.42 36.64 36.54
C SER B 600 18.58 37.14 35.10
N ASP B 601 19.23 38.28 34.91
CA ASP B 601 19.44 38.86 33.60
C ASP B 601 20.92 38.84 33.24
N ALA B 602 21.23 39.41 32.07
CA ALA B 602 22.60 39.40 31.56
C ALA B 602 23.31 40.73 31.72
N LYS B 603 22.58 41.85 31.74
CA LYS B 603 23.23 43.16 31.86
C LYS B 603 23.84 43.36 33.24
N GLU B 604 23.27 42.74 34.28
CA GLU B 604 23.84 42.83 35.62
C GLU B 604 25.22 42.17 35.68
N VAL B 605 25.38 41.04 34.98
CA VAL B 605 26.68 40.36 34.96
C VAL B 605 27.72 41.22 34.27
N LYS B 606 27.31 41.94 33.21
CA LYS B 606 28.25 42.78 32.46
C LYS B 606 28.80 43.92 33.31
N ARG B 607 28.04 44.40 34.29
CA ARG B 607 28.48 45.54 35.09
C ARG B 607 29.69 45.21 35.95
N ALA B 608 29.96 43.93 36.19
CA ALA B 608 31.14 43.54 36.96
C ALA B 608 32.43 43.67 36.17
N PHE B 609 32.36 43.82 34.85
CA PHE B 609 33.57 43.94 34.04
C PHE B 609 34.23 45.30 34.22
N PHE B 610 33.43 46.35 34.39
CA PHE B 610 33.92 47.72 34.49
C PHE B 610 33.62 48.32 35.85
N TYR B 611 33.78 47.53 36.91
CA TYR B 611 33.60 48.04 38.26
C TYR B 611 34.82 48.86 38.68
N CYS B 612 34.56 50.05 39.20
CA CYS B 612 35.60 50.96 39.66
C CYS B 612 35.51 51.11 41.17
N LYS B 613 36.60 50.80 41.87
CA LYS B 613 36.60 50.90 43.32
C LYS B 613 36.44 52.35 43.79
N ALA B 614 37.18 53.28 43.17
CA ALA B 614 37.12 54.67 43.60
C ALA B 614 35.81 55.32 43.18
N CYS B 615 35.37 55.10 41.94
CA CYS B 615 34.16 55.74 41.45
C CYS B 615 32.92 55.17 42.14
N HIS B 616 32.90 53.88 42.41
CA HIS B 616 31.75 53.20 43.01
C HIS B 616 32.03 52.76 44.44
N ASP B 617 32.71 53.62 45.21
CA ASP B 617 32.99 53.30 46.60
C ASP B 617 31.70 53.17 47.41
N ASP B 618 30.76 54.09 47.18
CA ASP B 618 29.45 54.06 47.83
C ASP B 618 28.41 53.68 46.79
N ILE B 619 27.69 52.58 47.03
CA ILE B 619 26.70 52.06 46.10
C ILE B 619 25.40 51.87 46.88
N THR B 620 24.53 52.88 46.83
CA THR B 620 23.23 52.77 47.49
C THR B 620 22.35 51.73 46.79
N ASP B 621 22.31 51.78 45.46
CA ASP B 621 21.56 50.84 44.65
C ASP B 621 22.44 50.35 43.50
N PRO B 622 22.20 49.14 43.00
CA PRO B 622 23.05 48.62 41.91
C PRO B 622 22.99 49.43 40.64
N LYS B 623 21.95 50.25 40.45
CA LYS B 623 21.84 51.06 39.24
C LYS B 623 22.90 52.15 39.16
N ARG B 624 23.62 52.43 40.26
CA ARG B 624 24.68 53.44 40.22
C ARG B 624 25.80 53.06 39.27
N ILE B 625 26.15 51.77 39.23
CA ILE B 625 27.25 51.32 38.39
C ILE B 625 26.85 51.44 36.92
N LYS B 626 27.71 52.08 36.13
CA LYS B 626 27.47 52.28 34.70
C LYS B 626 28.80 52.14 33.98
N LYS B 627 28.77 52.33 32.65
CA LYS B 627 29.98 52.22 31.86
C LYS B 627 31.00 53.30 32.25
N CYS B 628 30.52 54.52 32.50
CA CYS B 628 31.41 55.59 32.93
C CYS B 628 31.96 55.31 34.31
N GLY B 629 33.23 55.63 34.51
CA GLY B 629 33.87 55.40 35.79
C GLY B 629 35.27 55.94 35.80
N CYS B 630 35.94 55.78 36.94
CA CYS B 630 37.30 56.24 37.13
C CYS B 630 38.27 55.06 37.04
N LYS B 631 39.25 55.17 36.16
CA LYS B 631 40.23 54.11 35.98
C LYS B 631 41.46 54.34 36.86
N SER B 681 54.15 6.47 52.94
CA SER B 681 54.30 5.02 52.95
C SER B 681 53.95 4.42 51.58
N ASN B 682 54.26 3.14 51.41
CA ASN B 682 53.98 2.44 50.16
C ASN B 682 52.61 1.76 50.22
N VAL B 683 51.59 2.59 50.48
CA VAL B 683 50.21 2.15 50.58
C VAL B 683 49.39 2.88 49.53
N LYS B 684 48.63 2.13 48.74
CA LYS B 684 47.80 2.69 47.69
C LYS B 684 46.54 3.26 48.31
N LYS B 685 46.47 4.58 48.40
CA LYS B 685 45.32 5.28 48.96
C LYS B 685 44.52 6.07 47.92
N TYR B 686 45.20 6.70 46.97
CA TYR B 686 44.56 7.48 45.93
C TYR B 686 45.10 7.05 44.57
N ASP B 687 44.57 7.64 43.51
CA ASP B 687 44.98 7.29 42.16
C ASP B 687 46.31 7.98 41.84
N SER B 688 46.73 7.91 40.58
CA SER B 688 48.01 8.47 40.18
C SER B 688 48.05 9.98 40.41
N THR B 689 46.98 10.67 40.05
CA THR B 689 46.90 12.12 40.24
C THR B 689 46.38 12.52 41.61
N GLY B 690 45.88 11.57 42.40
CA GLY B 690 45.32 11.90 43.70
C GLY B 690 43.96 12.55 43.65
N MET B 691 43.32 12.60 42.48
CA MET B 691 42.04 13.28 42.35
C MET B 691 40.89 12.47 42.95
N PHE B 692 41.03 11.15 43.04
CA PHE B 692 39.97 10.29 43.54
C PHE B 692 40.56 9.24 44.47
N HIS B 693 39.71 8.73 45.37
CA HIS B 693 40.11 7.62 46.23
C HIS B 693 40.30 6.37 45.39
N TRP B 694 41.32 5.57 45.75
CA TRP B 694 41.63 4.35 45.04
C TRP B 694 41.90 3.23 46.03
N CYS B 695 41.60 2.01 45.62
CA CYS B 695 41.83 0.83 46.43
C CYS B 695 42.34 -0.29 45.53
N ALA B 696 43.00 -1.26 46.16
CA ALA B 696 43.54 -2.38 45.41
C ALA B 696 42.39 -3.17 44.77
N PRO B 697 42.57 -3.65 43.54
CA PRO B 697 41.48 -4.40 42.88
C PRO B 697 41.11 -5.65 43.66
N LYS B 698 39.81 -5.90 43.74
CA LYS B 698 39.22 -7.01 44.48
C LYS B 698 38.18 -7.75 43.64
N GLU B 699 38.22 -9.08 43.67
CA GLU B 699 37.26 -9.90 42.94
C GLU B 699 35.85 -9.70 43.49
N ILE B 700 34.82 -9.83 42.65
CA ILE B 700 33.43 -9.51 43.02
C ILE B 700 32.94 -10.31 44.24
N GLU B 701 33.51 -11.49 44.47
CA GLU B 701 33.24 -12.33 45.65
C GLU B 701 33.57 -11.64 46.98
N LYS B 702 34.41 -10.61 47.00
CA LYS B 702 34.74 -9.85 48.22
C LYS B 702 33.67 -8.82 48.58
N VAL B 703 32.78 -8.46 47.65
CA VAL B 703 31.81 -7.36 47.82
C VAL B 703 30.36 -7.80 47.67
N ILE B 704 30.11 -8.93 47.01
CA ILE B 704 28.80 -9.56 46.96
C ILE B 704 28.38 -10.03 48.36
N LEU B 705 27.10 -9.93 48.70
CA LEU B 705 26.62 -10.43 49.98
C LEU B 705 25.15 -10.87 49.98
N THR B 706 24.79 -11.74 50.89
CA THR B 706 23.43 -12.29 51.06
C THR B 706 22.57 -11.42 51.98
N ARG B 707 21.26 -11.66 52.01
CA ARG B 707 20.35 -10.90 52.87
C ARG B 707 20.79 -10.84 54.33
N SER B 708 21.18 -11.98 54.90
CA SER B 708 21.59 -12.04 56.30
C SER B 708 22.87 -11.22 56.56
N GLU B 709 23.84 -11.28 55.64
CA GLU B 709 25.05 -10.47 55.71
C GLU B 709 24.76 -8.97 55.62
N ALA B 710 23.82 -8.56 54.76
CA ALA B 710 23.35 -7.19 54.75
C ALA B 710 22.67 -6.85 56.09
N ALA B 711 21.73 -7.69 56.53
CA ALA B 711 20.86 -7.41 57.66
C ALA B 711 21.59 -7.22 58.99
N MET B 712 22.66 -7.97 59.27
CA MET B 712 23.46 -7.76 60.49
C MET B 712 24.54 -6.69 60.35
N THR B 713 24.78 -6.16 59.14
CA THR B 713 25.69 -5.03 58.95
C THR B 713 25.10 -3.72 59.49
N VAL B 714 25.96 -2.88 60.07
CA VAL B 714 25.64 -1.72 60.87
C VAL B 714 25.71 -0.47 60.00
N LEU B 715 25.68 -0.67 58.68
CA LEU B 715 25.78 0.44 57.76
C LEU B 715 24.65 1.45 57.98
N SER B 716 25.00 2.74 57.98
CA SER B 716 24.04 3.80 58.19
C SER B 716 24.50 5.03 57.43
N GLY B 717 23.54 5.84 56.99
CA GLY B 717 23.87 7.01 56.19
C GLY B 717 24.57 6.66 54.90
N HIS B 718 24.20 5.55 54.28
CA HIS B 718 24.84 5.07 53.07
C HIS B 718 23.99 5.42 51.85
N VAL B 719 24.44 4.97 50.68
CA VAL B 719 23.75 5.21 49.42
C VAL B 719 23.34 3.85 48.85
N VAL B 720 22.06 3.74 48.48
CA VAL B 720 21.52 2.54 47.87
C VAL B 720 21.20 2.85 46.42
N VAL B 721 21.64 1.98 45.51
CA VAL B 721 21.38 2.14 44.08
C VAL B 721 20.71 0.87 43.57
N CYS B 722 19.45 1.01 43.14
CA CYS B 722 18.70 -0.10 42.56
C CYS B 722 18.84 -0.04 41.04
N ILE B 723 19.16 -1.18 40.44
CA ILE B 723 19.41 -1.28 39.01
C ILE B 723 18.44 -2.29 38.40
N PHE B 724 17.75 -1.87 37.35
CA PHE B 724 16.87 -2.75 36.58
C PHE B 724 17.61 -3.09 35.29
N GLY B 725 18.44 -4.12 35.34
CA GLY B 725 19.25 -4.51 34.19
C GLY B 725 19.29 -6.01 34.04
N ASP B 726 19.46 -6.44 32.79
CA ASP B 726 19.55 -7.86 32.46
C ASP B 726 20.81 -8.14 31.63
N VAL B 727 20.91 -9.36 31.09
CA VAL B 727 22.07 -9.71 30.27
C VAL B 727 22.10 -8.87 29.00
N SER B 728 20.95 -8.70 28.35
CA SER B 728 20.88 -7.94 27.10
C SER B 728 20.75 -6.44 27.34
N SER B 729 20.53 -5.94 28.55
CA SER B 729 20.37 -4.48 28.62
C SER B 729 21.69 -3.81 28.51
N ALA B 730 21.70 -2.63 28.10
CA ALA B 730 22.89 -1.81 27.88
C ALA B 730 23.61 -1.44 29.19
N LEU B 731 24.92 -1.17 29.15
CA LEU B 731 25.62 -0.70 30.34
C LEU B 731 25.18 0.72 30.72
N ILE B 732 24.81 0.93 31.97
CA ILE B 732 24.58 2.27 32.52
C ILE B 732 25.91 3.01 32.70
N GLY B 733 27.01 2.30 32.96
CA GLY B 733 28.32 2.91 33.16
C GLY B 733 28.45 3.50 34.56
N LEU B 734 28.31 2.65 35.58
CA LEU B 734 28.16 3.09 36.97
C LEU B 734 29.40 3.78 37.52
N ARG B 735 30.56 3.70 36.85
CA ARG B 735 31.80 4.37 37.25
C ARG B 735 31.56 5.85 37.44
N ASN B 736 30.83 6.47 36.50
CA ASN B 736 30.50 7.88 36.55
C ASN B 736 29.59 8.23 37.72
N LEU B 737 28.90 7.24 38.30
CA LEU B 737 28.13 7.45 39.51
C LEU B 737 28.97 7.29 40.78
N VAL B 738 30.09 6.58 40.71
CA VAL B 738 30.88 6.29 41.90
C VAL B 738 31.99 7.31 42.10
N MET B 739 32.66 7.71 41.01
CA MET B 739 33.75 8.67 41.06
C MET B 739 33.37 9.96 41.79
N PRO B 740 32.30 10.68 41.44
CA PRO B 740 31.98 11.93 42.16
C PRO B 740 31.68 11.72 43.64
N LEU B 741 31.13 10.57 44.02
CA LEU B 741 30.82 10.32 45.43
C LEU B 741 32.08 10.16 46.27
N ARG B 742 33.21 9.80 45.66
CA ARG B 742 34.50 9.73 46.35
C ARG B 742 35.55 10.33 45.43
N ALA B 743 35.75 11.65 45.57
CA ALA B 743 36.68 12.40 44.74
C ALA B 743 37.80 12.99 45.58
N SER B 744 38.23 12.26 46.61
CA SER B 744 39.35 12.62 47.46
C SER B 744 39.10 13.90 48.24
N ASN B 745 37.91 14.48 48.09
CA ASN B 745 37.54 15.66 48.86
C ASN B 745 36.88 15.31 50.18
N PHE B 746 36.59 14.04 50.42
CA PHE B 746 35.98 13.57 51.65
C PHE B 746 36.94 12.63 52.37
N HIS B 747 36.89 12.64 53.69
CA HIS B 747 37.70 11.72 54.47
C HIS B 747 37.21 10.29 54.28
N TYR B 748 38.10 9.33 54.60
CA TYR B 748 37.76 7.92 54.40
C TYR B 748 36.54 7.52 55.22
N HIS B 749 36.46 7.97 56.46
CA HIS B 749 35.27 7.70 57.27
C HIS B 749 34.07 8.48 56.76
N GLU B 750 34.30 9.63 56.13
CA GLU B 750 33.20 10.46 55.63
C GLU B 750 32.59 9.92 54.34
N LEU B 751 33.27 8.99 53.66
CA LEU B 751 32.75 8.45 52.41
C LEU B 751 31.47 7.66 52.66
N LYS B 752 30.49 7.84 51.78
CA LYS B 752 29.22 7.15 51.89
C LYS B 752 29.29 5.79 51.21
N HIS B 753 28.87 4.74 51.92
CA HIS B 753 28.93 3.39 51.42
C HIS B 753 27.90 3.25 50.29
N ILE B 754 28.28 2.56 49.21
CA ILE B 754 27.39 2.33 48.07
C ILE B 754 27.01 0.87 48.06
N VAL B 755 25.70 0.59 48.06
CA VAL B 755 25.14 -0.76 47.95
C VAL B 755 24.30 -0.86 46.70
N PHE B 756 24.63 -1.78 45.79
CA PHE B 756 23.88 -2.00 44.57
C PHE B 756 22.91 -3.16 44.76
N VAL B 757 21.65 -2.94 44.38
CA VAL B 757 20.60 -3.94 44.43
C VAL B 757 20.14 -4.21 43.01
N GLY B 758 20.40 -5.41 42.50
CA GLY B 758 20.05 -5.73 41.14
C GLY B 758 20.54 -7.11 40.77
N SER B 759 20.44 -7.42 39.48
CA SER B 759 20.90 -8.71 38.98
C SER B 759 22.42 -8.81 39.11
N ILE B 760 22.90 -9.91 39.68
CA ILE B 760 24.34 -10.05 39.80
C ILE B 760 24.98 -10.26 38.45
N GLU B 761 24.33 -10.92 37.50
CA GLU B 761 24.91 -11.11 36.19
C GLU B 761 25.18 -9.77 35.50
N TYR B 762 24.24 -8.83 35.61
CA TYR B 762 24.44 -7.51 35.04
C TYR B 762 25.60 -6.78 35.73
N LEU B 763 25.67 -6.89 37.07
CA LEU B 763 26.76 -6.24 37.79
C LEU B 763 28.12 -6.83 37.43
N LYS B 764 28.17 -8.12 37.10
CA LYS B 764 29.43 -8.73 36.68
C LYS B 764 29.94 -8.12 35.38
N ARG B 765 29.03 -7.61 34.54
CA ARG B 765 29.44 -7.05 33.25
C ARG B 765 30.33 -5.82 33.42
N GLU B 766 30.00 -4.95 34.37
CA GLU B 766 30.71 -3.68 34.56
C GLU B 766 31.38 -3.60 35.93
N TRP B 767 31.61 -4.72 36.60
CA TRP B 767 32.30 -4.72 37.89
C TRP B 767 33.77 -4.34 37.73
N GLU B 768 34.41 -4.69 36.61
CA GLU B 768 35.83 -4.41 36.43
C GLU B 768 36.13 -2.92 36.42
N THR B 769 35.13 -2.08 36.17
CA THR B 769 35.31 -0.64 36.21
C THR B 769 35.01 -0.04 37.58
N LEU B 770 34.55 -0.84 38.54
CA LEU B 770 34.21 -0.35 39.86
C LEU B 770 34.95 -1.05 40.99
N HIS B 771 35.79 -2.05 40.68
CA HIS B 771 36.47 -2.79 41.73
C HIS B 771 37.61 -2.01 42.39
N ASN B 772 37.98 -0.85 41.86
CA ASN B 772 39.04 -0.03 42.43
C ASN B 772 38.55 0.89 43.53
N PHE B 773 37.25 0.89 43.84
CA PHE B 773 36.78 1.80 44.87
C PHE B 773 36.65 1.10 46.20
N PRO B 774 36.95 1.79 47.31
CA PRO B 774 37.00 1.13 48.62
C PRO B 774 35.67 0.58 49.11
N LYS B 775 34.63 1.42 49.18
CA LYS B 775 33.35 1.05 49.78
C LYS B 775 32.33 0.83 48.69
N VAL B 776 32.26 -0.40 48.21
CA VAL B 776 31.18 -0.87 47.37
C VAL B 776 30.71 -2.21 47.89
N SER B 777 29.42 -2.45 47.82
CA SER B 777 28.83 -3.74 48.11
C SER B 777 27.69 -4.02 47.14
N ILE B 778 27.41 -5.28 46.89
CA ILE B 778 26.39 -5.69 45.94
C ILE B 778 25.51 -6.72 46.64
N LEU B 779 24.19 -6.57 46.52
CA LEU B 779 23.22 -7.55 46.96
C LEU B 779 22.53 -8.13 45.72
N PRO B 780 22.63 -9.44 45.47
CA PRO B 780 22.04 -10.07 44.30
C PRO B 780 20.54 -10.22 44.51
N GLY B 781 19.72 -9.37 43.90
CA GLY B 781 18.28 -9.42 44.13
C GLY B 781 17.46 -8.34 43.41
N THR B 782 16.17 -8.56 43.30
CA THR B 782 15.27 -7.66 42.55
C THR B 782 14.99 -6.38 43.35
N PRO B 783 15.16 -5.18 42.79
CA PRO B 783 14.83 -3.91 43.46
C PRO B 783 13.40 -3.83 43.95
N LEU B 784 12.45 -4.46 43.23
CA LEU B 784 11.06 -4.45 43.66
C LEU B 784 10.83 -5.29 44.91
N SER B 785 11.77 -6.17 45.30
CA SER B 785 11.62 -7.04 46.46
C SER B 785 11.78 -6.26 47.75
N ARG B 786 10.72 -6.18 48.55
CA ARG B 786 10.77 -5.42 49.80
C ARG B 786 11.75 -6.02 50.80
N ALA B 787 11.95 -7.34 50.79
CA ALA B 787 12.89 -7.99 51.70
C ALA B 787 14.32 -7.50 51.49
N ASP B 788 14.76 -7.40 50.23
CA ASP B 788 16.09 -6.89 49.92
C ASP B 788 16.24 -5.45 50.41
N LEU B 789 15.24 -4.60 50.19
CA LEU B 789 15.33 -3.21 50.60
C LEU B 789 15.38 -3.09 52.13
N ARG B 790 14.60 -3.91 52.82
CA ARG B 790 14.66 -3.92 54.28
C ARG B 790 16.01 -4.45 54.78
N ALA B 791 16.59 -5.42 54.08
CA ALA B 791 17.88 -5.99 54.44
C ALA B 791 19.04 -5.01 54.22
N VAL B 792 18.93 -4.10 53.25
CA VAL B 792 19.90 -3.01 53.09
C VAL B 792 19.66 -1.88 54.07
N ASN B 793 18.55 -1.91 54.81
CA ASN B 793 18.18 -0.86 55.77
C ASN B 793 18.02 0.48 55.06
N ILE B 794 17.10 0.49 54.08
CA ILE B 794 16.81 1.68 53.30
C ILE B 794 16.06 2.74 54.10
N ASN B 795 15.54 2.39 55.27
CA ASN B 795 14.80 3.36 56.08
C ASN B 795 15.69 4.51 56.54
N LEU B 796 16.92 4.20 56.95
CA LEU B 796 17.85 5.20 57.45
C LEU B 796 18.99 5.48 56.49
N CYS B 797 18.89 5.03 55.23
CA CYS B 797 19.93 5.30 54.26
C CYS B 797 19.97 6.78 53.91
N ASP B 798 21.17 7.27 53.60
CA ASP B 798 21.32 8.69 53.26
C ASP B 798 20.61 9.03 51.96
N MET B 799 20.70 8.16 50.96
CA MET B 799 20.07 8.43 49.67
C MET B 799 19.78 7.13 48.96
N CYS B 800 18.72 7.15 48.16
CA CYS B 800 18.31 6.02 47.33
C CYS B 800 18.17 6.48 45.88
N VAL B 801 18.64 5.64 44.96
CA VAL B 801 18.63 5.93 43.54
C VAL B 801 18.00 4.76 42.82
N ILE B 802 17.17 5.04 41.80
CA ILE B 802 16.54 4.02 40.98
C ILE B 802 16.97 4.26 39.54
N LEU B 803 17.56 3.23 38.91
CA LEU B 803 18.04 3.33 37.55
C LEU B 803 17.54 2.13 36.76
N SER B 804 17.32 2.38 35.48
CA SER B 804 17.00 1.30 34.68
C SER B 804 18.00 1.27 33.56
N ALA B 805 18.16 0.14 32.97
CA ALA B 805 19.01 -0.01 31.80
C ALA B 805 18.25 -0.47 30.56
N ASN B 806 16.94 -0.63 30.64
CA ASN B 806 16.14 -1.14 29.53
C ASN B 806 15.50 0.01 28.75
N GLN B 807 16.35 0.85 28.16
CA GLN B 807 15.89 1.91 27.28
C GLN B 807 15.88 1.50 25.81
N ASN B 808 16.25 0.26 25.52
CA ASN B 808 16.33 -0.25 24.16
C ASN B 808 14.99 -0.70 23.58
N ASN B 809 14.06 -1.08 24.44
CA ASN B 809 12.75 -1.56 24.01
C ASN B 809 12.08 -0.55 23.07
N ILE B 810 11.64 -0.99 21.89
CA ILE B 810 11.00 -0.09 20.93
C ILE B 810 9.50 0.02 21.16
N ASP B 811 8.90 -1.03 21.72
CA ASP B 811 7.47 -1.04 21.97
C ASP B 811 7.10 -0.06 23.08
N ASP B 812 5.87 0.45 23.04
CA ASP B 812 5.32 1.40 24.03
C ASP B 812 6.20 2.65 24.25
N THR B 813 6.10 3.59 23.33
CA THR B 813 6.86 4.84 23.37
C THR B 813 6.90 5.54 24.73
N SER B 814 5.76 5.64 25.42
CA SER B 814 5.70 6.30 26.73
C SER B 814 5.49 5.31 27.87
N LEU B 815 6.38 4.32 27.99
CA LEU B 815 6.25 3.30 29.00
C LEU B 815 7.59 2.81 29.54
N GLN B 816 8.71 3.38 29.10
CA GLN B 816 10.02 2.87 29.51
C GLN B 816 10.24 3.02 31.00
N ASP B 817 9.88 4.16 31.58
CA ASP B 817 10.01 4.39 33.01
C ASP B 817 8.84 3.76 33.76
N LYS B 818 8.78 2.44 33.68
CA LYS B 818 7.67 1.66 34.23
C LYS B 818 8.02 1.04 35.57
N GLU B 819 9.16 0.35 35.67
CA GLU B 819 9.54 -0.29 36.92
C GLU B 819 10.05 0.74 37.94
N CYS B 820 10.57 1.88 37.46
CA CYS B 820 11.13 2.87 38.37
C CYS B 820 10.07 3.46 39.28
N ILE B 821 8.92 3.83 38.71
CA ILE B 821 7.85 4.40 39.53
C ILE B 821 7.28 3.37 40.49
N LEU B 822 7.20 2.10 40.04
CA LEU B 822 6.74 1.04 40.93
C LEU B 822 7.69 0.87 42.11
N ALA B 823 9.00 0.88 41.85
CA ALA B 823 9.97 0.77 42.94
C ALA B 823 9.88 1.97 43.88
N SER B 824 9.71 3.17 43.32
CA SER B 824 9.60 4.36 44.16
C SER B 824 8.37 4.30 45.04
N LEU B 825 7.23 3.87 44.49
CA LEU B 825 6.02 3.75 45.29
C LEU B 825 6.14 2.66 46.35
N ASN B 826 6.82 1.56 46.00
CA ASN B 826 7.05 0.50 47.00
C ASN B 826 7.92 1.03 48.15
N ILE B 827 8.94 1.82 47.83
CA ILE B 827 9.77 2.41 48.87
C ILE B 827 8.96 3.38 49.73
N LYS B 828 8.15 4.23 49.08
CA LYS B 828 7.33 5.18 49.82
C LYS B 828 6.30 4.46 50.70
N SER B 829 5.63 3.46 50.15
CA SER B 829 4.59 2.74 50.88
C SER B 829 5.17 1.54 51.63
N MET B 830 6.18 1.79 52.44
CA MET B 830 6.83 0.75 53.25
C MET B 830 6.98 1.26 54.67
N GLN B 831 6.60 0.43 55.64
CA GLN B 831 6.63 0.80 57.05
C GLN B 831 7.78 0.09 57.75
N PHE B 832 8.29 0.73 58.81
CA PHE B 832 9.40 0.21 59.58
C PHE B 832 9.08 0.30 61.07
N ASP B 833 9.75 -0.54 61.84
CA ASP B 833 9.57 -0.59 63.28
C ASP B 833 10.76 0.06 63.97
N ASP B 834 10.48 0.96 64.92
CA ASP B 834 11.53 1.66 65.65
C ASP B 834 12.32 0.70 66.53
N THR B 871 8.85 3.54 61.03
CA THR B 871 7.90 4.53 60.54
C THR B 871 7.65 4.37 59.06
N THR B 872 6.86 5.28 58.49
CA THR B 872 6.55 5.23 57.07
C THR B 872 7.77 5.55 56.22
N GLY B 873 7.80 5.01 55.01
CA GLY B 873 8.90 5.19 54.09
C GLY B 873 8.80 6.39 53.18
N VAL B 874 7.79 7.25 53.37
CA VAL B 874 7.66 8.43 52.52
C VAL B 874 8.82 9.39 52.77
N ASN B 875 9.31 9.47 54.01
CA ASN B 875 10.41 10.37 54.35
C ASN B 875 11.74 9.95 53.74
N ILE B 876 11.83 8.74 53.19
CA ILE B 876 13.07 8.25 52.60
C ILE B 876 13.37 9.03 51.33
N PRO B 877 14.53 9.67 51.22
CA PRO B 877 14.87 10.40 49.99
C PRO B 877 15.24 9.42 48.88
N ILE B 878 14.57 9.56 47.73
CA ILE B 878 14.77 8.68 46.59
C ILE B 878 14.96 9.53 45.34
N ILE B 879 15.87 9.09 44.47
CA ILE B 879 16.13 9.75 43.19
C ILE B 879 15.77 8.77 42.08
N THR B 880 14.90 9.20 41.17
CA THR B 880 14.37 8.35 40.11
C THR B 880 14.79 8.91 38.76
N GLU B 881 15.31 8.04 37.90
CA GLU B 881 15.67 8.41 36.54
C GLU B 881 14.47 8.18 35.63
N LEU B 882 14.00 9.24 35.00
CA LEU B 882 12.84 9.19 34.11
C LEU B 882 13.27 9.57 32.70
N VAL B 883 12.86 8.74 31.73
CA VAL B 883 13.12 9.04 30.32
C VAL B 883 11.99 9.81 29.66
N ASN B 884 10.85 9.91 30.30
CA ASN B 884 9.69 10.63 29.78
C ASN B 884 9.23 11.66 30.80
N ASP B 885 9.04 12.91 30.33
CA ASP B 885 8.62 13.99 31.21
C ASP B 885 7.14 13.93 31.56
N THR B 886 6.40 13.10 30.82
CA THR B 886 4.99 12.91 31.05
C THR B 886 4.64 11.92 32.17
N ASN B 887 5.58 11.37 32.91
CA ASN B 887 5.36 10.47 34.04
C ASN B 887 5.95 10.99 35.34
N VAL B 888 6.36 12.25 35.38
CA VAL B 888 6.96 12.80 36.59
C VAL B 888 5.92 12.93 37.71
N GLN B 889 4.69 13.28 37.34
CA GLN B 889 3.65 13.49 38.35
C GLN B 889 3.25 12.20 39.06
N PHE B 890 3.60 11.04 38.50
CA PHE B 890 3.27 9.77 39.13
C PHE B 890 4.12 9.48 40.36
N LEU B 891 5.18 10.26 40.59
CA LEU B 891 6.07 9.99 41.73
C LEU B 891 5.44 10.43 43.04
N ASP B 892 5.17 11.73 43.17
CA ASP B 892 4.62 12.29 44.40
C ASP B 892 3.09 12.31 44.29
N GLN B 893 2.45 11.29 44.85
CA GLN B 893 0.99 11.20 44.85
C GLN B 893 0.43 11.74 46.17
N ASP B 894 0.69 13.03 46.42
CA ASP B 894 0.20 13.68 47.63
C ASP B 894 -0.47 15.00 47.29
N ASP B 895 -0.08 15.62 46.19
CA ASP B 895 -0.63 16.90 45.78
C ASP B 895 -0.56 16.99 44.27
N ASP B 896 -1.72 16.97 43.61
CA ASP B 896 -1.84 17.07 42.17
C ASP B 896 -2.52 18.40 41.84
N ASP B 897 -1.70 19.43 41.63
CA ASP B 897 -2.25 20.75 41.32
C ASP B 897 -2.97 20.74 39.99
N ASP B 898 -2.38 20.13 38.97
CA ASP B 898 -2.99 20.02 37.64
C ASP B 898 -2.24 18.98 36.82
N PRO B 899 -2.96 18.09 36.11
CA PRO B 899 -2.27 17.08 35.30
C PRO B 899 -1.40 17.67 34.21
N ASP B 900 -1.78 18.81 33.63
CA ASP B 900 -1.02 19.46 32.58
C ASP B 900 -0.16 20.54 33.24
N THR B 901 1.07 20.18 33.58
CA THR B 901 2.00 21.08 34.26
C THR B 901 3.36 21.01 33.60
N GLU B 902 4.11 22.10 33.69
CA GLU B 902 5.46 22.14 33.15
C GLU B 902 6.38 21.22 33.94
N LEU B 903 7.42 20.73 33.27
CA LEU B 903 8.35 19.80 33.92
C LEU B 903 9.03 20.42 35.12
N TYR B 904 9.51 21.67 34.98
CA TYR B 904 10.18 22.32 36.09
C TYR B 904 9.20 22.70 37.20
N LEU B 905 7.98 23.09 36.83
CA LEU B 905 6.98 23.46 37.83
C LEU B 905 6.42 22.25 38.57
N THR B 906 6.64 21.05 38.06
CA THR B 906 6.12 19.85 38.72
C THR B 906 6.79 19.65 40.08
N GLN B 907 5.98 19.25 41.06
CA GLN B 907 6.49 19.11 42.42
C GLN B 907 7.60 18.07 42.55
N PRO B 908 7.48 16.85 42.00
CA PRO B 908 8.61 15.91 42.11
C PRO B 908 9.91 16.43 41.53
N PHE B 909 9.84 17.17 40.41
CA PHE B 909 11.06 17.73 39.84
C PHE B 909 11.59 18.87 40.71
N ALA B 910 10.69 19.72 41.21
CA ALA B 910 11.11 20.83 42.06
C ALA B 910 11.74 20.33 43.35
N CYS B 911 11.18 19.27 43.94
CA CYS B 911 11.75 18.69 45.15
C CYS B 911 13.06 17.96 44.90
N GLY B 912 13.42 17.71 43.65
CA GLY B 912 14.66 17.03 43.33
C GLY B 912 14.59 15.52 43.40
N THR B 913 13.43 14.94 43.73
CA THR B 913 13.30 13.50 43.83
C THR B 913 13.21 12.81 42.47
N ALA B 914 13.03 13.56 41.39
CA ALA B 914 12.93 13.01 40.05
C ALA B 914 13.89 13.72 39.12
N PHE B 915 14.55 12.96 38.25
CA PHE B 915 15.49 13.49 37.27
C PHE B 915 15.14 12.97 35.90
N ALA B 916 15.29 13.83 34.89
CA ALA B 916 14.94 13.50 33.51
C ALA B 916 16.11 13.76 32.60
N VAL B 917 16.32 12.86 31.64
CA VAL B 917 17.45 12.96 30.71
C VAL B 917 17.20 14.07 29.68
N SER B 918 15.93 14.42 29.50
CA SER B 918 15.45 15.62 28.82
C SER B 918 16.20 16.88 29.25
N VAL B 919 16.58 16.97 30.52
CA VAL B 919 17.31 18.11 31.07
C VAL B 919 18.63 18.34 30.34
N LEU B 920 19.35 17.27 29.95
CA LEU B 920 20.61 17.43 29.24
C LEU B 920 20.43 17.98 27.82
N ASP B 921 19.28 17.78 27.17
CA ASP B 921 19.01 18.40 25.86
C ASP B 921 18.96 19.93 25.94
N SER B 922 18.71 20.50 27.12
CA SER B 922 18.82 21.92 27.32
C SER B 922 20.27 22.38 27.52
N LEU B 923 21.09 21.61 28.25
CA LEU B 923 22.52 21.93 28.39
C LEU B 923 23.22 21.98 27.03
N MET B 924 22.73 21.15 26.10
CA MET B 924 23.08 21.14 24.70
C MET B 924 22.96 22.52 24.03
N SER B 925 21.99 23.36 24.42
CA SER B 925 21.90 24.74 23.94
C SER B 925 22.79 25.71 24.73
N ALA B 926 22.89 25.57 26.06
CA ALA B 926 23.59 26.51 26.90
C ALA B 926 25.07 26.56 26.53
N THR B 927 25.65 25.41 26.18
CA THR B 927 27.03 25.37 25.69
C THR B 927 27.20 26.00 24.29
N TYR B 928 26.16 26.11 23.47
CA TYR B 928 26.28 26.88 22.23
C TYR B 928 26.37 28.38 22.57
N PHE B 929 25.41 28.91 23.32
CA PHE B 929 25.36 30.33 23.65
C PHE B 929 26.50 30.77 24.57
N ASN B 930 26.99 29.90 25.45
CA ASN B 930 28.17 30.17 26.26
C ASN B 930 28.99 28.91 26.48
N ASP B 931 30.11 28.84 25.78
CA ASP B 931 31.00 27.69 25.70
C ASP B 931 31.52 27.20 27.06
N ASN B 932 31.65 28.10 28.03
CA ASN B 932 32.28 27.80 29.32
C ASN B 932 31.33 27.09 30.29
N ILE B 933 30.01 27.21 30.10
CA ILE B 933 29.01 26.67 31.02
C ILE B 933 29.18 25.17 31.19
N LEU B 934 29.36 24.43 30.10
CA LEU B 934 29.61 23.00 30.16
C LEU B 934 30.86 22.68 30.96
N THR B 935 31.94 23.44 30.80
CA THR B 935 33.16 23.14 31.56
C THR B 935 32.94 23.36 33.05
N LEU B 936 32.28 24.46 33.42
CA LEU B 936 32.01 24.72 34.82
C LEU B 936 31.14 23.64 35.44
N ILE B 937 30.07 23.24 34.76
CA ILE B 937 29.19 22.18 35.23
C ILE B 937 29.97 20.88 35.37
N ARG B 938 30.74 20.50 34.36
CA ARG B 938 31.52 19.29 34.44
C ARG B 938 32.46 19.33 35.64
N THR B 939 33.24 20.39 35.84
CA THR B 939 34.22 20.41 36.91
C THR B 939 33.56 20.51 38.29
N LEU B 940 32.36 21.09 38.36
CA LEU B 940 31.64 21.14 39.62
C LEU B 940 30.99 19.80 39.97
N VAL B 941 30.56 19.05 38.95
CA VAL B 941 29.81 17.82 39.19
C VAL B 941 30.73 16.61 39.32
N THR B 942 31.67 16.45 38.38
CA THR B 942 32.57 15.30 38.41
C THR B 942 33.57 15.36 39.56
N GLY B 943 33.69 16.50 40.24
CA GLY B 943 34.66 16.63 41.32
C GLY B 943 36.10 16.52 40.84
N GLY B 944 36.43 17.19 39.75
CA GLY B 944 37.75 17.11 39.19
C GLY B 944 37.74 16.71 37.72
N ALA B 945 38.24 15.52 37.43
CA ALA B 945 38.29 14.95 36.08
C ALA B 945 39.05 15.86 35.09
N THR B 946 40.31 16.18 35.42
CA THR B 946 41.13 17.03 34.58
C THR B 946 41.41 16.33 33.24
N PRO B 947 41.68 17.09 32.18
CA PRO B 947 41.97 16.45 30.88
C PRO B 947 43.15 15.51 30.92
N GLU B 948 44.18 15.83 31.70
CA GLU B 948 45.29 14.90 31.86
C GLU B 948 44.83 13.62 32.55
N LEU B 949 43.98 13.75 33.56
CA LEU B 949 43.42 12.57 34.22
C LEU B 949 42.55 11.78 33.25
N GLU B 950 41.75 12.46 32.42
CA GLU B 950 40.92 11.83 31.41
C GLU B 950 41.78 11.06 30.40
N ALA B 951 42.91 11.63 29.98
CA ALA B 951 43.86 10.95 29.13
C ALA B 951 44.44 9.71 29.83
N LEU B 952 44.87 9.84 31.08
CA LEU B 952 45.43 8.72 31.83
C LEU B 952 44.42 7.58 31.96
N ILE B 953 43.15 7.92 32.22
CA ILE B 953 42.04 6.95 32.24
C ILE B 953 41.87 6.34 30.84
N ALA B 954 41.86 7.15 29.79
CA ALA B 954 41.71 6.65 28.43
C ALA B 954 42.83 5.67 28.01
N GLU B 955 44.03 5.83 28.55
CA GLU B 955 45.18 5.01 28.15
C GLU B 955 45.05 3.58 28.64
N GLU B 956 44.27 3.32 29.69
CA GLU B 956 44.13 1.96 30.20
C GLU B 956 42.69 1.58 30.56
N ASN B 957 41.72 2.47 30.38
CA ASN B 957 40.31 2.32 30.77
C ASN B 957 40.11 1.90 32.23
N ALA B 958 41.03 2.30 33.11
CA ALA B 958 41.03 1.92 34.51
C ALA B 958 41.79 2.99 35.31
N LEU B 959 41.71 2.86 36.63
CA LEU B 959 42.41 3.76 37.54
C LEU B 959 43.56 3.01 38.20
N ARG B 960 44.75 3.62 38.17
CA ARG B 960 45.94 3.05 38.78
C ARG B 960 46.31 3.86 40.02
N GLY B 961 46.52 3.17 41.13
CA GLY B 961 46.83 3.85 42.37
C GLY B 961 48.21 4.48 42.35
N GLY B 962 48.32 5.65 42.97
CA GLY B 962 49.58 6.35 43.08
C GLY B 962 50.17 6.27 44.47
N TYR B 963 50.95 7.29 44.84
CA TYR B 963 51.57 7.36 46.16
C TYR B 963 51.37 8.75 46.75
N SER B 964 51.40 8.82 48.07
CA SER B 964 51.18 10.07 48.78
C SER B 964 52.40 10.98 48.61
N THR B 965 52.22 12.09 47.89
CA THR B 965 53.24 13.08 47.66
C THR B 965 52.69 14.45 48.02
N PRO B 966 53.56 15.41 48.35
CA PRO B 966 53.06 16.73 48.75
C PRO B 966 52.18 17.39 47.71
N GLN B 967 52.48 17.20 46.42
CA GLN B 967 51.60 17.74 45.38
C GLN B 967 50.28 16.98 45.33
N THR B 968 50.32 15.67 45.57
CA THR B 968 49.10 14.88 45.58
C THR B 968 48.17 15.29 46.72
N LEU B 969 48.74 15.45 47.93
CA LEU B 969 47.93 15.86 49.07
C LEU B 969 47.37 17.26 48.88
N ALA B 970 48.17 18.17 48.31
CA ALA B 970 47.68 19.52 48.05
C ALA B 970 46.70 19.58 46.89
N ASN B 971 46.65 18.52 46.07
CA ASN B 971 45.74 18.52 44.93
C ASN B 971 44.28 18.47 45.37
N ARG B 972 43.99 17.76 46.46
CA ARG B 972 42.62 17.62 46.94
C ARG B 972 42.24 18.76 47.88
N ASP B 973 42.44 20.00 47.41
CA ASP B 973 42.13 21.19 48.19
C ASP B 973 40.89 21.92 47.65
N ARG B 974 40.15 21.30 46.74
CA ARG B 974 38.97 21.93 46.16
C ARG B 974 37.80 21.88 47.13
N CYS B 975 36.66 22.39 46.68
CA CYS B 975 35.45 22.47 47.50
C CYS B 975 34.49 21.33 47.17
N ARG B 976 33.78 20.87 48.19
CA ARG B 976 32.81 19.80 48.06
C ARG B 976 31.41 20.33 48.31
N VAL B 977 30.45 19.89 47.50
CA VAL B 977 29.07 20.32 47.66
C VAL B 977 28.44 19.59 48.84
N ALA B 978 27.79 20.34 49.71
CA ALA B 978 27.16 19.76 50.90
C ALA B 978 25.96 20.61 51.29
N GLN B 979 25.24 20.16 52.32
CA GLN B 979 24.12 20.88 52.88
C GLN B 979 24.31 21.02 54.38
N LEU B 980 23.90 22.17 54.92
CA LEU B 980 23.97 22.39 56.37
C LEU B 980 22.64 22.94 56.87
N ALA B 981 22.33 22.61 58.12
CA ALA B 981 21.10 23.04 58.77
C ALA B 981 21.40 24.07 59.85
N LEU B 982 20.45 24.97 60.07
CA LEU B 982 20.58 26.01 61.08
C LEU B 982 19.95 25.64 62.41
N LEU B 983 19.44 24.41 62.54
CA LEU B 983 18.82 24.00 63.80
C LEU B 983 19.84 23.97 64.93
N ASP B 984 21.04 23.45 64.67
CA ASP B 984 22.07 23.34 65.70
C ASP B 984 23.44 23.79 65.21
N GLY B 985 23.51 24.42 64.04
CA GLY B 985 24.78 24.88 63.53
C GLY B 985 25.23 26.17 64.17
N PRO B 986 26.40 26.65 63.74
CA PRO B 986 26.91 27.92 64.28
C PRO B 986 26.01 29.11 64.00
N PHE B 987 25.21 29.05 62.94
CA PHE B 987 24.30 30.13 62.57
C PHE B 987 22.91 29.96 63.16
N ALA B 988 22.78 29.20 64.26
CA ALA B 988 21.47 28.95 64.84
C ALA B 988 20.81 30.24 65.30
N ASP B 989 21.59 31.15 65.90
CA ASP B 989 21.05 32.45 66.29
C ASP B 989 20.54 33.22 65.09
N LEU B 990 21.13 33.00 63.92
CA LEU B 990 20.66 33.62 62.68
C LEU B 990 19.68 32.73 61.93
N GLY B 991 19.34 31.56 62.47
CA GLY B 991 18.42 30.67 61.78
C GLY B 991 17.02 31.23 61.67
N ASP B 992 16.54 31.89 62.72
CA ASP B 992 15.19 32.44 62.76
C ASP B 992 15.25 33.96 62.64
N GLY B 993 14.46 34.50 61.72
CA GLY B 993 14.42 35.94 61.52
C GLY B 993 15.74 36.55 61.07
N GLY B 994 16.43 35.88 60.16
CA GLY B 994 17.71 36.35 59.66
C GLY B 994 17.70 36.47 58.15
N CYS B 995 18.36 37.50 57.64
CA CYS B 995 18.47 37.70 56.20
C CYS B 995 19.42 36.69 55.59
N TYR B 996 19.11 36.25 54.38
CA TYR B 996 19.92 35.30 53.72
C TYR B 996 21.26 35.94 53.50
N GLY B 997 21.32 37.19 52.95
CA GLY B 997 22.57 37.84 52.60
C GLY B 997 23.53 37.95 53.77
N ASP B 998 23.00 38.27 54.96
CA ASP B 998 23.84 38.33 56.15
C ASP B 998 24.43 36.97 56.46
N LEU B 999 23.63 35.90 56.35
CA LEU B 999 24.13 34.56 56.58
C LEU B 999 25.23 34.19 55.59
N PHE B 1000 25.02 34.52 54.31
CA PHE B 1000 26.02 34.24 53.29
C PHE B 1000 27.32 34.99 53.57
N CYS B 1001 27.22 36.28 53.91
CA CYS B 1001 28.41 37.05 54.20
C CYS B 1001 29.15 36.51 55.42
N LYS B 1002 28.41 36.16 56.47
CA LYS B 1002 29.04 35.61 57.67
C LYS B 1002 29.76 34.31 57.36
N ALA B 1003 29.10 33.40 56.63
CA ALA B 1003 29.72 32.12 56.31
C ALA B 1003 30.95 32.31 55.45
N LEU B 1004 30.88 33.16 54.43
CA LEU B 1004 32.02 33.37 53.55
C LEU B 1004 33.18 34.05 54.27
N LYS B 1005 32.88 34.98 55.19
CA LYS B 1005 33.95 35.65 55.93
C LYS B 1005 34.57 34.76 56.98
N THR B 1006 33.81 33.86 57.59
CA THR B 1006 34.34 33.03 58.67
C THR B 1006 34.96 31.74 58.16
N TYR B 1007 34.16 30.89 57.51
CA TYR B 1007 34.61 29.57 57.10
C TYR B 1007 35.00 29.51 55.63
N ASN B 1008 35.01 30.63 54.93
CA ASN B 1008 35.27 30.68 53.49
C ASN B 1008 34.32 29.74 52.75
N MET B 1009 33.06 29.72 53.20
CA MET B 1009 32.05 28.82 52.67
C MET B 1009 31.09 29.61 51.79
N LEU B 1010 30.97 29.20 50.53
CA LEU B 1010 30.08 29.85 49.59
C LEU B 1010 28.65 29.38 49.84
N CYS B 1011 27.84 30.24 50.45
CA CYS B 1011 26.46 29.89 50.79
C CYS B 1011 25.62 29.87 49.51
N PHE B 1012 25.18 28.70 49.10
CA PHE B 1012 24.38 28.53 47.90
C PHE B 1012 22.91 28.68 48.27
N GLY B 1013 22.01 28.31 47.35
CA GLY B 1013 20.58 28.47 47.56
C GLY B 1013 20.01 27.73 48.76
N ILE B 1014 18.71 27.89 49.00
CA ILE B 1014 18.03 27.36 50.18
C ILE B 1014 17.11 26.23 49.74
N TYR B 1015 17.25 25.07 50.41
CA TYR B 1015 16.37 23.93 50.19
C TYR B 1015 15.20 24.00 51.17
N ARG B 1016 14.38 25.03 50.98
CA ARG B 1016 13.31 25.33 51.91
C ARG B 1016 12.25 24.23 51.91
N LEU B 1017 11.73 23.92 53.10
CA LEU B 1017 10.67 22.94 53.24
C LEU B 1017 9.41 23.45 52.55
N ARG B 1018 8.68 22.52 51.92
CA ARG B 1018 7.48 22.91 51.18
C ARG B 1018 6.42 23.49 52.10
N ASP B 1019 6.18 22.85 53.24
CA ASP B 1019 5.19 23.33 54.21
C ASP B 1019 5.85 24.17 55.29
N ALA B 1020 6.50 25.26 54.85
CA ALA B 1020 7.15 26.20 55.75
C ALA B 1020 6.39 27.50 55.90
N HIS B 1021 5.90 28.08 54.80
CA HIS B 1021 5.15 29.33 54.89
C HIS B 1021 3.82 29.12 55.61
N LEU B 1022 3.17 27.98 55.38
CA LEU B 1022 1.90 27.71 56.03
C LEU B 1022 2.09 27.55 57.54
N SER B 1023 1.14 28.09 58.30
CA SER B 1023 1.20 28.00 59.75
C SER B 1023 0.66 26.68 60.28
N THR B 1024 -0.01 25.89 59.45
CA THR B 1024 -0.51 24.60 59.89
C THR B 1024 0.66 23.64 60.12
N PRO B 1025 0.72 22.96 61.27
CA PRO B 1025 1.83 22.03 61.53
C PRO B 1025 1.78 20.80 60.65
N SER B 1026 2.08 20.95 59.36
CA SER B 1026 2.08 19.82 58.45
C SER B 1026 3.28 18.92 58.73
N GLN B 1027 3.07 17.61 58.60
CA GLN B 1027 4.10 16.62 58.84
C GLN B 1027 4.87 16.23 57.60
N CYS B 1028 4.57 16.85 56.45
CA CYS B 1028 5.29 16.53 55.23
C CYS B 1028 6.73 17.03 55.30
N THR B 1029 7.67 16.15 54.97
CA THR B 1029 9.09 16.47 55.02
C THR B 1029 9.66 16.84 53.66
N LYS B 1030 8.84 16.89 52.62
CA LYS B 1030 9.34 17.25 51.30
C LYS B 1030 9.74 18.72 51.26
N ARG B 1031 10.85 19.00 50.58
CA ARG B 1031 11.38 20.35 50.47
C ARG B 1031 11.62 20.67 49.01
N TYR B 1032 11.68 21.96 48.70
CA TYR B 1032 11.93 22.45 47.35
C TYR B 1032 13.10 23.40 47.35
N VAL B 1033 13.81 23.44 46.23
CA VAL B 1033 15.04 24.23 46.10
C VAL B 1033 14.70 25.65 45.71
N ILE B 1034 15.40 26.61 46.31
CA ILE B 1034 15.33 28.02 45.95
C ILE B 1034 16.72 28.43 45.50
N THR B 1035 16.84 28.87 44.25
CA THR B 1035 18.14 29.16 43.65
C THR B 1035 18.50 30.62 43.86
N ASN B 1036 19.58 30.86 44.61
CA ASN B 1036 20.14 32.19 44.85
C ASN B 1036 19.08 33.17 45.35
N PRO B 1037 18.61 33.03 46.60
CA PRO B 1037 17.68 34.01 47.13
C PRO B 1037 18.36 35.36 47.31
N PRO B 1038 17.61 36.46 47.25
CA PRO B 1038 18.22 37.79 47.34
C PRO B 1038 18.77 38.10 48.73
N TYR B 1039 19.40 39.28 48.86
CA TYR B 1039 19.97 39.67 50.15
C TYR B 1039 18.90 39.82 51.21
N GLU B 1040 17.76 40.43 50.87
CA GLU B 1040 16.70 40.70 51.83
C GLU B 1040 15.87 39.46 52.14
N PHE B 1041 16.09 38.35 51.45
CA PHE B 1041 15.32 37.14 51.68
C PHE B 1041 15.56 36.61 53.10
N GLU B 1042 14.48 36.20 53.76
CA GLU B 1042 14.55 35.65 55.10
C GLU B 1042 14.20 34.17 55.07
N LEU B 1043 14.85 33.40 55.94
CA LEU B 1043 14.68 31.96 55.99
C LEU B 1043 14.35 31.52 57.41
N VAL B 1044 13.48 30.52 57.51
CA VAL B 1044 13.08 29.96 58.80
C VAL B 1044 14.20 29.06 59.31
N PRO B 1045 14.29 28.80 60.62
CA PRO B 1045 15.37 27.93 61.12
C PRO B 1045 15.34 26.53 60.56
N THR B 1046 14.15 25.99 60.25
CA THR B 1046 14.05 24.64 59.72
C THR B 1046 14.25 24.60 58.20
N ASP B 1047 15.36 25.18 57.74
CA ASP B 1047 15.71 25.20 56.34
C ASP B 1047 17.15 24.78 56.15
N LEU B 1048 17.37 23.92 55.15
CA LEU B 1048 18.71 23.52 54.76
C LEU B 1048 19.27 24.52 53.76
N ILE B 1049 20.60 24.68 53.76
CA ILE B 1049 21.27 25.56 52.82
C ILE B 1049 22.42 24.79 52.18
N PHE B 1050 22.51 24.88 50.85
CA PHE B 1050 23.62 24.30 50.12
C PHE B 1050 24.89 25.11 50.35
N CYS B 1051 26.03 24.45 50.18
CA CYS B 1051 27.30 25.10 50.43
C CYS B 1051 28.41 24.36 49.69
N LEU B 1052 29.53 25.05 49.51
CA LEU B 1052 30.73 24.49 48.89
C LEU B 1052 31.82 24.55 49.96
N MET B 1053 31.90 23.49 50.77
CA MET B 1053 32.84 23.46 51.88
C MET B 1053 34.27 23.27 51.39
N GLN B 1054 35.21 23.76 52.18
CA GLN B 1054 36.63 23.62 51.89
C GLN B 1054 37.10 22.24 52.35
N PHE B 1055 38.40 22.02 52.32
CA PHE B 1055 39.00 20.75 52.74
C PHE B 1055 40.03 21.00 53.83
N ASP B 1056 40.10 20.09 54.79
CA ASP B 1056 41.04 20.21 55.90
C ASP B 1056 41.48 18.84 56.39
N GLN C 19 -48.82 -2.23 -42.20
CA GLN C 19 -48.89 -3.59 -41.61
C GLN C 19 -48.56 -3.51 -40.11
N ARG C 20 -49.36 -4.18 -39.24
CA ARG C 20 -49.23 -4.13 -37.76
C ARG C 20 -48.75 -5.43 -37.09
N MET C 21 -48.56 -6.52 -37.84
CA MET C 21 -48.24 -7.86 -37.29
C MET C 21 -46.88 -8.01 -36.60
N TRP C 22 -46.03 -6.98 -36.58
CA TRP C 22 -44.75 -6.97 -35.86
C TRP C 22 -44.85 -7.33 -34.37
N TRP C 23 -46.02 -7.18 -33.73
CA TRP C 23 -46.21 -7.64 -32.35
C TRP C 23 -46.04 -9.16 -32.19
N ALA C 24 -46.41 -9.93 -33.21
CA ALA C 24 -46.38 -11.39 -33.17
C ALA C 24 -44.95 -11.96 -33.10
N PHE C 25 -43.97 -11.24 -33.62
CA PHE C 25 -42.57 -11.67 -33.64
C PHE C 25 -42.02 -11.73 -32.21
N LEU C 26 -42.14 -10.62 -31.46
CA LEU C 26 -41.72 -10.58 -30.06
C LEU C 26 -42.60 -11.48 -29.20
N ALA C 27 -43.90 -11.53 -29.48
CA ALA C 27 -44.80 -12.46 -28.81
C ALA C 27 -44.29 -13.89 -28.95
N SER C 28 -43.93 -14.35 -30.15
CA SER C 28 -43.42 -15.72 -30.36
C SER C 28 -42.17 -16.03 -29.54
N SER C 29 -41.29 -15.05 -29.30
CA SER C 29 -40.19 -15.25 -28.36
C SER C 29 -40.70 -15.40 -26.92
N MET C 30 -41.43 -14.40 -26.44
CA MET C 30 -41.96 -14.43 -25.08
C MET C 30 -42.79 -15.68 -24.80
N VAL C 31 -43.53 -16.13 -25.80
CA VAL C 31 -44.38 -17.32 -25.63
C VAL C 31 -43.56 -18.58 -25.36
N THR C 32 -42.42 -18.72 -26.03
CA THR C 32 -41.57 -19.89 -25.83
C THR C 32 -40.87 -19.81 -24.48
N PHE C 33 -40.60 -18.59 -24.03
CA PHE C 33 -39.96 -18.39 -22.74
C PHE C 33 -40.93 -18.78 -21.63
N PHE C 34 -42.16 -18.30 -21.79
CA PHE C 34 -43.23 -18.54 -20.84
C PHE C 34 -43.33 -20.02 -20.54
N GLY C 35 -43.55 -20.87 -21.58
CA GLY C 35 -43.68 -22.32 -21.47
C GLY C 35 -42.46 -22.92 -20.79
N GLY C 36 -41.30 -22.37 -21.11
CA GLY C 36 -40.05 -22.83 -20.52
C GLY C 36 -39.97 -22.65 -19.02
N LEU C 37 -40.32 -21.47 -18.52
CA LEU C 37 -40.26 -21.22 -17.08
C LEU C 37 -41.39 -21.92 -16.33
N PHE C 38 -42.56 -22.12 -16.93
CA PHE C 38 -43.62 -22.80 -16.20
C PHE C 38 -43.43 -24.32 -16.04
N ILE C 39 -43.17 -25.00 -17.16
CA ILE C 39 -43.25 -26.45 -17.20
C ILE C 39 -42.04 -27.11 -16.56
N ILE C 40 -40.84 -26.56 -16.78
CA ILE C 40 -39.60 -27.17 -16.28
C ILE C 40 -39.53 -27.20 -14.74
N LEU C 41 -40.20 -26.25 -14.07
CA LEU C 41 -40.34 -26.16 -12.63
C LEU C 41 -41.53 -26.99 -12.12
N LEU C 42 -42.66 -26.98 -12.82
CA LEU C 42 -43.84 -27.79 -12.49
C LEU C 42 -43.53 -29.31 -12.48
N TRP C 43 -42.57 -29.73 -13.30
CA TRP C 43 -42.20 -31.15 -13.37
C TRP C 43 -41.55 -31.67 -12.08
N ARG C 44 -40.87 -30.79 -11.35
CA ARG C 44 -40.20 -31.19 -10.10
C ARG C 44 -41.02 -30.76 -8.88
N THR C 45 -42.15 -31.42 -8.70
CA THR C 45 -43.05 -31.20 -7.59
C THR C 45 -43.77 -32.52 -7.34
N LEU C 46 -44.24 -32.70 -6.09
CA LEU C 46 -44.95 -33.88 -5.58
C LEU C 46 -44.11 -35.18 -5.63
N LYS C 47 -43.45 -35.51 -4.51
CA LYS C 47 -42.62 -36.71 -4.41
C LYS C 47 -43.34 -37.95 -4.91
N TYR C 48 -44.56 -38.17 -4.45
CA TYR C 48 -45.35 -39.31 -4.88
C TYR C 48 -45.77 -39.06 -6.33
N LEU C 49 -45.22 -39.82 -7.29
CA LEU C 49 -45.57 -39.65 -8.69
C LEU C 49 -47.08 -39.76 -8.87
N TRP C 50 -47.65 -40.86 -8.38
CA TRP C 50 -49.10 -41.03 -8.46
C TRP C 50 -49.75 -41.68 -7.21
N THR C 51 -49.24 -42.81 -6.71
CA THR C 51 -49.76 -43.54 -5.53
C THR C 51 -51.30 -43.67 -5.45
N VAL C 52 -52.02 -42.60 -5.11
CA VAL C 52 -53.49 -42.66 -5.07
C VAL C 52 -54.12 -41.30 -5.26
N TRP C 93 -33.66 -45.37 -21.48
CA TRP C 93 -33.47 -44.69 -22.76
C TRP C 93 -33.01 -43.26 -22.55
N MET C 94 -33.46 -42.64 -21.45
CA MET C 94 -33.08 -41.26 -21.16
C MET C 94 -31.58 -41.15 -20.92
N THR C 95 -31.01 -42.11 -20.19
CA THR C 95 -29.57 -42.05 -19.92
C THR C 95 -28.75 -42.14 -21.20
N SER C 96 -29.16 -43.02 -22.13
CA SER C 96 -28.40 -43.19 -23.37
C SER C 96 -28.41 -41.91 -24.20
N VAL C 97 -29.57 -41.30 -24.37
CA VAL C 97 -29.66 -40.08 -25.17
C VAL C 97 -28.95 -38.93 -24.48
N LYS C 98 -29.04 -38.87 -23.14
CA LYS C 98 -28.32 -37.82 -22.41
C LYS C 98 -26.81 -37.96 -22.59
N ASP C 99 -26.30 -39.20 -22.51
CA ASP C 99 -24.88 -39.42 -22.72
C ASP C 99 -24.46 -39.10 -24.15
N TRP C 100 -25.30 -39.48 -25.13
CA TRP C 100 -24.98 -39.17 -26.51
C TRP C 100 -24.97 -37.67 -26.77
N ALA C 101 -25.84 -36.92 -26.09
CA ALA C 101 -25.85 -35.47 -26.24
C ALA C 101 -24.66 -34.83 -25.54
N GLY C 102 -24.31 -35.32 -24.35
CA GLY C 102 -23.26 -34.72 -23.55
C GLY C 102 -21.85 -35.15 -23.87
N VAL C 103 -21.66 -36.19 -24.68
CA VAL C 103 -20.30 -36.63 -25.01
C VAL C 103 -19.63 -35.59 -25.90
N MET C 104 -20.41 -34.99 -26.81
CA MET C 104 -19.97 -33.91 -27.70
C MET C 104 -19.85 -32.57 -26.97
N ILE C 105 -20.68 -32.32 -25.96
CA ILE C 105 -20.69 -30.99 -25.32
C ILE C 105 -19.44 -30.70 -24.48
N SER C 106 -18.56 -31.69 -24.24
CA SER C 106 -17.36 -31.48 -23.43
C SER C 106 -16.41 -30.48 -24.09
N ALA C 107 -15.97 -29.48 -23.32
CA ALA C 107 -15.02 -28.48 -23.80
C ALA C 107 -13.62 -29.08 -24.05
N GLN C 108 -13.26 -30.16 -23.34
CA GLN C 108 -11.96 -30.79 -23.52
C GLN C 108 -11.93 -31.72 -24.73
N THR C 109 -13.09 -32.27 -25.08
CA THR C 109 -13.19 -33.16 -26.23
C THR C 109 -12.98 -32.40 -27.54
N LEU C 110 -12.46 -33.03 -28.59
CA LEU C 110 -12.23 -32.34 -29.88
C LEU C 110 -13.55 -31.93 -30.56
N THR C 111 -14.55 -32.81 -30.53
CA THR C 111 -15.88 -32.54 -31.10
C THR C 111 -16.58 -31.34 -30.43
N GLY C 112 -16.44 -31.18 -29.12
CA GLY C 112 -17.02 -30.04 -28.42
C GLY C 112 -16.30 -28.73 -28.68
N ARG C 113 -14.96 -28.71 -28.63
CA ARG C 113 -14.24 -27.48 -28.94
C ARG C 113 -14.52 -26.99 -30.36
N VAL C 114 -14.62 -27.88 -31.35
CA VAL C 114 -14.89 -27.46 -32.73
C VAL C 114 -16.34 -27.05 -32.98
N LEU C 115 -17.35 -27.66 -32.32
CA LEU C 115 -18.71 -27.11 -32.40
C LEU C 115 -18.83 -25.76 -31.67
N VAL C 116 -18.09 -25.53 -30.58
CA VAL C 116 -18.09 -24.21 -29.91
C VAL C 116 -17.48 -23.13 -30.79
N VAL C 117 -16.44 -23.43 -31.57
CA VAL C 117 -15.97 -22.49 -32.62
C VAL C 117 -17.10 -22.19 -33.61
N LEU C 118 -17.89 -23.20 -33.93
CA LEU C 118 -19.00 -23.08 -34.88
C LEU C 118 -20.11 -22.14 -34.39
N VAL C 119 -20.61 -22.38 -33.18
CA VAL C 119 -21.66 -21.50 -32.62
C VAL C 119 -21.20 -20.05 -32.60
N PHE C 120 -19.91 -19.82 -32.32
CA PHE C 120 -19.30 -18.50 -32.30
C PHE C 120 -19.18 -17.89 -33.71
N ALA C 121 -18.71 -18.65 -34.68
CA ALA C 121 -18.60 -18.18 -36.07
C ALA C 121 -19.98 -17.88 -36.67
N LEU C 122 -20.98 -18.74 -36.44
CA LEU C 122 -22.34 -18.50 -36.91
C LEU C 122 -22.97 -17.31 -36.19
N SER C 123 -22.65 -17.11 -34.91
CA SER C 123 -23.09 -15.92 -34.17
C SER C 123 -22.57 -14.64 -34.80
N ILE C 124 -21.28 -14.56 -35.12
CA ILE C 124 -20.74 -13.40 -35.83
C ILE C 124 -21.41 -13.23 -37.18
N GLY C 125 -21.64 -14.31 -37.93
CA GLY C 125 -22.35 -14.25 -39.22
C GLY C 125 -23.76 -13.67 -39.10
N ALA C 126 -24.49 -14.03 -38.04
CA ALA C 126 -25.79 -13.46 -37.72
C ALA C 126 -25.69 -11.96 -37.39
N LEU C 127 -24.61 -11.51 -36.75
CA LEU C 127 -24.38 -10.07 -36.53
C LEU C 127 -24.00 -9.33 -37.81
N VAL C 128 -23.18 -9.91 -38.68
CA VAL C 128 -22.84 -9.28 -39.95
C VAL C 128 -24.09 -8.97 -40.77
N ILE C 129 -24.99 -9.95 -40.91
CA ILE C 129 -26.22 -9.74 -41.66
C ILE C 129 -27.16 -8.81 -40.91
N TYR C 130 -27.14 -8.85 -39.58
CA TYR C 130 -27.86 -7.84 -38.78
C TYR C 130 -27.39 -6.42 -39.09
N PHE C 131 -26.08 -6.20 -39.16
CA PHE C 131 -25.56 -4.89 -39.52
C PHE C 131 -25.96 -4.50 -40.94
N ILE C 132 -26.02 -5.44 -41.89
CA ILE C 132 -26.54 -5.17 -43.23
C ILE C 132 -27.99 -4.66 -43.14
N ASP C 133 -28.94 -5.44 -42.67
CA ASP C 133 -30.34 -4.95 -42.70
C ASP C 133 -30.66 -3.81 -41.76
N SER C 134 -30.09 -3.82 -40.57
CA SER C 134 -30.32 -2.68 -39.68
C SER C 134 -29.92 -1.34 -40.30
N SER C 135 -29.04 -1.34 -41.30
CA SER C 135 -28.60 -0.14 -42.00
C SER C 135 -29.56 0.35 -43.09
N ASN C 136 -30.58 -0.42 -43.44
CA ASN C 136 -31.59 -0.03 -44.42
C ASN C 136 -32.63 0.97 -43.87
N PRO C 137 -33.39 1.64 -44.74
CA PRO C 137 -34.64 2.32 -44.38
C PRO C 137 -35.64 1.41 -43.64
N ILE C 138 -36.65 2.01 -43.03
CA ILE C 138 -37.68 1.30 -42.26
C ILE C 138 -38.57 0.38 -43.13
N GLU C 139 -38.78 0.71 -44.40
CA GLU C 139 -39.43 -0.13 -45.40
C GLU C 139 -38.71 -0.08 -46.76
N SER C 140 -38.65 -1.21 -47.44
CA SER C 140 -38.00 -1.39 -48.76
C SER C 140 -38.75 -2.45 -49.57
N CYS C 141 -38.61 -2.48 -50.90
CA CYS C 141 -39.29 -3.55 -51.63
C CYS C 141 -38.48 -4.84 -51.50
N GLN C 142 -38.81 -5.66 -50.50
CA GLN C 142 -38.12 -6.92 -50.27
C GLN C 142 -38.68 -8.05 -51.12
N ASN C 143 -38.10 -8.30 -52.29
CA ASN C 143 -38.58 -9.38 -53.16
C ASN C 143 -37.50 -10.02 -54.04
N PHE C 144 -36.91 -9.23 -54.94
CA PHE C 144 -35.89 -9.74 -55.86
C PHE C 144 -34.52 -9.88 -55.20
N TYR C 145 -34.28 -9.13 -54.13
CA TYR C 145 -33.00 -9.19 -53.44
C TYR C 145 -33.13 -8.75 -51.99
N LYS C 146 -33.61 -9.69 -51.17
CA LYS C 146 -33.79 -9.48 -49.74
C LYS C 146 -32.62 -10.09 -48.96
N ASP C 147 -31.47 -9.46 -49.05
CA ASP C 147 -30.28 -9.87 -48.29
C ASP C 147 -29.97 -11.38 -48.42
N PHE C 148 -29.86 -11.86 -49.65
CA PHE C 148 -29.67 -13.27 -50.01
C PHE C 148 -30.79 -14.19 -49.49
N THR C 149 -32.03 -13.67 -49.44
CA THR C 149 -33.31 -14.42 -49.30
C THR C 149 -33.56 -15.12 -47.95
N LEU C 150 -34.76 -15.70 -47.82
CA LEU C 150 -35.16 -16.51 -46.67
C LEU C 150 -34.21 -17.68 -46.35
N GLN C 151 -33.40 -18.12 -47.31
CA GLN C 151 -32.46 -19.22 -47.10
C GLN C 151 -31.39 -18.85 -46.07
N ILE C 152 -30.68 -17.73 -46.24
CA ILE C 152 -29.70 -17.31 -45.21
C ILE C 152 -30.42 -16.83 -43.95
N ASP C 153 -31.65 -16.30 -44.06
CA ASP C 153 -32.44 -15.96 -42.88
C ASP C 153 -32.66 -17.18 -41.98
N MET C 154 -33.03 -18.33 -42.54
CA MET C 154 -33.23 -19.54 -41.74
C MET C 154 -31.90 -20.23 -41.37
N ALA C 155 -30.87 -20.18 -42.23
CA ALA C 155 -29.72 -21.08 -42.13
C ALA C 155 -29.03 -21.12 -40.75
N PHE C 156 -28.76 -19.94 -40.17
CA PHE C 156 -28.07 -19.85 -38.88
C PHE C 156 -28.94 -20.37 -37.73
N ASN C 157 -30.22 -19.99 -37.69
CA ASN C 157 -31.14 -20.40 -36.63
C ASN C 157 -31.71 -21.81 -36.82
N VAL C 158 -31.69 -22.38 -38.02
CA VAL C 158 -31.88 -23.83 -38.20
C VAL C 158 -30.82 -24.59 -37.42
N PHE C 159 -29.57 -24.12 -37.43
CA PHE C 159 -28.53 -24.65 -36.55
C PHE C 159 -28.77 -24.25 -35.08
N PHE C 160 -29.00 -22.98 -34.75
CA PHE C 160 -29.15 -22.61 -33.33
C PHE C 160 -30.36 -23.25 -32.67
N LEU C 161 -31.46 -23.51 -33.38
CA LEU C 161 -32.62 -24.21 -32.84
C LEU C 161 -32.30 -25.67 -32.55
N LEU C 162 -31.59 -26.33 -33.47
CA LEU C 162 -31.03 -27.66 -33.25
C LEU C 162 -30.05 -27.65 -32.07
N TYR C 163 -29.21 -26.63 -31.95
CA TYR C 163 -28.25 -26.51 -30.85
C TYR C 163 -28.92 -26.15 -29.52
N PHE C 164 -30.04 -25.42 -29.53
CA PHE C 164 -30.88 -25.17 -28.35
C PHE C 164 -31.58 -26.47 -27.90
N GLY C 165 -32.12 -27.24 -28.85
CA GLY C 165 -32.64 -28.59 -28.59
C GLY C 165 -31.56 -29.51 -28.04
N LEU C 166 -30.39 -29.54 -28.70
CA LEU C 166 -29.22 -30.26 -28.22
C LEU C 166 -28.86 -29.80 -26.81
N ARG C 167 -28.77 -28.49 -26.52
CA ARG C 167 -28.51 -28.01 -25.16
C ARG C 167 -29.60 -28.44 -24.18
N PHE C 168 -30.86 -28.52 -24.57
CA PHE C 168 -31.92 -28.96 -23.67
C PHE C 168 -31.90 -30.47 -23.41
N ILE C 169 -31.76 -31.32 -24.43
CA ILE C 169 -31.57 -32.76 -24.20
C ILE C 169 -30.20 -33.03 -23.57
N ALA C 170 -29.22 -32.12 -23.75
CA ALA C 170 -27.91 -32.29 -23.12
C ALA C 170 -27.93 -31.75 -21.69
N ALA C 171 -28.97 -30.99 -21.36
CA ALA C 171 -29.11 -30.42 -20.02
C ALA C 171 -29.02 -31.49 -18.95
N ASN C 172 -28.27 -31.21 -17.89
CA ASN C 172 -28.09 -32.14 -16.79
C ASN C 172 -28.74 -31.66 -15.49
N ASP C 173 -29.33 -30.46 -15.46
CA ASP C 173 -30.01 -30.00 -14.25
C ASP C 173 -31.22 -29.15 -14.66
N LYS C 174 -31.98 -29.68 -15.62
CA LYS C 174 -33.15 -29.07 -16.25
C LYS C 174 -33.36 -27.56 -16.07
N LEU C 175 -33.83 -27.13 -14.91
CA LEU C 175 -34.14 -25.73 -14.70
C LEU C 175 -32.92 -24.82 -14.81
N TRP C 176 -31.78 -25.31 -14.32
CA TRP C 176 -30.57 -24.48 -14.32
C TRP C 176 -30.05 -24.25 -15.72
N PHE C 177 -30.26 -25.24 -16.58
CA PHE C 177 -29.90 -25.14 -17.96
C PHE C 177 -30.70 -23.99 -18.56
N TRP C 178 -31.97 -23.87 -18.25
CA TRP C 178 -32.81 -22.79 -18.82
C TRP C 178 -32.46 -21.39 -18.31
N LEU C 179 -32.08 -21.33 -17.04
CA LEU C 179 -31.72 -20.07 -16.37
C LEU C 179 -30.24 -19.66 -16.48
N GLU C 180 -29.39 -20.45 -17.14
CA GLU C 180 -28.07 -19.98 -17.59
C GLU C 180 -28.25 -18.80 -18.55
N VAL C 181 -27.55 -17.69 -18.32
CA VAL C 181 -27.63 -16.50 -19.18
C VAL C 181 -27.28 -16.79 -20.64
N ASN C 182 -26.40 -17.76 -20.86
CA ASN C 182 -26.03 -18.26 -22.18
C ASN C 182 -27.20 -18.94 -22.91
N SER C 183 -28.15 -19.53 -22.18
CA SER C 183 -29.37 -20.11 -22.73
C SER C 183 -30.46 -19.08 -22.98
N VAL C 184 -30.62 -18.10 -22.14
CA VAL C 184 -31.71 -17.13 -22.19
C VAL C 184 -31.77 -16.40 -23.53
N VAL C 185 -30.61 -15.97 -24.04
CA VAL C 185 -30.48 -15.25 -25.30
C VAL C 185 -30.96 -16.05 -26.53
N ASP C 186 -30.92 -17.39 -26.49
CA ASP C 186 -31.26 -18.22 -27.66
C ASP C 186 -32.75 -18.15 -28.02
N PHE C 187 -33.66 -18.35 -27.06
CA PHE C 187 -35.09 -18.19 -27.33
C PHE C 187 -35.55 -16.73 -27.43
N PHE C 188 -34.67 -15.75 -27.19
CA PHE C 188 -34.89 -14.39 -27.64
C PHE C 188 -34.54 -14.18 -29.11
N THR C 189 -33.38 -14.66 -29.58
CA THR C 189 -32.98 -14.42 -30.98
C THR C 189 -33.61 -15.37 -32.00
N VAL C 190 -33.98 -16.61 -31.64
CA VAL C 190 -34.41 -17.64 -32.60
C VAL C 190 -35.86 -17.47 -33.12
N PRO C 191 -36.91 -17.45 -32.28
CA PRO C 191 -38.30 -17.40 -32.74
C PRO C 191 -38.70 -16.22 -33.62
N PRO C 192 -38.22 -14.97 -33.41
CA PRO C 192 -38.63 -13.85 -34.25
C PRO C 192 -38.36 -14.07 -35.74
N VAL C 193 -37.23 -14.71 -36.06
CA VAL C 193 -36.89 -15.08 -37.45
C VAL C 193 -37.79 -16.20 -37.97
N PHE C 194 -38.17 -17.16 -37.14
CA PHE C 194 -39.15 -18.17 -37.54
C PHE C 194 -40.52 -17.57 -37.87
N VAL C 195 -40.87 -16.41 -37.31
CA VAL C 195 -42.09 -15.68 -37.73
C VAL C 195 -41.82 -14.87 -39.00
N SER C 196 -40.64 -14.28 -39.14
CA SER C 196 -40.22 -13.59 -40.36
C SER C 196 -40.30 -14.49 -41.60
N VAL C 197 -39.86 -15.75 -41.50
CA VAL C 197 -39.96 -16.68 -42.64
C VAL C 197 -41.41 -17.09 -42.91
N TYR C 198 -42.25 -17.26 -41.90
CA TYR C 198 -43.68 -17.52 -42.08
C TYR C 198 -44.37 -16.34 -42.80
N LEU C 199 -44.01 -15.10 -42.46
CA LEU C 199 -44.51 -13.91 -43.12
C LEU C 199 -43.79 -13.63 -44.47
N ASN C 200 -42.64 -14.26 -44.69
CA ASN C 200 -41.80 -14.02 -45.88
C ASN C 200 -41.51 -12.51 -46.06
N ARG C 201 -41.22 -11.86 -44.93
CA ARG C 201 -41.00 -10.41 -44.86
C ARG C 201 -40.14 -10.06 -43.65
N SER C 202 -38.94 -9.54 -43.88
CA SER C 202 -37.96 -9.28 -42.82
C SER C 202 -38.44 -8.23 -41.83
N TRP C 203 -38.21 -8.48 -40.54
CA TRP C 203 -38.45 -7.50 -39.47
C TRP C 203 -37.21 -7.36 -38.60
N LEU C 204 -36.74 -6.11 -38.43
CA LEU C 204 -35.70 -5.80 -37.46
C LEU C 204 -36.12 -6.15 -36.04
N GLY C 205 -35.65 -7.30 -35.57
CA GLY C 205 -35.92 -7.79 -34.22
C GLY C 205 -34.75 -7.54 -33.27
N LEU C 206 -34.74 -8.29 -32.17
CA LEU C 206 -33.73 -8.24 -31.12
C LEU C 206 -32.49 -9.11 -31.43
N ARG C 207 -32.27 -9.39 -32.72
CA ARG C 207 -31.16 -10.22 -33.18
C ARG C 207 -29.75 -9.74 -32.80
N PHE C 208 -29.63 -8.50 -32.37
CA PHE C 208 -28.35 -7.95 -31.93
C PHE C 208 -27.89 -8.55 -30.60
N LEU C 209 -28.82 -9.09 -29.80
CA LEU C 209 -28.51 -9.83 -28.58
C LEU C 209 -27.62 -11.04 -28.85
N ARG C 210 -27.61 -11.51 -30.09
CA ARG C 210 -26.70 -12.60 -30.44
C ARG C 210 -25.22 -12.18 -30.22
N ALA C 211 -24.91 -10.88 -30.26
CA ALA C 211 -23.55 -10.42 -29.98
C ALA C 211 -23.08 -10.85 -28.60
N LEU C 212 -23.98 -11.21 -27.68
CA LEU C 212 -23.60 -11.71 -26.36
C LEU C 212 -22.88 -13.08 -26.44
N ARG C 213 -22.92 -13.83 -27.55
CA ARG C 213 -22.01 -14.99 -27.68
C ARG C 213 -20.51 -14.62 -27.66
N LEU C 214 -20.13 -13.36 -27.91
CA LEU C 214 -18.73 -12.92 -27.86
C LEU C 214 -18.09 -13.10 -26.48
N ILE C 215 -18.87 -13.26 -25.40
CA ILE C 215 -18.35 -13.59 -24.07
C ILE C 215 -17.42 -14.82 -24.10
N GLN C 216 -17.66 -15.78 -24.99
CA GLN C 216 -16.88 -17.02 -25.10
C GLN C 216 -15.53 -16.85 -25.82
N PHE C 217 -15.20 -15.68 -26.38
CA PHE C 217 -14.02 -15.53 -27.23
C PHE C 217 -12.70 -15.84 -26.52
N SER C 218 -12.58 -15.49 -25.24
CA SER C 218 -11.41 -15.82 -24.43
C SER C 218 -11.17 -17.34 -24.35
N GLU C 219 -12.21 -18.13 -24.13
CA GLU C 219 -12.10 -19.57 -23.98
C GLU C 219 -11.65 -20.26 -25.26
N ILE C 220 -12.17 -19.86 -26.42
CA ILE C 220 -11.74 -20.46 -27.69
C ILE C 220 -10.29 -20.09 -28.02
N LEU C 221 -9.83 -18.88 -27.66
CA LEU C 221 -8.42 -18.49 -27.80
C LEU C 221 -7.50 -19.34 -26.90
N GLN C 222 -8.06 -19.89 -25.83
CA GLN C 222 -7.36 -20.79 -24.90
C GLN C 222 -7.28 -22.26 -25.40
N PHE C 223 -8.32 -22.80 -26.04
CA PHE C 223 -8.24 -24.19 -26.56
C PHE C 223 -7.59 -24.26 -27.95
N LEU C 224 -7.80 -23.24 -28.78
CA LEU C 224 -7.10 -23.14 -30.05
C LEU C 224 -5.59 -22.80 -29.85
N ASN C 225 -5.20 -22.49 -28.62
CA ASN C 225 -3.82 -22.24 -28.19
C ASN C 225 -3.11 -21.11 -28.95
N ILE C 226 -3.86 -20.06 -29.32
CA ILE C 226 -3.28 -18.88 -29.99
C ILE C 226 -2.56 -17.99 -28.95
N LEU C 227 -3.19 -17.75 -27.80
CA LEU C 227 -2.68 -16.92 -26.71
C LEU C 227 -2.59 -17.73 -25.40
N LYS C 228 -1.51 -17.50 -24.63
CA LYS C 228 -1.10 -18.38 -23.53
C LYS C 228 -0.95 -17.69 -22.18
N THR C 229 -0.52 -16.42 -22.16
CA THR C 229 -0.38 -15.67 -20.92
C THR C 229 -1.74 -15.46 -20.26
N SER C 230 -1.77 -15.63 -18.94
CA SER C 230 -3.02 -15.41 -18.19
C SER C 230 -3.47 -13.96 -18.29
N ASN C 231 -2.52 -13.02 -18.24
CA ASN C 231 -2.87 -11.61 -18.39
C ASN C 231 -3.47 -11.34 -19.77
N SER C 232 -2.90 -11.96 -20.81
CA SER C 232 -3.45 -11.81 -22.14
C SER C 232 -4.87 -12.36 -22.24
N ILE C 233 -5.12 -13.53 -21.63
CA ILE C 233 -6.46 -14.13 -21.64
C ILE C 233 -7.44 -13.24 -20.87
N LYS C 234 -7.03 -12.63 -19.75
CA LYS C 234 -7.91 -11.72 -19.03
C LYS C 234 -8.20 -10.47 -19.85
N LEU C 235 -7.18 -9.92 -20.52
CA LEU C 235 -7.39 -8.75 -21.36
C LEU C 235 -8.34 -9.05 -22.51
N VAL C 236 -8.20 -10.21 -23.17
CA VAL C 236 -9.10 -10.62 -24.25
C VAL C 236 -10.50 -10.86 -23.72
N ASN C 237 -10.63 -11.44 -22.53
CA ASN C 237 -11.92 -11.59 -21.88
C ASN C 237 -12.60 -10.23 -21.66
N LEU C 238 -11.87 -9.26 -21.09
CA LEU C 238 -12.40 -7.94 -20.79
C LEU C 238 -12.78 -7.20 -22.06
N LEU C 239 -11.93 -7.22 -23.08
CA LEU C 239 -12.26 -6.58 -24.34
C LEU C 239 -13.53 -7.19 -24.91
N SER C 240 -13.66 -8.51 -24.88
CA SER C 240 -14.82 -9.20 -25.44
C SER C 240 -16.10 -8.82 -24.71
N ILE C 241 -16.08 -8.78 -23.38
CA ILE C 241 -17.28 -8.43 -22.62
C ILE C 241 -17.63 -6.95 -22.83
N PHE C 242 -16.63 -6.08 -22.95
CA PHE C 242 -16.86 -4.67 -23.18
C PHE C 242 -17.49 -4.47 -24.54
N ILE C 243 -17.01 -5.18 -25.56
CA ILE C 243 -17.59 -5.08 -26.90
C ILE C 243 -19.01 -5.61 -26.91
N SER C 244 -19.25 -6.73 -26.23
CA SER C 244 -20.59 -7.31 -26.20
C SER C 244 -21.58 -6.37 -25.53
N THR C 245 -21.24 -5.76 -24.40
CA THR C 245 -22.19 -4.86 -23.71
C THR C 245 -22.40 -3.58 -24.49
N TRP C 246 -21.35 -3.03 -25.08
CA TRP C 246 -21.45 -1.84 -25.92
C TRP C 246 -22.38 -2.09 -27.10
N LEU C 247 -22.22 -3.21 -27.81
CA LEU C 247 -23.07 -3.55 -28.95
C LEU C 247 -24.51 -3.90 -28.52
N THR C 248 -24.72 -4.55 -27.37
CA THR C 248 -26.06 -4.79 -26.85
C THR C 248 -26.77 -3.50 -26.51
N ALA C 249 -26.11 -2.60 -25.78
CA ALA C 249 -26.74 -1.37 -25.35
C ALA C 249 -26.98 -0.44 -26.54
N ALA C 250 -26.06 -0.41 -27.52
CA ALA C 250 -26.29 0.32 -28.76
C ALA C 250 -27.48 -0.24 -29.54
N GLY C 251 -27.64 -1.56 -29.61
CA GLY C 251 -28.80 -2.15 -30.27
C GLY C 251 -30.10 -1.81 -29.56
N PHE C 252 -30.11 -1.84 -28.22
CA PHE C 252 -31.29 -1.41 -27.46
C PHE C 252 -31.67 0.03 -27.77
N ILE C 253 -30.74 0.97 -27.71
CA ILE C 253 -31.05 2.37 -28.04
C ILE C 253 -31.51 2.50 -29.50
N HIS C 254 -30.90 1.77 -30.44
CA HIS C 254 -31.36 1.86 -31.82
C HIS C 254 -32.81 1.40 -31.90
N LEU C 255 -33.10 0.23 -31.33
CA LEU C 255 -34.46 -0.31 -31.37
C LEU C 255 -35.46 0.62 -30.71
N VAL C 256 -35.09 1.25 -29.58
CA VAL C 256 -35.97 2.18 -28.86
C VAL C 256 -36.22 3.46 -29.66
N GLU C 257 -35.24 3.94 -30.43
CA GLU C 257 -35.40 5.12 -31.28
C GLU C 257 -35.95 4.83 -32.69
N ASN C 258 -35.96 3.58 -33.18
CA ASN C 258 -36.53 3.29 -34.50
C ASN C 258 -38.00 3.71 -34.60
N SER C 259 -38.84 3.36 -33.62
CA SER C 259 -40.22 3.83 -33.55
C SER C 259 -40.32 4.91 -32.48
N GLY C 260 -41.16 5.93 -32.62
CA GLY C 260 -41.21 7.01 -31.61
C GLY C 260 -41.69 6.55 -30.22
N ASP C 261 -41.72 7.47 -29.24
CA ASP C 261 -42.41 7.22 -27.97
C ASP C 261 -43.90 6.88 -28.21
N PRO C 262 -44.51 6.00 -27.40
CA PRO C 262 -45.95 5.74 -27.44
C PRO C 262 -46.82 7.00 -27.26
N TRP C 263 -46.41 7.89 -26.35
CA TRP C 263 -47.22 9.03 -25.91
C TRP C 263 -47.54 10.04 -27.02
N GLU C 264 -46.65 10.27 -27.99
CA GLU C 264 -46.89 11.17 -29.11
C GLU C 264 -47.30 10.42 -30.37
N ASN C 265 -47.87 9.22 -30.21
CA ASN C 265 -48.31 8.36 -31.29
C ASN C 265 -47.17 8.10 -32.30
N PHE C 266 -45.96 7.86 -31.77
CA PHE C 266 -44.77 7.50 -32.53
C PHE C 266 -44.36 8.59 -33.52
N GLN C 267 -44.72 9.85 -33.30
CA GLN C 267 -44.34 10.93 -34.22
C GLN C 267 -42.97 11.57 -33.89
N ASN C 268 -42.44 11.39 -32.68
CA ASN C 268 -41.15 11.96 -32.28
C ASN C 268 -39.95 11.01 -32.56
N ASN C 269 -40.01 10.26 -33.66
CA ASN C 269 -39.00 9.24 -33.94
C ASN C 269 -37.77 9.88 -34.57
N GLN C 270 -36.60 9.42 -34.14
CA GLN C 270 -35.33 9.92 -34.64
C GLN C 270 -34.82 8.98 -35.73
N ALA C 271 -34.61 9.52 -36.92
CA ALA C 271 -34.15 8.73 -38.06
C ALA C 271 -32.62 8.73 -38.05
N LEU C 272 -32.06 7.82 -37.24
CA LEU C 272 -30.63 7.55 -37.07
C LEU C 272 -30.27 6.07 -37.30
N THR C 273 -29.07 5.80 -37.81
CA THR C 273 -28.61 4.43 -38.07
C THR C 273 -28.12 3.75 -36.81
N TYR C 274 -27.94 2.43 -36.85
CA TYR C 274 -27.25 1.73 -35.78
C TYR C 274 -25.84 2.29 -35.56
N TRP C 275 -25.17 2.76 -36.61
CA TRP C 275 -23.83 3.31 -36.51
C TRP C 275 -23.79 4.66 -35.79
N GLU C 276 -24.73 5.56 -36.06
CA GLU C 276 -24.84 6.78 -35.24
C GLU C 276 -25.18 6.43 -33.79
N CYS C 277 -25.95 5.36 -33.59
CA CYS C 277 -26.34 4.93 -32.27
C CYS C 277 -25.18 4.33 -31.45
N VAL C 278 -24.38 3.43 -32.01
CA VAL C 278 -23.24 2.85 -31.30
C VAL C 278 -22.14 3.88 -31.06
N TYR C 279 -22.00 4.86 -31.97
CA TYR C 279 -21.12 5.99 -31.79
C TYR C 279 -21.51 6.83 -30.57
N LEU C 280 -22.77 7.22 -30.51
CA LEU C 280 -23.34 7.99 -29.40
C LEU C 280 -23.00 7.34 -28.07
N LEU C 281 -23.15 6.03 -27.98
CA LEU C 281 -22.90 5.35 -26.72
C LEU C 281 -21.41 5.31 -26.35
N MET C 282 -20.49 5.22 -27.31
CA MET C 282 -19.06 5.39 -27.06
C MET C 282 -18.73 6.80 -26.57
N VAL C 283 -19.20 7.82 -27.27
CA VAL C 283 -19.05 9.23 -26.88
C VAL C 283 -19.61 9.49 -25.49
N THR C 284 -20.66 8.77 -25.10
CA THR C 284 -21.29 8.90 -23.78
C THR C 284 -20.54 8.14 -22.68
N MET C 285 -20.21 6.87 -22.88
CA MET C 285 -19.57 6.04 -21.85
C MET C 285 -18.12 6.46 -21.61
N SER C 286 -17.44 7.03 -22.60
CA SER C 286 -16.17 7.73 -22.43
C SER C 286 -16.31 9.11 -21.79
N THR C 287 -17.52 9.56 -21.51
CA THR C 287 -17.90 10.87 -20.95
C THR C 287 -17.55 12.09 -21.79
N VAL C 288 -17.17 11.92 -23.05
CA VAL C 288 -16.92 13.03 -23.98
C VAL C 288 -18.21 13.83 -24.21
N GLY C 289 -19.30 13.19 -24.60
CA GLY C 289 -20.63 13.81 -24.72
C GLY C 289 -20.70 15.10 -25.53
N TYR C 290 -20.45 15.02 -26.85
CA TYR C 290 -20.52 16.15 -27.75
C TYR C 290 -21.91 16.76 -27.89
N GLY C 291 -23.01 16.00 -27.63
CA GLY C 291 -24.38 16.45 -27.83
C GLY C 291 -24.70 16.84 -29.28
N ASP C 292 -23.92 16.40 -30.25
CA ASP C 292 -24.28 16.46 -31.67
C ASP C 292 -25.39 15.46 -32.00
N VAL C 293 -25.38 14.29 -31.37
CA VAL C 293 -26.49 13.33 -31.32
C VAL C 293 -26.78 12.91 -29.88
N TYR C 294 -28.06 12.80 -29.54
CA TYR C 294 -28.51 12.35 -28.24
C TYR C 294 -29.91 11.77 -28.41
N ALA C 295 -30.32 10.90 -27.49
CA ALA C 295 -31.66 10.32 -27.55
C ALA C 295 -32.70 11.42 -27.36
N LYS C 296 -33.65 11.58 -28.27
CA LYS C 296 -34.75 12.54 -28.10
C LYS C 296 -35.90 11.95 -27.31
N THR C 297 -36.19 10.66 -27.47
CA THR C 297 -37.35 10.03 -26.83
C THR C 297 -37.22 9.94 -25.32
N THR C 298 -38.35 9.91 -24.61
CA THR C 298 -38.37 9.74 -23.16
C THR C 298 -37.95 8.32 -22.78
N LEU C 299 -38.36 7.31 -23.55
CA LEU C 299 -37.84 5.96 -23.37
C LEU C 299 -36.33 5.93 -23.62
N GLY C 300 -35.85 6.57 -24.68
CA GLY C 300 -34.43 6.66 -24.98
C GLY C 300 -33.66 7.28 -23.82
N ARG C 301 -34.18 8.35 -23.24
CA ARG C 301 -33.51 8.98 -22.09
C ARG C 301 -33.47 8.03 -20.88
N LEU C 302 -34.61 7.41 -20.58
CA LEU C 302 -34.71 6.50 -19.45
C LEU C 302 -33.70 5.36 -19.57
N PHE C 303 -33.59 4.75 -20.74
CA PHE C 303 -32.55 3.78 -21.02
C PHE C 303 -31.16 4.41 -20.95
N MET C 304 -30.97 5.62 -21.46
CA MET C 304 -29.66 6.27 -21.47
C MET C 304 -29.13 6.52 -20.06
N VAL C 305 -29.97 6.99 -19.14
CA VAL C 305 -29.61 7.13 -17.73
C VAL C 305 -29.29 5.77 -17.11
N PHE C 306 -30.04 4.72 -17.46
CA PHE C 306 -29.69 3.38 -17.02
C PHE C 306 -28.34 2.91 -17.59
N PHE C 307 -28.05 3.10 -18.87
CA PHE C 307 -26.77 2.68 -19.45
C PHE C 307 -25.59 3.48 -18.91
N ILE C 308 -25.75 4.77 -18.63
CA ILE C 308 -24.73 5.53 -17.90
C ILE C 308 -24.47 4.86 -16.55
N LEU C 309 -25.51 4.61 -15.75
CA LEU C 309 -25.33 3.95 -14.45
C LEU C 309 -24.77 2.52 -14.58
N GLY C 310 -25.15 1.71 -15.58
CA GLY C 310 -24.54 0.39 -15.69
C GLY C 310 -23.07 0.45 -16.07
N GLY C 311 -22.71 1.35 -16.98
CA GLY C 311 -21.32 1.51 -17.35
C GLY C 311 -20.48 2.01 -16.20
N LEU C 312 -21.00 2.97 -15.43
CA LEU C 312 -20.28 3.45 -14.26
C LEU C 312 -20.11 2.32 -13.23
N ALA C 313 -21.15 1.52 -13.02
CA ALA C 313 -21.05 0.40 -12.09
C ALA C 313 -20.01 -0.61 -12.55
N MET C 314 -19.99 -0.93 -13.85
CA MET C 314 -19.00 -1.87 -14.37
C MET C 314 -17.59 -1.30 -14.24
N PHE C 315 -17.42 0.00 -14.51
CA PHE C 315 -16.12 0.63 -14.37
C PHE C 315 -15.65 0.58 -12.92
N ALA C 316 -16.56 0.82 -11.98
CA ALA C 316 -16.18 0.78 -10.56
C ALA C 316 -15.89 -0.63 -10.09
N SER C 317 -16.58 -1.63 -10.64
CA SER C 317 -16.43 -3.02 -10.20
C SER C 317 -15.38 -3.79 -10.99
N TYR C 318 -14.79 -3.19 -12.02
CA TYR C 318 -13.80 -3.89 -12.84
C TYR C 318 -12.41 -3.27 -12.78
N VAL C 319 -12.30 -1.94 -12.78
CA VAL C 319 -10.99 -1.30 -12.81
C VAL C 319 -10.13 -1.66 -11.59
N PRO C 320 -10.60 -1.49 -10.35
CA PRO C 320 -9.72 -1.82 -9.21
C PRO C 320 -9.38 -3.29 -9.09
N GLU C 321 -10.17 -4.19 -9.69
CA GLU C 321 -10.00 -5.62 -9.50
C GLU C 321 -9.14 -6.26 -10.59
N ILE C 322 -9.57 -6.15 -11.84
CA ILE C 322 -8.92 -6.85 -12.94
C ILE C 322 -8.11 -5.89 -13.81
N ILE C 323 -8.67 -4.73 -14.15
CA ILE C 323 -8.00 -3.82 -15.09
C ILE C 323 -6.70 -3.30 -14.50
N GLU C 324 -6.68 -3.01 -13.21
CA GLU C 324 -5.44 -2.56 -12.57
C GLU C 324 -4.37 -3.64 -12.63
N LEU C 325 -4.75 -4.89 -12.38
CA LEU C 325 -3.79 -5.99 -12.45
C LEU C 325 -3.26 -6.17 -13.88
N ILE C 326 -4.14 -6.04 -14.88
CA ILE C 326 -3.71 -6.17 -16.26
C ILE C 326 -2.79 -5.02 -16.65
N GLY C 327 -3.03 -3.82 -16.12
CA GLY C 327 -2.21 -2.68 -16.49
C GLY C 327 -0.75 -2.85 -16.13
N ASN C 328 -0.47 -3.42 -14.96
CA ASN C 328 0.90 -3.68 -14.53
C ASN C 328 1.29 -5.09 -14.95
N ARG C 329 2.32 -5.19 -15.79
CA ARG C 329 2.79 -6.47 -16.26
C ARG C 329 4.29 -6.63 -15.98
N LYS C 330 4.91 -7.70 -16.47
CA LYS C 330 6.37 -7.90 -16.47
C LYS C 330 7.09 -6.69 -17.07
N LYS C 331 8.21 -6.28 -16.47
CA LYS C 331 9.05 -5.22 -17.02
C LYS C 331 10.10 -5.78 -18.01
N TYR C 332 10.53 -7.03 -17.80
CA TYR C 332 11.53 -7.71 -18.62
C TYR C 332 11.14 -9.14 -18.99
N GLY C 333 11.50 -9.56 -20.19
CA GLY C 333 11.23 -10.89 -20.75
C GLY C 333 11.85 -11.03 -22.15
N GLY C 334 11.81 -12.23 -22.71
CA GLY C 334 12.43 -12.53 -24.00
C GLY C 334 13.96 -12.51 -23.98
N SER C 335 14.57 -12.87 -25.10
CA SER C 335 16.03 -12.99 -25.25
C SER C 335 16.75 -11.65 -25.45
N TYR C 336 18.08 -11.66 -25.33
CA TYR C 336 18.97 -10.51 -25.61
C TYR C 336 19.12 -10.14 -27.11
N SER C 337 18.38 -10.82 -28.00
CA SER C 337 18.55 -10.85 -29.46
C SER C 337 18.48 -9.50 -30.19
N ALA C 338 18.77 -9.55 -31.50
CA ALA C 338 18.87 -8.43 -32.46
C ALA C 338 20.15 -7.56 -32.35
N VAL C 339 21.27 -8.20 -32.02
CA VAL C 339 22.62 -7.61 -32.01
C VAL C 339 23.60 -8.50 -32.79
N SER C 340 23.82 -8.15 -34.06
CA SER C 340 24.64 -8.95 -34.98
C SER C 340 26.13 -8.98 -34.62
N GLY C 341 26.82 -10.08 -34.98
CA GLY C 341 28.29 -10.22 -34.89
C GLY C 341 28.92 -10.27 -33.49
N ARG C 342 28.34 -9.67 -32.45
CA ARG C 342 29.11 -9.54 -31.30
C ARG C 342 29.22 -10.84 -30.52
N LYS C 343 30.19 -10.78 -29.62
CA LYS C 343 30.37 -11.69 -28.49
C LYS C 343 29.27 -11.49 -27.44
N HIS C 344 29.14 -12.44 -26.52
CA HIS C 344 28.10 -12.35 -25.54
C HIS C 344 28.54 -13.03 -24.20
N ILE C 345 28.24 -12.40 -23.06
CA ILE C 345 28.50 -12.95 -21.72
C ILE C 345 27.29 -12.64 -20.85
N VAL C 346 27.00 -13.49 -19.86
CA VAL C 346 25.98 -13.17 -18.87
C VAL C 346 26.59 -13.06 -17.49
N VAL C 347 26.40 -11.92 -16.86
CA VAL C 347 26.63 -11.79 -15.43
C VAL C 347 25.47 -12.47 -14.70
N CYS C 348 25.73 -13.68 -14.26
CA CYS C 348 24.89 -14.53 -13.43
C CYS C 348 24.94 -14.07 -11.97
N GLY C 349 24.22 -14.74 -11.07
CA GLY C 349 24.46 -14.63 -9.63
C GLY C 349 23.86 -13.38 -8.99
N HIS C 350 24.57 -12.81 -8.00
CA HIS C 350 24.11 -11.67 -7.23
C HIS C 350 24.25 -10.28 -7.87
N ILE C 351 23.22 -9.84 -8.59
CA ILE C 351 23.22 -8.48 -9.12
C ILE C 351 22.78 -7.52 -8.01
N THR C 352 23.66 -6.58 -7.67
CA THR C 352 23.34 -5.44 -6.81
C THR C 352 24.15 -4.25 -7.23
N LEU C 353 23.71 -3.07 -6.82
CA LEU C 353 24.11 -1.80 -7.42
C LEU C 353 25.61 -1.60 -7.39
N GLU C 354 26.26 -1.89 -6.25
CA GLU C 354 27.68 -1.66 -6.13
C GLU C 354 28.49 -2.58 -7.05
N SER C 355 28.14 -3.86 -7.03
CA SER C 355 28.87 -4.90 -7.76
C SER C 355 28.87 -4.62 -9.26
N VAL C 356 27.73 -4.27 -9.82
CA VAL C 356 27.63 -3.94 -11.24
C VAL C 356 28.24 -2.58 -11.53
N SER C 357 28.11 -1.59 -10.64
CA SER C 357 28.74 -0.30 -10.86
C SER C 357 30.25 -0.44 -10.99
N ASN C 358 30.88 -1.27 -10.16
CA ASN C 358 32.34 -1.41 -10.22
C ASN C 358 32.80 -2.37 -11.32
N PHE C 359 31.99 -3.38 -11.66
CA PHE C 359 32.29 -4.28 -12.75
C PHE C 359 32.18 -3.57 -14.11
N LEU C 360 31.06 -2.89 -14.39
CA LEU C 360 30.83 -2.23 -15.67
C LEU C 360 31.86 -1.14 -15.94
N LYS C 361 32.19 -0.34 -14.92
CA LYS C 361 33.17 0.76 -15.01
C LYS C 361 34.57 0.28 -15.43
N ASP C 362 34.90 -0.98 -15.18
CA ASP C 362 36.16 -1.60 -15.62
C ASP C 362 35.99 -2.36 -16.94
N PHE C 363 34.87 -3.08 -17.12
CA PHE C 363 34.62 -3.83 -18.33
C PHE C 363 34.41 -2.92 -19.55
N LEU C 364 33.75 -1.79 -19.34
CA LEU C 364 33.47 -0.84 -20.43
C LEU C 364 34.07 0.52 -20.11
N HIS C 365 35.37 0.57 -19.86
CA HIS C 365 36.01 1.83 -19.49
C HIS C 365 36.52 2.68 -20.64
N LYS C 366 36.44 2.12 -21.85
CA LYS C 366 36.90 2.70 -23.14
C LYS C 366 38.43 2.74 -23.30
N ASP C 367 39.16 1.99 -22.48
CA ASP C 367 40.60 1.89 -22.59
C ASP C 367 41.00 0.50 -23.12
N ARG C 368 40.03 -0.32 -23.53
CA ARG C 368 40.31 -1.62 -24.12
C ARG C 368 40.41 -1.54 -25.66
N ASP C 369 39.88 -0.45 -26.23
CA ASP C 369 39.90 -0.17 -27.67
C ASP C 369 39.23 -1.21 -28.60
N ASP C 370 39.84 -2.37 -28.80
CA ASP C 370 39.27 -3.36 -29.72
C ASP C 370 38.37 -4.37 -29.01
N VAL C 371 37.21 -3.89 -28.54
CA VAL C 371 36.26 -4.73 -27.79
C VAL C 371 34.79 -4.37 -28.07
N ASN C 372 33.90 -5.31 -27.78
CA ASN C 372 32.46 -5.12 -27.95
C ASN C 372 31.81 -4.90 -26.57
N VAL C 373 30.48 -4.75 -26.49
CA VAL C 373 29.84 -4.52 -25.18
C VAL C 373 29.48 -5.81 -24.42
N GLU C 374 28.70 -6.67 -25.06
CA GLU C 374 28.24 -8.00 -24.58
C GLU C 374 27.19 -8.10 -23.44
N ILE C 375 27.60 -7.86 -22.18
CA ILE C 375 26.77 -7.95 -20.95
C ILE C 375 25.24 -8.12 -21.06
N VAL C 376 24.73 -9.35 -20.87
CA VAL C 376 23.28 -9.58 -20.96
C VAL C 376 22.50 -9.37 -19.67
N PHE C 377 23.09 -9.79 -18.55
CA PHE C 377 22.54 -9.74 -17.16
C PHE C 377 21.37 -10.70 -16.86
N LEU C 378 21.32 -11.23 -15.63
CA LEU C 378 20.26 -12.15 -15.25
C LEU C 378 20.03 -12.07 -13.74
N HIS C 379 18.77 -12.01 -13.30
CA HIS C 379 18.47 -11.94 -11.88
C HIS C 379 17.08 -12.49 -11.61
N ASN C 380 16.83 -12.86 -10.36
CA ASN C 380 15.51 -13.37 -9.98
C ASN C 380 14.61 -12.42 -9.17
N ILE C 381 15.20 -11.43 -8.49
CA ILE C 381 14.39 -10.52 -7.68
C ILE C 381 14.18 -9.14 -8.32
N SER C 382 14.50 -9.04 -9.62
CA SER C 382 14.35 -7.82 -10.47
C SER C 382 15.22 -6.58 -10.15
N PRO C 383 15.40 -5.69 -11.14
CA PRO C 383 16.17 -4.48 -10.85
C PRO C 383 15.24 -3.34 -10.41
N ASN C 384 14.64 -3.47 -9.23
CA ASN C 384 13.72 -2.46 -8.74
C ASN C 384 14.38 -1.09 -8.63
N LEU C 385 15.44 -1.00 -7.84
CA LEU C 385 16.15 0.26 -7.64
C LEU C 385 17.27 0.49 -8.67
N GLU C 386 17.83 -0.59 -9.22
CA GLU C 386 18.95 -0.46 -10.18
C GLU C 386 18.57 0.44 -11.37
N LEU C 387 17.31 0.37 -11.80
CA LEU C 387 16.83 1.09 -12.98
C LEU C 387 16.83 2.61 -12.76
N GLU C 388 16.49 3.10 -11.57
CA GLU C 388 16.65 4.51 -11.21
C GLU C 388 18.04 4.85 -10.64
N ALA C 389 18.64 3.98 -9.82
CA ALA C 389 19.91 4.29 -9.16
C ALA C 389 21.10 4.29 -10.13
N LEU C 390 20.93 3.55 -11.23
CA LEU C 390 21.93 3.51 -12.30
C LEU C 390 21.58 3.02 -13.73
N PHE C 391 20.46 2.32 -13.98
CA PHE C 391 20.13 1.73 -15.30
C PHE C 391 21.28 0.72 -15.58
N LYS C 392 21.87 0.62 -16.77
CA LYS C 392 22.99 -0.32 -16.92
C LYS C 392 24.21 0.40 -17.50
N ARG C 393 24.32 1.70 -17.20
CA ARG C 393 25.38 2.61 -17.69
C ARG C 393 25.46 2.72 -19.23
N HIS C 394 24.29 2.59 -19.86
CA HIS C 394 24.07 2.62 -21.30
C HIS C 394 22.57 2.43 -21.47
N PHE C 395 22.01 2.99 -22.54
CA PHE C 395 20.58 2.85 -22.76
C PHE C 395 20.25 1.87 -23.89
N THR C 396 20.90 2.04 -25.03
CA THR C 396 20.66 1.18 -26.20
C THR C 396 21.23 -0.22 -26.03
N GLN C 397 22.40 -0.29 -25.41
CA GLN C 397 23.10 -1.56 -25.18
C GLN C 397 22.77 -2.06 -23.76
N VAL C 398 23.35 -3.20 -23.35
CA VAL C 398 23.23 -3.86 -22.00
C VAL C 398 21.76 -4.05 -21.42
N GLU C 399 21.20 -5.26 -21.59
CA GLU C 399 19.77 -5.55 -21.38
C GLU C 399 19.60 -6.18 -19.98
N PHE C 400 18.39 -6.62 -19.61
CA PHE C 400 18.23 -7.21 -18.28
C PHE C 400 17.21 -8.33 -18.33
N TYR C 401 17.54 -9.54 -17.86
CA TYR C 401 16.61 -10.60 -17.96
C TYR C 401 16.08 -10.82 -16.58
N GLN C 402 14.75 -10.92 -16.45
CA GLN C 402 14.09 -11.11 -15.17
C GLN C 402 14.01 -12.58 -14.78
N GLY C 403 14.49 -13.47 -15.63
CA GLY C 403 14.52 -14.87 -15.32
C GLY C 403 15.69 -15.38 -14.46
N SER C 404 15.44 -16.41 -13.66
CA SER C 404 16.46 -16.97 -12.75
C SER C 404 17.57 -17.80 -13.42
N VAL C 405 18.66 -18.03 -12.69
CA VAL C 405 19.80 -18.78 -13.25
C VAL C 405 19.54 -20.30 -13.26
N LEU C 406 18.68 -20.77 -12.36
CA LEU C 406 18.44 -22.20 -12.15
C LEU C 406 17.40 -22.76 -13.12
N ASN C 407 16.47 -21.94 -13.58
CA ASN C 407 15.41 -22.41 -14.47
C ASN C 407 15.98 -22.68 -15.86
N PRO C 408 15.86 -23.90 -16.39
CA PRO C 408 16.37 -24.16 -17.74
C PRO C 408 15.70 -23.32 -18.81
N HIS C 409 14.41 -23.01 -18.68
CA HIS C 409 13.72 -22.21 -19.69
C HIS C 409 14.26 -20.79 -19.71
N ASP C 410 14.52 -20.18 -18.55
CA ASP C 410 15.14 -18.85 -18.46
C ASP C 410 16.59 -18.87 -18.92
N LEU C 411 17.31 -19.95 -18.63
CA LEU C 411 18.68 -20.11 -19.10
C LEU C 411 18.72 -20.23 -20.63
N ALA C 412 17.74 -20.89 -21.24
CA ALA C 412 17.57 -20.89 -22.68
C ALA C 412 17.19 -19.49 -23.20
N ARG C 413 16.41 -18.71 -22.44
CA ARG C 413 16.03 -17.34 -22.80
C ARG C 413 17.24 -16.46 -23.06
N VAL C 414 18.28 -16.56 -22.23
CA VAL C 414 19.56 -15.84 -22.40
C VAL C 414 20.47 -16.44 -23.47
N LYS C 415 20.12 -17.60 -24.03
CA LYS C 415 20.95 -18.35 -24.98
C LYS C 415 22.37 -18.58 -24.45
N ILE C 416 22.47 -19.11 -23.24
CA ILE C 416 23.75 -19.37 -22.57
C ILE C 416 24.73 -20.17 -23.45
N GLU C 417 24.23 -21.02 -24.34
CA GLU C 417 25.07 -21.84 -25.21
C GLU C 417 25.90 -20.97 -26.15
N SER C 418 25.37 -19.81 -26.54
CA SER C 418 26.02 -18.85 -27.42
C SER C 418 26.86 -17.81 -26.67
N ALA C 419 26.88 -17.83 -25.34
CA ALA C 419 27.77 -16.99 -24.55
C ALA C 419 29.22 -17.48 -24.62
N ASP C 420 30.16 -16.54 -24.53
CA ASP C 420 31.58 -16.80 -24.35
C ASP C 420 31.91 -17.20 -22.91
N ALA C 421 31.21 -16.62 -21.94
CA ALA C 421 31.31 -16.95 -20.52
C ALA C 421 30.06 -16.58 -19.71
N CYS C 422 29.87 -17.23 -18.57
CA CYS C 422 29.02 -16.74 -17.47
C CYS C 422 29.92 -16.30 -16.31
N LEU C 423 29.64 -15.13 -15.76
CA LEU C 423 30.36 -14.54 -14.64
C LEU C 423 29.44 -14.60 -13.43
N ILE C 424 29.82 -15.23 -12.32
CA ILE C 424 28.96 -15.33 -11.15
C ILE C 424 29.49 -14.42 -10.04
N LEU C 425 28.71 -13.40 -9.70
CA LEU C 425 29.01 -12.49 -8.59
C LEU C 425 28.39 -12.98 -7.28
N ALA C 426 29.04 -12.72 -6.15
CA ALA C 426 28.58 -13.11 -4.82
C ALA C 426 28.43 -11.91 -3.89
N ASN C 427 27.45 -11.89 -2.99
CA ASN C 427 27.36 -10.82 -2.01
C ASN C 427 28.31 -11.03 -0.85
N LYS C 428 29.40 -10.26 -0.80
CA LYS C 428 30.36 -10.28 0.31
C LYS C 428 29.71 -10.03 1.67
N TYR C 429 28.58 -9.33 1.67
CA TYR C 429 27.82 -8.93 2.85
C TYR C 429 26.82 -10.00 3.33
N CYS C 430 26.97 -11.25 2.91
CA CYS C 430 26.09 -12.34 3.32
C CYS C 430 26.17 -12.61 4.83
N ALA C 431 25.06 -13.05 5.44
CA ALA C 431 25.03 -13.55 6.81
C ALA C 431 25.80 -14.87 6.97
N ASP C 432 25.63 -15.81 6.04
CA ASP C 432 26.31 -17.10 6.04
C ASP C 432 27.14 -17.24 4.77
N PRO C 433 28.46 -17.05 4.81
CA PRO C 433 29.31 -17.21 3.64
C PRO C 433 29.22 -18.60 3.01
N ASP C 434 29.08 -19.63 3.83
CA ASP C 434 28.96 -20.99 3.35
C ASP C 434 27.70 -21.15 2.49
N ALA C 435 26.59 -20.60 2.96
CA ALA C 435 25.35 -20.69 2.18
C ALA C 435 25.47 -20.00 0.83
N GLU C 436 26.04 -18.80 0.81
CA GLU C 436 26.20 -18.06 -0.43
C GLU C 436 27.12 -18.80 -1.39
N ASP C 437 28.24 -19.34 -0.90
CA ASP C 437 29.14 -20.17 -1.71
C ASP C 437 28.46 -21.40 -2.26
N ALA C 438 27.72 -22.14 -1.44
CA ALA C 438 27.01 -23.29 -1.94
C ALA C 438 25.93 -22.89 -2.95
N SER C 439 25.26 -21.75 -2.81
CA SER C 439 24.35 -21.28 -3.85
C SER C 439 25.09 -20.99 -5.14
N ASN C 440 26.26 -20.38 -5.08
CA ASN C 440 27.02 -20.12 -6.30
C ASN C 440 27.53 -21.41 -6.91
N ILE C 441 27.94 -22.41 -6.11
CA ILE C 441 28.28 -23.71 -6.66
C ILE C 441 27.05 -24.34 -7.32
N MET C 442 25.86 -24.22 -6.75
CA MET C 442 24.64 -24.73 -7.36
C MET C 442 24.39 -24.07 -8.71
N ARG C 443 24.68 -22.78 -8.80
CA ARG C 443 24.54 -22.03 -10.05
C ARG C 443 25.55 -22.57 -11.08
N VAL C 444 26.81 -22.68 -10.67
CA VAL C 444 27.83 -23.28 -11.54
C VAL C 444 27.38 -24.63 -12.05
N ILE C 445 26.82 -25.47 -11.17
CA ILE C 445 26.42 -26.81 -11.55
C ILE C 445 25.30 -26.76 -12.59
N SER C 446 24.32 -25.89 -12.38
CA SER C 446 23.23 -25.76 -13.36
C SER C 446 23.74 -25.27 -14.70
N ILE C 447 24.61 -24.25 -14.72
CA ILE C 447 25.16 -23.72 -15.97
C ILE C 447 25.93 -24.83 -16.69
N LYS C 448 26.78 -25.57 -15.97
CA LYS C 448 27.56 -26.63 -16.61
C LYS C 448 26.66 -27.75 -17.12
N ASN C 449 25.60 -28.07 -16.38
CA ASN C 449 24.67 -29.11 -16.80
C ASN C 449 23.96 -28.73 -18.09
N TYR C 450 23.51 -27.47 -18.20
CA TYR C 450 22.85 -27.04 -19.43
C TYR C 450 23.82 -27.07 -20.60
N HIS C 451 25.05 -26.61 -20.40
CA HIS C 451 26.07 -26.58 -21.46
C HIS C 451 27.42 -26.91 -20.85
N PRO C 452 27.91 -28.13 -21.05
CA PRO C 452 29.23 -28.49 -20.49
C PRO C 452 30.37 -27.64 -21.01
N LYS C 453 30.31 -27.18 -22.27
CA LYS C 453 31.42 -26.48 -22.90
C LYS C 453 31.17 -24.97 -22.81
N ILE C 454 31.49 -24.34 -21.68
CA ILE C 454 31.38 -22.87 -21.51
C ILE C 454 32.35 -22.40 -20.45
N ARG C 455 33.03 -21.28 -20.64
CA ARG C 455 33.88 -20.79 -19.58
C ARG C 455 33.00 -20.18 -18.44
N ILE C 456 33.29 -20.50 -17.18
CA ILE C 456 32.64 -19.88 -16.02
C ILE C 456 33.70 -19.25 -15.15
N ILE C 457 33.44 -18.04 -14.67
CA ILE C 457 34.25 -17.35 -13.66
C ILE C 457 33.35 -17.06 -12.48
N THR C 458 33.83 -17.21 -11.25
CA THR C 458 32.95 -17.24 -10.08
C THR C 458 33.63 -16.69 -8.85
N GLN C 459 32.97 -15.79 -8.14
CA GLN C 459 33.40 -15.34 -6.82
C GLN C 459 33.06 -16.38 -5.73
N MET C 460 34.05 -16.80 -4.96
CA MET C 460 33.87 -17.62 -3.74
C MET C 460 34.22 -16.80 -2.51
N LEU C 461 33.37 -16.78 -1.50
CA LEU C 461 33.61 -16.05 -0.26
C LEU C 461 34.57 -16.76 0.68
N GLN C 462 34.68 -18.08 0.65
CA GLN C 462 35.56 -18.84 1.52
C GLN C 462 36.47 -19.77 0.73
N TYR C 463 37.71 -19.96 1.18
CA TYR C 463 38.67 -20.75 0.43
C TYR C 463 38.30 -22.23 0.38
N HIS C 464 37.85 -22.82 1.48
CA HIS C 464 37.61 -24.27 1.54
C HIS C 464 36.55 -24.74 0.55
N ASN C 465 35.69 -23.80 0.14
CA ASN C 465 34.62 -24.07 -0.82
C ASN C 465 35.09 -24.24 -2.28
N LYS C 466 36.29 -23.73 -2.59
CA LYS C 466 36.84 -23.92 -3.95
C LYS C 466 37.02 -25.39 -4.29
N ALA C 467 37.29 -26.24 -3.31
CA ALA C 467 37.40 -27.67 -3.52
C ALA C 467 36.14 -28.29 -4.11
N HIS C 468 34.95 -27.79 -3.78
CA HIS C 468 33.71 -28.34 -4.31
C HIS C 468 33.58 -28.13 -5.80
N LEU C 469 34.18 -27.09 -6.38
CA LEU C 469 34.12 -26.89 -7.82
C LEU C 469 34.89 -27.98 -8.55
N LEU C 470 36.03 -28.42 -8.02
CA LEU C 470 36.79 -29.54 -8.56
C LEU C 470 36.02 -30.87 -8.50
N ASN C 471 34.91 -30.97 -7.77
CA ASN C 471 34.09 -32.18 -7.76
C ASN C 471 33.23 -32.32 -9.02
N ILE C 472 32.93 -31.24 -9.74
CA ILE C 472 32.10 -31.29 -10.94
C ILE C 472 32.91 -31.92 -12.09
N PRO C 473 32.46 -33.01 -12.75
CA PRO C 473 33.27 -33.69 -13.77
C PRO C 473 33.61 -32.82 -14.96
N SER C 474 32.72 -31.91 -15.35
CA SER C 474 32.93 -31.06 -16.51
C SER C 474 33.64 -29.76 -16.19
N TRP C 475 33.95 -29.50 -14.91
CA TRP C 475 34.67 -28.30 -14.51
C TRP C 475 36.15 -28.51 -14.80
N ASN C 476 36.62 -27.98 -15.92
CA ASN C 476 38.01 -28.11 -16.34
C ASN C 476 38.69 -26.77 -16.15
N TRP C 477 39.56 -26.67 -15.14
CA TRP C 477 40.26 -25.42 -14.89
C TRP C 477 41.31 -25.13 -15.94
N LYS C 478 41.85 -26.19 -16.57
CA LYS C 478 42.82 -25.98 -17.64
C LYS C 478 42.17 -25.32 -18.86
N GLU C 479 40.90 -25.64 -19.13
CA GLU C 479 40.20 -25.01 -20.24
C GLU C 479 39.99 -23.53 -19.99
N GLY C 480 39.84 -23.12 -18.74
CA GLY C 480 39.63 -21.72 -18.41
C GLY C 480 38.68 -21.51 -17.26
N ASP C 481 38.05 -22.58 -16.78
CA ASP C 481 37.11 -22.48 -15.67
C ASP C 481 37.86 -22.26 -14.37
N ASP C 482 38.05 -21.00 -13.99
CA ASP C 482 38.77 -20.65 -12.78
C ASP C 482 37.85 -19.84 -11.86
N ALA C 483 37.96 -20.03 -10.55
CA ALA C 483 37.19 -19.31 -9.53
C ALA C 483 38.06 -18.36 -8.71
N ILE C 484 37.56 -17.16 -8.47
CA ILE C 484 38.23 -16.11 -7.70
C ILE C 484 37.74 -16.21 -6.27
N CYS C 485 38.57 -16.58 -5.31
CA CYS C 485 38.14 -16.55 -3.92
C CYS C 485 38.43 -15.19 -3.31
N LEU C 486 37.39 -14.46 -2.94
CA LEU C 486 37.53 -13.07 -2.49
C LEU C 486 38.30 -13.01 -1.19
N ALA C 487 38.07 -13.93 -0.26
CA ALA C 487 38.86 -14.02 0.98
C ALA C 487 40.29 -14.51 0.76
N GLU C 488 40.51 -15.52 -0.07
CA GLU C 488 41.87 -16.01 -0.38
C GLU C 488 42.74 -14.87 -0.87
N LEU C 489 42.22 -14.07 -1.81
CA LEU C 489 43.05 -13.05 -2.44
C LEU C 489 43.11 -11.79 -1.59
N LYS C 490 42.03 -11.42 -0.89
CA LYS C 490 42.09 -10.25 -0.02
C LYS C 490 43.13 -10.42 1.08
N LEU C 491 43.07 -11.55 1.80
CA LEU C 491 44.03 -11.78 2.88
C LEU C 491 45.43 -11.99 2.33
N GLY C 492 45.56 -12.57 1.13
CA GLY C 492 46.88 -12.68 0.54
C GLY C 492 47.48 -11.33 0.18
N PHE C 493 46.68 -10.43 -0.35
CA PHE C 493 47.23 -9.12 -0.65
C PHE C 493 47.60 -8.46 0.68
N ILE C 494 46.75 -8.57 1.71
CA ILE C 494 47.07 -7.93 2.98
C ILE C 494 48.38 -8.49 3.54
N ALA C 495 48.55 -9.81 3.49
CA ALA C 495 49.77 -10.42 4.02
C ALA C 495 51.00 -10.01 3.21
N GLN C 496 50.88 -9.98 1.88
CA GLN C 496 52.00 -9.51 1.06
C GLN C 496 52.28 -8.04 1.30
N SER C 497 51.28 -7.26 1.71
CA SER C 497 51.51 -5.88 2.11
C SER C 497 52.38 -5.81 3.36
N CYS C 498 52.27 -6.81 4.25
CA CYS C 498 53.12 -6.83 5.43
C CYS C 498 54.58 -7.00 5.05
N LEU C 499 54.87 -7.90 4.10
CA LEU C 499 56.25 -8.08 3.64
C LEU C 499 56.72 -6.89 2.83
N ALA C 500 55.88 -6.38 1.92
CA ALA C 500 56.20 -5.25 1.07
C ALA C 500 55.04 -4.27 1.14
N GLN C 501 55.23 -3.17 1.87
CA GLN C 501 54.16 -2.19 2.04
C GLN C 501 53.81 -1.55 0.70
N GLY C 502 52.51 -1.42 0.44
CA GLY C 502 52.03 -0.86 -0.80
C GLY C 502 51.94 -1.84 -1.96
N LEU C 503 52.25 -3.12 -1.75
CA LEU C 503 52.18 -4.08 -2.84
C LEU C 503 50.74 -4.31 -3.29
N SER C 504 49.77 -4.21 -2.38
CA SER C 504 48.38 -4.37 -2.77
C SER C 504 47.95 -3.30 -3.76
N THR C 505 48.35 -2.05 -3.53
CA THR C 505 48.03 -0.98 -4.47
C THR C 505 48.70 -1.20 -5.81
N MET C 506 49.97 -1.65 -5.79
CA MET C 506 50.68 -1.90 -7.04
C MET C 506 50.00 -3.01 -7.85
N LEU C 507 49.61 -4.09 -7.18
CA LEU C 507 48.94 -5.18 -7.89
C LEU C 507 47.54 -4.77 -8.34
N ALA C 508 46.88 -3.87 -7.61
CA ALA C 508 45.54 -3.44 -7.98
C ALA C 508 45.53 -2.73 -9.33
N ASN C 509 46.54 -1.89 -9.59
CA ASN C 509 46.60 -1.14 -10.83
C ASN C 509 47.13 -1.95 -12.00
N LEU C 510 47.63 -3.16 -11.76
CA LEU C 510 48.16 -3.98 -12.85
C LEU C 510 47.07 -4.59 -13.72
N PHE C 511 45.87 -4.71 -13.16
CA PHE C 511 44.74 -5.36 -13.82
C PHE C 511 43.51 -4.47 -13.96
N SER C 512 43.30 -3.45 -13.12
CA SER C 512 42.19 -2.52 -13.31
C SER C 512 42.43 -1.54 -14.45
N MET C 513 41.47 -1.37 -15.37
CA MET C 513 41.50 -0.22 -16.26
C MET C 513 41.37 1.07 -15.44
N ARG C 514 42.32 2.01 -15.63
CA ARG C 514 42.31 3.28 -14.94
C ARG C 514 42.79 4.35 -15.98
N SER C 515 41.99 5.38 -16.23
CA SER C 515 42.33 6.42 -17.20
C SER C 515 43.56 7.21 -16.76
N PHE C 516 44.45 7.47 -17.70
CA PHE C 516 45.66 8.24 -17.44
C PHE C 516 45.36 9.72 -17.63
N ILE C 517 45.64 10.51 -16.59
CA ILE C 517 45.42 11.95 -16.60
C ILE C 517 46.76 12.63 -16.41
N LYS C 518 47.13 13.51 -17.34
CA LYS C 518 48.39 14.22 -17.26
C LYS C 518 48.34 15.27 -16.16
N ILE C 519 49.36 15.29 -15.32
CA ILE C 519 49.48 16.24 -14.21
C ILE C 519 50.70 17.12 -14.47
N GLU C 520 50.47 18.40 -14.73
CA GLU C 520 51.57 19.31 -14.98
C GLU C 520 52.31 19.70 -13.70
N GLU C 521 51.61 19.70 -12.56
CA GLU C 521 52.24 20.07 -11.30
C GLU C 521 53.25 19.00 -10.87
N ASP C 522 54.35 19.44 -10.26
CA ASP C 522 55.39 18.55 -9.78
C ASP C 522 55.00 18.06 -8.39
N THR C 523 54.05 17.12 -8.37
CA THR C 523 53.54 16.53 -7.15
C THR C 523 53.65 15.01 -7.21
N TRP C 524 53.38 14.37 -6.08
CA TRP C 524 53.41 12.91 -6.01
C TRP C 524 52.36 12.27 -6.89
N GLN C 525 51.26 12.99 -7.17
CA GLN C 525 50.19 12.42 -7.99
C GLN C 525 50.66 12.11 -9.41
N LYS C 526 51.51 12.99 -9.98
CA LYS C 526 52.01 12.74 -11.33
C LYS C 526 52.85 11.48 -11.37
N TYR C 527 53.77 11.32 -10.42
CA TYR C 527 54.61 10.12 -10.39
C TYR C 527 53.77 8.88 -10.14
N TYR C 528 52.76 8.97 -9.28
CA TYR C 528 51.89 7.83 -9.02
C TYR C 528 51.13 7.42 -10.28
N LEU C 529 50.53 8.40 -10.97
CA LEU C 529 49.76 8.11 -12.17
C LEU C 529 50.65 7.68 -13.34
N GLU C 530 51.94 7.99 -13.28
CA GLU C 530 52.85 7.51 -14.32
C GLU C 530 52.87 5.99 -14.38
N GLY C 531 52.90 5.34 -13.22
CA GLY C 531 52.87 3.89 -13.16
C GLY C 531 51.49 3.26 -13.18
N VAL C 532 50.44 4.06 -13.03
CA VAL C 532 49.08 3.51 -13.03
C VAL C 532 48.72 2.98 -14.42
N SER C 533 49.11 3.71 -15.47
CA SER C 533 48.76 3.31 -16.83
C SER C 533 49.36 1.97 -17.22
N ASN C 534 50.42 1.52 -16.54
CA ASN C 534 51.01 0.23 -16.84
C ASN C 534 50.06 -0.90 -16.47
N GLU C 535 49.94 -1.87 -17.38
CA GLU C 535 49.07 -3.03 -17.19
C GLU C 535 49.88 -4.29 -17.40
N MET C 536 49.24 -5.45 -17.23
CA MET C 536 49.90 -6.74 -17.28
C MET C 536 49.29 -7.57 -18.40
N TYR C 537 50.16 -8.19 -19.21
CA TYR C 537 49.74 -8.98 -20.36
C TYR C 537 50.55 -10.26 -20.41
N THR C 538 50.12 -11.18 -21.28
CA THR C 538 50.80 -12.45 -21.52
C THR C 538 51.13 -12.56 -23.00
N GLU C 539 52.34 -13.03 -23.29
CA GLU C 539 52.75 -13.17 -24.68
C GLU C 539 53.77 -14.31 -24.80
N TYR C 540 53.64 -15.10 -25.87
CA TYR C 540 54.57 -16.19 -26.10
C TYR C 540 55.95 -15.65 -26.45
N LEU C 541 56.99 -16.25 -25.86
CA LEU C 541 58.35 -15.82 -26.11
C LEU C 541 58.80 -16.20 -27.52
N SER C 542 59.67 -15.36 -28.08
CA SER C 542 60.20 -15.60 -29.41
C SER C 542 61.14 -16.80 -29.42
N SER C 543 61.30 -17.39 -30.61
CA SER C 543 62.19 -18.53 -30.76
C SER C 543 63.65 -18.18 -30.51
N ALA C 544 64.02 -16.89 -30.62
CA ALA C 544 65.39 -16.48 -30.35
C ALA C 544 65.74 -16.57 -28.87
N PHE C 545 64.74 -16.61 -28.00
CA PHE C 545 64.95 -16.68 -26.56
C PHE C 545 65.09 -18.11 -26.05
N VAL C 546 64.92 -19.11 -26.92
CA VAL C 546 65.02 -20.50 -26.50
C VAL C 546 66.48 -20.83 -26.17
N GLY C 547 66.69 -21.48 -25.03
CA GLY C 547 68.03 -21.82 -24.61
C GLY C 547 68.77 -20.74 -23.86
N LEU C 548 68.11 -19.65 -23.50
CA LEU C 548 68.73 -18.54 -22.78
C LEU C 548 68.18 -18.47 -21.36
N SER C 549 69.05 -18.09 -20.43
CA SER C 549 68.64 -17.98 -19.04
C SER C 549 67.66 -16.82 -18.85
N PHE C 550 66.82 -16.93 -17.83
CA PHE C 550 65.80 -15.93 -17.57
C PHE C 550 66.37 -14.53 -17.32
N PRO C 551 67.42 -14.34 -16.50
CA PRO C 551 67.95 -12.97 -16.33
C PRO C 551 68.41 -12.32 -17.62
N THR C 552 69.05 -13.09 -18.52
CA THR C 552 69.56 -12.50 -19.74
C THR C 552 68.43 -12.04 -20.66
N VAL C 553 67.43 -12.89 -20.86
CA VAL C 553 66.30 -12.51 -21.72
C VAL C 553 65.51 -11.37 -21.08
N CYS C 554 65.40 -11.37 -19.75
CA CYS C 554 64.71 -10.27 -19.07
C CYS C 554 65.45 -8.95 -19.28
N GLU C 555 66.78 -8.97 -19.17
CA GLU C 555 67.57 -7.76 -19.42
C GLU C 555 67.42 -7.31 -20.87
N LEU C 556 67.43 -8.26 -21.81
CA LEU C 556 67.27 -7.90 -23.22
C LEU C 556 65.91 -7.27 -23.47
N CYS C 557 64.85 -7.83 -22.87
CA CYS C 557 63.52 -7.25 -23.04
C CYS C 557 63.42 -5.87 -22.41
N PHE C 558 64.01 -5.68 -21.24
CA PHE C 558 63.89 -4.39 -20.56
C PHE C 558 64.69 -3.31 -21.28
N VAL C 559 65.94 -3.61 -21.64
CA VAL C 559 66.80 -2.60 -22.25
C VAL C 559 66.35 -2.27 -23.66
N LYS C 560 66.04 -3.29 -24.45
CA LYS C 560 65.71 -3.10 -25.86
C LYS C 560 64.21 -2.88 -26.06
N LEU C 561 63.39 -3.82 -25.62
CA LEU C 561 61.95 -3.79 -25.88
C LEU C 561 61.17 -3.00 -24.84
N LYS C 562 61.83 -2.51 -23.79
CA LYS C 562 61.16 -1.74 -22.73
C LYS C 562 60.01 -2.54 -22.11
N LEU C 563 60.23 -3.84 -21.92
CA LEU C 563 59.24 -4.72 -21.32
C LEU C 563 59.84 -5.41 -20.10
N LEU C 564 59.03 -5.49 -19.04
CA LEU C 564 59.44 -6.12 -17.79
C LEU C 564 58.76 -7.48 -17.69
N MET C 565 59.54 -8.55 -17.82
CA MET C 565 59.04 -9.91 -17.76
C MET C 565 59.17 -10.43 -16.34
N ILE C 566 58.09 -11.02 -15.83
CA ILE C 566 58.06 -11.48 -14.43
C ILE C 566 58.17 -12.99 -14.37
N ALA C 567 57.25 -13.70 -15.04
CA ALA C 567 57.15 -15.14 -14.88
C ALA C 567 56.98 -15.80 -16.24
N ILE C 568 57.28 -17.10 -16.27
CA ILE C 568 57.14 -17.95 -17.45
C ILE C 568 56.59 -19.30 -16.99
N GLU C 569 56.41 -20.21 -17.94
CA GLU C 569 55.94 -21.56 -17.66
C GLU C 569 57.04 -22.56 -18.00
N TYR C 570 57.32 -23.46 -17.07
CA TYR C 570 58.30 -24.52 -17.25
C TYR C 570 57.60 -25.87 -17.24
N LYS C 571 57.80 -26.66 -18.29
CA LYS C 571 57.18 -27.97 -18.43
C LYS C 571 58.19 -29.03 -18.03
N SER C 572 57.89 -29.76 -16.96
CA SER C 572 58.74 -30.84 -16.47
C SER C 572 58.30 -32.21 -16.98
N ALA C 573 57.29 -32.26 -17.85
CA ALA C 573 56.77 -33.52 -18.39
C ALA C 573 56.28 -34.46 -17.29
N ASN C 574 55.84 -33.90 -16.16
CA ASN C 574 55.32 -34.69 -15.06
C ASN C 574 53.97 -34.14 -14.60
N ARG C 575 53.76 -32.84 -14.76
CA ARG C 575 52.53 -32.19 -14.34
C ARG C 575 52.33 -30.95 -15.20
N GLU C 576 51.34 -30.13 -14.83
CA GLU C 576 51.07 -28.89 -15.54
C GLU C 576 52.22 -27.91 -15.34
N SER C 577 52.48 -27.11 -16.37
CA SER C 577 53.57 -26.15 -16.33
C SER C 577 53.29 -25.07 -15.29
N ARG C 578 54.01 -25.12 -14.17
CA ARG C 578 53.81 -24.17 -13.11
C ARG C 578 54.31 -22.78 -13.51
N ILE C 579 53.77 -21.77 -12.83
CA ILE C 579 54.16 -20.38 -13.06
C ILE C 579 55.34 -20.07 -12.14
N LEU C 580 56.54 -20.02 -12.70
CA LEU C 580 57.76 -19.75 -11.94
C LEU C 580 57.98 -18.24 -11.87
N ILE C 581 57.97 -17.70 -10.66
CA ILE C 581 58.10 -16.26 -10.46
C ILE C 581 59.59 -15.92 -10.44
N ASN C 582 60.04 -15.17 -11.44
CA ASN C 582 61.42 -14.75 -11.61
C ASN C 582 62.37 -15.94 -11.54
N PRO C 583 62.39 -16.81 -12.55
CA PRO C 583 63.32 -17.94 -12.53
C PRO C 583 64.77 -17.48 -12.57
N GLY C 584 65.64 -18.27 -11.96
CA GLY C 584 67.06 -17.99 -11.94
C GLY C 584 67.73 -18.47 -13.21
N ASN C 585 69.07 -18.45 -13.17
CA ASN C 585 69.88 -18.90 -14.29
C ASN C 585 70.07 -20.41 -14.31
N HIS C 586 69.55 -21.13 -13.31
CA HIS C 586 69.69 -22.58 -13.28
C HIS C 586 68.96 -23.24 -14.44
N LEU C 587 67.76 -22.75 -14.77
CA LEU C 587 66.93 -23.34 -15.79
C LEU C 587 66.85 -22.43 -17.01
N LYS C 588 66.81 -23.04 -18.20
CA LYS C 588 66.72 -22.31 -19.45
C LYS C 588 65.25 -22.15 -19.83
N ILE C 589 65.01 -21.69 -21.07
CA ILE C 589 63.66 -21.40 -21.56
C ILE C 589 63.40 -22.27 -22.78
N GLN C 590 62.27 -22.97 -22.77
CA GLN C 590 61.87 -23.82 -23.87
C GLN C 590 61.10 -23.02 -24.92
N GLU C 591 60.77 -23.68 -26.03
CA GLU C 591 60.04 -23.00 -27.11
C GLU C 591 58.65 -22.57 -26.67
N GLY C 592 57.94 -23.45 -25.95
CA GLY C 592 56.58 -23.15 -25.54
C GLY C 592 56.48 -22.44 -24.20
N THR C 593 56.89 -21.18 -24.14
CA THR C 593 56.82 -20.38 -22.93
C THR C 593 55.97 -19.14 -23.18
N LEU C 594 55.09 -18.84 -22.23
CA LEU C 594 54.15 -17.72 -22.32
C LEU C 594 54.52 -16.73 -21.21
N GLY C 595 55.43 -15.81 -21.52
CA GLY C 595 55.92 -14.89 -20.52
C GLY C 595 54.89 -13.86 -20.14
N PHE C 596 54.96 -13.41 -18.89
CA PHE C 596 54.11 -12.36 -18.36
C PHE C 596 54.88 -11.05 -18.36
N PHE C 597 54.33 -10.03 -19.01
CA PHE C 597 55.00 -8.75 -19.17
C PHE C 597 54.14 -7.63 -18.60
N ILE C 598 54.81 -6.53 -18.27
CA ILE C 598 54.15 -5.32 -17.79
C ILE C 598 54.45 -4.20 -18.77
N ALA C 599 53.41 -3.59 -19.32
CA ALA C 599 53.56 -2.48 -20.26
C ALA C 599 52.29 -1.65 -20.25
N SER C 600 52.46 -0.36 -20.58
CA SER C 600 51.32 0.55 -20.58
C SER C 600 50.30 0.17 -21.63
N ASP C 601 50.76 -0.23 -22.81
CA ASP C 601 49.88 -0.62 -23.92
C ASP C 601 50.04 -2.11 -24.20
N ALA C 602 49.34 -2.57 -25.24
CA ALA C 602 49.32 -3.98 -25.60
C ALA C 602 50.19 -4.30 -26.81
N LYS C 603 50.36 -3.35 -27.73
CA LYS C 603 51.15 -3.63 -28.93
C LYS C 603 52.64 -3.81 -28.60
N GLU C 604 53.12 -3.16 -27.55
CA GLU C 604 54.51 -3.35 -27.15
C GLU C 604 54.77 -4.77 -26.68
N VAL C 605 53.81 -5.36 -25.96
CA VAL C 605 53.96 -6.74 -25.50
C VAL C 605 54.00 -7.69 -26.69
N LYS C 606 53.21 -7.40 -27.73
CA LYS C 606 53.16 -8.28 -28.89
C LYS C 606 54.49 -8.33 -29.63
N ARG C 607 55.28 -7.25 -29.58
CA ARG C 607 56.54 -7.20 -30.33
C ARG C 607 57.56 -8.20 -29.80
N ALA C 608 57.39 -8.70 -28.57
CA ALA C 608 58.30 -9.70 -28.03
C ALA C 608 58.07 -11.08 -28.63
N PHE C 609 56.95 -11.30 -29.31
CA PHE C 609 56.68 -12.62 -29.88
C PHE C 609 57.54 -12.89 -31.11
N PHE C 610 57.81 -11.84 -31.90
CA PHE C 610 58.56 -11.97 -33.14
C PHE C 610 59.87 -11.19 -33.09
N TYR C 611 60.56 -11.27 -31.95
CA TYR C 611 61.87 -10.64 -31.83
C TYR C 611 62.92 -11.49 -32.52
N CYS C 612 63.74 -10.84 -33.36
CA CYS C 612 64.80 -11.51 -34.11
C CYS C 612 66.14 -11.00 -33.60
N LYS C 613 66.99 -11.92 -33.16
CA LYS C 613 68.30 -11.54 -32.63
C LYS C 613 69.18 -10.94 -33.73
N ALA C 614 69.21 -11.57 -34.91
CA ALA C 614 70.07 -11.08 -35.98
C ALA C 614 69.53 -9.80 -36.60
N CYS C 615 68.21 -9.75 -36.86
CA CYS C 615 67.64 -8.58 -37.50
C CYS C 615 67.64 -7.38 -36.58
N HIS C 616 67.40 -7.59 -35.28
CA HIS C 616 67.30 -6.52 -34.30
C HIS C 616 68.48 -6.53 -33.34
N ASP C 617 69.69 -6.78 -33.86
CA ASP C 617 70.88 -6.77 -33.03
C ASP C 617 71.12 -5.38 -32.44
N ASP C 618 70.95 -4.34 -33.24
CA ASP C 618 71.08 -2.95 -32.80
C ASP C 618 69.71 -2.32 -32.78
N ILE C 619 69.29 -1.84 -31.62
CA ILE C 619 67.95 -1.26 -31.42
C ILE C 619 68.15 0.11 -30.78
N THR C 620 68.20 1.15 -31.62
CA THR C 620 68.31 2.50 -31.09
C THR C 620 67.05 2.92 -30.34
N ASP C 621 65.89 2.64 -30.94
CA ASP C 621 64.60 2.92 -30.34
C ASP C 621 63.70 1.71 -30.49
N PRO C 622 62.74 1.51 -29.58
CA PRO C 622 61.88 0.33 -29.65
C PRO C 622 61.03 0.25 -30.91
N LYS C 623 60.83 1.37 -31.61
CA LYS C 623 60.04 1.36 -32.83
C LYS C 623 60.70 0.60 -33.97
N ARG C 624 61.99 0.25 -33.83
CA ARG C 624 62.67 -0.50 -34.89
C ARG C 624 62.06 -1.89 -35.06
N ILE C 625 61.67 -2.53 -33.96
CA ILE C 625 61.12 -3.88 -34.02
C ILE C 625 59.76 -3.84 -34.70
N LYS C 626 59.57 -4.70 -35.70
CA LYS C 626 58.33 -4.78 -36.45
C LYS C 626 58.08 -6.25 -36.78
N LYS C 627 56.97 -6.51 -37.49
CA LYS C 627 56.63 -7.87 -37.87
C LYS C 627 57.69 -8.47 -38.78
N CYS C 628 58.19 -7.69 -39.73
CA CYS C 628 59.24 -8.17 -40.62
C CYS C 628 60.53 -8.40 -39.85
N GLY C 629 61.24 -9.47 -40.19
CA GLY C 629 62.47 -9.80 -39.52
C GLY C 629 63.13 -11.00 -40.17
N CYS C 630 64.28 -11.38 -39.62
CA CYS C 630 65.05 -12.50 -40.11
C CYS C 630 64.86 -13.70 -39.19
N LYS C 631 64.45 -14.82 -39.77
CA LYS C 631 64.22 -16.04 -39.00
C LYS C 631 65.46 -16.92 -38.98
N SER C 681 66.18 -35.93 9.50
CA SER C 681 65.71 -36.40 10.79
C SER C 681 64.19 -36.55 10.81
N ASN C 682 63.67 -37.20 11.85
CA ASN C 682 62.22 -37.41 11.99
C ASN C 682 61.60 -36.25 12.77
N VAL C 683 61.80 -35.05 12.25
CA VAL C 683 61.28 -33.81 12.85
C VAL C 683 60.36 -33.15 11.85
N LYS C 684 59.15 -32.80 12.29
CA LYS C 684 58.17 -32.16 11.43
C LYS C 684 58.51 -30.68 11.31
N LYS C 685 59.05 -30.28 10.16
CA LYS C 685 59.42 -28.90 9.89
C LYS C 685 58.55 -28.23 8.84
N TYR C 686 58.17 -28.96 7.79
CA TYR C 686 57.34 -28.44 6.73
C TYR C 686 56.17 -29.39 6.49
N ASP C 687 55.28 -29.00 5.58
CA ASP C 687 54.11 -29.82 5.28
C ASP C 687 54.51 -30.99 4.39
N SER C 688 53.51 -31.71 3.87
CA SER C 688 53.79 -32.89 3.06
C SER C 688 54.55 -32.52 1.79
N THR C 689 54.14 -31.43 1.13
CA THR C 689 54.81 -30.98 -0.08
C THR C 689 55.98 -30.06 0.19
N GLY C 690 56.17 -29.61 1.42
CA GLY C 690 57.24 -28.68 1.73
C GLY C 690 56.99 -27.26 1.28
N MET C 691 55.78 -26.95 0.82
CA MET C 691 55.49 -25.61 0.29
C MET C 691 55.36 -24.57 1.39
N PHE C 692 55.00 -24.99 2.61
CA PHE C 692 54.79 -24.07 3.71
C PHE C 692 55.42 -24.63 4.98
N HIS C 693 55.75 -23.72 5.91
CA HIS C 693 56.22 -24.14 7.22
C HIS C 693 55.09 -24.83 8.00
N TRP C 694 55.44 -25.87 8.73
CA TRP C 694 54.47 -26.63 9.52
C TRP C 694 55.02 -26.89 10.91
N CYS C 695 54.11 -26.99 11.87
CA CYS C 695 54.47 -27.28 13.25
C CYS C 695 53.45 -28.25 13.83
N ALA C 696 53.85 -28.94 14.88
CA ALA C 696 52.96 -29.89 15.53
C ALA C 696 51.75 -29.16 16.10
N PRO C 697 50.55 -29.74 16.00
CA PRO C 697 49.35 -29.05 16.52
C PRO C 697 49.46 -28.80 18.02
N LYS C 698 49.02 -27.61 18.42
CA LYS C 698 49.08 -27.13 19.80
C LYS C 698 47.74 -26.54 20.22
N GLU C 699 47.30 -26.88 21.43
CA GLU C 699 46.05 -26.36 21.98
C GLU C 699 46.15 -24.83 22.19
N ILE C 700 45.03 -24.11 22.07
CA ILE C 700 45.03 -22.63 22.09
C ILE C 700 45.64 -22.05 23.37
N GLU C 701 45.59 -22.80 24.47
CA GLU C 701 46.23 -22.46 25.74
C GLU C 701 47.75 -22.28 25.65
N LYS C 702 48.43 -22.83 24.64
CA LYS C 702 49.87 -22.65 24.41
C LYS C 702 50.21 -21.31 23.76
N VAL C 703 49.24 -20.63 23.15
CA VAL C 703 49.48 -19.41 22.34
C VAL C 703 48.73 -18.19 22.83
N ILE C 704 47.66 -18.38 23.59
CA ILE C 704 46.95 -17.31 24.30
C ILE C 704 47.87 -16.68 25.34
N LEU C 705 47.80 -15.37 25.54
CA LEU C 705 48.58 -14.71 26.57
C LEU C 705 47.94 -13.43 27.14
N THR C 706 48.31 -13.06 28.35
CA THR C 706 47.82 -11.87 29.07
C THR C 706 48.67 -10.63 28.76
N ARG C 707 48.19 -9.45 29.14
CA ARG C 707 48.91 -8.21 28.91
C ARG C 707 50.37 -8.23 29.42
N SER C 708 50.56 -8.72 30.64
CA SER C 708 51.91 -8.77 31.23
C SER C 708 52.83 -9.72 30.46
N GLU C 709 52.33 -10.88 30.02
CA GLU C 709 53.07 -11.82 29.18
C GLU C 709 53.44 -11.21 27.83
N ALA C 710 52.54 -10.45 27.21
CA ALA C 710 52.88 -9.69 26.01
C ALA C 710 53.95 -8.63 26.34
N ALA C 711 53.73 -7.84 27.39
CA ALA C 711 54.53 -6.67 27.71
C ALA C 711 56.01 -6.98 28.01
N MET C 712 56.32 -8.10 28.68
CA MET C 712 57.72 -8.48 28.91
C MET C 712 58.34 -9.30 27.76
N THR C 713 57.55 -9.70 26.75
CA THR C 713 58.09 -10.35 25.55
C THR C 713 58.85 -9.35 24.67
N VAL C 714 59.93 -9.82 24.06
CA VAL C 714 60.96 -9.05 23.37
C VAL C 714 60.67 -9.04 21.87
N LEU C 715 59.44 -9.38 21.51
CA LEU C 715 59.06 -9.45 20.10
C LEU C 715 59.26 -8.11 19.43
N SER C 716 59.84 -8.13 18.22
CA SER C 716 60.10 -6.93 17.45
C SER C 716 60.04 -7.27 15.98
N GLY C 717 59.64 -6.29 15.17
CA GLY C 717 59.47 -6.52 13.74
C GLY C 717 58.44 -7.59 13.43
N HIS C 718 57.38 -7.65 14.23
CA HIS C 718 56.35 -8.67 14.09
C HIS C 718 55.14 -8.09 13.37
N VAL C 719 54.10 -8.91 13.23
CA VAL C 719 52.86 -8.53 12.57
C VAL C 719 51.74 -8.59 13.59
N VAL C 720 50.96 -7.51 13.68
CA VAL C 720 49.82 -7.43 14.57
C VAL C 720 48.56 -7.42 13.73
N VAL C 721 47.59 -8.26 14.08
CA VAL C 721 46.32 -8.33 13.37
C VAL C 721 45.20 -8.12 14.37
N CYS C 722 44.47 -7.03 14.22
CA CYS C 722 43.31 -6.72 15.05
C CYS C 722 42.05 -7.22 14.36
N ILE C 723 41.20 -7.94 15.10
CA ILE C 723 40.00 -8.56 14.56
C ILE C 723 38.79 -8.02 15.32
N PHE C 724 37.80 -7.54 14.59
CA PHE C 724 36.52 -7.12 15.16
C PHE C 724 35.50 -8.21 14.84
N GLY C 725 35.45 -9.22 15.70
CA GLY C 725 34.56 -10.35 15.49
C GLY C 725 33.90 -10.78 16.77
N ASP C 726 32.69 -11.35 16.62
CA ASP C 726 31.93 -11.84 17.75
C ASP C 726 31.50 -13.29 17.52
N VAL C 727 30.62 -13.80 18.38
CA VAL C 727 30.15 -15.18 18.23
C VAL C 727 29.36 -15.34 16.93
N SER C 728 28.48 -14.38 16.63
CA SER C 728 27.65 -14.45 15.44
C SER C 728 28.35 -13.93 14.19
N SER C 729 29.52 -13.30 14.27
CA SER C 729 30.06 -12.80 13.01
C SER C 729 30.63 -13.91 12.22
N ALA C 730 30.71 -13.74 10.98
CA ALA C 730 31.20 -14.73 10.02
C ALA C 730 32.72 -14.99 10.15
N LEU C 731 33.20 -16.17 9.74
CA LEU C 731 34.64 -16.42 9.73
C LEU C 731 35.34 -15.59 8.66
N ILE C 732 36.40 -14.87 9.03
CA ILE C 732 37.29 -14.20 8.07
C ILE C 732 38.14 -15.24 7.33
N GLY C 733 38.47 -16.37 7.97
CA GLY C 733 39.28 -17.42 7.35
C GLY C 733 40.76 -17.05 7.39
N LEU C 734 41.30 -16.86 8.58
CA LEU C 734 42.62 -16.28 8.79
C LEU C 734 43.75 -17.14 8.26
N ARG C 735 43.51 -18.42 7.92
CA ARG C 735 44.52 -19.33 7.35
C ARG C 735 45.14 -18.71 6.11
N ASN C 736 44.31 -18.12 5.26
CA ASN C 736 44.75 -17.47 4.02
C ASN C 736 45.61 -16.23 4.31
N LEU C 737 45.53 -15.67 5.51
CA LEU C 737 46.43 -14.59 5.93
C LEU C 737 47.74 -15.11 6.50
N VAL C 738 47.78 -16.34 6.99
CA VAL C 738 48.96 -16.86 7.65
C VAL C 738 49.87 -17.62 6.69
N MET C 739 49.29 -18.43 5.80
CA MET C 739 50.04 -19.21 4.83
C MET C 739 51.03 -18.37 4.03
N PRO C 740 50.63 -17.29 3.34
CA PRO C 740 51.60 -16.51 2.56
C PRO C 740 52.73 -15.92 3.39
N LEU C 741 52.47 -15.57 4.65
CA LEU C 741 53.51 -14.98 5.50
C LEU C 741 54.59 -16.00 5.86
N ARG C 742 54.29 -17.29 5.80
CA ARG C 742 55.28 -18.35 6.01
C ARG C 742 55.04 -19.42 4.95
N ALA C 743 55.69 -19.27 3.80
CA ALA C 743 55.54 -20.19 2.68
C ALA C 743 56.86 -20.88 2.36
N SER C 744 57.63 -21.20 3.42
CA SER C 744 58.86 -21.97 3.31
C SER C 744 59.93 -21.24 2.52
N ASN C 745 59.64 -20.02 2.06
CA ASN C 745 60.61 -19.21 1.36
C ASN C 745 61.43 -18.32 2.30
N PHE C 746 61.08 -18.30 3.58
CA PHE C 746 61.79 -17.53 4.58
C PHE C 746 62.37 -18.47 5.62
N HIS C 747 63.52 -18.09 6.17
CA HIS C 747 64.13 -18.88 7.23
C HIS C 747 63.29 -18.79 8.50
N TYR C 748 63.51 -19.76 9.40
CA TYR C 748 62.71 -19.83 10.62
C TYR C 748 62.88 -18.56 11.46
N HIS C 749 64.11 -18.08 11.59
CA HIS C 749 64.33 -16.81 12.30
C HIS C 749 63.79 -15.63 11.52
N GLU C 750 63.72 -15.73 10.19
CA GLU C 750 63.23 -14.64 9.36
C GLU C 750 61.71 -14.52 9.37
N LEU C 751 61.01 -15.54 9.85
CA LEU C 751 59.55 -15.48 9.88
C LEU C 751 59.07 -14.41 10.84
N LYS C 752 58.05 -13.67 10.42
CA LYS C 752 57.48 -12.60 11.23
C LYS C 752 56.42 -13.16 12.16
N HIS C 753 56.52 -12.83 13.46
CA HIS C 753 55.61 -13.31 14.45
C HIS C 753 54.24 -12.66 14.23
N ILE C 754 53.18 -13.44 14.35
CA ILE C 754 51.81 -12.95 14.18
C ILE C 754 51.14 -12.93 15.55
N VAL C 755 50.62 -11.77 15.94
CA VAL C 755 49.85 -11.59 17.17
C VAL C 755 48.44 -11.13 16.84
N PHE C 756 47.43 -11.87 17.26
CA PHE C 756 46.04 -11.52 17.03
C PHE C 756 45.47 -10.84 18.26
N VAL C 757 44.81 -9.70 18.05
CA VAL C 757 44.15 -8.94 19.10
C VAL C 757 42.66 -8.91 18.79
N GLY C 758 41.88 -9.56 19.64
CA GLY C 758 40.45 -9.64 19.40
C GLY C 758 39.78 -10.53 20.43
N SER C 759 38.51 -10.82 20.18
CA SER C 759 37.75 -11.68 21.08
C SER C 759 38.31 -13.10 21.07
N ILE C 760 38.56 -13.67 22.23
CA ILE C 760 39.09 -15.02 22.25
C ILE C 760 38.04 -16.01 21.80
N GLU C 761 36.76 -15.78 22.09
CA GLU C 761 35.73 -16.71 21.64
C GLU C 761 35.70 -16.82 20.12
N TYR C 762 35.84 -15.68 19.42
CA TYR C 762 35.89 -15.72 17.97
C TYR C 762 37.13 -16.46 17.47
N LEU C 763 38.27 -16.22 18.12
CA LEU C 763 39.50 -16.91 17.71
C LEU C 763 39.41 -18.41 17.93
N LYS C 764 38.66 -18.85 18.95
CA LYS C 764 38.48 -20.28 19.18
C LYS C 764 37.72 -20.94 18.04
N ARG C 765 36.90 -20.18 17.32
CA ARG C 765 36.10 -20.76 16.24
C ARG C 765 36.98 -21.27 15.11
N GLU C 766 38.02 -20.50 14.76
CA GLU C 766 38.87 -20.84 13.61
C GLU C 766 40.31 -21.12 14.03
N TRP C 767 40.58 -21.42 15.31
CA TRP C 767 41.92 -21.76 15.76
C TRP C 767 42.39 -23.09 15.19
N GLU C 768 41.49 -24.05 14.96
CA GLU C 768 41.89 -25.36 14.48
C GLU C 768 42.53 -25.30 13.10
N THR C 769 42.29 -24.23 12.35
CA THR C 769 42.91 -24.05 11.03
C THR C 769 44.23 -23.28 11.10
N LEU C 770 44.62 -22.80 12.27
CA LEU C 770 45.85 -22.03 12.42
C LEU C 770 46.81 -22.62 13.45
N HIS C 771 46.45 -23.71 14.12
CA HIS C 771 47.33 -24.26 15.15
C HIS C 771 48.55 -24.98 14.59
N ASN C 772 48.62 -25.20 13.28
CA ASN C 772 49.76 -25.86 12.67
C ASN C 772 50.91 -24.91 12.34
N PHE C 773 50.76 -23.62 12.62
CA PHE C 773 51.84 -22.70 12.28
C PHE C 773 52.71 -22.41 13.49
N PRO C 774 54.02 -22.25 13.29
CA PRO C 774 54.95 -22.12 14.43
C PRO C 774 54.73 -20.88 15.27
N LYS C 775 54.77 -19.70 14.66
CA LYS C 775 54.76 -18.43 15.39
C LYS C 775 53.38 -17.79 15.26
N VAL C 776 52.50 -18.14 16.17
CA VAL C 776 51.25 -17.44 16.36
C VAL C 776 51.08 -17.16 17.84
N SER C 777 50.50 -16.03 18.17
CA SER C 777 50.09 -15.70 19.52
C SER C 777 48.78 -14.94 19.49
N ILE C 778 48.01 -15.03 20.56
CA ILE C 778 46.70 -14.40 20.66
C ILE C 778 46.65 -13.63 21.96
N LEU C 779 46.17 -12.39 21.93
CA LEU C 779 45.90 -11.59 23.10
C LEU C 779 44.38 -11.39 23.19
N PRO C 780 43.71 -11.86 24.25
CA PRO C 780 42.27 -11.74 24.39
C PRO C 780 41.92 -10.31 24.79
N GLY C 781 41.42 -9.50 23.85
CA GLY C 781 41.14 -8.09 24.16
C GLY C 781 40.66 -7.26 22.98
N THR C 782 40.06 -6.11 23.27
CA THR C 782 39.44 -5.25 22.25
C THR C 782 40.52 -4.49 21.46
N PRO C 783 40.52 -4.51 20.12
CA PRO C 783 41.46 -3.75 19.30
C PRO C 783 41.45 -2.25 19.59
N LEU C 784 40.30 -1.69 19.97
CA LEU C 784 40.22 -0.28 20.30
C LEU C 784 40.94 0.05 21.59
N SER C 785 41.25 -0.92 22.44
CA SER C 785 41.91 -0.70 23.74
C SER C 785 43.38 -0.35 23.55
N ARG C 786 43.76 0.87 23.93
CA ARG C 786 45.13 1.31 23.76
C ARG C 786 46.11 0.50 24.61
N ALA C 787 45.69 0.01 25.77
CA ALA C 787 46.55 -0.80 26.63
C ALA C 787 47.00 -2.09 25.94
N ASP C 788 46.09 -2.80 25.28
CA ASP C 788 46.41 -4.00 24.53
C ASP C 788 47.42 -3.69 23.44
N LEU C 789 47.22 -2.61 22.68
CA LEU C 789 48.12 -2.27 21.59
C LEU C 789 49.51 -1.91 22.10
N ARG C 790 49.56 -1.19 23.23
CA ARG C 790 50.86 -0.88 23.83
C ARG C 790 51.53 -2.15 24.37
N ALA C 791 50.76 -3.09 24.90
CA ALA C 791 51.29 -4.35 25.42
C ALA C 791 51.82 -5.26 24.31
N VAL C 792 51.28 -5.20 23.09
CA VAL C 792 51.83 -5.90 21.94
C VAL C 792 53.04 -5.16 21.36
N ASN C 793 53.30 -3.94 21.80
CA ASN C 793 54.40 -3.11 21.30
C ASN C 793 54.22 -2.81 19.81
N ILE C 794 53.08 -2.20 19.51
CA ILE C 794 52.73 -1.85 18.13
C ILE C 794 53.57 -0.70 17.60
N ASN C 795 54.31 0.00 18.46
CA ASN C 795 55.12 1.13 18.01
C ASN C 795 56.22 0.67 17.06
N LEU C 796 56.87 -0.45 17.37
CA LEU C 796 57.98 -0.96 16.57
C LEU C 796 57.60 -2.23 15.79
N CYS C 797 56.31 -2.54 15.69
CA CYS C 797 55.89 -3.71 14.92
C CYS C 797 56.14 -3.48 13.44
N ASP C 798 56.43 -4.58 12.72
CA ASP C 798 56.71 -4.47 11.30
C ASP C 798 55.47 -4.05 10.52
N MET C 799 54.29 -4.59 10.89
CA MET C 799 53.07 -4.27 10.17
C MET C 799 51.87 -4.46 11.08
N CYS C 800 50.84 -3.66 10.84
CA CYS C 800 49.57 -3.75 11.56
C CYS C 800 48.43 -3.87 10.56
N VAL C 801 47.47 -4.73 10.88
CA VAL C 801 46.33 -5.01 10.03
C VAL C 801 45.07 -4.87 10.85
N ILE C 802 44.03 -4.28 10.27
CA ILE C 802 42.73 -4.13 10.92
C ILE C 802 41.70 -4.84 10.05
N LEU C 803 40.97 -5.79 10.66
CA LEU C 803 39.95 -6.56 9.95
C LEU C 803 38.67 -6.56 10.76
N SER C 804 37.58 -6.62 10.02
CA SER C 804 36.38 -6.77 10.70
C SER C 804 35.71 -7.99 10.14
N ALA C 805 34.83 -8.55 10.90
CA ALA C 805 34.03 -9.68 10.45
C ALA C 805 32.54 -9.40 10.44
N ASN C 806 32.14 -8.17 10.76
CA ASN C 806 30.71 -7.82 10.84
C ASN C 806 30.25 -7.13 9.56
N GLN C 807 30.30 -7.88 8.46
CA GLN C 807 29.78 -7.43 7.18
C GLN C 807 28.33 -7.88 6.94
N ASN C 808 27.75 -8.59 7.90
CA ASN C 808 26.40 -9.12 7.79
C ASN C 808 25.30 -8.12 8.11
N ASN C 809 25.63 -7.12 8.91
CA ASN C 809 24.65 -6.10 9.30
C ASN C 809 23.97 -5.47 8.07
N ILE C 810 22.64 -5.45 8.04
CA ILE C 810 21.93 -4.89 6.89
C ILE C 810 21.68 -3.39 7.06
N ASP C 811 21.59 -2.93 8.30
CA ASP C 811 21.35 -1.52 8.58
C ASP C 811 22.57 -0.67 8.20
N ASP C 812 22.31 0.60 7.86
CA ASP C 812 23.35 1.57 7.47
C ASP C 812 24.28 1.10 6.35
N THR C 813 23.79 1.18 5.11
CA THR C 813 24.52 0.76 3.92
C THR C 813 25.98 1.23 3.85
N SER C 814 26.24 2.49 4.17
CA SER C 814 27.61 3.03 4.13
C SER C 814 28.18 3.29 5.54
N LEU C 815 28.21 2.25 6.36
CA LEU C 815 28.69 2.39 7.74
C LEU C 815 29.40 1.14 8.25
N GLN C 816 29.60 0.11 7.42
CA GLN C 816 30.18 -1.13 7.91
C GLN C 816 31.61 -0.93 8.37
N ASP C 817 32.41 -0.19 7.62
CA ASP C 817 33.80 0.10 7.99
C ASP C 817 33.85 1.24 9.00
N LYS C 818 33.27 0.98 10.17
CA LYS C 818 33.12 1.97 11.23
C LYS C 818 34.17 1.83 12.31
N GLU C 819 34.37 0.63 12.85
CA GLU C 819 35.37 0.44 13.89
C GLU C 819 36.78 0.46 13.34
N CYS C 820 36.95 0.12 12.06
CA CYS C 820 38.28 0.03 11.47
C CYS C 820 38.95 1.40 11.44
N ILE C 821 38.22 2.42 11.00
CA ILE C 821 38.80 3.77 10.93
C ILE C 821 39.07 4.29 12.34
N LEU C 822 38.21 3.97 13.30
CA LEU C 822 38.44 4.37 14.68
C LEU C 822 39.72 3.74 15.22
N ALA C 823 39.92 2.45 14.96
CA ALA C 823 41.14 1.79 15.41
C ALA C 823 42.37 2.38 14.72
N SER C 824 42.26 2.67 13.42
CA SER C 824 43.39 3.26 12.71
C SER C 824 43.75 4.63 13.28
N LEU C 825 42.74 5.46 13.57
CA LEU C 825 43.01 6.78 14.14
C LEU C 825 43.58 6.67 15.55
N ASN C 826 43.10 5.70 16.33
CA ASN C 826 43.65 5.48 17.66
C ASN C 826 45.12 5.08 17.57
N ILE C 827 45.47 4.22 16.61
CA ILE C 827 46.86 3.84 16.42
C ILE C 827 47.70 5.03 15.99
N LYS C 828 47.18 5.83 15.05
CA LYS C 828 47.92 7.00 14.59
C LYS C 828 48.09 8.02 15.71
N SER C 829 47.03 8.29 16.47
CA SER C 829 47.06 9.28 17.54
C SER C 829 47.46 8.65 18.88
N MET C 830 48.60 7.96 18.88
CA MET C 830 49.13 7.31 20.07
C MET C 830 50.61 7.64 20.19
N GLN C 831 51.03 8.05 21.38
CA GLN C 831 52.40 8.45 21.62
C GLN C 831 53.13 7.37 22.42
N PHE C 832 54.45 7.32 22.24
CA PHE C 832 55.30 6.35 22.91
C PHE C 832 56.52 7.04 23.48
N ASP C 833 57.12 6.41 24.49
CA ASP C 833 58.30 6.92 25.16
C ASP C 833 59.52 6.12 24.72
N ASP C 834 60.58 6.83 24.34
CA ASP C 834 61.81 6.19 23.89
C ASP C 834 62.48 5.45 25.04
N THR C 871 57.61 8.00 20.57
CA THR C 871 57.24 9.00 19.58
C THR C 871 55.79 8.83 19.14
N THR C 872 55.37 9.63 18.17
CA THR C 872 54.01 9.56 17.66
C THR C 872 53.79 8.28 16.87
N GLY C 873 52.54 7.82 16.86
CA GLY C 873 52.15 6.60 16.19
C GLY C 873 51.76 6.75 14.73
N VAL C 874 51.90 7.94 14.16
CA VAL C 874 51.57 8.12 12.74
C VAL C 874 52.51 7.32 11.85
N ASN C 875 53.78 7.18 12.24
CA ASN C 875 54.75 6.44 11.45
C ASN C 875 54.49 4.95 11.43
N ILE C 876 53.60 4.45 12.28
CA ILE C 876 53.30 3.02 12.33
C ILE C 876 52.57 2.60 11.07
N PRO C 877 53.09 1.63 10.31
CA PRO C 877 52.38 1.18 9.11
C PRO C 877 51.17 0.32 9.48
N ILE C 878 50.01 0.70 8.96
CA ILE C 878 48.76 0.01 9.25
C ILE C 878 48.04 -0.28 7.95
N ILE C 879 47.40 -1.45 7.87
CA ILE C 879 46.61 -1.87 6.73
C ILE C 879 45.17 -2.03 7.18
N THR C 880 44.25 -1.34 6.51
CA THR C 880 42.84 -1.31 6.90
C THR C 880 42.01 -1.90 5.78
N GLU C 881 41.10 -2.82 6.15
CA GLU C 881 40.16 -3.41 5.21
C GLU C 881 38.90 -2.56 5.17
N LEU C 882 38.58 -2.02 4.00
CA LEU C 882 37.42 -1.17 3.80
C LEU C 882 36.45 -1.85 2.83
N VAL C 883 35.17 -1.89 3.21
CA VAL C 883 34.14 -2.42 2.33
C VAL C 883 33.48 -1.35 1.49
N ASN C 884 33.71 -0.07 1.79
CA ASN C 884 33.13 1.05 1.06
C ASN C 884 34.25 1.97 0.60
N ASP C 885 34.23 2.32 -0.69
CA ASP C 885 35.26 3.18 -1.25
C ASP C 885 35.08 4.65 -0.90
N THR C 886 33.89 4.97 -0.37
CA THR C 886 33.56 6.31 0.05
C THR C 886 34.07 6.70 1.45
N ASN C 887 34.83 5.86 2.15
CA ASN C 887 35.41 6.14 3.46
C ASN C 887 36.92 6.03 3.47
N VAL C 888 37.55 5.95 2.30
CA VAL C 888 39.01 5.81 2.24
C VAL C 888 39.69 7.10 2.70
N GLN C 889 39.10 8.25 2.38
CA GLN C 889 39.72 9.53 2.72
C GLN C 889 39.74 9.78 4.23
N PHE C 890 38.94 9.04 5.00
CA PHE C 890 38.93 9.22 6.45
C PHE C 890 40.17 8.66 7.12
N LEU C 891 41.01 7.91 6.41
CA LEU C 891 42.17 7.29 7.02
C LEU C 891 43.29 8.30 7.24
N ASP C 892 43.79 8.90 6.15
CA ASP C 892 44.89 9.86 6.22
C ASP C 892 44.32 11.26 6.32
N GLN C 893 44.22 11.77 7.54
CA GLN C 893 43.72 13.12 7.79
C GLN C 893 44.89 14.10 7.92
N ASP C 894 45.66 14.21 6.84
CA ASP C 894 46.80 15.13 6.81
C ASP C 894 46.76 15.99 5.55
N ASP C 895 46.15 15.48 4.49
CA ASP C 895 46.08 16.20 3.22
C ASP C 895 44.81 15.78 2.50
N ASP C 896 43.87 16.71 2.38
CA ASP C 896 42.60 16.46 1.70
C ASP C 896 42.57 17.33 0.44
N ASP C 897 43.04 16.76 -0.68
CA ASP C 897 43.07 17.49 -1.94
C ASP C 897 41.66 17.85 -2.39
N ASP C 898 40.74 16.88 -2.33
CA ASP C 898 39.35 17.10 -2.73
C ASP C 898 38.48 15.95 -2.21
N PRO C 899 37.32 16.25 -1.63
CA PRO C 899 36.46 15.16 -1.13
C PRO C 899 35.99 14.21 -2.21
N ASP C 900 35.79 14.69 -3.42
CA ASP C 900 35.35 13.86 -4.54
C ASP C 900 36.59 13.47 -5.34
N THR C 901 37.16 12.31 -5.01
CA THR C 901 38.38 11.82 -5.64
C THR C 901 38.21 10.36 -6.00
N GLU C 902 38.93 9.93 -7.04
CA GLU C 902 38.92 8.53 -7.45
C GLU C 902 39.56 7.65 -6.39
N LEU C 903 39.14 6.39 -6.35
CA LEU C 903 39.66 5.47 -5.34
C LEU C 903 41.15 5.27 -5.48
N TYR C 904 41.64 5.08 -6.72
CA TYR C 904 43.07 4.87 -6.92
C TYR C 904 43.86 6.16 -6.67
N LEU C 905 43.28 7.31 -7.05
CA LEU C 905 43.97 8.58 -6.86
C LEU C 905 44.00 9.01 -5.40
N THR C 906 43.19 8.40 -4.55
CA THR C 906 43.15 8.77 -3.14
C THR C 906 44.48 8.44 -2.47
N GLN C 907 44.94 9.35 -1.61
CA GLN C 907 46.24 9.17 -0.97
C GLN C 907 46.34 7.92 -0.10
N PRO C 908 45.37 7.61 0.78
CA PRO C 908 45.49 6.36 1.56
C PRO C 908 45.59 5.11 0.69
N PHE C 909 44.85 5.07 -0.42
CA PHE C 909 44.96 3.91 -1.31
C PHE C 909 46.29 3.90 -2.04
N ALA C 910 46.76 5.07 -2.50
CA ALA C 910 48.04 5.13 -3.19
C ALA C 910 49.19 4.75 -2.27
N CYS C 911 49.13 5.18 -1.01
CA CYS C 911 50.17 4.82 -0.04
C CYS C 911 50.11 3.36 0.37
N GLY C 912 49.04 2.64 0.03
CA GLY C 912 48.91 1.24 0.38
C GLY C 912 48.40 0.97 1.78
N THR C 913 48.10 2.01 2.56
CA THR C 913 47.62 1.82 3.92
C THR C 913 46.16 1.41 3.98
N ALA C 914 45.43 1.48 2.88
CA ALA C 914 44.02 1.12 2.83
C ALA C 914 43.79 0.14 1.69
N PHE C 915 42.95 -0.87 1.94
CA PHE C 915 42.60 -1.87 0.95
C PHE C 915 41.09 -2.00 0.88
N ALA C 916 40.57 -2.20 -0.33
CA ALA C 916 39.14 -2.29 -0.56
C ALA C 916 38.81 -3.57 -1.31
N VAL C 917 37.72 -4.21 -0.92
CA VAL C 917 37.29 -5.48 -1.53
C VAL C 917 36.72 -5.24 -2.93
N SER C 918 36.29 -4.02 -3.18
CA SER C 918 35.98 -3.46 -4.49
C SER C 918 37.05 -3.76 -5.54
N VAL C 919 38.31 -3.78 -5.12
CA VAL C 919 39.44 -4.07 -6.01
C VAL C 919 39.31 -5.44 -6.66
N LEU C 920 38.82 -6.46 -5.95
CA LEU C 920 38.67 -7.79 -6.53
C LEU C 920 37.56 -7.83 -7.60
N ASP C 921 36.55 -6.96 -7.55
CA ASP C 921 35.55 -6.90 -8.63
C ASP C 921 36.14 -6.47 -9.97
N SER C 922 37.30 -5.81 -9.96
CA SER C 922 38.04 -5.53 -11.19
C SER C 922 38.85 -6.74 -11.66
N LEU C 923 39.47 -7.50 -10.77
CA LEU C 923 40.16 -8.75 -11.15
C LEU C 923 39.22 -9.74 -11.84
N MET C 924 37.95 -9.68 -11.43
CA MET C 924 36.83 -10.38 -12.04
C MET C 924 36.71 -10.11 -13.55
N SER C 925 37.04 -8.91 -14.03
CA SER C 925 37.11 -8.62 -15.47
C SER C 925 38.43 -9.04 -16.11
N ALA C 926 39.57 -8.82 -15.45
CA ALA C 926 40.87 -9.07 -16.03
C ALA C 926 41.06 -10.53 -16.38
N THR C 927 40.50 -11.43 -15.56
CA THR C 927 40.51 -12.86 -15.89
C THR C 927 39.58 -13.22 -17.06
N TYR C 928 38.56 -12.42 -17.38
CA TYR C 928 37.80 -12.67 -18.61
C TYR C 928 38.66 -12.32 -19.82
N PHE C 929 39.21 -11.11 -19.87
CA PHE C 929 40.01 -10.66 -21.02
C PHE C 929 41.33 -11.40 -21.17
N ASN C 930 41.95 -11.84 -20.06
CA ASN C 930 43.13 -12.68 -20.11
C ASN C 930 43.13 -13.68 -18.96
N ASP C 931 42.84 -14.93 -19.33
CA ASP C 931 42.64 -16.05 -18.41
C ASP C 931 43.82 -16.32 -17.47
N ASN C 932 45.04 -15.99 -17.89
CA ASN C 932 46.25 -16.32 -17.15
C ASN C 932 46.54 -15.35 -16.00
N ILE C 933 46.00 -14.14 -16.04
CA ILE C 933 46.28 -13.09 -15.06
C ILE C 933 45.94 -13.56 -13.66
N LEU C 934 44.77 -14.17 -13.46
CA LEU C 934 44.39 -14.72 -12.17
C LEU C 934 45.38 -15.78 -11.69
N THR C 935 45.85 -16.66 -12.56
CA THR C 935 46.79 -17.68 -12.11
C THR C 935 48.12 -17.05 -11.66
N LEU C 936 48.63 -16.08 -12.42
CA LEU C 936 49.87 -15.42 -12.05
C LEU C 936 49.72 -14.69 -10.71
N ILE C 937 48.63 -13.96 -10.52
CA ILE C 937 48.39 -13.25 -9.26
C ILE C 937 48.29 -14.25 -8.13
N ARG C 938 47.52 -15.32 -8.30
CA ARG C 938 47.39 -16.31 -7.25
C ARG C 938 48.76 -16.88 -6.89
N THR C 939 49.57 -17.32 -7.85
CA THR C 939 50.83 -17.97 -7.54
C THR C 939 51.86 -16.98 -6.98
N LEU C 940 51.75 -15.70 -7.34
CA LEU C 940 52.64 -14.69 -6.78
C LEU C 940 52.24 -14.31 -5.36
N VAL C 941 50.94 -14.34 -5.05
CA VAL C 941 50.45 -13.86 -3.75
C VAL C 941 50.43 -14.97 -2.72
N THR C 942 49.85 -16.12 -3.06
CA THR C 942 49.76 -17.22 -2.11
C THR C 942 51.10 -17.87 -1.81
N GLY C 943 52.15 -17.54 -2.56
CA GLY C 943 53.45 -18.16 -2.33
C GLY C 943 53.46 -19.65 -2.59
N GLY C 944 52.86 -20.08 -3.70
CA GLY C 944 52.76 -21.49 -4.00
C GLY C 944 51.33 -21.94 -4.26
N ALA C 945 50.79 -22.75 -3.35
CA ALA C 945 49.43 -23.27 -3.42
C ALA C 945 49.14 -24.02 -4.73
N THR C 946 49.95 -25.05 -5.03
CA THR C 946 49.78 -25.83 -6.24
C THR C 946 48.46 -26.60 -6.19
N PRO C 947 47.89 -26.93 -7.35
CA PRO C 947 46.62 -27.67 -7.34
C PRO C 947 46.68 -29.00 -6.62
N GLU C 948 47.82 -29.70 -6.69
CA GLU C 948 47.97 -30.92 -5.90
C GLU C 948 47.97 -30.61 -4.41
N LEU C 949 48.63 -29.52 -4.01
CA LEU C 949 48.58 -29.11 -2.61
C LEU C 949 47.17 -28.70 -2.21
N GLU C 950 46.44 -28.01 -3.07
CA GLU C 950 45.05 -27.63 -2.83
C GLU C 950 44.18 -28.87 -2.65
N ALA C 951 44.38 -29.90 -3.48
CA ALA C 951 43.69 -31.17 -3.32
C ALA C 951 44.04 -31.82 -1.98
N LEU C 952 45.32 -31.89 -1.62
CA LEU C 952 45.74 -32.49 -0.35
C LEU C 952 45.12 -31.77 0.84
N ILE C 953 45.06 -30.43 0.78
CA ILE C 953 44.37 -29.61 1.78
C ILE C 953 42.88 -29.94 1.76
N ALA C 954 42.23 -30.01 0.61
CA ALA C 954 40.82 -30.32 0.51
C ALA C 954 40.47 -31.70 1.08
N GLU C 955 41.38 -32.66 1.03
CA GLU C 955 41.10 -34.02 1.49
C GLU C 955 40.95 -34.13 2.99
N GLU C 956 41.53 -33.18 3.76
CA GLU C 956 41.44 -33.24 5.21
C GLU C 956 41.15 -31.89 5.85
N ASN C 957 41.01 -30.81 5.09
CA ASN C 957 40.84 -29.42 5.54
C ASN C 957 41.90 -28.97 6.56
N ALA C 958 43.11 -29.52 6.45
CA ALA C 958 44.20 -29.26 7.37
C ALA C 958 45.51 -29.53 6.67
N LEU C 959 46.60 -29.15 7.33
CA LEU C 959 47.96 -29.36 6.83
C LEU C 959 48.63 -30.46 7.66
N ARG C 960 49.21 -31.44 6.96
CA ARG C 960 49.92 -32.54 7.59
C ARG C 960 51.41 -32.40 7.33
N GLY C 961 52.20 -32.48 8.40
CA GLY C 961 53.63 -32.30 8.27
C GLY C 961 54.29 -33.45 7.53
N GLY C 962 55.30 -33.13 6.73
CA GLY C 962 56.05 -34.12 6.00
C GLY C 962 57.43 -34.36 6.58
N TYR C 963 58.38 -34.76 5.74
CA TYR C 963 59.75 -35.00 6.16
C TYR C 963 60.70 -34.34 5.17
N SER C 964 61.90 -34.02 5.66
CA SER C 964 62.90 -33.34 4.84
C SER C 964 63.47 -34.32 3.81
N THR C 965 63.20 -34.07 2.55
CA THR C 965 63.68 -34.87 1.43
C THR C 965 64.32 -33.95 0.41
N PRO C 966 65.24 -34.46 -0.41
CA PRO C 966 65.91 -33.58 -1.39
C PRO C 966 64.95 -32.86 -2.31
N GLN C 967 63.86 -33.50 -2.72
CA GLN C 967 62.87 -32.81 -3.54
C GLN C 967 62.11 -31.76 -2.73
N THR C 968 61.86 -32.04 -1.44
CA THR C 968 61.18 -31.07 -0.59
C THR C 968 62.03 -29.82 -0.39
N LEU C 969 63.33 -30.02 -0.09
CA LEU C 969 64.21 -28.87 0.11
C LEU C 969 64.38 -28.07 -1.18
N ALA C 970 64.47 -28.75 -2.33
CA ALA C 970 64.58 -28.05 -3.59
C ALA C 970 63.27 -27.41 -4.02
N ASN C 971 62.15 -27.80 -3.40
CA ASN C 971 60.86 -27.23 -3.78
C ASN C 971 60.76 -25.76 -3.39
N ARG C 972 61.35 -25.39 -2.26
CA ARG C 972 61.29 -24.00 -1.77
C ARG C 972 62.40 -23.15 -2.38
N ASP C 973 62.51 -23.17 -3.70
CA ASP C 973 63.51 -22.40 -4.42
C ASP C 973 62.92 -21.21 -5.16
N ARG C 974 61.66 -20.88 -4.90
CA ARG C 974 60.99 -19.78 -5.59
C ARG C 974 61.45 -18.44 -5.00
N CYS C 975 60.87 -17.36 -5.52
CA CYS C 975 61.24 -16.01 -5.11
C CYS C 975 60.21 -15.45 -4.12
N ARG C 976 60.72 -14.63 -3.20
CA ARG C 976 59.89 -14.00 -2.18
C ARG C 976 59.86 -12.49 -2.40
N VAL C 977 58.68 -11.90 -2.23
CA VAL C 977 58.53 -10.46 -2.40
C VAL C 977 59.10 -9.76 -1.18
N ALA C 978 59.92 -8.73 -1.42
CA ALA C 978 60.55 -7.99 -0.33
C ALA C 978 60.81 -6.57 -0.80
N GLN C 979 61.32 -5.74 0.11
CA GLN C 979 61.70 -4.37 -0.19
C GLN C 979 63.13 -4.15 0.29
N LEU C 980 63.90 -3.37 -0.46
CA LEU C 980 65.25 -3.01 -0.06
C LEU C 980 65.46 -1.51 -0.21
N ALA C 981 66.34 -0.97 0.64
CA ALA C 981 66.66 0.43 0.67
C ALA C 981 68.08 0.66 0.16
N LEU C 982 68.29 1.82 -0.45
CA LEU C 982 69.60 2.19 -0.99
C LEU C 982 70.41 3.03 -0.03
N LEU C 983 69.93 3.25 1.19
CA LEU C 983 70.68 4.05 2.16
C LEU C 983 71.99 3.38 2.54
N ASP C 984 71.95 2.06 2.77
CA ASP C 984 73.14 1.33 3.18
C ASP C 984 73.33 0.02 2.42
N GLY C 985 72.56 -0.19 1.35
CA GLY C 985 72.68 -1.41 0.57
C GLY C 985 73.86 -1.37 -0.37
N PRO C 986 74.04 -2.47 -1.11
CA PRO C 986 75.14 -2.52 -2.09
C PRO C 986 75.02 -1.46 -3.17
N PHE C 987 73.82 -0.99 -3.47
CA PHE C 987 73.60 0.02 -4.50
C PHE C 987 73.61 1.44 -3.94
N ALA C 988 74.24 1.65 -2.79
CA ALA C 988 74.25 2.97 -2.17
C ALA C 988 74.90 4.01 -3.07
N ASP C 989 76.01 3.64 -3.73
CA ASP C 989 76.64 4.55 -4.67
C ASP C 989 75.72 4.91 -5.82
N LEU C 990 74.80 4.01 -6.17
CA LEU C 990 73.79 4.28 -7.19
C LEU C 990 72.49 4.81 -6.60
N GLY C 991 72.43 4.99 -5.28
CA GLY C 991 71.21 5.48 -4.66
C GLY C 991 70.87 6.90 -5.06
N ASP C 992 71.87 7.76 -5.16
CA ASP C 992 71.68 9.17 -5.49
C ASP C 992 72.14 9.43 -6.91
N GLY C 993 71.27 10.07 -7.71
CA GLY C 993 71.63 10.39 -9.08
C GLY C 993 71.87 9.19 -9.95
N GLY C 994 71.05 8.15 -9.81
CA GLY C 994 71.20 6.93 -10.59
C GLY C 994 69.92 6.59 -11.32
N CYS C 995 70.07 6.08 -12.55
CA CYS C 995 68.91 5.68 -13.34
C CYS C 995 68.32 4.38 -12.78
N TYR C 996 67.00 4.27 -12.86
CA TYR C 996 66.34 3.12 -12.36
C TYR C 996 66.81 1.95 -13.18
N GLY C 997 66.80 2.05 -14.55
CA GLY C 997 67.14 0.95 -15.42
C GLY C 997 68.51 0.36 -15.14
N ASP C 998 69.49 1.24 -14.88
CA ASP C 998 70.82 0.76 -14.52
C ASP C 998 70.79 -0.05 -13.23
N LEU C 999 70.05 0.44 -12.23
CA LEU C 999 69.92 -0.29 -10.97
C LEU C 999 69.27 -1.65 -11.18
N PHE C 1000 68.21 -1.70 -11.99
CA PHE C 1000 67.54 -2.97 -12.26
C PHE C 1000 68.48 -3.94 -12.97
N CYS C 1001 69.21 -3.46 -13.98
CA CYS C 1001 70.13 -4.33 -14.71
C CYS C 1001 71.24 -4.85 -13.78
N LYS C 1002 71.78 -3.97 -12.94
CA LYS C 1002 72.84 -4.38 -12.01
C LYS C 1002 72.32 -5.44 -11.05
N ALA C 1003 71.14 -5.21 -10.47
CA ALA C 1003 70.60 -6.17 -9.51
C ALA C 1003 70.32 -7.51 -10.18
N LEU C 1004 69.70 -7.49 -11.37
CA LEU C 1004 69.38 -8.74 -12.05
C LEU C 1004 70.63 -9.49 -12.48
N LYS C 1005 71.68 -8.77 -12.90
CA LYS C 1005 72.91 -9.42 -13.33
C LYS C 1005 73.71 -9.96 -12.15
N THR C 1006 73.67 -9.29 -11.00
CA THR C 1006 74.48 -9.72 -9.86
C THR C 1006 73.76 -10.73 -8.98
N TYR C 1007 72.63 -10.34 -8.40
CA TYR C 1007 71.94 -11.16 -7.42
C TYR C 1007 70.76 -11.92 -8.02
N ASN C 1008 70.55 -11.84 -9.34
CA ASN C 1008 69.39 -12.44 -10.00
C ASN C 1008 68.10 -11.95 -9.36
N MET C 1009 68.08 -10.66 -9.01
CA MET C 1009 66.97 -10.04 -8.31
C MET C 1009 66.17 -9.18 -9.28
N LEU C 1010 64.89 -9.47 -9.42
CA LEU C 1010 64.02 -8.72 -10.31
C LEU C 1010 63.60 -7.43 -9.61
N CYS C 1011 64.19 -6.30 -10.04
CA CYS C 1011 63.91 -5.01 -9.43
C CYS C 1011 62.52 -4.55 -9.86
N PHE C 1012 61.59 -4.51 -8.92
CA PHE C 1012 60.22 -4.09 -9.18
C PHE C 1012 60.11 -2.57 -8.99
N GLY C 1013 58.90 -2.04 -8.94
CA GLY C 1013 58.68 -0.61 -8.84
C GLY C 1013 59.27 0.05 -7.61
N ILE C 1014 59.12 1.37 -7.52
CA ILE C 1014 59.73 2.17 -6.47
C ILE C 1014 58.65 2.66 -5.52
N TYR C 1015 58.86 2.44 -4.23
CA TYR C 1015 57.96 2.94 -3.18
C TYR C 1015 58.47 4.30 -2.71
N ARG C 1016 58.41 5.27 -3.62
CA ARG C 1016 59.00 6.58 -3.39
C ARG C 1016 58.26 7.32 -2.27
N LEU C 1017 59.02 8.02 -1.44
CA LEU C 1017 58.43 8.83 -0.38
C LEU C 1017 57.61 9.97 -0.98
N ARG C 1018 56.48 10.28 -0.33
CA ARG C 1018 55.59 11.31 -0.85
C ARG C 1018 56.27 12.67 -0.88
N ASP C 1019 56.96 13.04 0.20
CA ASP C 1019 57.66 14.32 0.28
C ASP C 1019 59.13 14.17 -0.10
N ALA C 1020 59.35 13.70 -1.33
CA ALA C 1020 60.68 13.52 -1.89
C ALA C 1020 61.05 14.58 -2.91
N HIS C 1021 60.14 14.90 -3.83
CA HIS C 1021 60.43 15.92 -4.84
C HIS C 1021 60.55 17.30 -4.21
N LEU C 1022 59.73 17.59 -3.21
CA LEU C 1022 59.78 18.88 -2.54
C LEU C 1022 61.10 19.04 -1.78
N SER C 1023 61.68 20.25 -1.86
CA SER C 1023 62.92 20.55 -1.17
C SER C 1023 62.74 20.87 0.30
N THR C 1024 61.50 21.11 0.74
CA THR C 1024 61.25 21.39 2.15
C THR C 1024 61.48 20.12 2.98
N PRO C 1025 62.25 20.20 4.06
CA PRO C 1025 62.50 19.00 4.88
C PRO C 1025 61.27 18.55 5.64
N SER C 1026 60.30 17.98 4.92
CA SER C 1026 59.09 17.49 5.56
C SER C 1026 59.39 16.22 6.36
N GLN C 1027 58.73 16.09 7.51
CA GLN C 1027 58.93 14.95 8.39
C GLN C 1027 57.94 13.82 8.14
N CYS C 1028 57.07 13.95 7.13
CA CYS C 1028 56.11 12.91 6.83
C CYS C 1028 56.82 11.69 6.26
N THR C 1029 56.52 10.51 6.80
CA THR C 1029 57.13 9.27 6.38
C THR C 1029 56.26 8.47 5.41
N LYS C 1030 55.11 9.00 5.02
CA LYS C 1030 54.23 8.29 4.09
C LYS C 1030 54.87 8.24 2.70
N ARG C 1031 54.74 7.09 2.05
CA ARG C 1031 55.30 6.88 0.72
C ARG C 1031 54.21 6.36 -0.21
N TYR C 1032 54.45 6.52 -1.51
CA TYR C 1032 53.51 6.07 -2.52
C TYR C 1032 54.25 5.19 -3.53
N VAL C 1033 53.50 4.25 -4.11
CA VAL C 1033 54.07 3.25 -5.00
C VAL C 1033 54.14 3.80 -6.41
N ILE C 1034 55.24 3.50 -7.11
CA ILE C 1034 55.41 3.81 -8.52
C ILE C 1034 55.62 2.49 -9.25
N THR C 1035 54.73 2.16 -10.17
CA THR C 1035 54.73 0.86 -10.82
C THR C 1035 55.56 0.92 -12.09
N ASN C 1036 56.64 0.15 -12.12
CA ASN C 1036 57.53 -0.01 -13.28
C ASN C 1036 57.98 1.33 -13.83
N PRO C 1037 58.86 2.04 -13.14
CA PRO C 1037 59.39 3.29 -13.70
C PRO C 1037 60.25 3.00 -14.91
N PRO C 1038 60.36 3.96 -15.85
CA PRO C 1038 61.12 3.71 -17.08
C PRO C 1038 62.62 3.61 -16.84
N TYR C 1039 63.37 3.33 -17.91
CA TYR C 1039 64.82 3.20 -17.81
C TYR C 1039 65.47 4.51 -17.37
N GLU C 1040 65.02 5.63 -17.94
CA GLU C 1040 65.61 6.92 -17.66
C GLU C 1040 65.17 7.51 -16.32
N PHE C 1041 64.22 6.87 -15.64
CA PHE C 1041 63.74 7.37 -14.36
C PHE C 1041 64.86 7.38 -13.32
N GLU C 1042 64.94 8.45 -12.55
CA GLU C 1042 65.93 8.60 -11.50
C GLU C 1042 65.26 8.58 -10.14
N LEU C 1043 65.95 8.01 -9.16
CA LEU C 1043 65.41 7.84 -7.82
C LEU C 1043 66.39 8.41 -6.80
N VAL C 1044 65.83 9.02 -5.75
CA VAL C 1044 66.62 9.58 -4.66
C VAL C 1044 67.10 8.45 -3.76
N PRO C 1045 68.19 8.64 -3.00
CA PRO C 1045 68.66 7.55 -2.13
C PRO C 1045 67.64 7.11 -1.09
N THR C 1046 66.80 8.02 -0.61
CA THR C 1046 65.81 7.68 0.41
C THR C 1046 64.54 7.10 -0.21
N ASP C 1047 64.70 6.08 -1.05
CA ASP C 1047 63.59 5.41 -1.70
C ASP C 1047 63.73 3.89 -1.54
N LEU C 1048 62.63 3.24 -1.21
CA LEU C 1048 62.57 1.78 -1.17
C LEU C 1048 62.24 1.24 -2.55
N ILE C 1049 62.72 0.04 -2.84
CA ILE C 1049 62.44 -0.62 -4.11
C ILE C 1049 61.96 -2.04 -3.81
N PHE C 1050 60.87 -2.44 -4.45
CA PHE C 1050 60.37 -3.80 -4.35
C PHE C 1050 61.28 -4.75 -5.13
N CYS C 1051 61.26 -6.02 -4.73
CA CYS C 1051 62.13 -7.00 -5.36
C CYS C 1051 61.56 -8.39 -5.11
N LEU C 1052 62.01 -9.33 -5.95
CA LEU C 1052 61.67 -10.75 -5.84
C LEU C 1052 62.96 -11.50 -5.56
N MET C 1053 63.31 -11.62 -4.28
CA MET C 1053 64.58 -12.21 -3.90
C MET C 1053 64.54 -13.74 -4.08
N GLN C 1054 65.72 -14.31 -4.30
CA GLN C 1054 65.86 -15.75 -4.46
C GLN C 1054 65.91 -16.40 -3.07
N PHE C 1055 66.23 -17.68 -3.03
CA PHE C 1055 66.33 -18.42 -1.78
C PHE C 1055 67.70 -19.07 -1.67
N ASP C 1056 68.24 -19.10 -0.45
CA ASP C 1056 69.55 -19.68 -0.21
C ASP C 1056 69.63 -20.29 1.19
N GLN D 19 -52.97 35.47 -7.71
CA GLN D 19 -52.94 35.32 -6.24
C GLN D 19 -51.50 35.38 -5.73
N ARG D 20 -51.23 36.15 -4.65
CA ARG D 20 -49.86 36.39 -4.10
C ARG D 20 -49.58 35.76 -2.73
N MET D 21 -50.56 35.11 -2.09
CA MET D 21 -50.46 34.59 -0.71
C MET D 21 -49.47 33.45 -0.49
N TRP D 22 -48.82 32.93 -1.53
CA TRP D 22 -47.78 31.90 -1.43
C TRP D 22 -46.62 32.24 -0.47
N TRP D 23 -46.37 33.53 -0.16
CA TRP D 23 -45.37 33.92 0.84
C TRP D 23 -45.73 33.40 2.24
N ALA D 24 -47.02 33.29 2.56
CA ALA D 24 -47.48 32.91 3.89
C ALA D 24 -47.17 31.44 4.23
N PHE D 25 -47.07 30.57 3.22
CA PHE D 25 -46.79 29.15 3.39
C PHE D 25 -45.38 28.96 3.94
N LEU D 26 -44.37 29.52 3.29
CA LEU D 26 -42.99 29.48 3.76
C LEU D 26 -42.83 30.27 5.06
N ALA D 27 -43.51 31.41 5.18
CA ALA D 27 -43.53 32.16 6.43
C ALA D 27 -44.00 31.28 7.58
N SER D 28 -45.11 30.55 7.45
CA SER D 28 -45.61 29.66 8.52
C SER D 28 -44.59 28.59 8.95
N SER D 29 -43.76 28.08 8.04
CA SER D 29 -42.65 27.22 8.44
C SER D 29 -41.61 28.00 9.24
N MET D 30 -41.05 29.06 8.65
CA MET D 30 -40.04 29.86 9.33
C MET D 30 -40.49 30.37 10.69
N VAL D 31 -41.78 30.72 10.80
CA VAL D 31 -42.31 31.24 12.05
C VAL D 31 -42.26 30.21 13.18
N THR D 32 -42.53 28.95 12.85
CA THR D 32 -42.51 27.89 13.86
C THR D 32 -41.07 27.57 14.24
N PHE D 33 -40.15 27.74 13.30
CA PHE D 33 -38.74 27.50 13.55
C PHE D 33 -38.21 28.56 14.51
N PHE D 34 -38.58 29.80 14.20
CA PHE D 34 -38.17 30.96 14.96
C PHE D 34 -38.45 30.74 16.43
N GLY D 35 -39.74 30.48 16.80
CA GLY D 35 -40.19 30.26 18.16
C GLY D 35 -39.42 29.12 18.81
N GLY D 36 -39.13 28.09 18.01
CA GLY D 36 -38.39 26.94 18.47
C GLY D 36 -36.98 27.26 18.93
N LEU D 37 -36.23 28.02 18.12
CA LEU D 37 -34.86 28.35 18.49
C LEU D 37 -34.81 29.42 19.59
N PHE D 38 -35.78 30.31 19.69
CA PHE D 38 -35.71 31.31 20.76
C PHE D 38 -36.05 30.76 22.17
N ILE D 39 -37.19 30.08 22.28
CA ILE D 39 -37.77 29.76 23.57
C ILE D 39 -37.04 28.60 24.25
N ILE D 40 -36.67 27.58 23.50
CA ILE D 40 -36.04 26.38 24.07
C ILE D 40 -34.68 26.67 24.72
N LEU D 41 -33.98 27.69 24.23
CA LEU D 41 -32.72 28.20 24.78
C LEU D 41 -32.94 29.20 25.92
N LEU D 42 -33.91 30.11 25.77
CA LEU D 42 -34.28 31.07 26.82
C LEU D 42 -34.71 30.39 28.14
N TRP D 43 -35.27 29.18 28.04
CA TRP D 43 -35.71 28.46 29.23
C TRP D 43 -34.56 28.01 30.13
N ARG D 44 -33.40 27.77 29.55
CA ARG D 44 -32.23 27.34 30.32
C ARG D 44 -31.26 28.49 30.56
N THR D 45 -31.70 29.43 31.40
CA THR D 45 -30.93 30.60 31.79
C THR D 45 -31.39 30.98 33.19
N LEU D 46 -30.51 31.66 33.92
CA LEU D 46 -30.71 32.14 35.32
C LEU D 46 -30.94 31.01 36.33
N LYS D 47 -29.86 30.56 36.99
CA LYS D 47 -29.94 29.50 37.99
C LYS D 47 -31.05 29.72 39.01
N TYR D 48 -31.10 30.92 39.57
CA TYR D 48 -32.14 31.25 40.54
C TYR D 48 -33.46 31.38 39.78
N LEU D 49 -34.40 30.44 39.98
CA LEU D 49 -35.68 30.48 39.30
C LEU D 49 -36.36 31.82 39.55
N TRP D 50 -36.49 32.20 40.81
CA TRP D 50 -37.09 33.49 41.16
C TRP D 50 -36.43 34.23 42.35
N THR D 51 -36.22 33.56 43.50
CA THR D 51 -35.60 34.13 44.71
C THR D 51 -36.08 35.56 45.09
N VAL D 52 -35.62 36.59 44.38
CA VAL D 52 -36.08 37.97 44.67
C VAL D 52 -35.96 38.87 43.46
N TRP D 93 -45.17 14.85 37.39
CA TRP D 93 -46.00 14.55 36.22
C TRP D 93 -45.15 14.55 34.94
N MET D 94 -44.12 15.39 34.92
CA MET D 94 -43.25 15.45 33.75
C MET D 94 -42.51 14.14 33.53
N THR D 95 -42.04 13.52 34.60
CA THR D 95 -41.32 12.25 34.45
C THR D 95 -42.22 11.16 33.89
N SER D 96 -43.47 11.10 34.34
CA SER D 96 -44.39 10.06 33.88
C SER D 96 -44.67 10.19 32.39
N VAL D 97 -44.97 11.41 31.94
CA VAL D 97 -45.27 11.61 30.52
C VAL D 97 -44.03 11.42 29.67
N LYS D 98 -42.86 11.83 30.17
CA LYS D 98 -41.62 11.60 29.44
C LYS D 98 -41.35 10.11 29.27
N ASP D 99 -41.55 9.32 30.34
CA ASP D 99 -41.36 7.88 30.24
C ASP D 99 -42.38 7.25 29.30
N TRP D 100 -43.63 7.70 29.35
CA TRP D 100 -44.65 7.17 28.46
C TRP D 100 -44.34 7.49 27.00
N ALA D 101 -43.74 8.66 26.74
CA ALA D 101 -43.38 9.00 25.38
C ALA D 101 -42.14 8.22 24.92
N GLY D 102 -41.16 8.05 25.80
CA GLY D 102 -39.92 7.41 25.44
C GLY D 102 -39.90 5.89 25.49
N VAL D 103 -40.92 5.26 26.07
CA VAL D 103 -40.94 3.81 26.10
C VAL D 103 -41.14 3.22 24.71
N MET D 104 -41.97 3.90 23.90
CA MET D 104 -42.24 3.56 22.51
C MET D 104 -41.09 3.97 21.60
N ILE D 105 -40.37 5.05 21.90
CA ILE D 105 -39.34 5.56 20.97
C ILE D 105 -38.10 4.66 20.87
N SER D 106 -37.95 3.64 21.74
CA SER D 106 -36.80 2.75 21.71
C SER D 106 -36.71 1.97 20.40
N ALA D 107 -35.54 1.99 19.76
CA ALA D 107 -35.31 1.26 18.53
C ALA D 107 -35.30 -0.27 18.74
N GLN D 108 -34.94 -0.72 19.95
CA GLN D 108 -34.91 -2.15 20.26
C GLN D 108 -36.30 -2.70 20.57
N THR D 109 -37.17 -1.85 21.10
CA THR D 109 -38.52 -2.25 21.44
C THR D 109 -39.34 -2.55 20.20
N LEU D 110 -40.31 -3.45 20.25
CA LEU D 110 -41.14 -3.78 19.06
C LEU D 110 -42.01 -2.60 18.60
N THR D 111 -42.61 -1.89 19.56
CA THR D 111 -43.45 -0.71 19.27
C THR D 111 -42.66 0.41 18.58
N GLY D 112 -41.40 0.63 18.95
CA GLY D 112 -40.57 1.65 18.30
C GLY D 112 -40.10 1.25 16.91
N ARG D 113 -39.63 0.01 16.72
CA ARG D 113 -39.23 -0.42 15.37
C ARG D 113 -40.40 -0.36 14.38
N VAL D 114 -41.61 -0.73 14.80
CA VAL D 114 -42.77 -0.69 13.89
C VAL D 114 -43.30 0.73 13.63
N LEU D 115 -43.25 1.65 14.60
CA LEU D 115 -43.57 3.05 14.27
C LEU D 115 -42.49 3.70 13.39
N VAL D 116 -41.21 3.32 13.51
CA VAL D 116 -40.16 3.82 12.61
C VAL D 116 -40.34 3.32 11.18
N VAL D 117 -40.82 2.10 10.97
CA VAL D 117 -41.26 1.66 9.62
C VAL D 117 -42.39 2.55 9.10
N LEU D 118 -43.28 2.96 10.01
CA LEU D 118 -44.42 3.81 9.66
C LEU D 118 -44.00 5.21 9.19
N VAL D 119 -43.19 5.89 9.98
CA VAL D 119 -42.72 7.23 9.58
C VAL D 119 -42.03 7.19 8.20
N PHE D 120 -41.31 6.11 7.93
CA PHE D 120 -40.62 5.88 6.67
C PHE D 120 -41.61 5.60 5.52
N ALA D 121 -42.59 4.73 5.72
CA ALA D 121 -43.60 4.44 4.72
C ALA D 121 -44.46 5.66 4.39
N LEU D 122 -44.88 6.42 5.40
CA LEU D 122 -45.64 7.65 5.20
C LEU D 122 -44.79 8.72 4.52
N SER D 123 -43.50 8.77 4.81
CA SER D 123 -42.56 9.67 4.13
C SER D 123 -42.49 9.37 2.64
N ILE D 124 -42.34 8.11 2.25
CA ILE D 124 -42.38 7.74 0.83
C ILE D 124 -43.73 8.10 0.22
N GLY D 125 -44.85 7.85 0.90
CA GLY D 125 -46.18 8.23 0.42
C GLY D 125 -46.32 9.74 0.16
N ALA D 126 -45.74 10.57 1.04
CA ALA D 126 -45.68 12.01 0.84
C ALA D 126 -44.82 12.39 -0.38
N LEU D 127 -43.75 11.65 -0.68
CA LEU D 127 -42.98 11.85 -1.91
C LEU D 127 -43.72 11.39 -3.16
N VAL D 128 -44.45 10.27 -3.12
CA VAL D 128 -45.23 9.81 -4.27
C VAL D 128 -46.23 10.88 -4.70
N ILE D 129 -46.98 11.43 -3.74
CA ILE D 129 -47.97 12.46 -4.06
C ILE D 129 -47.27 13.76 -4.45
N TYR D 130 -46.11 14.05 -3.87
CA TYR D 130 -45.28 15.17 -4.33
C TYR D 130 -44.89 15.03 -5.81
N PHE D 131 -44.46 13.85 -6.23
CA PHE D 131 -44.16 13.61 -7.63
C PHE D 131 -45.40 13.76 -8.51
N ILE D 132 -46.58 13.34 -8.06
CA ILE D 132 -47.83 13.59 -8.77
C ILE D 132 -48.03 15.10 -8.98
N ASP D 133 -48.20 15.91 -7.95
CA ASP D 133 -48.50 17.34 -8.19
C ASP D 133 -47.37 18.15 -8.78
N SER D 134 -46.14 17.90 -8.36
CA SER D 134 -45.02 18.61 -8.99
C SER D 134 -44.97 18.44 -10.50
N SER D 135 -45.57 17.38 -11.04
CA SER D 135 -45.62 17.11 -12.49
C SER D 135 -46.72 17.88 -13.22
N ASN D 136 -47.63 18.56 -12.52
CA ASN D 136 -48.67 19.38 -13.15
C ASN D 136 -48.16 20.75 -13.66
N PRO D 137 -48.94 21.43 -14.51
CA PRO D 137 -48.78 22.86 -14.78
C PRO D 137 -48.76 23.74 -13.52
N ILE D 138 -48.33 24.99 -13.65
CA ILE D 138 -48.24 25.94 -12.54
C ILE D 138 -49.61 26.33 -11.95
N GLU D 139 -50.67 26.31 -12.75
CA GLU D 139 -52.06 26.47 -12.30
C GLU D 139 -53.00 25.49 -13.03
N SER D 140 -53.99 24.97 -12.29
CA SER D 140 -55.00 24.02 -12.76
C SER D 140 -56.33 24.25 -12.05
N CYS D 141 -57.46 23.80 -12.59
CA CYS D 141 -58.70 23.99 -11.83
C CYS D 141 -58.78 22.92 -10.73
N GLN D 142 -58.30 23.26 -9.54
CA GLN D 142 -58.33 22.33 -8.42
C GLN D 142 -59.65 22.37 -7.66
N ASN D 143 -60.58 21.48 -8.01
CA ASN D 143 -61.88 21.45 -7.34
C ASN D 143 -62.55 20.06 -7.29
N PHE D 144 -62.86 19.50 -8.46
CA PHE D 144 -63.53 18.20 -8.52
C PHE D 144 -62.56 17.03 -8.33
N TYR D 145 -61.28 17.26 -8.59
CA TYR D 145 -60.29 16.20 -8.44
C TYR D 145 -58.90 16.78 -8.21
N LYS D 146 -58.66 17.18 -6.96
CA LYS D 146 -57.39 17.73 -6.54
C LYS D 146 -56.55 16.67 -5.83
N ASP D 147 -56.03 15.72 -6.61
CA ASP D 147 -55.13 14.68 -6.09
C ASP D 147 -55.68 13.97 -4.84
N PHE D 148 -56.90 13.45 -4.94
CA PHE D 148 -57.65 12.84 -3.84
C PHE D 148 -57.88 13.76 -2.63
N THR D 149 -58.05 15.06 -2.89
CA THR D 149 -58.59 16.09 -1.99
C THR D 149 -57.73 16.46 -0.77
N LEU D 150 -58.20 17.46 -0.01
CA LEU D 150 -57.61 17.90 1.26
C LEU D 150 -57.43 16.78 2.30
N GLN D 151 -58.18 15.68 2.19
CA GLN D 151 -58.09 14.56 3.11
C GLN D 151 -56.70 13.90 3.05
N ILE D 152 -56.23 13.48 1.87
CA ILE D 152 -54.87 12.92 1.77
C ILE D 152 -53.82 14.01 1.97
N ASP D 153 -54.13 15.28 1.64
CA ASP D 153 -53.21 16.39 1.93
C ASP D 153 -52.93 16.47 3.43
N MET D 154 -53.94 16.40 4.29
CA MET D 154 -53.72 16.45 5.74
C MET D 154 -53.22 15.11 6.31
N ALA D 155 -53.62 13.96 5.76
CA ALA D 155 -53.50 12.67 6.44
C ALA D 155 -52.08 12.34 6.94
N PHE D 156 -51.07 12.53 6.09
CA PHE D 156 -49.68 12.21 6.44
C PHE D 156 -49.13 13.15 7.52
N ASN D 157 -49.36 14.47 7.37
CA ASN D 157 -48.87 15.46 8.31
C ASN D 157 -49.71 15.58 9.58
N VAL D 158 -50.97 15.14 9.60
CA VAL D 158 -51.70 14.89 10.86
C VAL D 158 -50.94 13.89 11.70
N PHE D 159 -50.39 12.83 11.09
CA PHE D 159 -49.46 11.94 11.78
C PHE D 159 -48.11 12.59 12.07
N PHE D 160 -47.45 13.24 11.10
CA PHE D 160 -46.12 13.80 11.37
C PHE D 160 -46.14 14.92 12.41
N LEU D 161 -47.20 15.72 12.50
CA LEU D 161 -47.35 16.75 13.52
C LEU D 161 -47.51 16.13 14.91
N LEU D 162 -48.33 15.08 15.02
CA LEU D 162 -48.43 14.26 16.22
C LEU D 162 -47.08 13.62 16.55
N TYR D 163 -46.33 13.12 15.56
CA TYR D 163 -45.03 12.52 15.77
C TYR D 163 -43.94 13.54 16.10
N PHE D 164 -44.05 14.79 15.61
CA PHE D 164 -43.20 15.91 15.99
C PHE D 164 -43.47 16.33 17.44
N GLY D 165 -44.75 16.41 17.83
CA GLY D 165 -45.17 16.61 19.22
C GLY D 165 -44.66 15.48 20.12
N LEU D 166 -44.87 14.23 19.70
CA LEU D 166 -44.34 13.06 20.37
C LEU D 166 -42.83 13.17 20.49
N ARG D 167 -42.09 13.50 19.42
CA ARG D 167 -40.63 13.70 19.52
C ARG D 167 -40.26 14.82 20.47
N PHE D 168 -41.04 15.90 20.57
CA PHE D 168 -40.74 16.99 21.49
C PHE D 168 -41.04 16.64 22.95
N ILE D 169 -42.19 16.05 23.27
CA ILE D 169 -42.43 15.55 24.62
C ILE D 169 -41.54 14.34 24.93
N ALA D 170 -41.07 13.62 23.90
CA ALA D 170 -40.16 12.50 24.12
C ALA D 170 -38.72 12.99 24.23
N ALA D 171 -38.48 14.24 23.83
CA ALA D 171 -37.16 14.83 23.89
C ALA D 171 -36.55 14.71 25.29
N ASN D 172 -35.28 14.33 25.35
CA ASN D 172 -34.60 14.19 26.63
C ASN D 172 -33.49 15.23 26.82
N ASP D 173 -33.23 16.09 25.86
CA ASP D 173 -32.22 17.13 26.04
C ASP D 173 -32.66 18.39 25.29
N LYS D 174 -33.93 18.73 25.47
CA LYS D 174 -34.64 19.84 24.84
C LYS D 174 -34.02 20.48 23.59
N LEU D 175 -32.99 21.31 23.75
CA LEU D 175 -32.41 22.01 22.62
C LEU D 175 -31.80 21.07 21.59
N TRP D 176 -31.19 20.00 22.06
CA TRP D 176 -30.50 19.09 21.14
C TRP D 176 -31.49 18.33 20.26
N PHE D 177 -32.65 18.06 20.84
CA PHE D 177 -33.73 17.42 20.11
C PHE D 177 -34.10 18.33 18.95
N TRP D 178 -34.19 19.64 19.17
CA TRP D 178 -34.58 20.57 18.09
C TRP D 178 -33.52 20.72 16.99
N LEU D 179 -32.26 20.68 17.40
CA LEU D 179 -31.12 20.84 16.49
C LEU D 179 -30.60 19.52 15.87
N GLU D 180 -31.19 18.37 16.17
CA GLU D 180 -31.00 17.15 15.38
C GLU D 180 -31.49 17.39 13.94
N VAL D 181 -30.67 17.09 12.93
CA VAL D 181 -31.03 17.28 11.51
C VAL D 181 -32.31 16.53 11.12
N ASN D 182 -32.56 15.40 11.78
CA ASN D 182 -33.78 14.61 11.62
C ASN D 182 -35.03 15.36 12.11
N SER D 183 -34.89 16.27 13.08
CA SER D 183 -35.98 17.13 13.55
C SER D 183 -36.18 18.36 12.67
N VAL D 184 -35.15 18.96 12.17
CA VAL D 184 -35.20 20.24 11.44
C VAL D 184 -36.14 20.15 10.24
N VAL D 185 -36.05 19.06 9.48
CA VAL D 185 -36.88 18.84 8.28
C VAL D 185 -38.39 18.78 8.57
N ASP D 186 -38.82 18.42 9.78
CA ASP D 186 -40.24 18.24 10.10
C ASP D 186 -41.01 19.57 10.10
N PHE D 187 -40.53 20.59 10.80
CA PHE D 187 -41.16 21.92 10.77
C PHE D 187 -40.89 22.71 9.47
N PHE D 188 -40.04 22.20 8.57
CA PHE D 188 -40.03 22.65 7.18
C PHE D 188 -41.14 22.03 6.35
N THR D 189 -41.36 20.70 6.41
CA THR D 189 -42.37 20.08 5.55
C THR D 189 -43.81 20.18 6.07
N VAL D 190 -44.03 20.29 7.39
CA VAL D 190 -45.39 20.20 7.98
C VAL D 190 -46.26 21.48 7.83
N PRO D 191 -45.83 22.66 8.31
CA PRO D 191 -46.66 23.87 8.29
C PRO D 191 -47.14 24.35 6.91
N PRO D 192 -46.37 24.27 5.81
CA PRO D 192 -46.84 24.75 4.52
C PRO D 192 -48.14 24.09 4.06
N VAL D 193 -48.31 22.79 4.34
CA VAL D 193 -49.54 22.05 4.05
C VAL D 193 -50.68 22.48 4.96
N PHE D 194 -50.40 22.78 6.24
CA PHE D 194 -51.43 23.34 7.12
C PHE D 194 -51.94 24.70 6.63
N VAL D 195 -51.16 25.46 5.87
CA VAL D 195 -51.66 26.69 5.23
C VAL D 195 -52.40 26.36 3.94
N SER D 196 -51.93 25.37 3.17
CA SER D 196 -52.64 24.88 1.99
C SER D 196 -54.06 24.43 2.30
N VAL D 197 -54.29 23.71 3.41
CA VAL D 197 -55.65 23.29 3.79
C VAL D 197 -56.50 24.48 4.25
N TYR D 198 -55.92 25.46 4.95
CA TYR D 198 -56.64 26.69 5.31
C TYR D 198 -57.07 27.48 4.06
N LEU D 199 -56.22 27.55 3.04
CA LEU D 199 -56.55 28.18 1.76
C LEU D 199 -57.40 27.26 0.84
N ASN D 200 -57.44 25.96 1.15
CA ASN D 200 -58.13 24.96 0.33
C ASN D 200 -57.67 25.03 -1.14
N ARG D 201 -56.36 25.20 -1.31
CA ARG D 201 -55.71 25.38 -2.62
C ARG D 201 -54.25 24.95 -2.55
N SER D 202 -53.89 23.91 -3.29
CA SER D 202 -52.55 23.31 -3.23
C SER D 202 -51.46 24.26 -3.70
N TRP D 203 -50.34 24.29 -2.98
CA TRP D 203 -49.13 25.01 -3.38
C TRP D 203 -47.93 24.09 -3.32
N LEU D 204 -47.19 24.02 -4.44
CA LEU D 204 -45.89 23.35 -4.48
C LEU D 204 -44.89 23.98 -3.51
N GLY D 205 -44.73 23.36 -2.35
CA GLY D 205 -43.81 23.79 -1.32
C GLY D 205 -42.51 22.99 -1.32
N LEU D 206 -41.81 23.04 -0.19
CA LEU D 206 -40.54 22.36 0.05
C LEU D 206 -40.73 20.89 0.52
N ARG D 207 -41.89 20.32 0.21
CA ARG D 207 -42.24 18.95 0.61
C ARG D 207 -41.30 17.85 0.13
N PHE D 208 -40.44 18.15 -0.84
CA PHE D 208 -39.44 17.20 -1.33
C PHE D 208 -38.35 16.93 -0.30
N LEU D 209 -38.13 17.85 0.64
CA LEU D 209 -37.21 17.65 1.76
C LEU D 209 -37.60 16.43 2.61
N ARG D 210 -38.85 16.01 2.52
CA ARG D 210 -39.25 14.79 3.21
C ARG D 210 -38.44 13.57 2.72
N ALA D 211 -37.91 13.61 1.49
CA ALA D 211 -37.09 12.52 1.00
C ALA D 211 -35.87 12.28 1.87
N LEU D 212 -35.47 13.25 2.71
CA LEU D 212 -34.37 13.07 3.65
C LEU D 212 -34.69 12.03 4.74
N ARG D 213 -35.94 11.60 4.97
CA ARG D 213 -36.17 10.42 5.82
C ARG D 213 -35.56 9.12 5.28
N LEU D 214 -35.21 9.03 3.98
CA LEU D 214 -34.57 7.84 3.41
C LEU D 214 -33.21 7.52 4.04
N ILE D 215 -32.57 8.46 4.74
CA ILE D 215 -31.35 8.20 5.51
C ILE D 215 -31.51 7.01 6.47
N GLN D 216 -32.71 6.77 7.01
CA GLN D 216 -33.00 5.68 7.95
C GLN D 216 -33.14 4.29 7.31
N PHE D 217 -33.12 4.17 5.98
CA PHE D 217 -33.44 2.90 5.32
C PHE D 217 -32.50 1.74 5.69
N SER D 218 -31.21 2.03 5.90
CA SER D 218 -30.23 1.03 6.35
C SER D 218 -30.63 0.42 7.71
N GLU D 219 -31.05 1.24 8.66
CA GLU D 219 -31.39 0.82 10.01
C GLU D 219 -32.62 -0.11 10.03
N ILE D 220 -33.67 0.23 9.27
CA ILE D 220 -34.85 -0.63 9.21
C ILE D 220 -34.56 -1.97 8.54
N LEU D 221 -33.67 -2.01 7.54
CA LEU D 221 -33.21 -3.25 6.92
C LEU D 221 -32.42 -4.13 7.92
N GLN D 222 -31.84 -3.49 8.93
CA GLN D 222 -31.14 -4.16 10.02
C GLN D 222 -32.06 -4.75 11.12
N PHE D 223 -33.15 -4.06 11.50
CA PHE D 223 -34.07 -4.61 12.52
C PHE D 223 -35.12 -5.57 11.91
N LEU D 224 -35.55 -5.29 10.69
CA LEU D 224 -36.41 -6.24 9.96
C LEU D 224 -35.64 -7.50 9.52
N ASN D 225 -34.30 -7.51 9.70
CA ASN D 225 -33.41 -8.62 9.45
C ASN D 225 -33.45 -9.17 8.00
N ILE D 226 -33.65 -8.29 7.03
CA ILE D 226 -33.63 -8.68 5.61
C ILE D 226 -32.18 -8.88 5.13
N LEU D 227 -31.28 -7.96 5.49
CA LEU D 227 -29.86 -7.97 5.11
C LEU D 227 -28.97 -7.96 6.37
N LYS D 228 -27.87 -8.72 6.32
CA LYS D 228 -27.08 -9.09 7.51
C LYS D 228 -25.60 -8.72 7.42
N THR D 229 -25.00 -8.80 6.24
CA THR D 229 -23.60 -8.44 6.05
C THR D 229 -23.37 -6.96 6.33
N SER D 230 -22.28 -6.66 7.04
CA SER D 230 -21.95 -5.26 7.34
C SER D 230 -21.66 -4.49 6.05
N ASN D 231 -20.98 -5.11 5.09
CA ASN D 231 -20.73 -4.45 3.81
C ASN D 231 -22.03 -4.15 3.09
N SER D 232 -22.98 -5.08 3.13
CA SER D 232 -24.29 -4.84 2.52
C SER D 232 -25.01 -3.68 3.19
N ILE D 233 -24.97 -3.61 4.53
CA ILE D 233 -25.61 -2.51 5.25
C ILE D 233 -24.94 -1.18 4.93
N LYS D 234 -23.60 -1.14 4.78
CA LYS D 234 -22.92 0.09 4.38
C LYS D 234 -23.29 0.49 2.97
N LEU D 235 -23.37 -0.47 2.05
CA LEU D 235 -23.77 -0.17 0.67
C LEU D 235 -25.19 0.37 0.62
N VAL D 236 -26.12 -0.21 1.36
CA VAL D 236 -27.51 0.26 1.41
C VAL D 236 -27.58 1.64 2.06
N ASN D 237 -26.78 1.90 3.08
CA ASN D 237 -26.67 3.21 3.69
C ASN D 237 -26.21 4.25 2.66
N LEU D 238 -25.13 3.96 1.92
CA LEU D 238 -24.57 4.87 0.93
C LEU D 238 -25.55 5.13 -0.21
N LEU D 239 -26.18 4.09 -0.73
CA LEU D 239 -27.17 4.25 -1.79
C LEU D 239 -28.30 5.16 -1.29
N SER D 240 -28.77 4.94 -0.07
CA SER D 240 -29.88 5.72 0.49
C SER D 240 -29.51 7.18 0.64
N ILE D 241 -28.31 7.49 1.15
CA ILE D 241 -27.91 8.88 1.32
C ILE D 241 -27.67 9.55 -0.04
N PHE D 242 -27.16 8.81 -1.02
CA PHE D 242 -26.94 9.34 -2.35
C PHE D 242 -28.27 9.66 -3.00
N ILE D 243 -29.27 8.79 -2.86
CA ILE D 243 -30.59 9.04 -3.42
C ILE D 243 -31.24 10.23 -2.73
N SER D 244 -31.11 10.33 -1.41
CA SER D 244 -31.71 11.44 -0.67
C SER D 244 -31.11 12.77 -1.10
N THR D 245 -29.78 12.88 -1.23
CA THR D 245 -29.17 14.16 -1.60
C THR D 245 -29.46 14.51 -3.05
N TRP D 246 -29.45 13.53 -3.95
CA TRP D 246 -29.80 13.73 -5.35
C TRP D 246 -31.23 14.27 -5.47
N LEU D 247 -32.20 13.66 -4.79
CA LEU D 247 -33.59 14.10 -4.82
C LEU D 247 -33.79 15.46 -4.13
N THR D 248 -33.09 15.76 -3.03
CA THR D 248 -33.15 17.07 -2.40
C THR D 248 -32.61 18.15 -3.33
N ALA D 249 -31.43 17.93 -3.92
CA ALA D 249 -30.82 18.95 -4.75
C ALA D 249 -31.62 19.13 -6.06
N ALA D 250 -32.18 18.06 -6.61
CA ALA D 250 -33.08 18.16 -7.75
C ALA D 250 -34.34 18.96 -7.40
N GLY D 251 -34.92 18.74 -6.22
CA GLY D 251 -36.08 19.52 -5.79
C GLY D 251 -35.74 21.00 -5.60
N PHE D 252 -34.58 21.32 -5.02
CA PHE D 252 -34.13 22.71 -4.92
C PHE D 252 -34.03 23.36 -6.29
N ILE D 253 -33.34 22.75 -7.26
CA ILE D 253 -33.23 23.33 -8.60
C ILE D 253 -34.62 23.46 -9.25
N HIS D 254 -35.50 22.48 -9.08
CA HIS D 254 -36.85 22.60 -9.65
C HIS D 254 -37.55 23.83 -9.06
N LEU D 255 -37.53 23.94 -7.74
CA LEU D 255 -38.19 25.04 -7.07
C LEU D 255 -37.60 26.38 -7.48
N VAL D 256 -36.27 26.47 -7.63
CA VAL D 256 -35.59 27.70 -8.04
C VAL D 256 -35.92 28.08 -9.49
N GLU D 257 -36.12 27.11 -10.38
CA GLU D 257 -36.49 27.37 -11.76
C GLU D 257 -38.01 27.47 -12.01
N ASN D 258 -38.89 27.05 -11.10
CA ASN D 258 -40.34 27.20 -11.30
C ASN D 258 -40.75 28.66 -11.49
N SER D 259 -40.28 29.58 -10.64
CA SER D 259 -40.48 31.02 -10.84
C SER D 259 -39.18 31.64 -11.35
N GLY D 260 -39.22 32.66 -12.21
CA GLY D 260 -37.97 33.22 -12.75
C GLY D 260 -37.06 33.89 -11.69
N ASP D 261 -35.89 34.37 -12.10
CA ASP D 261 -35.07 35.26 -11.25
C ASP D 261 -35.88 36.52 -10.83
N PRO D 262 -35.66 37.04 -9.61
CA PRO D 262 -36.26 38.31 -9.18
C PRO D 262 -35.92 39.49 -10.11
N TRP D 263 -34.68 39.56 -10.60
CA TRP D 263 -34.15 40.71 -11.33
C TRP D 263 -34.88 41.01 -12.64
N GLU D 264 -35.37 40.01 -13.38
CA GLU D 264 -36.11 40.21 -14.61
C GLU D 264 -37.62 40.12 -14.40
N ASN D 265 -38.06 40.36 -13.17
CA ASN D 265 -39.47 40.30 -12.78
C ASN D 265 -40.08 38.94 -13.13
N PHE D 266 -39.31 37.87 -12.88
CA PHE D 266 -39.74 36.47 -13.04
C PHE D 266 -40.10 36.14 -14.49
N GLN D 267 -39.56 36.86 -15.49
CA GLN D 267 -39.88 36.57 -16.89
C GLN D 267 -38.93 35.54 -17.53
N ASN D 268 -37.76 35.26 -16.94
CA ASN D 268 -36.79 34.31 -17.48
C ASN D 268 -37.00 32.87 -16.92
N ASN D 269 -38.24 32.46 -16.69
CA ASN D 269 -38.53 31.19 -16.04
C ASN D 269 -38.47 30.06 -17.06
N GLN D 270 -37.87 28.94 -16.63
CA GLN D 270 -37.74 27.77 -17.48
C GLN D 270 -38.86 26.79 -17.16
N ALA D 271 -39.65 26.46 -18.18
CA ALA D 271 -40.79 25.55 -18.00
C ALA D 271 -40.30 24.12 -18.22
N LEU D 272 -39.73 23.55 -17.14
CA LEU D 272 -39.22 22.18 -17.05
C LEU D 272 -39.83 21.40 -15.87
N THR D 273 -39.99 20.09 -16.01
CA THR D 273 -40.56 19.24 -14.96
C THR D 273 -39.53 18.91 -13.89
N TYR D 274 -39.98 18.38 -12.75
CA TYR D 274 -39.06 17.79 -11.78
C TYR D 274 -38.21 16.68 -12.41
N TRP D 275 -38.77 15.93 -13.35
CA TRP D 275 -38.06 14.84 -14.01
C TRP D 275 -36.94 15.33 -14.92
N GLU D 276 -37.15 16.37 -15.71
CA GLU D 276 -36.04 16.98 -16.45
C GLU D 276 -35.00 17.55 -15.49
N CYS D 277 -35.44 18.04 -14.33
CA CYS D 277 -34.56 18.60 -13.33
C CYS D 277 -33.67 17.55 -12.64
N VAL D 278 -34.24 16.43 -12.17
CA VAL D 278 -33.45 15.37 -11.52
C VAL D 278 -32.53 14.67 -12.51
N TYR D 279 -32.93 14.59 -13.78
CA TYR D 279 -32.10 14.10 -14.86
C TYR D 279 -30.85 14.97 -15.05
N LEU D 280 -31.06 16.27 -15.19
CA LEU D 280 -30.00 17.25 -15.35
C LEU D 280 -28.95 17.09 -14.26
N LEU D 281 -29.38 16.90 -13.02
CA LEU D 281 -28.43 16.79 -11.93
C LEU D 281 -27.64 15.47 -11.96
N MET D 282 -28.23 14.35 -12.40
CA MET D 282 -27.49 13.12 -12.66
C MET D 282 -26.47 13.29 -13.78
N VAL D 283 -26.88 13.83 -14.92
CA VAL D 283 -25.98 14.15 -16.04
C VAL D 283 -24.84 15.07 -15.62
N THR D 284 -25.08 15.96 -14.66
CA THR D 284 -24.07 16.89 -14.13
C THR D 284 -23.15 16.24 -13.11
N MET D 285 -23.67 15.56 -12.10
CA MET D 285 -22.85 14.99 -11.02
C MET D 285 -22.02 13.79 -11.50
N SER D 286 -22.48 13.08 -12.53
CA SER D 286 -21.66 12.10 -13.28
C SER D 286 -20.67 12.74 -14.23
N THR D 287 -20.66 14.07 -14.34
CA THR D 287 -19.82 14.89 -15.23
C THR D 287 -20.01 14.69 -16.72
N VAL D 288 -21.07 13.98 -17.15
CA VAL D 288 -21.40 13.84 -18.57
C VAL D 288 -21.73 15.19 -19.19
N GLY D 289 -22.65 15.96 -18.61
CA GLY D 289 -22.96 17.33 -19.03
C GLY D 289 -23.24 17.55 -20.52
N TYR D 290 -24.33 16.97 -21.03
CA TYR D 290 -24.75 17.13 -22.41
C TYR D 290 -25.12 18.57 -22.80
N GLY D 291 -25.49 19.45 -21.84
CA GLY D 291 -25.95 20.82 -22.13
C GLY D 291 -27.19 20.87 -23.04
N ASP D 292 -27.96 19.79 -23.16
CA ASP D 292 -29.30 19.82 -23.76
C ASP D 292 -30.30 20.53 -22.83
N VAL D 293 -30.14 20.36 -21.52
CA VAL D 293 -30.80 21.15 -20.47
C VAL D 293 -29.78 21.66 -19.45
N TYR D 294 -29.92 22.90 -19.04
CA TYR D 294 -29.07 23.51 -18.02
C TYR D 294 -29.87 24.62 -17.36
N ALA D 295 -29.51 25.01 -16.14
CA ALA D 295 -30.19 26.09 -15.45
C ALA D 295 -29.96 27.41 -16.20
N LYS D 296 -31.01 28.12 -16.59
CA LYS D 296 -30.88 29.43 -17.21
C LYS D 296 -30.75 30.55 -16.19
N THR D 297 -31.44 30.45 -15.05
CA THR D 297 -31.47 31.52 -14.05
C THR D 297 -30.13 31.73 -13.35
N THR D 298 -29.87 32.93 -12.88
CA THR D 298 -28.66 33.24 -12.12
C THR D 298 -28.70 32.57 -10.75
N LEU D 299 -29.87 32.52 -10.10
CA LEU D 299 -30.03 31.71 -8.89
C LEU D 299 -29.78 30.23 -9.18
N GLY D 300 -30.32 29.71 -10.27
CA GLY D 300 -30.10 28.33 -10.68
C GLY D 300 -28.62 28.04 -10.87
N ARG D 301 -27.90 28.94 -11.52
CA ARG D 301 -26.46 28.76 -11.71
C ARG D 301 -25.71 28.76 -10.37
N LEU D 302 -26.02 29.72 -9.51
CA LEU D 302 -25.38 29.85 -8.21
C LEU D 302 -25.56 28.57 -7.38
N PHE D 303 -26.79 28.04 -7.33
CA PHE D 303 -27.04 26.74 -6.73
C PHE D 303 -26.31 25.62 -7.47
N MET D 304 -26.27 25.64 -8.81
CA MET D 304 -25.64 24.58 -9.58
C MET D 304 -24.14 24.49 -9.29
N VAL D 305 -23.43 25.61 -9.23
CA VAL D 305 -22.02 25.64 -8.82
C VAL D 305 -21.87 25.12 -7.39
N PHE D 306 -22.77 25.46 -6.47
CA PHE D 306 -22.75 24.89 -5.13
C PHE D 306 -22.98 23.37 -5.15
N PHE D 307 -23.95 22.85 -5.91
CA PHE D 307 -24.21 21.42 -5.95
C PHE D 307 -23.08 20.64 -6.61
N ILE D 308 -22.42 21.19 -7.64
CA ILE D 308 -21.18 20.60 -8.17
C ILE D 308 -20.16 20.50 -7.04
N LEU D 309 -19.87 21.60 -6.34
CA LEU D 309 -18.91 21.56 -5.24
C LEU D 309 -19.34 20.64 -4.09
N GLY D 310 -20.63 20.54 -3.72
CA GLY D 310 -21.01 19.61 -2.66
C GLY D 310 -20.85 18.16 -3.09
N GLY D 311 -21.23 17.84 -4.33
CA GLY D 311 -21.04 16.49 -4.82
C GLY D 311 -19.58 16.10 -4.93
N LEU D 312 -18.74 17.03 -5.39
CA LEU D 312 -17.31 16.75 -5.44
C LEU D 312 -16.74 16.54 -4.04
N ALA D 313 -17.18 17.35 -3.07
CA ALA D 313 -16.72 17.17 -1.69
C ALA D 313 -17.15 15.83 -1.13
N MET D 314 -18.40 15.43 -1.38
CA MET D 314 -18.87 14.14 -0.90
C MET D 314 -18.11 12.99 -1.57
N PHE D 315 -17.84 13.10 -2.86
CA PHE D 315 -17.07 12.08 -3.56
C PHE D 315 -15.67 11.97 -2.99
N ALA D 316 -15.04 13.11 -2.68
CA ALA D 316 -13.69 13.08 -2.12
C ALA D 316 -13.68 12.54 -0.70
N SER D 317 -14.74 12.80 0.07
CA SER D 317 -14.79 12.40 1.48
C SER D 317 -15.43 11.02 1.69
N TYR D 318 -15.94 10.39 0.64
CA TYR D 318 -16.58 9.09 0.78
C TYR D 318 -15.88 7.96 0.05
N VAL D 319 -15.37 8.22 -1.16
CA VAL D 319 -14.76 7.14 -1.94
C VAL D 319 -13.55 6.53 -1.25
N PRO D 320 -12.54 7.30 -0.81
CA PRO D 320 -11.37 6.67 -0.17
C PRO D 320 -11.68 5.99 1.15
N GLU D 321 -12.77 6.35 1.81
CA GLU D 321 -13.05 5.87 3.17
C GLU D 321 -13.96 4.64 3.17
N ILE D 322 -15.16 4.77 2.61
CA ILE D 322 -16.17 3.73 2.68
C ILE D 322 -16.35 3.01 1.34
N ILE D 323 -16.41 3.76 0.24
CA ILE D 323 -16.70 3.16 -1.06
C ILE D 323 -15.59 2.21 -1.47
N GLU D 324 -14.34 2.58 -1.21
CA GLU D 324 -13.23 1.68 -1.53
C GLU D 324 -13.32 0.38 -0.74
N LEU D 325 -13.67 0.46 0.55
CA LEU D 325 -13.81 -0.75 1.36
C LEU D 325 -14.95 -1.61 0.85
N ILE D 326 -16.07 -1.00 0.45
CA ILE D 326 -17.20 -1.76 -0.07
C ILE D 326 -16.84 -2.41 -1.39
N GLY D 327 -16.03 -1.74 -2.22
CA GLY D 327 -15.69 -2.30 -3.51
C GLY D 327 -14.97 -3.63 -3.43
N ASN D 328 -14.05 -3.76 -2.48
CA ASN D 328 -13.33 -5.01 -2.26
C ASN D 328 -14.07 -5.85 -1.23
N ARG D 329 -14.51 -7.04 -1.64
CA ARG D 329 -15.24 -7.92 -0.75
C ARG D 329 -14.57 -9.30 -0.73
N LYS D 330 -15.19 -10.27 -0.05
CA LYS D 330 -14.79 -11.69 -0.08
C LYS D 330 -14.66 -12.19 -1.52
N LYS D 331 -13.63 -12.98 -1.81
CA LYS D 331 -13.48 -13.64 -3.11
C LYS D 331 -14.21 -14.98 -3.17
N TYR D 332 -14.33 -15.67 -2.03
CA TYR D 332 -14.97 -16.99 -1.90
C TYR D 332 -15.93 -17.07 -0.71
N GLY D 333 -17.02 -17.80 -0.89
CA GLY D 333 -18.07 -18.02 0.11
C GLY D 333 -19.14 -18.97 -0.43
N GLY D 334 -20.07 -19.37 0.43
CA GLY D 334 -21.12 -20.35 0.07
C GLY D 334 -20.61 -21.77 -0.17
N SER D 335 -21.52 -22.70 -0.39
CA SER D 335 -21.23 -24.13 -0.56
C SER D 335 -20.72 -24.50 -1.96
N TYR D 336 -20.19 -25.72 -2.10
CA TYR D 336 -19.75 -26.31 -3.37
C TYR D 336 -20.89 -26.70 -4.35
N SER D 337 -22.15 -26.41 -4.00
CA SER D 337 -23.38 -26.91 -4.59
C SER D 337 -23.58 -26.65 -6.11
N ALA D 338 -24.65 -27.25 -6.65
CA ALA D 338 -25.07 -27.28 -8.06
C ALA D 338 -24.27 -28.22 -8.99
N VAL D 339 -23.84 -29.36 -8.45
CA VAL D 339 -23.19 -30.48 -9.17
C VAL D 339 -23.87 -31.80 -8.84
N SER D 340 -24.80 -32.22 -9.69
CA SER D 340 -25.64 -33.41 -9.49
C SER D 340 -24.86 -34.73 -9.53
N GLY D 341 -25.33 -35.74 -8.80
CA GLY D 341 -24.84 -37.14 -8.84
C GLY D 341 -23.43 -37.41 -8.31
N ARG D 342 -22.50 -36.47 -8.34
CA ARG D 342 -21.18 -36.88 -8.09
C ARG D 342 -20.93 -37.15 -6.62
N LYS D 343 -19.81 -37.83 -6.44
CA LYS D 343 -19.07 -37.97 -5.18
C LYS D 343 -18.43 -36.63 -4.77
N HIS D 344 -18.00 -36.55 -3.51
CA HIS D 344 -17.43 -35.33 -3.03
C HIS D 344 -16.35 -35.60 -1.93
N ILE D 345 -15.22 -34.90 -1.98
CA ILE D 345 -14.15 -34.96 -0.97
C ILE D 345 -13.67 -33.54 -0.71
N VAL D 346 -13.19 -33.27 0.50
CA VAL D 346 -12.53 -31.99 0.78
C VAL D 346 -11.08 -32.22 1.16
N VAL D 347 -10.18 -31.59 0.43
CA VAL D 347 -8.80 -31.44 0.86
C VAL D 347 -8.78 -30.37 1.95
N CYS D 348 -8.72 -30.83 3.18
CA CYS D 348 -8.57 -30.07 4.40
C CYS D 348 -7.10 -29.64 4.59
N GLY D 349 -6.79 -28.95 5.68
CA GLY D 349 -5.40 -28.80 6.13
C GLY D 349 -4.58 -27.76 5.37
N HIS D 350 -3.28 -28.05 5.16
CA HIS D 350 -2.35 -27.13 4.52
C HIS D 350 -2.38 -27.05 2.99
N ILE D 351 -3.19 -26.15 2.45
CA ILE D 351 -3.17 -25.91 1.00
C ILE D 351 -1.99 -24.99 0.66
N THR D 352 -1.08 -25.48 -0.16
CA THR D 352 -0.02 -24.68 -0.78
C THR D 352 0.29 -25.23 -2.15
N LEU D 353 0.93 -24.42 -2.98
CA LEU D 353 0.97 -24.60 -4.43
C LEU D 353 1.55 -25.96 -4.81
N GLU D 354 2.64 -26.36 -4.17
CA GLU D 354 3.29 -27.62 -4.54
C GLU D 354 2.42 -28.82 -4.21
N SER D 355 1.86 -28.83 -3.00
CA SER D 355 1.09 -29.95 -2.48
C SER D 355 -0.13 -30.23 -3.34
N VAL D 356 -0.87 -29.19 -3.73
CA VAL D 356 -2.03 -29.35 -4.59
C VAL D 356 -1.61 -29.64 -6.04
N SER D 357 -0.52 -29.04 -6.53
CA SER D 357 -0.06 -29.35 -7.88
C SER D 357 0.27 -30.83 -8.03
N ASN D 358 0.91 -31.45 -7.03
CA ASN D 358 1.26 -32.86 -7.15
C ASN D 358 0.10 -33.80 -6.80
N PHE D 359 -0.81 -33.38 -5.91
CA PHE D 359 -2.00 -34.16 -5.61
C PHE D 359 -2.97 -34.19 -6.80
N LEU D 360 -3.34 -33.03 -7.35
CA LEU D 360 -4.30 -32.94 -8.44
C LEU D 360 -3.82 -33.67 -9.68
N LYS D 361 -2.54 -33.54 -10.03
CA LYS D 361 -1.92 -34.20 -11.19
C LYS D 361 -2.01 -35.72 -11.14
N ASP D 362 -2.12 -36.31 -9.96
CA ASP D 362 -2.35 -37.75 -9.77
C ASP D 362 -3.83 -38.10 -9.61
N PHE D 363 -4.59 -37.28 -8.87
CA PHE D 363 -6.01 -37.53 -8.66
C PHE D 363 -6.83 -37.38 -9.95
N LEU D 364 -6.45 -36.41 -10.79
CA LEU D 364 -7.15 -36.16 -12.04
C LEU D 364 -6.21 -36.29 -13.22
N HIS D 365 -5.56 -37.44 -13.36
CA HIS D 365 -4.58 -37.63 -14.43
C HIS D 365 -5.13 -38.15 -15.74
N LYS D 366 -6.42 -38.50 -15.73
CA LYS D 366 -7.20 -39.08 -16.85
C LYS D 366 -6.84 -40.55 -17.19
N ASP D 367 -6.15 -41.23 -16.27
CA ASP D 367 -5.83 -42.64 -16.44
C ASP D 367 -6.66 -43.50 -15.48
N ARG D 368 -7.62 -42.90 -14.76
CA ARG D 368 -8.51 -43.63 -13.88
C ARG D 368 -9.80 -44.06 -14.61
N ASP D 369 -10.09 -43.41 -15.75
CA ASP D 369 -11.25 -43.70 -16.59
C ASP D 369 -12.65 -43.56 -15.95
N ASP D 370 -13.05 -44.49 -15.08
CA ASP D 370 -14.37 -44.43 -14.48
C ASP D 370 -14.40 -43.68 -13.16
N VAL D 371 -14.18 -42.36 -13.22
CA VAL D 371 -14.12 -41.51 -12.02
C VAL D 371 -14.70 -40.11 -12.23
N ASN D 372 -15.07 -39.44 -11.14
CA ASN D 372 -15.61 -38.08 -11.16
C ASN D 372 -14.52 -37.10 -10.70
N VAL D 373 -14.82 -35.80 -10.60
CA VAL D 373 -13.79 -34.84 -10.17
C VAL D 373 -13.69 -34.66 -8.65
N GLU D 374 -14.82 -34.30 -8.02
CA GLU D 374 -15.01 -34.10 -6.57
C GLU D 374 -14.37 -32.88 -5.85
N ILE D 375 -13.05 -32.90 -5.60
CA ILE D 375 -12.26 -31.85 -4.89
C ILE D 375 -12.92 -30.50 -4.55
N VAL D 376 -13.33 -30.29 -3.30
CA VAL D 376 -13.96 -29.02 -2.92
C VAL D 376 -13.00 -27.93 -2.46
N PHE D 377 -11.97 -28.33 -1.70
CA PHE D 377 -10.90 -27.47 -1.10
C PHE D 377 -11.35 -26.56 0.07
N LEU D 378 -10.48 -26.37 1.06
CA LEU D 378 -10.80 -25.53 2.20
C LEU D 378 -9.51 -24.94 2.79
N HIS D 379 -9.51 -23.64 3.10
CA HIS D 379 -8.33 -23.01 3.67
C HIS D 379 -8.72 -21.79 4.48
N ASN D 380 -7.84 -21.36 5.36
CA ASN D 380 -8.10 -20.17 6.19
C ASN D 380 -7.34 -18.89 5.80
N ILE D 381 -6.21 -19.01 5.11
CA ILE D 381 -5.44 -17.84 4.72
C ILE D 381 -5.58 -17.42 3.25
N SER D 382 -6.58 -18.00 2.58
CA SER D 382 -6.94 -17.75 1.16
C SER D 382 -5.95 -18.17 0.04
N PRO D 383 -6.45 -18.32 -1.19
CA PRO D 383 -5.51 -18.67 -2.27
C PRO D 383 -5.02 -17.40 -2.97
N ASN D 384 -4.23 -16.59 -2.28
CA ASN D 384 -3.72 -15.35 -2.85
C ASN D 384 -2.94 -15.59 -4.14
N LEU D 385 -1.87 -16.37 -4.04
CA LEU D 385 -1.03 -16.66 -5.20
C LEU D 385 -1.50 -17.90 -5.99
N GLU D 386 -2.18 -18.83 -5.33
CA GLU D 386 -2.64 -20.06 -6.00
C GLU D 386 -3.47 -19.76 -7.26
N LEU D 387 -4.28 -18.70 -7.19
CA LEU D 387 -5.21 -18.33 -8.25
C LEU D 387 -4.48 -17.88 -9.53
N GLU D 388 -3.36 -17.16 -9.41
CA GLU D 388 -2.50 -16.86 -10.57
C GLU D 388 -1.45 -17.94 -10.84
N ALA D 389 -0.84 -18.53 -9.80
CA ALA D 389 0.26 -19.49 -9.99
C ALA D 389 -0.22 -20.83 -10.57
N LEU D 390 -1.50 -21.12 -10.33
CA LEU D 390 -2.14 -22.32 -10.90
C LEU D 390 -3.68 -22.45 -11.00
N PHE D 391 -4.51 -21.64 -10.31
CA PHE D 391 -5.97 -21.79 -10.28
C PHE D 391 -6.22 -23.21 -9.66
N LYS D 392 -7.11 -24.07 -10.14
CA LYS D 392 -7.23 -25.39 -9.52
C LYS D 392 -7.08 -26.48 -10.58
N ARG D 393 -6.34 -26.17 -11.65
CA ARG D 393 -6.10 -27.04 -12.82
C ARG D 393 -7.38 -27.44 -13.57
N HIS D 394 -8.37 -26.53 -13.54
CA HIS D 394 -9.69 -26.65 -14.13
C HIS D 394 -10.39 -25.34 -13.82
N PHE D 395 -11.30 -24.92 -14.68
CA PHE D 395 -12.01 -23.67 -14.43
C PHE D 395 -13.46 -23.88 -13.97
N THR D 396 -14.19 -24.71 -14.69
CA THR D 396 -15.59 -24.97 -14.37
C THR D 396 -15.76 -25.84 -13.13
N GLN D 397 -14.87 -26.82 -12.98
CA GLN D 397 -14.89 -27.74 -11.83
C GLN D 397 -13.92 -27.24 -10.76
N VAL D 398 -13.78 -27.99 -9.64
CA VAL D 398 -12.86 -27.73 -8.48
C VAL D 398 -12.89 -26.26 -7.85
N GLU D 399 -13.65 -26.09 -6.75
CA GLU D 399 -14.01 -24.78 -6.20
C GLU D 399 -13.07 -24.45 -5.02
N PHE D 400 -13.27 -23.35 -4.29
CA PHE D 400 -12.36 -23.05 -3.19
C PHE D 400 -13.13 -22.39 -2.06
N TYR D 401 -13.05 -22.92 -0.82
CA TYR D 401 -13.80 -22.33 0.22
C TYR D 401 -12.83 -21.58 1.07
N GLN D 402 -13.17 -20.32 1.41
CA GLN D 402 -12.33 -19.46 2.20
C GLN D 402 -12.52 -19.68 3.70
N GLY D 403 -13.43 -20.56 4.07
CA GLY D 403 -13.64 -20.88 5.46
C GLY D 403 -12.70 -21.90 6.10
N SER D 404 -12.43 -21.76 7.40
CA SER D 404 -11.52 -22.64 8.13
C SER D 404 -12.05 -24.05 8.44
N VAL D 405 -11.14 -24.97 8.79
CA VAL D 405 -11.54 -26.37 9.05
C VAL D 405 -12.16 -26.52 10.45
N LEU D 406 -11.81 -25.62 11.38
CA LEU D 406 -12.21 -25.72 12.78
C LEU D 406 -13.59 -25.12 13.02
N ASN D 407 -13.99 -24.14 12.24
CA ASN D 407 -15.28 -23.48 12.46
C ASN D 407 -16.42 -24.40 12.04
N PRO D 408 -17.35 -24.74 12.93
CA PRO D 408 -18.48 -25.60 12.53
C PRO D 408 -19.33 -25.00 11.42
N HIS D 409 -19.51 -23.68 11.40
CA HIS D 409 -20.34 -23.07 10.37
C HIS D 409 -19.68 -23.20 8.99
N ASP D 410 -18.37 -23.02 8.89
CA ASP D 410 -17.62 -23.23 7.65
C ASP D 410 -17.57 -24.71 7.25
N LEU D 411 -17.47 -25.59 8.23
CA LEU D 411 -17.50 -27.02 7.99
C LEU D 411 -18.87 -27.46 7.45
N ALA D 412 -19.96 -26.85 7.94
CA ALA D 412 -21.29 -27.03 7.37
C ALA D 412 -21.37 -26.43 5.96
N ARG D 413 -20.67 -25.32 5.69
CA ARG D 413 -20.62 -24.68 4.36
C ARG D 413 -20.15 -25.65 3.28
N VAL D 414 -19.12 -26.46 3.56
CA VAL D 414 -18.61 -27.50 2.66
C VAL D 414 -19.48 -28.77 2.62
N LYS D 415 -20.50 -28.87 3.48
CA LYS D 415 -21.34 -30.07 3.63
C LYS D 415 -20.50 -31.32 3.85
N ILE D 416 -19.59 -31.27 4.83
CA ILE D 416 -18.69 -32.39 5.15
C ILE D 416 -19.43 -33.73 5.35
N GLU D 417 -20.66 -33.68 5.81
CA GLU D 417 -21.46 -34.88 6.07
C GLU D 417 -21.71 -35.66 4.78
N SER D 418 -21.82 -34.95 3.66
CA SER D 418 -22.04 -35.52 2.33
C SER D 418 -20.75 -35.85 1.58
N ALA D 419 -19.58 -35.57 2.16
CA ALA D 419 -18.30 -35.99 1.59
C ALA D 419 -18.08 -37.50 1.79
N ASP D 420 -17.37 -38.11 0.85
CA ASP D 420 -16.86 -39.48 0.94
C ASP D 420 -15.63 -39.54 1.86
N ALA D 421 -14.79 -38.51 1.83
CA ALA D 421 -13.63 -38.35 2.71
C ALA D 421 -13.17 -36.90 2.88
N CYS D 422 -12.46 -36.63 3.98
CA CYS D 422 -11.59 -35.46 4.13
C CYS D 422 -10.13 -35.90 4.07
N LEU D 423 -9.33 -35.20 3.28
CA LEU D 423 -7.90 -35.47 3.11
C LEU D 423 -7.14 -34.34 3.80
N ILE D 424 -6.27 -34.61 4.78
CA ILE D 424 -5.54 -33.55 5.48
C ILE D 424 -4.09 -33.54 5.03
N LEU D 425 -3.66 -32.47 4.37
CA LEU D 425 -2.28 -32.25 3.97
C LEU D 425 -1.50 -31.50 5.06
N ALA D 426 -0.20 -31.78 5.19
CA ALA D 426 0.68 -31.14 6.17
C ALA D 426 1.87 -30.47 5.48
N ASN D 427 2.37 -29.33 5.98
CA ASN D 427 3.57 -28.73 5.44
C ASN D 427 4.83 -29.42 5.97
N LYS D 428 5.49 -30.22 5.14
CA LYS D 428 6.77 -30.87 5.47
C LYS D 428 7.84 -29.87 5.91
N TYR D 429 7.73 -28.63 5.44
CA TYR D 429 8.67 -27.53 5.69
C TYR D 429 8.39 -26.77 6.99
N CYS D 430 7.63 -27.34 7.92
CA CYS D 430 7.33 -26.69 9.20
C CYS D 430 8.58 -26.49 10.06
N ALA D 431 8.61 -25.43 10.87
CA ALA D 431 9.62 -25.21 11.89
C ALA D 431 9.55 -26.24 13.03
N ASP D 432 8.34 -26.54 13.51
CA ASP D 432 8.10 -27.51 14.58
C ASP D 432 7.19 -28.62 14.05
N PRO D 433 7.73 -29.80 13.70
CA PRO D 433 6.90 -30.91 13.24
C PRO D 433 5.83 -31.34 14.23
N ASP D 434 6.15 -31.27 15.52
CA ASP D 434 5.20 -31.64 16.57
C ASP D 434 4.00 -30.69 16.54
N ALA D 435 4.24 -29.40 16.39
CA ALA D 435 3.14 -28.45 16.35
C ALA D 435 2.23 -28.70 15.14
N GLU D 436 2.82 -28.92 13.97
CA GLU D 436 2.04 -29.16 12.77
C GLU D 436 1.22 -30.44 12.91
N ASP D 437 1.82 -31.53 13.42
CA ASP D 437 1.11 -32.77 13.70
C ASP D 437 -0.04 -32.58 14.68
N ALA D 438 0.19 -31.89 15.78
CA ALA D 438 -0.88 -31.64 16.73
C ALA D 438 -1.98 -30.77 16.11
N SER D 439 -1.67 -29.81 15.23
CA SER D 439 -2.70 -29.07 14.52
C SER D 439 -3.50 -30.00 13.61
N ASN D 440 -2.85 -30.92 12.91
CA ASN D 440 -3.60 -31.84 12.07
C ASN D 440 -4.42 -32.80 12.90
N ILE D 441 -3.95 -33.25 14.07
CA ILE D 441 -4.79 -34.05 14.96
C ILE D 441 -5.97 -33.22 15.43
N MET D 442 -5.81 -31.94 15.74
CA MET D 442 -6.92 -31.08 16.12
C MET D 442 -7.95 -30.98 15.01
N ARG D 443 -7.47 -30.93 13.77
CA ARG D 443 -8.36 -30.90 12.60
C ARG D 443 -9.13 -32.22 12.51
N VAL D 444 -8.41 -33.35 12.59
CA VAL D 444 -9.06 -34.66 12.62
C VAL D 444 -10.13 -34.70 13.70
N ILE D 445 -9.83 -34.20 14.89
CA ILE D 445 -10.78 -34.26 16.00
C ILE D 445 -12.02 -33.45 15.68
N SER D 446 -11.84 -32.24 15.13
CA SER D 446 -13.00 -31.41 14.77
C SER D 446 -13.85 -32.09 13.70
N ILE D 447 -13.23 -32.64 12.66
CA ILE D 447 -13.97 -33.31 11.58
C ILE D 447 -14.74 -34.49 12.16
N LYS D 448 -14.10 -35.31 13.00
CA LYS D 448 -14.79 -36.46 13.57
C LYS D 448 -15.91 -36.03 14.50
N ASN D 449 -15.72 -34.94 15.25
CA ASN D 449 -16.76 -34.46 16.14
C ASN D 449 -17.98 -33.98 15.37
N TYR D 450 -17.76 -33.26 14.27
CA TYR D 450 -18.91 -32.82 13.46
C TYR D 450 -19.65 -34.01 12.86
N HIS D 451 -18.92 -35.00 12.34
CA HIS D 451 -19.52 -36.18 11.74
C HIS D 451 -18.67 -37.39 12.09
N PRO D 452 -19.12 -38.22 13.03
CA PRO D 452 -18.33 -39.42 13.39
C PRO D 452 -18.13 -40.40 12.24
N LYS D 453 -19.08 -40.50 11.32
CA LYS D 453 -19.05 -41.51 10.26
C LYS D 453 -18.51 -40.86 8.98
N ILE D 454 -17.20 -40.73 8.84
CA ILE D 454 -16.56 -40.20 7.61
C ILE D 454 -15.16 -40.75 7.48
N ARG D 455 -14.71 -41.13 6.29
CA ARG D 455 -13.34 -41.55 6.17
C ARG D 455 -12.40 -40.31 6.22
N ILE D 456 -11.30 -40.36 6.98
CA ILE D 456 -10.28 -39.32 7.00
C ILE D 456 -8.95 -39.94 6.64
N ILE D 457 -8.18 -39.27 5.80
CA ILE D 457 -6.80 -39.62 5.48
C ILE D 457 -5.94 -38.42 5.83
N THR D 458 -4.76 -38.62 6.39
CA THR D 458 -4.01 -37.53 7.05
C THR D 458 -2.52 -37.74 6.96
N GLN D 459 -1.78 -36.72 6.55
CA GLN D 459 -0.33 -36.71 6.62
C GLN D 459 0.14 -36.40 8.05
N MET D 460 1.00 -37.25 8.62
CA MET D 460 1.71 -37.02 9.87
C MET D 460 3.21 -36.84 9.60
N LEU D 461 3.84 -35.80 10.12
CA LEU D 461 5.25 -35.54 9.94
C LEU D 461 6.14 -36.42 10.83
N GLN D 462 5.67 -36.86 11.98
CA GLN D 462 6.45 -37.69 12.90
C GLN D 462 5.72 -38.96 13.28
N TYR D 463 6.44 -40.06 13.44
CA TYR D 463 5.81 -41.35 13.72
C TYR D 463 5.14 -41.40 15.08
N HIS D 464 5.74 -40.88 16.13
CA HIS D 464 5.21 -41.03 17.48
C HIS D 464 3.83 -40.37 17.65
N ASN D 465 3.53 -39.42 16.77
CA ASN D 465 2.24 -38.72 16.77
C ASN D 465 1.06 -39.55 16.25
N LYS D 466 1.33 -40.60 15.49
CA LYS D 466 0.25 -41.48 15.02
C LYS D 466 -0.51 -42.12 16.16
N ALA D 467 0.14 -42.37 17.30
CA ALA D 467 -0.51 -42.90 18.47
C ALA D 467 -1.65 -42.01 18.98
N HIS D 468 -1.56 -40.69 18.83
CA HIS D 468 -2.61 -39.79 19.30
C HIS D 468 -3.91 -39.96 18.50
N LEU D 469 -3.85 -40.38 17.25
CA LEU D 469 -5.07 -40.62 16.47
C LEU D 469 -5.85 -41.81 17.05
N LEU D 470 -5.17 -42.86 17.49
CA LEU D 470 -5.81 -43.99 18.16
C LEU D 470 -6.47 -43.60 19.49
N ASN D 471 -6.22 -42.41 20.05
CA ASN D 471 -6.90 -41.96 21.26
C ASN D 471 -8.33 -41.48 21.00
N ILE D 472 -8.67 -41.10 19.77
CA ILE D 472 -10.01 -40.60 19.43
C ILE D 472 -10.99 -41.79 19.41
N PRO D 473 -12.09 -41.81 20.18
CA PRO D 473 -12.96 -42.99 20.25
C PRO D 473 -13.61 -43.36 18.93
N SER D 474 -13.91 -42.38 18.07
CA SER D 474 -14.57 -42.62 16.81
C SER D 474 -13.59 -42.88 15.66
N TRP D 475 -12.29 -42.80 15.92
CA TRP D 475 -11.28 -43.06 14.90
C TRP D 475 -11.13 -44.57 14.75
N ASN D 476 -11.78 -45.14 13.74
CA ASN D 476 -11.76 -46.57 13.49
C ASN D 476 -10.90 -46.81 12.24
N TRP D 477 -9.70 -47.36 12.45
CA TRP D 477 -8.81 -47.63 11.33
C TRP D 477 -9.31 -48.80 10.49
N LYS D 478 -10.06 -49.72 11.09
CA LYS D 478 -10.62 -50.82 10.32
C LYS D 478 -11.66 -50.33 9.32
N GLU D 479 -12.43 -49.29 9.68
CA GLU D 479 -13.40 -48.73 8.75
C GLU D 479 -12.73 -48.08 7.55
N GLY D 480 -11.52 -47.55 7.73
CA GLY D 480 -10.81 -46.91 6.64
C GLY D 480 -10.01 -45.69 7.06
N ASP D 481 -10.19 -45.27 8.32
CA ASP D 481 -9.47 -44.11 8.83
C ASP D 481 -8.00 -44.44 9.06
N ASP D 482 -7.16 -44.20 8.05
CA ASP D 482 -5.74 -44.49 8.13
C ASP D 482 -4.94 -43.22 7.92
N ALA D 483 -3.82 -43.06 8.63
CA ALA D 483 -2.92 -41.92 8.52
C ALA D 483 -1.59 -42.29 7.88
N ILE D 484 -1.10 -41.47 6.96
CA ILE D 484 0.15 -41.63 6.24
C ILE D 484 1.22 -40.86 6.99
N CYS D 485 2.20 -41.52 7.61
CA CYS D 485 3.30 -40.79 8.22
C CYS D 485 4.40 -40.56 7.20
N LEU D 486 4.66 -39.30 6.84
CA LEU D 486 5.59 -38.96 5.77
C LEU D 486 7.01 -39.36 6.14
N ALA D 487 7.43 -39.17 7.39
CA ALA D 487 8.72 -39.64 7.87
C ALA D 487 8.82 -41.16 8.00
N GLU D 488 7.80 -41.83 8.53
CA GLU D 488 7.79 -43.29 8.64
C GLU D 488 8.03 -43.94 7.28
N LEU D 489 7.33 -43.46 6.26
CA LEU D 489 7.40 -44.12 4.96
C LEU D 489 8.61 -43.64 4.17
N LYS D 490 9.01 -42.37 4.28
CA LYS D 490 10.22 -41.92 3.58
C LYS D 490 11.44 -42.69 4.05
N LEU D 491 11.66 -42.74 5.36
CA LEU D 491 12.84 -43.45 5.87
C LEU D 491 12.73 -44.95 5.65
N GLY D 492 11.52 -45.50 5.64
CA GLY D 492 11.37 -46.91 5.30
C GLY D 492 11.72 -47.20 3.86
N PHE D 493 11.31 -46.34 2.93
CA PHE D 493 11.69 -46.59 1.55
C PHE D 493 13.21 -46.45 1.46
N ILE D 494 13.80 -45.44 2.10
CA ILE D 494 15.25 -45.28 2.02
C ILE D 494 15.97 -46.52 2.56
N ALA D 495 15.52 -47.04 3.69
CA ALA D 495 16.14 -48.22 4.28
C ALA D 495 15.98 -49.44 3.39
N GLN D 496 14.78 -49.64 2.83
CA GLN D 496 14.57 -50.75 1.91
C GLN D 496 15.39 -50.58 0.63
N SER D 497 15.71 -49.33 0.26
CA SER D 497 16.63 -49.11 -0.84
C SER D 497 18.03 -49.60 -0.51
N CYS D 498 18.42 -49.56 0.76
CA CYS D 498 19.72 -50.09 1.15
C CYS D 498 19.79 -51.59 0.93
N LEU D 499 18.73 -52.32 1.30
CA LEU D 499 18.70 -53.75 1.08
C LEU D 499 18.57 -54.08 -0.41
N ALA D 500 17.67 -53.37 -1.11
CA ALA D 500 17.43 -53.58 -2.53
C ALA D 500 17.47 -52.22 -3.21
N GLN D 501 18.56 -51.93 -3.92
CA GLN D 501 18.71 -50.65 -4.58
C GLN D 501 17.65 -50.46 -5.65
N GLY D 502 17.05 -49.27 -5.68
CA GLY D 502 16.00 -48.96 -6.62
C GLY D 502 14.61 -49.40 -6.22
N LEU D 503 14.44 -49.97 -5.03
CA LEU D 503 13.13 -50.41 -4.60
C LEU D 503 12.18 -49.24 -4.37
N SER D 504 12.71 -48.09 -3.95
CA SER D 504 11.87 -46.92 -3.75
C SER D 504 11.23 -46.46 -5.06
N THR D 505 12.01 -46.47 -6.14
CA THR D 505 11.47 -46.10 -7.45
C THR D 505 10.42 -47.11 -7.90
N MET D 506 10.68 -48.41 -7.69
CA MET D 506 9.72 -49.43 -8.07
C MET D 506 8.41 -49.27 -7.32
N LEU D 507 8.47 -49.03 -6.01
CA LEU D 507 7.26 -48.84 -5.23
C LEU D 507 6.55 -47.54 -5.58
N ALA D 508 7.32 -46.51 -5.99
CA ALA D 508 6.71 -45.23 -6.33
C ALA D 508 5.78 -45.36 -7.52
N ASN D 509 6.17 -46.14 -8.53
CA ASN D 509 5.36 -46.29 -9.74
C ASN D 509 4.21 -47.27 -9.57
N LEU D 510 4.14 -48.00 -8.46
CA LEU D 510 3.08 -48.96 -8.25
C LEU D 510 1.75 -48.31 -7.90
N PHE D 511 1.80 -47.09 -7.38
CA PHE D 511 0.65 -46.36 -6.91
C PHE D 511 0.44 -44.99 -7.59
N SER D 512 1.47 -44.34 -8.12
CA SER D 512 1.28 -43.10 -8.88
C SER D 512 0.70 -43.33 -10.25
N MET D 513 -0.35 -42.62 -10.65
CA MET D 513 -0.72 -42.54 -12.06
C MET D 513 0.41 -41.89 -12.86
N ARG D 514 0.89 -42.58 -13.91
CA ARG D 514 1.94 -42.08 -14.79
C ARG D 514 1.55 -42.50 -16.23
N SER D 515 1.45 -41.53 -17.16
CA SER D 515 1.06 -41.81 -18.54
C SER D 515 2.12 -42.64 -19.24
N PHE D 516 1.67 -43.63 -20.00
CA PHE D 516 2.56 -44.51 -20.76
C PHE D 516 2.82 -43.88 -22.13
N ILE D 517 4.10 -43.70 -22.45
CA ILE D 517 4.53 -43.12 -23.72
C ILE D 517 5.36 -44.15 -24.45
N LYS D 518 4.97 -44.48 -25.67
CA LYS D 518 5.70 -45.47 -26.45
C LYS D 518 7.03 -44.88 -26.94
N ILE D 519 8.10 -45.65 -26.76
CA ILE D 519 9.43 -45.24 -27.17
C ILE D 519 9.90 -46.22 -28.24
N GLU D 520 10.06 -45.73 -29.47
CA GLU D 520 10.52 -46.58 -30.56
C GLU D 520 12.01 -46.86 -30.49
N GLU D 521 12.79 -45.95 -29.91
CA GLU D 521 14.23 -46.15 -29.80
C GLU D 521 14.55 -47.27 -28.83
N ASP D 522 15.59 -48.04 -29.13
CA ASP D 522 16.03 -49.14 -28.27
C ASP D 522 16.95 -48.58 -27.20
N THR D 523 16.34 -47.93 -26.22
CA THR D 523 17.05 -47.31 -25.10
C THR D 523 16.49 -47.83 -23.78
N TRP D 524 17.18 -47.48 -22.70
CA TRP D 524 16.72 -47.88 -21.37
C TRP D 524 15.38 -47.26 -21.00
N GLN D 525 15.04 -46.12 -21.60
CA GLN D 525 13.78 -45.45 -21.26
C GLN D 525 12.59 -46.31 -21.65
N LYS D 526 12.65 -46.99 -22.79
CA LYS D 526 11.55 -47.85 -23.21
C LYS D 526 11.33 -48.99 -22.21
N TYR D 527 12.40 -49.66 -21.81
CA TYR D 527 12.27 -50.75 -20.84
C TYR D 527 11.78 -50.23 -19.50
N TYR D 528 12.25 -49.06 -19.08
CA TYR D 528 11.80 -48.48 -17.82
C TYR D 528 10.30 -48.17 -17.86
N LEU D 529 9.86 -47.52 -18.94
CA LEU D 529 8.45 -47.16 -19.07
C LEU D 529 7.56 -48.36 -19.29
N GLU D 530 8.12 -49.49 -19.73
CA GLU D 530 7.33 -50.71 -19.87
C GLU D 530 6.75 -51.13 -18.53
N GLY D 531 7.54 -51.06 -17.46
CA GLY D 531 7.08 -51.39 -16.13
C GLY D 531 6.40 -50.28 -15.38
N VAL D 532 6.49 -49.04 -15.88
CA VAL D 532 5.85 -47.91 -15.19
C VAL D 532 4.33 -48.04 -15.23
N SER D 533 3.79 -48.46 -16.38
CA SER D 533 2.34 -48.55 -16.53
C SER D 533 1.71 -49.56 -15.57
N ASN D 534 2.48 -50.50 -15.06
CA ASN D 534 1.95 -51.46 -14.10
C ASN D 534 1.57 -50.78 -12.80
N GLU D 535 0.40 -51.13 -12.28
CA GLU D 535 -0.12 -50.58 -11.03
C GLU D 535 -0.49 -51.73 -10.10
N MET D 536 -0.96 -51.38 -8.90
CA MET D 536 -1.25 -52.35 -7.85
C MET D 536 -2.73 -52.27 -7.49
N TYR D 537 -3.37 -53.43 -7.39
CA TYR D 537 -4.80 -53.50 -7.10
C TYR D 537 -5.04 -54.62 -6.09
N THR D 538 -6.27 -54.64 -5.56
CA THR D 538 -6.71 -55.67 -4.62
C THR D 538 -7.94 -56.36 -5.18
N GLU D 539 -7.99 -57.69 -5.06
CA GLU D 539 -9.13 -58.44 -5.56
C GLU D 539 -9.32 -59.70 -4.75
N TYR D 540 -10.57 -60.04 -4.46
CA TYR D 540 -10.86 -61.26 -3.71
C TYR D 540 -10.54 -62.49 -4.55
N LEU D 541 -9.91 -63.48 -3.91
CA LEU D 541 -9.53 -64.70 -4.60
C LEU D 541 -10.77 -65.55 -4.91
N SER D 542 -10.69 -66.27 -6.02
CA SER D 542 -11.79 -67.14 -6.44
C SER D 542 -11.92 -68.34 -5.50
N SER D 543 -13.11 -68.93 -5.49
CA SER D 543 -13.37 -70.09 -4.66
C SER D 543 -12.56 -71.30 -5.08
N ALA D 544 -12.09 -71.35 -6.34
CA ALA D 544 -11.26 -72.46 -6.79
C ALA D 544 -9.89 -72.46 -6.15
N PHE D 545 -9.45 -71.33 -5.61
CA PHE D 545 -8.14 -71.21 -4.98
C PHE D 545 -8.16 -71.60 -3.50
N VAL D 546 -9.33 -71.90 -2.95
CA VAL D 546 -9.42 -72.27 -1.53
C VAL D 546 -8.78 -73.63 -1.32
N GLY D 547 -7.94 -73.74 -0.31
CA GLY D 547 -7.26 -74.98 -0.01
C GLY D 547 -5.99 -75.23 -0.78
N LEU D 548 -5.49 -74.24 -1.52
CA LEU D 548 -4.27 -74.36 -2.31
C LEU D 548 -3.17 -73.50 -1.70
N SER D 549 -1.94 -73.98 -1.78
CA SER D 549 -0.81 -73.24 -1.25
C SER D 549 -0.55 -71.98 -2.07
N PHE D 550 0.05 -70.99 -1.41
CA PHE D 550 0.31 -69.71 -2.07
C PHE D 550 1.19 -69.83 -3.31
N PRO D 551 2.32 -70.57 -3.28
CA PRO D 551 3.12 -70.66 -4.52
C PRO D 551 2.35 -71.22 -5.70
N THR D 552 1.51 -72.23 -5.48
CA THR D 552 0.79 -72.85 -6.60
C THR D 552 -0.20 -71.89 -7.23
N VAL D 553 -1.00 -71.20 -6.40
CA VAL D 553 -1.98 -70.25 -6.93
C VAL D 553 -1.27 -69.07 -7.57
N CYS D 554 -0.13 -68.65 -7.00
CA CYS D 554 0.63 -67.56 -7.61
C CYS D 554 1.15 -67.96 -8.98
N GLU D 555 1.67 -69.19 -9.12
CA GLU D 555 2.12 -69.67 -10.42
C GLU D 555 0.95 -69.75 -11.41
N LEU D 556 -0.20 -70.23 -10.94
CA LEU D 556 -1.36 -70.31 -11.82
C LEU D 556 -1.79 -68.93 -12.30
N CYS D 557 -1.80 -67.95 -11.40
CA CYS D 557 -2.17 -66.59 -11.79
C CYS D 557 -1.17 -65.98 -12.75
N PHE D 558 0.13 -66.22 -12.53
CA PHE D 558 1.14 -65.62 -13.39
C PHE D 558 1.14 -66.25 -14.77
N VAL D 559 1.12 -67.58 -14.84
CA VAL D 559 1.23 -68.26 -16.12
C VAL D 559 -0.05 -68.07 -16.93
N LYS D 560 -1.21 -68.25 -16.30
CA LYS D 560 -2.48 -68.21 -17.00
C LYS D 560 -3.06 -66.79 -17.07
N LEU D 561 -3.27 -66.17 -15.92
CA LEU D 561 -3.95 -64.88 -15.84
C LEU D 561 -3.01 -63.70 -16.01
N LYS D 562 -1.69 -63.94 -16.11
CA LYS D 562 -0.70 -62.88 -16.26
C LYS D 562 -0.80 -61.86 -15.12
N LEU D 563 -1.02 -62.35 -13.90
CA LEU D 563 -1.13 -61.52 -12.72
C LEU D 563 -0.10 -61.96 -11.68
N LEU D 564 0.55 -60.99 -11.06
CA LEU D 564 1.56 -61.25 -10.02
C LEU D 564 0.95 -60.94 -8.67
N MET D 565 0.70 -61.99 -7.88
CA MET D 565 0.11 -61.85 -6.55
C MET D 565 1.21 -61.79 -5.51
N ILE D 566 1.13 -60.81 -4.61
CA ILE D 566 2.17 -60.57 -3.63
C ILE D 566 1.73 -61.04 -2.25
N ALA D 567 0.61 -60.53 -1.77
CA ALA D 567 0.20 -60.77 -0.39
C ALA D 567 -1.29 -61.10 -0.33
N ILE D 568 -1.68 -61.74 0.78
CA ILE D 568 -3.05 -62.10 1.08
C ILE D 568 -3.30 -61.83 2.55
N GLU D 569 -4.52 -62.12 3.01
CA GLU D 569 -4.90 -61.96 4.41
C GLU D 569 -5.20 -63.34 5.01
N TYR D 570 -4.62 -63.61 6.16
CA TYR D 570 -4.84 -64.86 6.88
C TYR D 570 -5.52 -64.54 8.21
N LYS D 571 -6.67 -65.18 8.45
CA LYS D 571 -7.45 -64.97 9.66
C LYS D 571 -7.16 -66.11 10.64
N SER D 572 -6.56 -65.76 11.78
CA SER D 572 -6.24 -66.73 12.82
C SER D 572 -7.32 -66.80 13.90
N ALA D 573 -8.41 -66.06 13.75
CA ALA D 573 -9.51 -66.02 14.73
C ALA D 573 -9.02 -65.56 16.11
N ASN D 574 -7.97 -64.74 16.13
CA ASN D 574 -7.45 -64.20 17.37
C ASN D 574 -7.28 -62.69 17.27
N ARG D 575 -7.02 -62.20 16.06
CA ARG D 575 -6.83 -60.77 15.83
C ARG D 575 -7.21 -60.45 14.39
N GLU D 576 -6.90 -59.23 13.96
CA GLU D 576 -7.17 -58.83 12.60
C GLU D 576 -6.29 -59.59 11.62
N SER D 577 -6.83 -59.87 10.44
CA SER D 577 -6.11 -60.64 9.42
C SER D 577 -4.90 -59.85 8.94
N ARG D 578 -3.71 -60.27 9.33
CA ARG D 578 -2.49 -59.59 8.94
C ARG D 578 -2.20 -59.78 7.46
N ILE D 579 -1.41 -58.86 6.91
CA ILE D 579 -1.00 -58.92 5.51
C ILE D 579 0.29 -59.73 5.44
N LEU D 580 0.20 -60.97 4.98
CA LEU D 580 1.34 -61.86 4.89
C LEU D 580 2.01 -61.67 3.53
N ILE D 581 3.27 -61.22 3.54
CA ILE D 581 4.00 -60.92 2.31
C ILE D 581 4.61 -62.21 1.79
N ASN D 582 4.12 -62.68 0.64
CA ASN D 582 4.57 -63.91 -0.01
C ASN D 582 4.52 -65.09 0.95
N PRO D 583 3.33 -65.57 1.30
CA PRO D 583 3.25 -66.73 2.21
C PRO D 583 3.82 -67.98 1.56
N GLY D 584 4.37 -68.86 2.40
CA GLY D 584 4.92 -70.11 1.93
C GLY D 584 3.85 -71.18 1.74
N ASN D 585 4.32 -72.40 1.54
CA ASN D 585 3.43 -73.55 1.37
C ASN D 585 2.95 -74.12 2.69
N HIS D 586 3.41 -73.58 3.82
CA HIS D 586 2.97 -74.09 5.12
C HIS D 586 1.48 -73.84 5.34
N LEU D 587 0.98 -72.68 4.93
CA LEU D 587 -0.40 -72.28 5.17
C LEU D 587 -1.17 -72.26 3.85
N LYS D 588 -2.44 -72.66 3.92
CA LYS D 588 -3.30 -72.67 2.76
C LYS D 588 -4.06 -71.35 2.67
N ILE D 589 -5.06 -71.28 1.79
CA ILE D 589 -5.82 -70.07 1.52
C ILE D 589 -7.29 -70.33 1.83
N GLN D 590 -7.88 -69.45 2.64
CA GLN D 590 -9.29 -69.56 3.01
C GLN D 590 -10.16 -68.87 1.95
N GLU D 591 -11.48 -68.99 2.13
CA GLU D 591 -12.41 -68.40 1.19
C GLU D 591 -12.32 -66.87 1.19
N GLY D 592 -12.22 -66.26 2.37
CA GLY D 592 -12.19 -64.82 2.48
C GLY D 592 -10.80 -64.23 2.42
N THR D 593 -10.18 -64.26 1.24
CA THR D 593 -8.84 -63.72 1.04
C THR D 593 -8.89 -62.66 -0.05
N LEU D 594 -8.23 -61.52 0.20
CA LEU D 594 -8.21 -60.38 -0.70
C LEU D 594 -6.77 -60.20 -1.20
N GLY D 595 -6.43 -60.90 -2.27
CA GLY D 595 -5.07 -60.87 -2.75
C GLY D 595 -4.70 -59.54 -3.39
N PHE D 596 -3.41 -59.22 -3.28
CA PHE D 596 -2.85 -58.01 -3.87
C PHE D 596 -2.14 -58.40 -5.16
N PHE D 597 -2.53 -57.76 -6.27
CA PHE D 597 -2.01 -58.09 -7.59
C PHE D 597 -1.37 -56.87 -8.23
N ILE D 598 -0.48 -57.12 -9.19
CA ILE D 598 0.16 -56.08 -9.98
C ILE D 598 -0.22 -56.31 -11.43
N ALA D 599 -0.81 -55.29 -12.05
CA ALA D 599 -1.21 -55.37 -13.44
C ALA D 599 -1.29 -53.96 -14.01
N SER D 600 -1.08 -53.86 -15.33
CA SER D 600 -1.11 -52.55 -15.98
C SER D 600 -2.51 -51.94 -15.92
N ASP D 601 -3.55 -52.74 -16.11
CA ASP D 601 -4.92 -52.29 -16.10
C ASP D 601 -5.67 -52.90 -14.91
N ALA D 602 -6.96 -52.60 -14.82
CA ALA D 602 -7.78 -53.04 -13.70
C ALA D 602 -8.68 -54.21 -14.04
N LYS D 603 -9.09 -54.35 -15.30
CA LYS D 603 -10.00 -55.44 -15.66
C LYS D 603 -9.31 -56.79 -15.59
N GLU D 604 -7.98 -56.84 -15.81
CA GLU D 604 -7.26 -58.09 -15.67
C GLU D 604 -7.27 -58.60 -14.24
N VAL D 605 -7.15 -57.68 -13.27
CA VAL D 605 -7.19 -58.08 -11.86
C VAL D 605 -8.56 -58.64 -11.50
N LYS D 606 -9.63 -58.07 -12.08
CA LYS D 606 -10.98 -58.52 -11.77
C LYS D 606 -11.21 -59.95 -12.22
N ARG D 607 -10.54 -60.39 -13.29
CA ARG D 607 -10.77 -61.73 -13.82
C ARG D 607 -10.35 -62.83 -12.86
N ALA D 608 -9.50 -62.52 -11.88
CA ALA D 608 -9.08 -63.50 -10.89
C ALA D 608 -10.16 -63.80 -9.86
N PHE D 609 -11.20 -62.96 -9.78
CA PHE D 609 -12.26 -63.18 -8.79
C PHE D 609 -13.16 -64.33 -9.19
N PHE D 610 -13.40 -64.50 -10.49
CA PHE D 610 -14.31 -65.53 -11.00
C PHE D 610 -13.56 -66.55 -11.87
N TYR D 611 -12.37 -66.94 -11.44
CA TYR D 611 -11.62 -67.97 -12.13
C TYR D 611 -12.20 -69.35 -11.82
N CYS D 612 -12.44 -70.14 -12.86
CA CYS D 612 -13.00 -71.47 -12.74
C CYS D 612 -11.95 -72.49 -13.18
N LYS D 613 -11.61 -73.43 -12.29
CA LYS D 613 -10.60 -74.42 -12.62
C LYS D 613 -11.07 -75.35 -13.73
N ALA D 614 -12.32 -75.82 -13.66
CA ALA D 614 -12.82 -76.75 -14.66
C ALA D 614 -13.08 -76.04 -15.99
N CYS D 615 -13.72 -74.87 -15.95
CA CYS D 615 -14.06 -74.16 -17.18
C CYS D 615 -12.81 -73.64 -17.88
N HIS D 616 -11.83 -73.18 -17.12
CA HIS D 616 -10.62 -72.56 -17.66
C HIS D 616 -9.40 -73.45 -17.43
N ASP D 617 -9.57 -74.77 -17.59
CA ASP D 617 -8.44 -75.69 -17.43
C ASP D 617 -7.35 -75.41 -18.47
N ASP D 618 -7.75 -75.17 -19.72
CA ASP D 618 -6.83 -74.83 -20.80
C ASP D 618 -7.03 -73.37 -21.16
N ILE D 619 -5.96 -72.58 -21.04
CA ILE D 619 -6.02 -71.14 -21.29
C ILE D 619 -4.91 -70.82 -22.29
N THR D 620 -5.25 -70.78 -23.57
CA THR D 620 -4.27 -70.41 -24.59
C THR D 620 -3.88 -68.94 -24.47
N ASP D 621 -4.87 -68.07 -24.29
CA ASP D 621 -4.65 -66.64 -24.10
C ASP D 621 -5.50 -66.16 -22.94
N PRO D 622 -5.07 -65.09 -22.26
CA PRO D 622 -5.83 -64.61 -21.09
C PRO D 622 -7.23 -64.13 -21.42
N LYS D 623 -7.51 -63.81 -22.68
CA LYS D 623 -8.85 -63.36 -23.07
C LYS D 623 -9.91 -64.46 -22.94
N ARG D 624 -9.50 -65.72 -22.77
CA ARG D 624 -10.48 -66.80 -22.63
C ARG D 624 -11.32 -66.63 -21.37
N ILE D 625 -10.69 -66.17 -20.28
CA ILE D 625 -11.40 -66.03 -19.01
C ILE D 625 -12.42 -64.90 -19.13
N LYS D 626 -13.66 -65.18 -18.75
CA LYS D 626 -14.75 -64.22 -18.80
C LYS D 626 -15.63 -64.44 -17.58
N LYS D 627 -16.70 -63.63 -17.48
CA LYS D 627 -17.62 -63.76 -16.35
C LYS D 627 -18.30 -65.12 -16.35
N CYS D 628 -18.70 -65.62 -17.52
CA CYS D 628 -19.31 -66.93 -17.62
C CYS D 628 -18.31 -68.02 -17.27
N GLY D 629 -18.77 -69.04 -16.55
CA GLY D 629 -17.90 -70.12 -16.16
C GLY D 629 -18.69 -71.20 -15.46
N CYS D 630 -17.97 -72.25 -15.05
CA CYS D 630 -18.55 -73.38 -14.36
C CYS D 630 -18.23 -73.30 -12.88
N LYS D 631 -19.26 -73.34 -12.04
CA LYS D 631 -19.09 -73.26 -10.60
C LYS D 631 -18.99 -74.65 -9.98
N SER D 681 17.17 -68.97 27.06
CA SER D 681 17.99 -68.34 28.09
C SER D 681 17.46 -66.95 28.45
N ASN D 682 17.99 -66.39 29.53
CA ASN D 682 17.58 -65.06 29.99
C ASN D 682 18.48 -63.98 29.38
N VAL D 683 18.51 -63.97 28.04
CA VAL D 683 19.30 -63.04 27.27
C VAL D 683 18.37 -62.24 26.39
N LYS D 684 18.50 -60.91 26.43
CA LYS D 684 17.66 -60.02 25.64
C LYS D 684 18.18 -59.99 24.21
N LYS D 685 17.48 -60.65 23.30
CA LYS D 685 17.85 -60.70 21.90
C LYS D 685 16.89 -59.97 20.99
N TYR D 686 15.58 -60.04 21.27
CA TYR D 686 14.57 -59.37 20.47
C TYR D 686 13.66 -58.58 21.41
N ASP D 687 12.71 -57.85 20.82
CA ASP D 687 11.78 -57.04 21.59
C ASP D 687 10.71 -57.93 22.22
N SER D 688 9.68 -57.31 22.80
CA SER D 688 8.64 -58.07 23.48
C SER D 688 7.89 -58.98 22.51
N THR D 689 7.57 -58.47 21.32
CA THR D 689 6.87 -59.26 20.31
C THR D 689 7.81 -60.06 19.42
N GLY D 690 9.12 -59.82 19.51
CA GLY D 690 10.05 -60.51 18.65
C GLY D 690 10.08 -60.01 17.22
N MET D 691 9.40 -58.90 16.92
CA MET D 691 9.32 -58.42 15.54
C MET D 691 10.62 -57.76 15.09
N PHE D 692 11.42 -57.25 16.02
CA PHE D 692 12.65 -56.55 15.68
C PHE D 692 13.77 -56.98 16.61
N HIS D 693 15.01 -56.84 16.14
CA HIS D 693 16.17 -57.09 16.99
C HIS D 693 16.25 -56.03 18.09
N TRP D 694 16.64 -56.46 19.28
CA TRP D 694 16.75 -55.56 20.42
C TRP D 694 18.05 -55.82 21.15
N CYS D 695 18.58 -54.77 21.79
CA CYS D 695 19.81 -54.86 22.56
C CYS D 695 19.64 -54.02 23.82
N ALA D 696 20.46 -54.33 24.82
CA ALA D 696 20.40 -53.59 26.07
C ALA D 696 20.78 -52.13 25.83
N PRO D 697 20.11 -51.18 26.49
CA PRO D 697 20.43 -49.77 26.26
C PRO D 697 21.86 -49.45 26.64
N LYS D 698 22.50 -48.63 25.80
CA LYS D 698 23.90 -48.23 25.94
C LYS D 698 24.06 -46.73 25.78
N GLU D 699 24.86 -46.13 26.64
CA GLU D 699 25.14 -44.69 26.58
C GLU D 699 25.88 -44.33 25.28
N ILE D 700 25.68 -43.14 24.76
CA ILE D 700 26.21 -42.74 23.44
C ILE D 700 27.75 -42.87 23.36
N GLU D 701 28.43 -42.76 24.49
CA GLU D 701 29.88 -42.96 24.61
C GLU D 701 30.35 -44.37 24.18
N LYS D 702 29.47 -45.37 24.16
CA LYS D 702 29.80 -46.73 23.70
C LYS D 702 29.80 -46.85 22.18
N VAL D 703 29.20 -45.92 21.45
CA VAL D 703 28.99 -46.00 19.99
C VAL D 703 29.62 -44.86 19.21
N ILE D 704 29.88 -43.74 19.85
CA ILE D 704 30.66 -42.64 19.29
C ILE D 704 32.08 -43.09 19.02
N LEU D 705 32.70 -42.63 17.94
CA LEU D 705 34.10 -42.95 17.65
C LEU D 705 34.83 -41.88 16.83
N THR D 706 36.15 -41.85 16.94
CA THR D 706 37.05 -40.91 16.24
C THR D 706 37.48 -41.46 14.88
N ARG D 707 38.08 -40.61 14.05
CA ARG D 707 38.55 -41.01 12.72
C ARG D 707 39.45 -42.27 12.75
N SER D 708 40.42 -42.30 13.66
CA SER D 708 41.35 -43.43 13.76
C SER D 708 40.63 -44.72 14.16
N GLU D 709 39.67 -44.66 15.08
CA GLU D 709 38.84 -45.79 15.47
C GLU D 709 37.98 -46.29 14.31
N ALA D 710 37.41 -45.40 13.51
CA ALA D 710 36.75 -45.80 12.28
C ALA D 710 37.74 -46.44 11.31
N ALA D 711 38.89 -45.79 11.06
CA ALA D 711 39.82 -46.16 10.02
C ALA D 711 40.45 -47.55 10.21
N MET D 712 40.75 -47.98 11.45
CA MET D 712 41.26 -49.34 11.68
C MET D 712 40.15 -50.40 11.84
N THR D 713 38.88 -50.00 11.90
CA THR D 713 37.76 -50.95 11.91
C THR D 713 37.58 -51.61 10.54
N VAL D 714 37.22 -52.89 10.54
CA VAL D 714 37.21 -53.82 9.41
C VAL D 714 35.81 -53.89 8.84
N LEU D 715 34.97 -52.91 9.18
CA LEU D 715 33.59 -52.90 8.71
C LEU D 715 33.54 -52.90 7.18
N SER D 716 32.65 -53.73 6.63
CA SER D 716 32.48 -53.84 5.19
C SER D 716 31.04 -54.22 4.89
N GLY D 717 30.56 -53.77 3.74
CA GLY D 717 29.17 -54.01 3.38
C GLY D 717 28.19 -53.39 4.36
N HIS D 718 28.53 -52.23 4.91
CA HIS D 718 27.72 -51.56 5.91
C HIS D 718 26.90 -50.45 5.27
N VAL D 719 26.16 -49.72 6.11
CA VAL D 719 25.32 -48.62 5.67
C VAL D 719 25.85 -47.34 6.31
N VAL D 720 26.06 -46.31 5.50
CA VAL D 720 26.50 -45.01 5.96
C VAL D 720 25.36 -44.02 5.78
N VAL D 721 25.06 -43.25 6.83
CA VAL D 721 24.01 -42.25 6.80
C VAL D 721 24.61 -40.91 7.18
N CYS D 722 24.63 -39.97 6.24
CA CYS D 722 25.11 -38.62 6.48
C CYS D 722 23.92 -37.73 6.82
N ILE D 723 24.05 -36.95 7.90
CA ILE D 723 22.98 -36.11 8.41
C ILE D 723 23.45 -34.66 8.43
N PHE D 724 22.66 -33.78 7.82
CA PHE D 724 22.90 -32.34 7.88
C PHE D 724 21.91 -31.75 8.88
N GLY D 725 22.29 -31.75 10.15
CA GLY D 725 21.42 -31.27 11.20
C GLY D 725 22.19 -30.46 12.22
N ASP D 726 21.48 -29.52 12.84
CA ASP D 726 22.05 -28.66 13.88
C ASP D 726 21.21 -28.70 15.14
N VAL D 727 21.50 -27.81 16.09
CA VAL D 727 20.73 -27.77 17.33
C VAL D 727 19.28 -27.36 17.06
N SER D 728 19.08 -26.36 16.19
CA SER D 728 17.74 -25.87 15.89
C SER D 728 17.05 -26.70 14.80
N SER D 729 17.72 -27.59 14.09
CA SER D 729 16.94 -28.27 13.04
C SER D 729 16.04 -29.28 13.62
N ALA D 730 15.03 -29.60 12.95
CA ALA D 730 14.00 -30.55 13.36
C ALA D 730 14.50 -32.00 13.44
N LEU D 731 13.88 -32.86 14.24
CA LEU D 731 14.24 -34.27 14.26
C LEU D 731 13.81 -34.96 12.97
N ILE D 732 14.73 -35.68 12.32
CA ILE D 732 14.41 -36.56 11.20
C ILE D 732 13.66 -37.80 11.70
N GLY D 733 13.91 -38.26 12.93
CA GLY D 733 13.27 -39.44 13.49
C GLY D 733 13.90 -40.71 12.96
N LEU D 734 15.20 -40.90 13.21
CA LEU D 734 16.00 -41.93 12.57
C LEU D 734 15.58 -43.35 12.96
N ARG D 735 14.76 -43.52 14.00
CA ARG D 735 14.26 -44.84 14.44
C ARG D 735 13.59 -45.55 13.29
N ASN D 736 12.78 -44.82 12.51
CA ASN D 736 12.07 -45.35 11.35
C ASN D 736 13.03 -45.77 10.24
N LEU D 737 14.26 -45.27 10.24
CA LEU D 737 15.29 -45.72 9.31
C LEU D 737 16.03 -46.96 9.82
N VAL D 738 16.03 -47.20 11.13
CA VAL D 738 16.82 -48.29 11.69
C VAL D 738 15.99 -49.56 11.85
N MET D 739 14.74 -49.43 12.28
CA MET D 739 13.84 -50.56 12.48
C MET D 739 13.74 -51.45 11.24
N PRO D 740 13.40 -50.97 10.05
CA PRO D 740 13.30 -51.87 8.88
C PRO D 740 14.60 -52.57 8.53
N LEU D 741 15.75 -51.93 8.77
CA LEU D 741 17.02 -52.56 8.45
C LEU D 741 17.33 -53.76 9.34
N ARG D 742 16.72 -53.82 10.53
CA ARG D 742 16.85 -54.99 11.42
C ARG D 742 15.46 -55.28 11.99
N ALA D 743 14.72 -56.12 11.27
CA ALA D 743 13.35 -56.48 11.64
C ALA D 743 13.25 -57.97 11.96
N SER D 744 14.30 -58.53 12.56
CA SER D 744 14.34 -59.91 13.03
C SER D 744 14.24 -60.91 11.89
N ASN D 745 14.17 -60.41 10.65
CA ASN D 745 14.14 -61.28 9.48
C ASN D 745 15.55 -61.59 8.96
N PHE D 746 16.58 -60.97 9.52
CA PHE D 746 17.95 -61.20 9.13
C PHE D 746 18.72 -61.75 10.33
N HIS D 747 19.71 -62.60 10.04
CA HIS D 747 20.55 -63.12 11.10
C HIS D 747 21.43 -62.02 11.67
N TYR D 748 21.94 -62.26 12.88
CA TYR D 748 22.74 -61.25 13.57
C TYR D 748 23.98 -60.88 12.76
N HIS D 749 24.66 -61.88 12.18
CA HIS D 749 25.80 -61.58 11.32
C HIS D 749 25.36 -60.95 10.01
N GLU D 750 24.13 -61.23 9.57
CA GLU D 750 23.64 -60.68 8.31
C GLU D 750 23.21 -59.22 8.42
N LEU D 751 23.03 -58.71 9.64
CA LEU D 751 22.62 -57.33 9.82
C LEU D 751 23.70 -56.38 9.32
N LYS D 752 23.27 -55.32 8.64
CA LYS D 752 24.18 -54.32 8.09
C LYS D 752 24.46 -53.25 9.14
N HIS D 753 25.74 -52.96 9.36
CA HIS D 753 26.16 -52.00 10.35
C HIS D 753 25.75 -50.60 9.87
N ILE D 754 25.25 -49.78 10.77
CA ILE D 754 24.85 -48.41 10.46
C ILE D 754 25.84 -47.46 11.12
N VAL D 755 26.42 -46.58 10.31
CA VAL D 755 27.33 -45.52 10.77
C VAL D 755 26.75 -44.16 10.43
N PHE D 756 26.54 -43.30 11.42
CA PHE D 756 26.02 -41.97 11.21
C PHE D 756 27.16 -40.96 11.19
N VAL D 757 27.16 -40.10 10.17
CA VAL D 757 28.15 -39.04 10.02
C VAL D 757 27.41 -37.72 10.10
N GLY D 758 27.68 -36.94 11.14
CA GLY D 758 26.98 -35.69 11.32
C GLY D 758 27.37 -35.05 12.64
N SER D 759 26.64 -34.00 12.99
CA SER D 759 26.90 -33.30 14.24
C SER D 759 26.55 -34.19 15.43
N ILE D 760 27.46 -34.31 16.39
CA ILE D 760 27.16 -35.15 17.54
C ILE D 760 26.07 -34.52 18.39
N GLU D 761 26.01 -33.20 18.49
CA GLU D 761 24.95 -32.58 19.29
C GLU D 761 23.57 -32.94 18.76
N TYR D 762 23.41 -32.94 17.44
CA TYR D 762 22.13 -33.33 16.86
C TYR D 762 21.83 -34.81 17.13
N LEU D 763 22.84 -35.67 17.02
CA LEU D 763 22.63 -37.09 17.30
C LEU D 763 22.27 -37.35 18.75
N LYS D 764 22.77 -36.51 19.67
CA LYS D 764 22.42 -36.67 21.08
C LYS D 764 20.94 -36.40 21.31
N ARG D 765 20.31 -35.59 20.45
CA ARG D 765 18.91 -35.25 20.64
C ARG D 765 18.01 -36.48 20.49
N GLU D 766 18.29 -37.33 19.51
CA GLU D 766 17.45 -38.48 19.22
C GLU D 766 18.17 -39.81 19.43
N TRP D 767 19.27 -39.84 20.18
CA TRP D 767 19.97 -41.08 20.48
C TRP D 767 19.15 -42.00 21.37
N GLU D 768 18.33 -41.46 22.27
CA GLU D 768 17.56 -42.29 23.20
C GLU D 768 16.57 -43.19 22.47
N THR D 769 16.21 -42.87 21.24
CA THR D 769 15.31 -43.71 20.44
C THR D 769 16.07 -44.73 19.58
N LEU D 770 17.39 -44.69 19.58
CA LEU D 770 18.19 -45.61 18.77
C LEU D 770 19.19 -46.43 19.58
N HIS D 771 19.28 -46.22 20.89
CA HIS D 771 20.27 -46.93 21.69
C HIS D 771 19.91 -48.40 21.93
N ASN D 772 18.71 -48.82 21.56
CA ASN D 772 18.30 -50.21 21.73
C ASN D 772 18.71 -51.12 20.59
N PHE D 773 19.37 -50.58 19.56
CA PHE D 773 19.73 -51.43 18.43
C PHE D 773 21.18 -51.89 18.54
N PRO D 774 21.47 -53.12 18.12
CA PRO D 774 22.81 -53.68 18.34
C PRO D 774 23.93 -52.96 17.60
N LYS D 775 23.82 -52.83 16.29
CA LYS D 775 24.91 -52.32 15.46
C LYS D 775 24.58 -50.90 15.02
N VAL D 776 24.98 -49.95 15.84
CA VAL D 776 25.00 -48.54 15.47
C VAL D 776 26.33 -47.97 15.87
N SER D 777 26.85 -47.06 15.07
CA SER D 777 28.01 -46.27 15.40
C SER D 777 27.84 -44.85 14.90
N ILE D 778 28.51 -43.89 15.53
CA ILE D 778 28.40 -42.49 15.20
C ILE D 778 29.80 -41.93 15.05
N LEU D 779 30.07 -41.18 14.00
CA LEU D 779 31.28 -40.44 13.80
C LEU D 779 30.95 -38.94 13.88
N PRO D 780 31.52 -38.19 14.84
CA PRO D 780 31.23 -36.78 15.01
C PRO D 780 31.96 -35.97 13.93
N GLY D 781 31.27 -35.52 12.89
CA GLY D 781 31.95 -34.82 11.80
C GLY D 781 31.05 -34.42 10.63
N THR D 782 31.52 -33.49 9.82
CA THR D 782 30.74 -32.94 8.71
C THR D 782 30.65 -33.92 7.54
N PRO D 783 29.46 -34.24 7.01
CA PRO D 783 29.30 -35.12 5.83
C PRO D 783 30.09 -34.65 4.62
N LEU D 784 30.25 -33.33 4.44
CA LEU D 784 31.02 -32.82 3.31
C LEU D 784 32.51 -33.10 3.44
N SER D 785 33.00 -33.45 4.63
CA SER D 785 34.43 -33.71 4.87
C SER D 785 34.85 -35.03 4.26
N ARG D 786 35.74 -34.99 3.28
CA ARG D 786 36.19 -36.20 2.60
C ARG D 786 36.95 -37.12 3.54
N ALA D 787 37.67 -36.59 4.53
CA ALA D 787 38.42 -37.41 5.48
C ALA D 787 37.50 -38.33 6.29
N ASP D 788 36.37 -37.81 6.77
CA ASP D 788 35.39 -38.61 7.50
C ASP D 788 34.86 -39.73 6.62
N LEU D 789 34.51 -39.42 5.37
CA LEU D 789 33.95 -40.44 4.47
C LEU D 789 34.99 -41.52 4.16
N ARG D 790 36.25 -41.12 3.98
CA ARG D 790 37.30 -42.11 3.76
C ARG D 790 37.53 -42.95 5.02
N ALA D 791 37.41 -42.35 6.20
CA ALA D 791 37.60 -43.05 7.46
C ALA D 791 36.48 -44.05 7.76
N VAL D 792 35.25 -43.80 7.27
CA VAL D 792 34.17 -44.78 7.34
C VAL D 792 34.29 -45.86 6.26
N ASN D 793 35.21 -45.67 5.30
CA ASN D 793 35.41 -46.60 4.19
C ASN D 793 34.15 -46.70 3.34
N ILE D 794 33.73 -45.54 2.83
CA ILE D 794 32.54 -45.46 1.99
C ILE D 794 32.73 -46.07 0.62
N ASN D 795 33.98 -46.36 0.23
CA ASN D 795 34.23 -46.95 -1.08
C ASN D 795 33.59 -48.32 -1.23
N LEU D 796 33.68 -49.14 -0.18
CA LEU D 796 33.14 -50.50 -0.21
C LEU D 796 31.89 -50.66 0.65
N CYS D 797 31.27 -49.56 1.08
CA CYS D 797 30.06 -49.65 1.87
C CYS D 797 28.90 -50.17 1.02
N ASP D 798 27.99 -50.89 1.66
CA ASP D 798 26.85 -51.45 0.94
C ASP D 798 25.93 -50.36 0.42
N MET D 799 25.69 -49.33 1.23
CA MET D 799 24.78 -48.26 0.81
C MET D 799 25.14 -46.97 1.55
N CYS D 800 24.88 -45.86 0.88
CA CYS D 800 25.08 -44.53 1.45
C CYS D 800 23.79 -43.72 1.30
N VAL D 801 23.46 -42.97 2.35
CA VAL D 801 22.25 -42.18 2.42
C VAL D 801 22.63 -40.76 2.82
N ILE D 802 21.99 -39.77 2.20
CA ILE D 802 22.20 -38.36 2.53
C ILE D 802 20.86 -37.78 2.95
N LEU D 803 20.82 -37.21 4.16
CA LEU D 803 19.61 -36.62 4.71
C LEU D 803 19.90 -35.23 5.24
N SER D 804 18.89 -34.40 5.15
CA SER D 804 19.06 -33.15 5.74
C SER D 804 17.92 -32.98 6.70
N ALA D 805 18.11 -32.12 7.65
CA ALA D 805 17.06 -31.78 8.60
C ALA D 805 16.68 -30.31 8.55
N ASN D 806 17.27 -29.53 7.64
CA ASN D 806 17.01 -28.09 7.57
C ASN D 806 15.97 -27.78 6.49
N GLN D 807 14.76 -28.28 6.70
CA GLN D 807 13.63 -27.96 5.85
C GLN D 807 12.80 -26.79 6.37
N ASN D 808 13.21 -26.21 7.50
CA ASN D 808 12.49 -25.11 8.11
C ASN D 808 12.78 -23.74 7.50
N ASN D 809 13.95 -23.59 6.90
CA ASN D 809 14.33 -22.32 6.29
C ASN D 809 13.27 -21.81 5.31
N ILE D 810 12.81 -20.57 5.47
CA ILE D 810 11.78 -20.02 4.60
C ILE D 810 12.38 -19.37 3.35
N ASP D 811 13.60 -18.87 3.47
CA ASP D 811 14.27 -18.21 2.36
C ASP D 811 14.62 -19.21 1.26
N ASP D 812 14.68 -18.72 0.01
CA ASP D 812 15.02 -19.54 -1.17
C ASP D 812 14.16 -20.79 -1.35
N THR D 813 12.95 -20.58 -1.86
CA THR D 813 11.98 -21.67 -2.09
C THR D 813 12.55 -22.93 -2.76
N SER D 814 13.37 -22.77 -3.80
CA SER D 814 13.95 -23.91 -4.49
C SER D 814 15.46 -24.05 -4.22
N LEU D 815 15.83 -24.17 -2.95
CA LEU D 815 17.23 -24.25 -2.58
C LEU D 815 17.48 -25.12 -1.36
N GLN D 816 16.45 -25.77 -0.80
CA GLN D 816 16.62 -26.53 0.43
C GLN D 816 17.56 -27.71 0.24
N ASP D 817 17.41 -28.44 -0.87
CA ASP D 817 18.27 -29.58 -1.17
C ASP D 817 19.59 -29.09 -1.80
N LYS D 818 20.34 -28.34 -0.98
CA LYS D 818 21.57 -27.70 -1.41
C LYS D 818 22.82 -28.47 -1.00
N GLU D 819 22.92 -28.84 0.28
CA GLU D 819 24.09 -29.58 0.74
C GLU D 819 24.06 -31.03 0.28
N CYS D 820 22.86 -31.57 0.04
CA CYS D 820 22.75 -32.98 -0.33
C CYS D 820 23.41 -33.26 -1.68
N ILE D 821 23.15 -32.41 -2.68
CA ILE D 821 23.76 -32.62 -3.98
C ILE D 821 25.27 -32.42 -3.92
N LEU D 822 25.73 -31.46 -3.10
CA LEU D 822 27.15 -31.26 -2.93
C LEU D 822 27.82 -32.48 -2.33
N ALA D 823 27.19 -33.07 -1.30
CA ALA D 823 27.73 -34.29 -0.70
C ALA D 823 27.73 -35.44 -1.70
N SER D 824 26.67 -35.57 -2.48
CA SER D 824 26.60 -36.64 -3.48
C SER D 824 27.70 -36.48 -4.53
N LEU D 825 27.93 -35.26 -5.00
CA LEU D 825 28.98 -35.03 -5.98
C LEU D 825 30.36 -35.25 -5.38
N ASN D 826 30.55 -34.88 -4.11
CA ASN D 826 31.82 -35.15 -3.45
C ASN D 826 32.07 -36.65 -3.34
N ILE D 827 31.02 -37.42 -3.02
CA ILE D 827 31.17 -38.88 -2.96
C ILE D 827 31.48 -39.44 -4.34
N LYS D 828 30.77 -38.97 -5.37
CA LYS D 828 31.02 -39.46 -6.72
C LYS D 828 32.41 -39.09 -7.20
N SER D 829 32.83 -37.86 -6.96
CA SER D 829 34.14 -37.38 -7.41
C SER D 829 35.22 -37.61 -6.36
N MET D 830 35.34 -38.85 -5.90
CA MET D 830 36.32 -39.24 -4.91
C MET D 830 37.02 -40.51 -5.37
N GLN D 831 38.35 -40.52 -5.30
CA GLN D 831 39.14 -41.64 -5.77
C GLN D 831 39.70 -42.42 -4.58
N PHE D 832 39.94 -43.71 -4.79
CA PHE D 832 40.44 -44.60 -3.77
C PHE D 832 41.59 -45.43 -4.34
N ASP D 833 42.44 -45.91 -3.44
CA ASP D 833 43.59 -46.73 -3.80
C ASP D 833 43.30 -48.19 -3.45
N ASP D 834 43.56 -49.09 -4.39
CA ASP D 834 43.34 -50.51 -4.18
C ASP D 834 44.29 -51.07 -3.14
N THR D 871 39.71 -46.87 -6.56
CA THR D 871 39.08 -46.50 -7.82
C THR D 871 38.16 -45.29 -7.63
N THR D 872 37.46 -44.93 -8.69
CA THR D 872 36.55 -43.78 -8.64
C THR D 872 35.34 -44.10 -7.78
N GLY D 873 34.77 -43.04 -7.19
CA GLY D 873 33.62 -43.16 -6.31
C GLY D 873 32.28 -43.10 -6.99
N VAL D 874 32.23 -43.05 -8.32
CA VAL D 874 30.95 -43.02 -9.02
C VAL D 874 30.18 -44.32 -8.81
N ASN D 875 30.88 -45.45 -8.71
CA ASN D 875 30.22 -46.74 -8.53
C ASN D 875 29.59 -46.89 -7.15
N ILE D 876 29.88 -46.00 -6.21
CA ILE D 876 29.34 -46.07 -4.86
C ILE D 876 27.84 -45.79 -4.91
N PRO D 877 26.99 -46.70 -4.42
CA PRO D 877 25.55 -46.44 -4.41
C PRO D 877 25.19 -45.46 -3.31
N ILE D 878 24.50 -44.38 -3.69
CA ILE D 878 24.12 -43.32 -2.77
C ILE D 878 22.64 -43.03 -2.94
N ILE D 879 21.95 -42.76 -1.83
CA ILE D 879 20.55 -42.39 -1.81
C ILE D 879 20.44 -40.97 -1.27
N THR D 880 19.80 -40.09 -2.03
CA THR D 880 19.70 -38.68 -1.70
C THR D 880 18.24 -38.31 -1.49
N GLU D 881 17.95 -37.62 -0.39
CA GLU D 881 16.62 -37.10 -0.11
C GLU D 881 16.48 -35.70 -0.71
N LEU D 882 15.53 -35.54 -1.62
CA LEU D 882 15.30 -34.27 -2.30
C LEU D 882 13.90 -33.78 -1.95
N VAL D 883 13.81 -32.50 -1.57
CA VAL D 883 12.51 -31.88 -1.30
C VAL D 883 11.94 -31.18 -2.52
N ASN D 884 12.74 -30.99 -3.57
CA ASN D 884 12.30 -30.33 -4.80
C ASN D 884 12.58 -31.25 -5.98
N ASP D 885 11.57 -31.44 -6.83
CA ASP D 885 11.70 -32.30 -7.99
C ASP D 885 12.48 -31.66 -9.12
N THR D 886 12.68 -30.36 -9.02
CA THR D 886 13.42 -29.59 -10.01
C THR D 886 14.93 -29.65 -9.84
N ASN D 887 15.51 -30.41 -8.92
CA ASN D 887 16.94 -30.56 -8.71
C ASN D 887 17.39 -32.02 -8.83
N VAL D 888 16.54 -32.90 -9.33
CA VAL D 888 16.89 -34.31 -9.45
C VAL D 888 17.97 -34.50 -10.51
N GLN D 889 17.91 -33.74 -11.60
CA GLN D 889 18.86 -33.89 -12.69
C GLN D 889 20.28 -33.51 -12.30
N PHE D 890 20.45 -32.76 -11.20
CA PHE D 890 21.78 -32.36 -10.76
C PHE D 890 22.57 -33.51 -10.15
N LEU D 891 21.93 -34.66 -9.90
CA LEU D 891 22.64 -35.78 -9.26
C LEU D 891 23.53 -36.51 -10.26
N ASP D 892 22.95 -37.07 -11.31
CA ASP D 892 23.70 -37.84 -12.30
C ASP D 892 24.10 -36.90 -13.44
N GLN D 893 25.33 -36.40 -13.37
CA GLN D 893 25.86 -35.52 -14.41
C GLN D 893 26.69 -36.32 -15.42
N ASP D 894 26.02 -37.27 -16.07
CA ASP D 894 26.68 -38.10 -17.07
C ASP D 894 25.87 -38.15 -18.36
N ASP D 895 24.56 -37.96 -18.26
CA ASP D 895 23.68 -38.00 -19.42
C ASP D 895 22.49 -37.09 -19.15
N ASP D 896 22.41 -35.99 -19.90
CA ASP D 896 21.33 -35.02 -19.77
C ASP D 896 20.52 -35.06 -21.06
N ASP D 897 19.48 -35.91 -21.07
CA ASP D 897 18.64 -36.05 -22.27
C ASP D 897 17.92 -34.73 -22.57
N ASP D 898 17.34 -34.11 -21.55
CA ASP D 898 16.63 -32.85 -21.70
C ASP D 898 16.40 -32.22 -20.33
N PRO D 899 16.64 -30.91 -20.18
CA PRO D 899 16.43 -30.27 -18.87
C PRO D 899 14.99 -30.34 -18.40
N ASP D 900 14.02 -30.30 -19.30
CA ASP D 900 12.60 -30.37 -18.95
C ASP D 900 12.16 -31.82 -19.11
N THR D 901 12.23 -32.59 -18.01
CA THR D 901 11.88 -34.00 -18.02
C THR D 901 10.99 -34.31 -16.82
N GLU D 902 10.16 -35.33 -16.98
CA GLU D 902 9.31 -35.78 -15.89
C GLU D 902 10.13 -36.36 -14.76
N LEU D 903 9.59 -36.29 -13.54
CA LEU D 903 10.31 -36.78 -12.38
C LEU D 903 10.59 -38.27 -12.48
N TYR D 904 9.60 -39.06 -12.88
CA TYR D 904 9.80 -40.50 -12.99
C TYR D 904 10.71 -40.85 -14.17
N LEU D 905 10.62 -40.10 -15.26
CA LEU D 905 11.44 -40.36 -16.44
C LEU D 905 12.89 -39.94 -16.22
N THR D 906 13.17 -39.14 -15.20
CA THR D 906 14.53 -38.68 -14.94
C THR D 906 15.42 -39.86 -14.56
N GLN D 907 16.65 -39.85 -15.09
CA GLN D 907 17.56 -40.96 -14.86
C GLN D 907 17.91 -41.17 -13.39
N PRO D 908 18.27 -40.14 -12.61
CA PRO D 908 18.55 -40.40 -11.18
C PRO D 908 17.38 -41.02 -10.43
N PHE D 909 16.15 -40.60 -10.75
CA PHE D 909 14.99 -41.21 -10.10
C PHE D 909 14.78 -42.64 -10.58
N ALA D 910 14.93 -42.88 -11.88
CA ALA D 910 14.75 -44.22 -12.42
C ALA D 910 15.79 -45.18 -11.86
N CYS D 911 17.04 -44.72 -11.72
CA CYS D 911 18.09 -45.55 -11.15
C CYS D 911 17.91 -45.79 -9.66
N GLY D 912 17.02 -45.05 -8.99
CA GLY D 912 16.79 -45.21 -7.58
C GLY D 912 17.77 -44.49 -6.67
N THR D 913 18.72 -43.75 -7.24
CA THR D 913 19.70 -43.03 -6.44
C THR D 913 19.15 -41.75 -5.82
N ALA D 914 17.96 -41.31 -6.25
CA ALA D 914 17.35 -40.10 -5.73
C ALA D 914 15.92 -40.39 -5.29
N PHE D 915 15.52 -39.82 -4.16
CA PHE D 915 14.18 -39.99 -3.62
C PHE D 915 13.60 -38.62 -3.30
N ALA D 916 12.30 -38.46 -3.54
CA ALA D 916 11.61 -37.20 -3.35
C ALA D 916 10.38 -37.41 -2.47
N VAL D 917 10.16 -36.45 -1.56
CA VAL D 917 9.05 -36.54 -0.61
C VAL D 917 7.73 -36.26 -1.33
N SER D 918 7.79 -35.60 -2.48
CA SER D 918 6.74 -35.46 -3.47
C SER D 918 6.06 -36.79 -3.78
N VAL D 919 6.81 -37.89 -3.79
CA VAL D 919 6.28 -39.23 -4.06
C VAL D 919 5.19 -39.61 -3.07
N LEU D 920 5.30 -39.25 -1.80
CA LEU D 920 4.27 -39.59 -0.82
C LEU D 920 2.97 -38.82 -1.05
N ASP D 921 2.98 -37.63 -1.67
CA ASP D 921 1.74 -36.92 -2.03
C ASP D 921 0.90 -37.70 -3.05
N SER D 922 1.51 -38.60 -3.82
CA SER D 922 0.77 -39.50 -4.67
C SER D 922 0.18 -40.69 -3.92
N LEU D 923 0.89 -41.26 -2.94
CA LEU D 923 0.34 -42.32 -2.09
C LEU D 923 -0.91 -41.85 -1.35
N MET D 924 -0.94 -40.56 -1.03
CA MET D 924 -2.08 -39.84 -0.50
C MET D 924 -3.36 -40.00 -1.35
N SER D 925 -3.25 -40.12 -2.68
CA SER D 925 -4.39 -40.44 -3.54
C SER D 925 -4.67 -41.94 -3.63
N ALA D 926 -3.65 -42.80 -3.70
CA ALA D 926 -3.84 -44.22 -3.93
C ALA D 926 -4.61 -44.84 -2.77
N THR D 927 -4.38 -44.39 -1.55
CA THR D 927 -5.18 -44.82 -0.41
C THR D 927 -6.62 -44.33 -0.42
N TYR D 928 -6.96 -43.24 -1.12
CA TYR D 928 -8.36 -42.88 -1.31
C TYR D 928 -9.03 -43.87 -2.25
N PHE D 929 -8.48 -44.08 -3.44
CA PHE D 929 -9.07 -44.97 -4.43
C PHE D 929 -9.04 -46.45 -4.02
N ASN D 930 -8.04 -46.88 -3.26
CA ASN D 930 -7.99 -48.23 -2.70
C ASN D 930 -7.35 -48.21 -1.32
N ASP D 931 -8.19 -48.36 -0.31
CA ASP D 931 -7.85 -48.25 1.10
C ASP D 931 -6.73 -49.20 1.56
N ASN D 932 -6.60 -50.36 0.91
CA ASN D 932 -5.68 -51.40 1.34
C ASN D 932 -4.23 -51.16 0.90
N ILE D 933 -4.02 -50.33 -0.13
CA ILE D 933 -2.69 -50.10 -0.70
C ILE D 933 -1.72 -49.57 0.34
N LEU D 934 -2.14 -48.60 1.15
CA LEU D 934 -1.32 -48.08 2.24
C LEU D 934 -0.96 -49.16 3.23
N THR D 935 -1.89 -50.05 3.60
CA THR D 935 -1.55 -51.09 4.56
C THR D 935 -0.52 -52.06 4.00
N LEU D 936 -0.68 -52.46 2.73
CA LEU D 936 0.28 -53.36 2.11
C LEU D 936 1.66 -52.73 2.03
N ILE D 937 1.75 -51.47 1.61
CA ILE D 937 3.02 -50.76 1.53
C ILE D 937 3.63 -50.66 2.92
N ARG D 938 2.87 -50.25 3.91
CA ARG D 938 3.40 -50.15 5.26
C ARG D 938 3.95 -51.50 5.72
N THR D 939 3.20 -52.59 5.59
CA THR D 939 3.65 -53.88 6.12
C THR D 939 4.81 -54.45 5.32
N LEU D 940 4.92 -54.10 4.03
CA LEU D 940 6.06 -54.53 3.22
C LEU D 940 7.31 -53.72 3.54
N VAL D 941 7.16 -52.45 3.87
CA VAL D 941 8.30 -51.57 4.05
C VAL D 941 8.82 -51.59 5.48
N THR D 942 7.93 -51.43 6.47
CA THR D 942 8.34 -51.41 7.86
C THR D 942 8.81 -52.77 8.37
N GLY D 943 8.60 -53.84 7.62
CA GLY D 943 8.99 -55.16 8.06
C GLY D 943 8.23 -55.62 9.30
N GLY D 944 6.92 -55.42 9.31
CA GLY D 944 6.13 -55.77 10.47
C GLY D 944 5.30 -54.61 10.97
N ALA D 945 5.63 -54.11 12.16
CA ALA D 945 4.96 -52.98 12.81
C ALA D 945 3.45 -53.21 12.97
N THR D 946 3.08 -54.31 13.65
CA THR D 946 1.68 -54.65 13.88
C THR D 946 1.04 -53.59 14.78
N PRO D 947 -0.29 -53.42 14.68
CA PRO D 947 -0.95 -52.42 15.54
C PRO D 947 -0.75 -52.66 17.03
N GLU D 948 -0.70 -53.92 17.46
CA GLU D 948 -0.40 -54.21 18.85
C GLU D 948 1.02 -53.76 19.19
N LEU D 949 1.97 -54.01 18.29
CA LEU D 949 3.33 -53.53 18.51
C LEU D 949 3.39 -52.01 18.52
N GLU D 950 2.64 -51.34 17.65
CA GLU D 950 2.54 -49.89 17.60
C GLU D 950 1.98 -49.35 18.92
N ALA D 951 0.95 -50.00 19.47
CA ALA D 951 0.43 -49.65 20.77
C ALA D 951 1.47 -49.83 21.87
N LEU D 952 2.19 -50.96 21.89
CA LEU D 952 3.22 -51.22 22.89
C LEU D 952 4.32 -50.17 22.83
N ILE D 953 4.72 -49.77 21.61
CA ILE D 953 5.68 -48.69 21.40
C ILE D 953 5.08 -47.37 21.90
N ALA D 954 3.83 -47.07 21.58
CA ALA D 954 3.18 -45.84 22.03
C ALA D 954 3.09 -45.73 23.56
N GLU D 955 2.99 -46.85 24.27
CA GLU D 955 2.81 -46.84 25.71
C GLU D 955 4.07 -46.39 26.45
N GLU D 956 5.25 -46.51 25.84
CA GLU D 956 6.47 -46.09 26.50
C GLU D 956 7.44 -45.32 25.60
N ASN D 957 7.09 -45.08 24.33
CA ASN D 957 7.93 -44.45 23.29
C ASN D 957 9.32 -45.09 23.15
N ALA D 958 9.41 -46.39 23.43
CA ALA D 958 10.68 -47.13 23.42
C ALA D 958 10.38 -48.60 23.17
N LEU D 959 11.44 -49.37 22.95
CA LEU D 959 11.35 -50.80 22.73
C LEU D 959 11.90 -51.52 23.96
N ARG D 960 11.12 -52.48 24.47
CA ARG D 960 11.52 -53.29 25.61
C ARG D 960 11.82 -54.71 25.16
N GLY D 961 12.98 -55.23 25.55
CA GLY D 961 13.38 -56.55 25.12
C GLY D 961 12.54 -57.64 25.77
N GLY D 962 12.27 -58.68 24.99
CA GLY D 962 11.51 -59.82 25.48
C GLY D 962 12.38 -61.03 25.72
N TYR D 963 11.80 -62.23 25.60
CA TYR D 963 12.52 -63.48 25.78
C TYR D 963 12.18 -64.43 24.64
N SER D 964 13.10 -65.35 24.38
CA SER D 964 12.94 -66.30 23.29
C SER D 964 11.88 -67.33 23.66
N THR D 965 10.76 -67.30 22.95
CA THR D 965 9.65 -68.23 23.13
C THR D 965 9.29 -68.82 21.78
N PRO D 966 8.67 -70.01 21.77
CA PRO D 966 8.33 -70.64 20.48
C PRO D 966 7.47 -69.77 19.59
N GLN D 967 6.54 -69.00 20.16
CA GLN D 967 5.75 -68.09 19.35
C GLN D 967 6.59 -66.92 18.85
N THR D 968 7.54 -66.45 19.67
CA THR D 968 8.42 -65.37 19.24
C THR D 968 9.32 -65.80 18.09
N LEU D 969 9.91 -66.98 18.19
CA LEU D 969 10.77 -67.47 17.11
C LEU D 969 9.98 -67.72 15.84
N ALA D 970 8.76 -68.25 15.96
CA ALA D 970 7.93 -68.47 14.78
C ALA D 970 7.36 -67.16 14.23
N ASN D 971 7.41 -66.08 15.00
CA ASN D 971 6.88 -64.81 14.53
C ASN D 971 7.70 -64.24 13.39
N ARG D 972 9.02 -64.43 13.43
CA ARG D 972 9.91 -63.90 12.40
C ARG D 972 10.04 -64.86 11.21
N ASP D 973 8.90 -65.28 10.68
CA ASP D 973 8.87 -66.18 9.53
C ASP D 973 8.44 -65.48 8.24
N ARG D 974 8.39 -64.16 8.24
CA ARG D 974 7.96 -63.41 7.06
C ARG D 974 9.09 -63.35 6.04
N CYS D 975 8.84 -62.65 4.94
CA CYS D 975 9.78 -62.55 3.85
C CYS D 975 10.53 -61.22 3.90
N ARG D 976 11.78 -61.25 3.47
CA ARG D 976 12.65 -60.08 3.45
C ARG D 976 12.98 -59.71 2.01
N VAL D 977 12.95 -58.40 1.72
CA VAL D 977 13.27 -57.93 0.38
C VAL D 977 14.78 -58.00 0.16
N ALA D 978 15.19 -58.56 -0.97
CA ALA D 978 16.60 -58.69 -1.29
C ALA D 978 16.78 -58.68 -2.80
N GLN D 979 18.03 -58.71 -3.23
CA GLN D 979 18.38 -58.79 -4.65
C GLN D 979 19.34 -59.96 -4.86
N LEU D 980 19.19 -60.65 -5.99
CA LEU D 980 20.10 -61.73 -6.34
C LEU D 980 20.57 -61.57 -7.78
N ALA D 981 21.78 -62.05 -8.03
CA ALA D 981 22.40 -61.98 -9.34
C ALA D 981 22.49 -63.37 -9.96
N LEU D 982 22.43 -63.42 -11.29
CA LEU D 982 22.50 -64.67 -12.04
C LEU D 982 23.90 -64.99 -12.51
N LEU D 983 24.90 -64.19 -12.14
CA LEU D 983 26.27 -64.45 -12.57
C LEU D 983 26.78 -65.76 -11.99
N ASP D 984 26.52 -66.03 -10.71
CA ASP D 984 26.99 -67.23 -10.05
C ASP D 984 25.92 -67.92 -9.23
N GLY D 985 24.66 -67.51 -9.36
CA GLY D 985 23.58 -68.12 -8.61
C GLY D 985 23.15 -69.44 -9.21
N PRO D 986 22.16 -70.06 -8.56
CA PRO D 986 21.64 -71.33 -9.07
C PRO D 986 21.02 -71.21 -10.45
N PHE D 987 20.54 -70.03 -10.82
CA PHE D 987 19.92 -69.80 -12.12
C PHE D 987 20.91 -69.31 -13.17
N ALA D 988 22.21 -69.58 -12.97
CA ALA D 988 23.22 -69.09 -13.91
C ALA D 988 23.00 -69.65 -15.31
N ASP D 989 22.64 -70.94 -15.41
CA ASP D 989 22.34 -71.51 -16.72
C ASP D 989 21.16 -70.81 -17.37
N LEU D 990 20.23 -70.27 -16.57
CA LEU D 990 19.12 -69.50 -17.09
C LEU D 990 19.41 -68.01 -17.13
N GLY D 991 20.62 -67.59 -16.74
CA GLY D 991 20.95 -66.17 -16.75
C GLY D 991 20.99 -65.58 -18.14
N ASP D 992 21.53 -66.31 -19.10
CA ASP D 992 21.67 -65.84 -20.47
C ASP D 992 20.66 -66.53 -21.37
N GLY D 993 19.92 -65.75 -22.14
CA GLY D 993 18.93 -66.31 -23.05
C GLY D 993 17.80 -67.06 -22.36
N GLY D 994 17.31 -66.54 -21.25
CA GLY D 994 16.24 -67.17 -20.51
C GLY D 994 15.06 -66.24 -20.31
N CYS D 995 13.86 -66.79 -20.38
CA CYS D 995 12.66 -65.99 -20.18
C CYS D 995 12.49 -65.64 -18.70
N TYR D 996 11.97 -64.46 -18.44
CA TYR D 996 11.79 -64.03 -17.10
C TYR D 996 10.80 -64.96 -16.46
N GLY D 997 9.64 -65.25 -17.12
CA GLY D 997 8.59 -66.06 -16.53
C GLY D 997 9.07 -67.42 -16.09
N ASP D 998 9.91 -68.06 -16.90
CA ASP D 998 10.47 -69.35 -16.52
C ASP D 998 11.33 -69.23 -15.27
N LEU D 999 12.14 -68.17 -15.18
CA LEU D 999 12.94 -67.95 -13.99
C LEU D 999 12.07 -67.74 -12.76
N PHE D 1000 11.01 -66.95 -12.89
CA PHE D 1000 10.10 -66.72 -11.76
C PHE D 1000 9.43 -68.01 -11.32
N CYS D 1001 8.95 -68.81 -12.28
CA CYS D 1001 8.30 -70.07 -11.93
C CYS D 1001 9.28 -71.02 -11.26
N LYS D 1002 10.51 -71.12 -11.77
CA LYS D 1002 11.51 -71.99 -11.17
C LYS D 1002 11.82 -71.56 -9.74
N ALA D 1003 12.04 -70.26 -9.54
CA ALA D 1003 12.37 -69.77 -8.20
C ALA D 1003 11.22 -70.02 -7.23
N LEU D 1004 9.99 -69.71 -7.64
CA LEU D 1004 8.85 -69.90 -6.76
C LEU D 1004 8.59 -71.37 -6.45
N LYS D 1005 8.81 -72.25 -7.43
CA LYS D 1005 8.59 -73.68 -7.20
C LYS D 1005 9.69 -74.30 -6.33
N THR D 1006 10.93 -73.81 -6.45
CA THR D 1006 12.04 -74.43 -5.73
C THR D 1006 12.24 -73.81 -4.35
N TYR D 1007 12.52 -72.50 -4.29
CA TYR D 1007 12.86 -71.84 -3.04
C TYR D 1007 11.70 -71.07 -2.45
N ASN D 1008 10.50 -71.17 -3.03
CA ASN D 1008 9.34 -70.40 -2.59
C ASN D 1008 9.66 -68.90 -2.59
N MET D 1009 10.42 -68.46 -3.59
CA MET D 1009 10.91 -67.10 -3.69
C MET D 1009 10.10 -66.36 -4.75
N LEU D 1010 9.47 -65.26 -4.35
CA LEU D 1010 8.67 -64.46 -5.28
C LEU D 1010 9.61 -63.58 -6.09
N CYS D 1011 9.82 -63.93 -7.35
CA CYS D 1011 10.71 -63.18 -8.22
C CYS D 1011 10.06 -61.87 -8.61
N PHE D 1012 10.62 -60.76 -8.12
CA PHE D 1012 10.09 -59.43 -8.40
C PHE D 1012 10.76 -58.90 -9.68
N GLY D 1013 10.61 -57.61 -9.95
CA GLY D 1013 11.14 -57.00 -11.16
C GLY D 1013 12.63 -57.09 -11.33
N ILE D 1014 13.14 -56.59 -12.46
CA ILE D 1014 14.54 -56.71 -12.84
C ILE D 1014 15.20 -55.35 -12.73
N TYR D 1015 16.33 -55.30 -12.01
CA TYR D 1015 17.14 -54.08 -11.90
C TYR D 1015 18.20 -54.09 -13.00
N ARG D 1016 17.71 -54.00 -14.25
CA ARG D 1016 18.58 -54.14 -15.41
C ARG D 1016 19.58 -53.00 -15.50
N LEU D 1017 20.80 -53.33 -15.91
CA LEU D 1017 21.84 -52.33 -16.11
C LEU D 1017 21.44 -51.40 -17.25
N ARG D 1018 21.78 -50.12 -17.10
CA ARG D 1018 21.39 -49.13 -18.11
C ARG D 1018 22.07 -49.42 -19.45
N ASP D 1019 23.36 -49.71 -19.43
CA ASP D 1019 24.11 -50.02 -20.64
C ASP D 1019 24.19 -51.53 -20.88
N ALA D 1020 23.01 -52.14 -21.01
CA ALA D 1020 22.88 -53.56 -21.27
C ALA D 1020 22.47 -53.88 -22.70
N HIS D 1021 21.49 -53.15 -23.24
CA HIS D 1021 21.06 -53.39 -24.61
C HIS D 1021 22.14 -52.99 -25.62
N LEU D 1022 22.86 -51.92 -25.33
CA LEU D 1022 23.92 -51.48 -26.23
C LEU D 1022 25.06 -52.49 -26.26
N SER D 1023 25.60 -52.73 -27.46
CA SER D 1023 26.71 -53.66 -27.63
C SER D 1023 28.06 -53.06 -27.27
N THR D 1024 28.13 -51.75 -27.13
CA THR D 1024 29.40 -51.11 -26.76
C THR D 1024 29.75 -51.46 -25.32
N PRO D 1025 30.98 -51.90 -25.04
CA PRO D 1025 31.35 -52.26 -23.66
C PRO D 1025 31.46 -51.05 -22.76
N SER D 1026 30.32 -50.45 -22.41
CA SER D 1026 30.34 -49.30 -21.52
C SER D 1026 30.68 -49.72 -20.09
N GLN D 1027 31.43 -48.88 -19.40
CA GLN D 1027 31.87 -49.15 -18.04
C GLN D 1027 30.93 -48.58 -16.99
N CYS D 1028 29.82 -47.96 -17.40
CA CYS D 1028 28.88 -47.41 -16.44
C CYS D 1028 28.17 -48.53 -15.69
N THR D 1029 28.14 -48.41 -14.36
CA THR D 1029 27.53 -49.42 -13.50
C THR D 1029 26.11 -49.04 -13.07
N LYS D 1030 25.59 -47.91 -13.53
CA LYS D 1030 24.24 -47.50 -13.15
C LYS D 1030 23.20 -48.42 -13.77
N ARG D 1031 22.18 -48.76 -12.99
CA ARG D 1031 21.12 -49.65 -13.43
C ARG D 1031 19.78 -48.99 -13.19
N TYR D 1032 18.76 -49.46 -13.91
CA TYR D 1032 17.40 -48.94 -13.79
C TYR D 1032 16.44 -50.09 -13.52
N VAL D 1033 15.37 -49.79 -12.81
CA VAL D 1033 14.41 -50.79 -12.36
C VAL D 1033 13.38 -51.03 -13.45
N ILE D 1034 13.02 -52.30 -13.63
CA ILE D 1034 11.93 -52.71 -14.52
C ILE D 1034 10.90 -53.42 -13.66
N THR D 1035 9.69 -52.89 -13.63
CA THR D 1035 8.66 -53.38 -12.72
C THR D 1035 7.81 -54.44 -13.43
N ASN D 1036 7.86 -55.67 -12.90
CA ASN D 1036 7.07 -56.80 -13.36
C ASN D 1036 7.20 -57.01 -14.87
N PRO D 1037 8.35 -57.49 -15.36
CA PRO D 1037 8.46 -57.78 -16.78
C PRO D 1037 7.57 -58.95 -17.16
N PRO D 1038 7.11 -59.02 -18.41
CA PRO D 1038 6.19 -60.09 -18.81
C PRO D 1038 6.84 -61.47 -18.85
N TYR D 1039 6.03 -62.49 -19.15
CA TYR D 1039 6.55 -63.86 -19.20
C TYR D 1039 7.59 -64.02 -20.29
N GLU D 1040 7.34 -63.43 -21.47
CA GLU D 1040 8.25 -63.59 -22.61
C GLU D 1040 9.48 -62.71 -22.50
N PHE D 1041 9.57 -61.83 -21.51
CA PHE D 1041 10.71 -60.95 -21.37
C PHE D 1041 11.97 -61.76 -21.10
N GLU D 1042 13.06 -61.37 -21.76
CA GLU D 1042 14.35 -62.01 -21.61
C GLU D 1042 15.33 -61.07 -20.92
N LEU D 1043 16.21 -61.64 -20.10
CA LEU D 1043 17.17 -60.86 -19.32
C LEU D 1043 18.57 -61.38 -19.54
N VAL D 1044 19.53 -60.47 -19.59
CA VAL D 1044 20.95 -60.80 -19.76
C VAL D 1044 21.48 -61.34 -18.44
N PRO D 1045 22.57 -62.13 -18.45
CA PRO D 1045 23.10 -62.65 -17.18
C PRO D 1045 23.53 -61.57 -16.20
N THR D 1046 24.00 -60.43 -16.70
CA THR D 1046 24.47 -59.35 -15.83
C THR D 1046 23.31 -58.46 -15.38
N ASP D 1047 22.27 -59.08 -14.83
CA ASP D 1047 21.10 -58.37 -14.33
C ASP D 1047 20.75 -58.85 -12.93
N LEU D 1048 20.46 -57.91 -12.05
CA LEU D 1048 19.97 -58.23 -10.71
C LEU D 1048 18.45 -58.39 -10.75
N ILE D 1049 17.93 -59.22 -9.86
CA ILE D 1049 16.49 -59.42 -9.74
C ILE D 1049 16.09 -59.28 -8.27
N PHE D 1050 15.05 -58.50 -8.03
CA PHE D 1050 14.49 -58.37 -6.69
C PHE D 1050 13.76 -59.65 -6.30
N CYS D 1051 13.65 -59.88 -4.99
CA CYS D 1051 13.03 -61.09 -4.49
C CYS D 1051 12.58 -60.87 -3.05
N LEU D 1052 11.65 -61.73 -2.62
CA LEU D 1052 11.14 -61.74 -1.25
C LEU D 1052 11.54 -63.09 -0.65
N MET D 1053 12.73 -63.14 -0.07
CA MET D 1053 13.25 -64.40 0.45
C MET D 1053 12.55 -64.80 1.74
N GLN D 1054 12.52 -66.11 1.99
CA GLN D 1054 11.93 -66.66 3.20
C GLN D 1054 12.93 -66.55 4.34
N PHE D 1055 12.61 -67.17 5.47
CA PHE D 1055 13.48 -67.16 6.64
C PHE D 1055 13.79 -68.60 7.06
N ASP D 1056 15.02 -68.82 7.52
CA ASP D 1056 15.45 -70.14 7.94
C ASP D 1056 16.49 -70.05 9.06
N THR E 35 26.86 37.71 9.92
CA THR E 35 27.53 38.09 8.65
C THR E 35 27.23 37.09 7.54
N VAL E 36 27.47 37.47 6.28
CA VAL E 36 27.20 36.64 5.09
C VAL E 36 28.31 36.76 4.04
N THR E 37 28.45 35.73 3.22
CA THR E 37 29.41 35.62 2.10
C THR E 37 28.73 35.88 0.74
N ALA E 38 29.23 35.28 -0.35
CA ALA E 38 28.53 35.21 -1.65
C ALA E 38 27.13 34.55 -1.58
N LEU E 39 26.81 33.90 -0.45
CA LEU E 39 25.44 33.61 0.02
C LEU E 39 24.45 34.78 -0.18
N LYS E 40 24.93 36.04 -0.11
CA LYS E 40 24.14 37.26 -0.35
C LYS E 40 23.62 37.41 -1.79
N ALA E 41 24.24 36.75 -2.78
CA ALA E 41 23.79 36.83 -4.17
C ALA E 41 22.45 36.11 -4.38
N GLY E 42 22.36 34.84 -3.95
CA GLY E 42 21.15 34.00 -4.03
C GLY E 42 20.78 33.58 -5.44
N GLU E 43 20.21 34.56 -6.16
CA GLU E 43 19.72 34.53 -7.54
C GLU E 43 18.32 33.87 -7.69
N ASP E 44 18.18 32.62 -8.13
CA ASP E 44 16.86 31.99 -8.30
C ASP E 44 15.82 32.78 -9.14
N LYS E 45 15.22 33.84 -8.59
CA LYS E 45 14.21 34.63 -9.31
C LYS E 45 14.80 35.79 -10.13
N SER E 46 15.56 35.46 -11.16
CA SER E 46 16.17 36.44 -12.07
C SER E 46 16.53 35.70 -13.37
N ILE E 47 17.57 34.86 -13.38
CA ILE E 47 17.81 34.06 -14.59
C ILE E 47 16.59 33.20 -14.95
N ARG E 48 15.85 32.74 -13.93
CA ARG E 48 14.64 31.95 -14.16
C ARG E 48 13.59 32.81 -14.89
N LEU E 49 13.32 34.01 -14.35
CA LEU E 49 12.42 34.95 -15.01
C LEU E 49 12.90 35.26 -16.43
N GLY E 50 14.20 35.54 -16.62
CA GLY E 50 14.77 35.84 -17.93
C GLY E 50 14.53 34.74 -18.96
N LEU E 51 14.73 33.47 -18.57
CA LEU E 51 14.40 32.32 -19.41
C LEU E 51 12.90 32.26 -19.72
N PHE E 52 12.01 32.47 -18.74
CA PHE E 52 10.58 32.49 -19.03
C PHE E 52 10.20 33.64 -19.98
N LEU E 53 10.83 34.81 -19.85
CA LEU E 53 10.63 35.94 -20.76
C LEU E 53 11.08 35.64 -22.19
N ILE E 54 12.26 35.06 -22.41
CA ILE E 54 12.65 34.71 -23.80
C ILE E 54 11.71 33.65 -24.37
N ILE E 55 11.31 32.66 -23.57
CA ILE E 55 10.42 31.59 -24.06
C ILE E 55 9.04 32.14 -24.39
N SER E 56 8.49 33.02 -23.56
CA SER E 56 7.21 33.66 -23.84
C SER E 56 7.28 34.53 -25.09
N GLY E 57 8.38 35.26 -25.29
CA GLY E 57 8.58 36.10 -26.46
C GLY E 57 8.61 35.30 -27.77
N VAL E 58 9.42 34.25 -27.84
CA VAL E 58 9.52 33.43 -29.05
C VAL E 58 8.22 32.67 -29.35
N VAL E 59 7.56 32.10 -28.35
CA VAL E 59 6.29 31.39 -28.56
C VAL E 59 5.20 32.33 -29.02
N SER E 60 5.11 33.53 -28.45
CA SER E 60 4.08 34.49 -28.81
C SER E 60 4.20 34.94 -30.26
N LEU E 61 5.38 35.35 -30.73
CA LEU E 61 5.55 35.70 -32.15
C LEU E 61 5.37 34.48 -33.05
N PHE E 62 5.71 33.27 -32.60
CA PHE E 62 5.50 32.03 -33.35
C PHE E 62 4.01 31.72 -33.53
N ILE E 63 3.20 31.94 -32.49
CA ILE E 63 1.74 31.82 -32.56
C ILE E 63 1.17 32.89 -33.48
N PHE E 64 1.52 34.16 -33.27
CA PHE E 64 1.04 35.24 -34.13
C PHE E 64 1.43 35.03 -35.59
N GLY E 65 2.60 34.46 -35.87
CA GLY E 65 3.03 34.11 -37.22
C GLY E 65 2.05 33.18 -37.93
N PHE E 66 1.64 32.09 -37.30
CA PHE E 66 0.67 31.18 -37.91
C PHE E 66 -0.71 31.77 -38.00
N CYS E 67 -0.98 32.79 -37.21
CA CYS E 67 -2.33 33.35 -37.07
C CYS E 67 -2.54 34.63 -37.89
N TRP E 68 -1.48 35.28 -38.40
CA TRP E 68 -1.62 36.53 -39.16
C TRP E 68 -1.33 36.34 -40.64
N LEU E 69 -0.81 35.19 -41.06
CA LEU E 69 -0.53 34.94 -42.47
C LEU E 69 -1.79 35.15 -43.32
N SER E 70 -2.95 34.68 -42.85
CA SER E 70 -4.17 34.82 -43.64
C SER E 70 -4.57 36.26 -43.88
N PRO E 71 -4.74 37.13 -42.87
CA PRO E 71 -5.08 38.53 -43.16
C PRO E 71 -3.96 39.23 -43.92
N ALA E 72 -2.68 38.91 -43.64
CA ALA E 72 -1.56 39.41 -44.44
C ALA E 72 -1.58 38.89 -45.88
N LEU E 73 -1.97 37.64 -46.12
CA LEU E 73 -2.11 37.08 -47.45
C LEU E 73 -3.20 37.82 -48.22
N GLN E 74 -4.36 38.00 -47.58
CA GLN E 74 -5.47 38.70 -48.21
C GLN E 74 -5.09 40.14 -48.56
N ASP E 75 -4.36 40.81 -47.66
CA ASP E 75 -3.93 42.18 -47.93
C ASP E 75 -2.97 42.24 -49.10
N LEU E 76 -2.01 41.31 -49.16
CA LEU E 76 -1.03 41.32 -50.24
C LEU E 76 -1.64 40.86 -51.56
N GLN E 77 -2.69 40.04 -51.50
CA GLN E 77 -3.31 39.53 -52.73
C GLN E 77 -3.95 40.65 -53.55
N ALA E 78 -4.31 41.76 -52.93
CA ALA E 78 -4.91 42.90 -53.62
C ALA E 78 -3.82 43.90 -53.98
N THR E 79 -3.78 44.29 -55.25
CA THR E 79 -2.79 45.21 -55.76
C THR E 79 -3.42 46.59 -55.99
N GLU E 80 -2.59 47.55 -56.38
CA GLU E 80 -3.00 48.93 -56.58
C GLU E 80 -3.26 49.17 -58.06
N ALA E 81 -4.44 49.69 -58.42
CA ALA E 81 -4.73 50.03 -59.80
C ALA E 81 -5.42 51.40 -59.81
N ASN E 82 -5.83 51.90 -60.97
CA ASN E 82 -6.54 53.17 -61.01
C ASN E 82 -7.92 52.89 -61.58
N CYS E 83 -8.70 52.06 -60.89
CA CYS E 83 -10.00 51.68 -61.42
C CYS E 83 -10.90 52.89 -61.58
N THR E 84 -11.75 52.96 -62.60
CA THR E 84 -12.62 54.10 -62.90
C THR E 84 -14.09 53.70 -62.82
N VAL E 85 -14.98 54.55 -62.31
CA VAL E 85 -16.43 54.24 -62.31
C VAL E 85 -16.95 54.21 -63.74
N LEU E 86 -17.50 53.07 -64.16
CA LEU E 86 -17.99 52.85 -65.53
C LEU E 86 -19.49 53.19 -65.64
N SER E 87 -20.30 52.74 -64.68
CA SER E 87 -21.71 53.12 -64.58
C SER E 87 -22.28 52.81 -63.20
N VAL E 88 -23.12 53.71 -62.70
CA VAL E 88 -24.04 53.47 -61.60
C VAL E 88 -25.43 53.37 -62.15
N GLN E 89 -26.10 52.26 -61.86
CA GLN E 89 -27.52 52.10 -62.09
C GLN E 89 -28.20 51.73 -60.77
N GLN E 90 -29.48 52.04 -60.68
CA GLN E 90 -30.30 51.72 -59.51
C GLN E 90 -31.10 50.45 -59.83
N ILE E 91 -30.67 49.33 -59.24
CA ILE E 91 -31.36 48.06 -59.47
C ILE E 91 -32.76 48.09 -58.87
N GLY E 92 -32.93 48.77 -57.74
CA GLY E 92 -34.22 48.87 -57.09
C GLY E 92 -34.52 47.80 -56.07
N GLU E 93 -33.59 46.88 -55.83
CA GLU E 93 -33.80 45.85 -54.82
C GLU E 93 -33.78 46.45 -53.41
N VAL E 94 -34.41 45.75 -52.48
CA VAL E 94 -34.52 46.18 -51.10
C VAL E 94 -33.86 45.11 -50.22
N PHE E 95 -32.95 45.53 -49.36
CA PHE E 95 -32.23 44.62 -48.48
C PHE E 95 -32.39 45.05 -47.03
N GLU E 96 -32.49 44.08 -46.13
CA GLU E 96 -32.73 44.35 -44.72
C GLU E 96 -31.42 44.48 -43.97
N CYS E 97 -31.35 45.48 -43.09
CA CYS E 97 -30.19 45.69 -42.24
C CYS E 97 -30.63 45.71 -40.78
N THR E 98 -29.68 45.38 -39.89
CA THR E 98 -29.94 45.34 -38.46
C THR E 98 -29.30 46.55 -37.79
N PHE E 99 -30.09 47.28 -37.01
CA PHE E 99 -29.62 48.45 -36.29
C PHE E 99 -29.79 48.24 -34.80
N THR E 100 -28.86 48.79 -34.02
CA THR E 100 -28.85 48.65 -32.58
C THR E 100 -28.84 50.02 -31.92
N CYS E 101 -29.58 50.14 -30.81
CA CYS E 101 -29.66 51.36 -30.04
C CYS E 101 -28.67 51.38 -28.87
N GLY E 102 -27.84 50.35 -28.72
CA GLY E 102 -26.98 50.15 -27.55
C GLY E 102 -27.67 49.35 -26.43
N ALA E 103 -29.00 49.47 -26.28
CA ALA E 103 -29.73 48.69 -25.29
C ALA E 103 -30.29 47.41 -25.93
N ASP E 104 -29.35 46.63 -26.47
CA ASP E 104 -29.63 45.34 -27.13
C ASP E 104 -30.86 45.41 -28.04
N CYS E 105 -30.93 46.47 -28.83
CA CYS E 105 -31.99 46.59 -29.84
C CYS E 105 -31.79 45.54 -30.94
N ARG E 106 -32.88 44.88 -31.32
CA ARG E 106 -32.86 43.86 -32.36
C ARG E 106 -33.72 44.24 -33.55
N GLY E 107 -34.00 45.54 -33.74
CA GLY E 107 -34.82 45.95 -34.85
C GLY E 107 -34.10 45.82 -36.18
N THR E 108 -34.89 45.65 -37.24
CA THR E 108 -34.38 45.51 -38.59
C THR E 108 -35.01 46.56 -39.50
N SER E 109 -34.22 47.18 -40.38
CA SER E 109 -34.75 48.21 -41.27
C SER E 109 -34.41 47.88 -42.71
N GLN E 110 -35.12 48.48 -43.65
CA GLN E 110 -34.89 48.19 -45.06
C GLN E 110 -34.20 49.32 -45.83
N TYR E 111 -33.30 48.99 -46.76
CA TYR E 111 -32.64 50.03 -47.54
C TYR E 111 -32.62 49.63 -49.02
N PRO E 112 -32.68 50.59 -49.93
CA PRO E 112 -32.55 50.27 -51.34
C PRO E 112 -31.16 49.79 -51.70
N CYS E 113 -31.08 48.99 -52.76
CA CYS E 113 -29.82 48.38 -53.21
C CYS E 113 -29.25 49.21 -54.35
N VAL E 114 -27.97 49.56 -54.23
CA VAL E 114 -27.27 50.34 -55.25
C VAL E 114 -26.12 49.49 -55.78
N GLN E 115 -26.14 49.22 -57.08
CA GLN E 115 -25.10 48.43 -57.74
C GLN E 115 -24.35 49.31 -58.71
N VAL E 116 -23.03 49.40 -58.54
CA VAL E 116 -22.15 50.24 -59.34
C VAL E 116 -21.09 49.36 -59.99
N TYR E 117 -20.92 49.49 -61.29
CA TYR E 117 -19.91 48.75 -62.04
C TYR E 117 -18.80 49.68 -62.45
N VAL E 118 -17.57 49.27 -62.16
CA VAL E 118 -16.32 50.01 -62.42
C VAL E 118 -15.54 49.33 -63.54
N ASN E 119 -14.54 50.04 -64.05
CA ASN E 119 -13.64 49.51 -65.08
C ASN E 119 -12.20 49.65 -64.61
N ASN E 120 -11.43 48.57 -64.72
CA ASN E 120 -10.04 48.59 -64.31
C ASN E 120 -9.20 49.38 -65.31
N SER E 121 -8.07 49.91 -64.82
CA SER E 121 -7.19 50.71 -65.67
C SER E 121 -6.31 49.83 -66.55
N GLU E 122 -5.47 49.00 -65.93
CA GLU E 122 -4.56 48.14 -66.68
C GLU E 122 -5.21 46.86 -67.17
N SER E 123 -6.39 46.51 -66.66
CA SER E 123 -7.07 45.28 -67.06
C SER E 123 -8.29 45.51 -67.93
N ASN E 124 -8.79 46.76 -68.01
CA ASN E 124 -9.97 47.15 -68.78
C ASN E 124 -11.09 46.12 -68.70
N SER E 125 -11.34 45.60 -67.50
CA SER E 125 -12.37 44.59 -67.28
C SER E 125 -13.45 45.16 -66.37
N ARG E 126 -14.71 44.95 -66.77
CA ARG E 126 -15.83 45.41 -65.97
C ARG E 126 -15.93 44.60 -64.68
N ALA E 127 -16.05 45.29 -63.55
CA ALA E 127 -16.06 44.65 -62.25
C ALA E 127 -17.09 45.31 -61.34
N LEU E 128 -17.44 44.62 -60.27
CA LEU E 128 -18.42 45.16 -59.31
C LEU E 128 -17.73 46.01 -58.26
N LEU E 129 -18.19 47.24 -58.04
CA LEU E 129 -17.69 48.05 -56.93
C LEU E 129 -18.17 47.51 -55.59
N HIS E 130 -17.35 47.62 -54.54
CA HIS E 130 -17.80 47.49 -53.14
C HIS E 130 -17.03 48.53 -52.22
N SER E 131 -17.70 49.08 -51.19
CA SER E 131 -17.06 49.90 -50.16
C SER E 131 -15.87 49.18 -49.52
N ASP E 132 -16.12 48.03 -48.90
CA ASP E 132 -15.18 47.36 -48.00
C ASP E 132 -15.52 45.88 -47.80
N GLU E 133 -14.60 45.13 -47.19
CA GLU E 133 -14.73 43.68 -46.99
C GLU E 133 -15.97 43.29 -46.18
N HIS E 134 -16.21 44.05 -45.11
CA HIS E 134 -17.37 43.83 -44.25
C HIS E 134 -18.61 43.91 -45.12
N GLN E 135 -18.82 45.02 -45.82
CA GLN E 135 -19.93 45.23 -46.73
C GLN E 135 -20.02 44.11 -47.77
N LEU E 136 -18.92 43.69 -48.38
CA LEU E 136 -18.94 42.61 -49.36
C LEU E 136 -19.51 41.31 -48.77
N LEU E 137 -18.97 40.89 -47.63
CA LEU E 137 -19.34 39.62 -47.02
C LEU E 137 -20.74 39.63 -46.42
N THR E 138 -21.25 40.79 -45.98
CA THR E 138 -22.66 40.92 -45.57
C THR E 138 -23.62 41.04 -46.76
N ASN E 139 -23.25 41.72 -47.84
CA ASN E 139 -24.05 41.74 -49.08
C ASN E 139 -23.24 42.14 -50.34
N PRO E 140 -22.98 41.22 -51.29
CA PRO E 140 -22.25 41.49 -52.54
C PRO E 140 -23.11 41.98 -53.72
N LYS E 141 -24.43 42.04 -53.54
CA LYS E 141 -25.31 42.52 -54.61
C LYS E 141 -25.28 44.05 -54.74
N CYS E 142 -25.14 44.72 -53.59
CA CYS E 142 -25.11 46.17 -53.52
C CYS E 142 -23.69 46.67 -53.26
N SER E 143 -23.20 47.56 -54.11
CA SER E 143 -21.84 48.13 -54.09
C SER E 143 -21.56 49.09 -52.94
N TYR E 144 -22.59 49.38 -52.15
CA TYR E 144 -22.52 50.14 -50.92
C TYR E 144 -23.62 49.65 -50.00
N ILE E 145 -23.34 49.60 -48.70
CA ILE E 145 -24.37 49.52 -47.68
C ILE E 145 -24.22 50.78 -46.85
N PRO E 146 -25.17 51.72 -46.88
CA PRO E 146 -25.16 52.81 -45.92
C PRO E 146 -25.37 52.29 -44.51
N PRO E 147 -24.98 53.04 -43.48
CA PRO E 147 -25.24 52.62 -42.11
C PRO E 147 -26.73 52.46 -41.87
N CYS E 148 -27.09 51.43 -41.11
CA CYS E 148 -28.50 51.12 -40.87
C CYS E 148 -29.14 52.22 -40.05
N LYS E 149 -30.31 52.69 -40.51
CA LYS E 149 -31.01 53.79 -39.88
C LYS E 149 -32.36 53.32 -39.36
N ARG E 150 -32.84 53.90 -38.26
CA ARG E 150 -34.13 53.48 -37.71
C ARG E 150 -35.31 53.89 -38.60
N GLU E 151 -35.13 54.95 -39.41
CA GLU E 151 -36.19 55.37 -40.31
C GLU E 151 -35.80 55.01 -41.75
N ASN E 152 -36.73 54.38 -42.47
CA ASN E 152 -36.47 54.02 -43.86
C ASN E 152 -36.30 55.25 -44.73
N GLN E 153 -37.03 56.32 -44.43
CA GLN E 153 -36.89 57.56 -45.20
C GLN E 153 -35.49 58.14 -45.08
N LYS E 154 -34.93 58.13 -43.86
CA LYS E 154 -33.59 58.64 -43.67
C LYS E 154 -32.56 57.77 -44.40
N ASN E 155 -32.76 56.45 -44.37
CA ASN E 155 -31.87 55.56 -45.10
C ASN E 155 -31.94 55.82 -46.60
N LEU E 156 -33.14 56.04 -47.13
CA LEU E 156 -33.28 56.36 -48.55
C LEU E 156 -32.60 57.68 -48.89
N GLU E 157 -32.75 58.68 -48.01
CA GLU E 157 -32.08 59.96 -48.23
C GLU E 157 -30.57 59.80 -48.23
N SER E 158 -30.04 59.00 -47.31
CA SER E 158 -28.60 58.75 -47.28
C SER E 158 -28.15 58.03 -48.55
N VAL E 159 -28.95 57.11 -49.07
CA VAL E 159 -28.67 56.48 -50.37
C VAL E 159 -28.65 57.54 -51.46
N MET E 160 -29.66 58.40 -51.56
CA MET E 160 -29.66 59.45 -52.59
C MET E 160 -28.49 60.43 -52.42
N ASN E 161 -28.13 60.76 -51.18
CA ASN E 161 -26.98 61.59 -50.85
C ASN E 161 -25.66 60.93 -51.29
N TRP E 162 -25.42 59.68 -50.90
CA TRP E 162 -24.23 58.93 -51.29
C TRP E 162 -24.19 58.69 -52.80
N GLN E 163 -25.40 58.44 -53.38
CA GLN E 163 -25.59 58.22 -54.85
C GLN E 163 -25.23 59.47 -55.60
N GLN E 164 -25.59 60.65 -55.14
CA GLN E 164 -25.20 61.94 -55.71
C GLN E 164 -23.69 62.19 -55.57
N TYR E 165 -23.11 61.85 -54.41
CA TYR E 165 -21.68 61.90 -54.16
C TYR E 165 -20.87 60.85 -54.94
N TRP E 166 -21.52 60.02 -55.74
CA TRP E 166 -20.90 59.01 -56.59
C TRP E 166 -21.18 59.19 -58.08
N LYS E 167 -22.23 59.94 -58.45
CA LYS E 167 -22.58 60.27 -59.83
C LYS E 167 -21.70 61.36 -60.45
N ASP E 168 -21.13 62.21 -59.60
CA ASP E 168 -20.31 63.32 -60.08
C ASP E 168 -18.97 62.86 -60.64
N GLU E 169 -18.38 61.84 -60.01
CA GLU E 169 -17.10 61.31 -60.46
C GLU E 169 -17.32 60.03 -61.27
N ILE E 170 -17.57 60.18 -62.57
CA ILE E 170 -17.80 59.03 -63.43
C ILE E 170 -16.87 59.02 -64.65
N GLY E 171 -16.17 57.91 -64.94
CA GLY E 171 -15.31 57.86 -66.11
C GLY E 171 -13.91 58.41 -65.94
N SER E 172 -13.78 59.72 -65.89
CA SER E 172 -12.52 60.44 -65.79
C SER E 172 -11.98 60.53 -64.35
N GLN E 173 -10.97 61.37 -64.00
CA GLN E 173 -10.36 61.40 -62.67
C GLN E 173 -10.04 60.03 -62.00
N PRO E 174 -9.13 59.19 -62.61
CA PRO E 174 -8.89 57.96 -61.85
C PRO E 174 -8.16 58.26 -60.55
N PHE E 175 -8.44 57.46 -59.53
CA PHE E 175 -7.99 57.66 -58.16
C PHE E 175 -7.35 56.37 -57.63
N THR E 176 -6.66 56.44 -56.49
CA THR E 176 -6.09 55.25 -55.86
C THR E 176 -7.17 54.18 -55.73
N CYS E 177 -6.89 52.99 -56.23
CA CYS E 177 -7.85 51.90 -56.18
C CYS E 177 -7.22 50.57 -55.83
N TYR E 178 -7.97 49.74 -55.11
CA TYR E 178 -7.51 48.42 -54.72
C TYR E 178 -8.26 47.37 -55.52
N PHE E 179 -7.52 46.49 -56.21
CA PHE E 179 -8.16 45.48 -57.03
C PHE E 179 -7.49 44.10 -56.90
N ASN E 180 -8.31 43.06 -56.75
CA ASN E 180 -7.83 41.71 -56.64
C ASN E 180 -8.03 40.95 -57.95
N GLN E 181 -7.01 40.23 -58.38
CA GLN E 181 -7.09 39.46 -59.62
C GLN E 181 -6.66 38.01 -59.40
N HIS E 182 -7.08 37.44 -58.27
CA HIS E 182 -6.74 36.06 -57.95
C HIS E 182 -7.95 35.27 -57.49
N GLN E 183 -8.67 35.81 -56.52
CA GLN E 183 -9.86 35.14 -56.00
C GLN E 183 -11.15 35.83 -56.44
N ARG E 184 -11.19 37.16 -56.43
CA ARG E 184 -12.39 37.96 -56.69
C ARG E 184 -12.13 38.96 -57.82
N PRO E 185 -11.91 38.49 -59.06
CA PRO E 185 -11.57 39.33 -60.21
C PRO E 185 -12.68 40.31 -60.59
N ASP E 186 -13.92 40.01 -60.19
CA ASP E 186 -15.04 40.88 -60.50
C ASP E 186 -15.39 41.76 -59.30
N ASP E 187 -14.55 41.82 -58.25
CA ASP E 187 -14.78 42.71 -57.10
C ASP E 187 -13.68 43.76 -57.00
N VAL E 188 -14.10 44.95 -56.61
CA VAL E 188 -13.22 46.11 -56.46
C VAL E 188 -13.49 46.82 -55.14
N LEU E 189 -12.51 46.93 -54.22
CA LEU E 189 -12.74 47.62 -52.94
C LEU E 189 -12.28 49.08 -52.95
N LEU E 190 -13.09 49.97 -52.37
CA LEU E 190 -12.68 51.35 -52.08
C LEU E 190 -11.72 51.45 -50.89
N HIS E 191 -11.95 50.62 -49.88
CA HIS E 191 -11.14 50.63 -48.67
C HIS E 191 -10.43 49.28 -48.46
N ARG E 192 -9.30 49.34 -47.74
CA ARG E 192 -8.51 48.15 -47.47
C ARG E 192 -9.15 47.22 -46.42
N THR E 193 -8.93 45.91 -46.55
CA THR E 193 -9.50 44.94 -45.59
C THR E 193 -8.92 45.10 -44.18
N HIS E 194 -7.64 45.48 -44.10
CA HIS E 194 -6.82 45.50 -42.88
C HIS E 194 -5.80 46.66 -42.91
N ASP E 195 -5.28 46.95 -41.73
CA ASP E 195 -4.30 48.00 -41.41
C ASP E 195 -2.99 47.36 -40.95
N GLU E 196 -1.85 47.80 -41.48
CA GLU E 196 -0.53 47.35 -41.00
C GLU E 196 -0.28 47.77 -39.55
N ILE E 197 -0.93 48.82 -39.07
CA ILE E 197 -0.67 49.38 -37.73
C ILE E 197 -0.94 48.37 -36.63
N VAL E 198 -2.06 47.63 -36.66
CA VAL E 198 -2.36 46.62 -35.64
C VAL E 198 -1.52 45.35 -35.83
N LEU E 199 -1.20 44.99 -37.08
CA LEU E 199 -0.32 43.87 -37.37
C LEU E 199 1.07 44.11 -36.79
N LEU E 200 1.63 45.30 -37.00
CA LEU E 200 2.92 45.70 -36.42
C LEU E 200 2.83 45.85 -34.90
N HIS E 201 1.80 46.53 -34.39
CA HIS E 201 1.66 46.83 -32.97
C HIS E 201 1.59 45.54 -32.13
N CYS E 202 0.91 44.49 -32.60
CA CYS E 202 0.97 43.20 -31.91
C CYS E 202 2.27 42.42 -32.16
N PHE E 203 2.98 42.60 -33.27
CA PHE E 203 4.25 41.91 -33.52
C PHE E 203 5.45 42.50 -32.78
N LEU E 204 5.50 43.81 -32.51
CA LEU E 204 6.68 44.40 -31.87
C LEU E 204 6.82 43.93 -30.41
N TRP E 205 5.72 43.72 -29.70
CA TRP E 205 5.73 43.36 -28.28
C TRP E 205 6.46 42.04 -27.96
N PRO E 206 6.23 40.93 -28.66
CA PRO E 206 6.97 39.70 -28.39
C PRO E 206 8.45 39.81 -28.76
N LEU E 207 8.79 40.57 -29.80
CA LEU E 207 10.20 40.83 -30.16
C LEU E 207 10.92 41.57 -29.04
N VAL E 208 10.37 42.69 -28.54
CA VAL E 208 11.00 43.37 -27.40
C VAL E 208 10.95 42.52 -26.13
N THR E 209 9.91 41.72 -25.93
CA THR E 209 9.81 40.81 -24.77
C THR E 209 10.94 39.78 -24.80
N PHE E 210 11.31 39.26 -25.98
CA PHE E 210 12.48 38.40 -26.14
C PHE E 210 13.77 39.14 -25.78
N VAL E 211 13.96 40.37 -26.27
CA VAL E 211 15.14 41.20 -25.91
C VAL E 211 15.23 41.46 -24.41
N VAL E 212 14.12 41.80 -23.76
CA VAL E 212 14.04 41.97 -22.30
C VAL E 212 14.36 40.67 -21.56
N GLY E 213 14.00 39.51 -22.10
CA GLY E 213 14.45 38.24 -21.54
C GLY E 213 15.97 38.05 -21.67
N VAL E 214 16.53 38.31 -22.85
CA VAL E 214 17.97 38.14 -23.10
C VAL E 214 18.82 39.04 -22.19
N LEU E 215 18.48 40.33 -22.05
CA LEU E 215 19.24 41.20 -21.16
C LEU E 215 19.17 40.71 -19.71
N ILE E 216 18.02 40.24 -19.23
CA ILE E 216 17.93 39.73 -17.85
C ILE E 216 18.79 38.47 -17.66
N VAL E 217 18.87 37.58 -18.65
CA VAL E 217 19.79 36.44 -18.59
C VAL E 217 21.26 36.90 -18.54
N VAL E 218 21.73 37.64 -19.54
CA VAL E 218 23.16 37.99 -19.60
C VAL E 218 23.57 38.97 -18.49
N LEU E 219 22.71 39.89 -18.09
CA LEU E 219 22.99 40.79 -16.97
C LEU E 219 23.06 40.02 -15.64
N THR E 220 22.26 38.97 -15.46
CA THR E 220 22.41 38.07 -14.30
C THR E 220 23.77 37.36 -14.34
N ILE E 221 24.19 36.85 -15.49
CA ILE E 221 25.51 36.21 -15.65
C ILE E 221 26.64 37.22 -15.38
N CYS E 222 26.48 38.48 -15.78
CA CYS E 222 27.42 39.56 -15.46
C CYS E 222 27.51 39.82 -13.94
N ALA E 223 26.38 39.81 -13.22
CA ALA E 223 26.36 39.95 -11.77
C ALA E 223 26.94 38.72 -11.03
N LYS E 224 26.78 37.52 -11.59
CA LYS E 224 27.18 36.25 -10.97
C LYS E 224 28.70 36.11 -10.87
N SER E 225 29.45 36.75 -11.77
CA SER E 225 30.89 36.72 -11.76
C SER E 225 31.45 37.29 -10.45
N LEU E 226 31.01 38.47 -10.00
CA LEU E 226 31.64 39.17 -8.88
C LEU E 226 30.71 40.23 -8.27
N THR F 35 30.59 -14.39 -34.12
CA THR F 35 29.80 -15.20 -35.08
C THR F 35 28.37 -15.41 -34.58
N VAL F 36 27.45 -15.81 -35.46
CA VAL F 36 26.02 -16.02 -35.16
C VAL F 36 25.47 -17.27 -35.85
N THR F 37 24.41 -17.84 -35.29
CA THR F 37 23.67 -19.01 -35.78
C THR F 37 22.35 -18.59 -36.46
N ALA F 38 21.32 -19.46 -36.44
CA ALA F 38 19.94 -19.10 -36.80
C ALA F 38 19.36 -17.93 -35.97
N LEU F 39 20.03 -17.54 -34.88
CA LEU F 39 19.94 -16.22 -34.22
C LEU F 39 19.89 -15.04 -35.21
N LYS F 40 20.52 -15.16 -36.39
CA LYS F 40 20.50 -14.15 -37.48
C LYS F 40 19.12 -13.94 -38.12
N ALA F 41 18.20 -14.90 -38.02
CA ALA F 41 16.86 -14.76 -38.58
C ALA F 41 16.02 -13.71 -37.82
N GLY F 42 15.93 -13.86 -36.49
CA GLY F 42 15.22 -12.95 -35.59
C GLY F 42 13.69 -13.01 -35.73
N GLU F 43 13.23 -12.39 -36.82
CA GLU F 43 11.85 -12.21 -37.27
C GLU F 43 11.08 -11.10 -36.53
N ASP F 44 10.20 -11.38 -35.56
CA ASP F 44 9.43 -10.33 -34.87
C ASP F 44 8.66 -9.32 -35.77
N LYS F 45 9.33 -8.37 -36.41
CA LYS F 45 8.68 -7.39 -37.27
C LYS F 45 8.53 -7.82 -38.74
N SER F 46 7.73 -8.84 -38.97
CA SER F 46 7.45 -9.36 -40.31
C SER F 46 6.13 -10.18 -40.22
N ILE F 47 6.14 -11.38 -39.62
CA ILE F 47 4.86 -12.07 -39.43
C ILE F 47 3.88 -11.19 -38.62
N ARG F 48 4.39 -10.40 -37.68
CA ARG F 48 3.55 -9.50 -36.88
C ARG F 48 2.91 -8.45 -37.81
N LEU F 49 3.73 -7.78 -38.61
CA LEU F 49 3.20 -6.84 -39.61
C LEU F 49 2.19 -7.52 -40.54
N GLY F 50 2.51 -8.71 -41.05
CA GLY F 50 1.62 -9.45 -41.94
C GLY F 50 0.24 -9.72 -41.32
N LEU F 51 0.20 -10.16 -40.06
CA LEU F 51 -1.04 -10.32 -39.32
C LEU F 51 -1.80 -8.98 -39.16
N PHE F 52 -1.11 -7.88 -38.82
CA PHE F 52 -1.78 -6.59 -38.75
C PHE F 52 -2.33 -6.14 -40.11
N LEU F 53 -1.63 -6.41 -41.21
CA LEU F 53 -2.08 -6.13 -42.57
C LEU F 53 -3.33 -6.94 -42.95
N ILE F 54 -3.39 -8.26 -42.69
CA ILE F 54 -4.63 -9.01 -42.99
C ILE F 54 -5.78 -8.51 -42.13
N ILE F 55 -5.54 -8.21 -40.85
CA ILE F 55 -6.61 -7.75 -39.95
C ILE F 55 -7.12 -6.38 -40.38
N SER F 56 -6.24 -5.46 -40.76
CA SER F 56 -6.64 -4.15 -41.25
C SER F 56 -7.43 -4.27 -42.55
N GLY F 57 -7.02 -5.16 -43.46
CA GLY F 57 -7.71 -5.39 -44.73
C GLY F 57 -9.14 -5.90 -44.53
N VAL F 58 -9.33 -6.95 -43.74
CA VAL F 58 -10.67 -7.51 -43.49
C VAL F 58 -11.59 -6.55 -42.75
N VAL F 59 -11.09 -5.84 -41.73
CA VAL F 59 -11.91 -4.87 -40.98
C VAL F 59 -12.30 -3.69 -41.86
N SER F 60 -11.40 -3.19 -42.70
CA SER F 60 -11.70 -2.06 -43.56
C SER F 60 -12.79 -2.37 -44.57
N LEU F 61 -12.70 -3.48 -45.30
CA LEU F 61 -13.80 -3.85 -46.22
C LEU F 61 -15.09 -4.19 -45.46
N PHE F 62 -15.00 -4.72 -44.24
CA PHE F 62 -16.17 -4.99 -43.40
C PHE F 62 -16.88 -3.70 -42.97
N ILE F 63 -16.12 -2.66 -42.63
CA ILE F 63 -16.66 -1.33 -42.33
C ILE F 63 -17.26 -0.71 -43.59
N PHE F 64 -16.53 -0.69 -44.70
CA PHE F 64 -17.05 -0.14 -45.95
C PHE F 64 -18.31 -0.88 -46.40
N GLY F 65 -18.40 -2.19 -46.18
CA GLY F 65 -19.60 -2.98 -46.48
C GLY F 65 -20.85 -2.44 -45.79
N PHE F 66 -20.79 -2.19 -44.48
CA PHE F 66 -21.94 -1.64 -43.76
C PHE F 66 -22.23 -0.20 -44.13
N CYS F 67 -21.25 0.47 -44.69
CA CYS F 67 -21.33 1.92 -44.93
C CYS F 67 -21.67 2.27 -46.39
N TRP F 68 -21.58 1.32 -47.33
CA TRP F 68 -21.85 1.60 -48.75
C TRP F 68 -23.15 0.97 -49.24
N LEU F 69 -23.78 0.10 -48.44
CA LEU F 69 -25.04 -0.53 -48.83
C LEU F 69 -26.09 0.52 -49.17
N SER F 70 -26.18 1.59 -48.39
CA SER F 70 -27.20 2.62 -48.64
C SER F 70 -27.02 3.30 -49.99
N PRO F 71 -25.87 3.89 -50.35
CA PRO F 71 -25.74 4.51 -51.67
C PRO F 71 -25.83 3.46 -52.78
N ALA F 72 -25.32 2.24 -52.56
CA ALA F 72 -25.51 1.14 -53.50
C ALA F 72 -26.99 0.71 -53.63
N LEU F 73 -27.75 0.71 -52.53
CA LEU F 73 -29.18 0.42 -52.55
C LEU F 73 -29.91 1.46 -53.37
N GLN F 74 -29.64 2.73 -53.09
CA GLN F 74 -30.28 3.83 -53.82
C GLN F 74 -29.97 3.75 -55.31
N ASP F 75 -28.71 3.43 -55.67
CA ASP F 75 -28.35 3.32 -57.07
C ASP F 75 -29.08 2.16 -57.74
N LEU F 76 -29.17 1.02 -57.07
CA LEU F 76 -29.84 -0.14 -57.66
C LEU F 76 -31.36 0.04 -57.69
N GLN F 77 -31.91 0.84 -56.77
CA GLN F 77 -33.35 1.03 -56.72
C GLN F 77 -33.88 1.74 -57.96
N ALA F 78 -33.05 2.49 -58.66
CA ALA F 78 -33.44 3.19 -59.88
C ALA F 78 -33.09 2.35 -61.09
N THR F 79 -34.07 2.12 -61.96
CA THR F 79 -33.90 1.31 -63.15
C THR F 79 -33.81 2.21 -64.39
N GLU F 80 -33.58 1.58 -65.53
CA GLU F 80 -33.38 2.28 -66.80
C GLU F 80 -34.69 2.27 -67.59
N ALA F 81 -35.18 3.43 -68.03
CA ALA F 81 -36.38 3.49 -68.85
C ALA F 81 -36.10 4.48 -69.99
N ASN F 82 -37.08 4.75 -70.85
CA ASN F 82 -36.88 5.73 -71.90
C ASN F 82 -37.90 6.84 -71.68
N CYS F 83 -37.81 7.51 -70.54
CA CYS F 83 -38.79 8.53 -70.20
C CYS F 83 -38.78 9.65 -71.24
N THR F 84 -39.91 10.24 -71.58
CA THR F 84 -40.04 11.30 -72.60
C THR F 84 -40.54 12.60 -72.00
N VAL F 85 -40.06 13.76 -72.42
CA VAL F 85 -40.59 15.04 -71.93
C VAL F 85 -42.03 15.23 -72.40
N LEU F 86 -42.97 15.37 -71.47
CA LEU F 86 -44.41 15.48 -71.75
C LEU F 86 -44.82 16.95 -71.88
N SER F 87 -44.37 17.81 -70.98
CA SER F 87 -44.57 19.26 -71.05
C SER F 87 -43.63 20.02 -70.14
N VAL F 88 -43.11 21.14 -70.62
CA VAL F 88 -42.48 22.18 -69.81
C VAL F 88 -43.44 23.36 -69.75
N GLN F 89 -43.76 23.76 -68.53
CA GLN F 89 -44.43 25.02 -68.27
C GLN F 89 -43.60 25.85 -67.30
N GLN F 90 -43.80 27.17 -67.35
CA GLN F 90 -43.11 28.10 -66.47
C GLN F 90 -44.07 28.46 -65.34
N ILE F 91 -43.81 27.90 -64.15
CA ILE F 91 -44.67 28.18 -63.00
C ILE F 91 -44.54 29.64 -62.57
N GLY F 92 -43.35 30.23 -62.70
CA GLY F 92 -43.12 31.60 -62.34
C GLY F 92 -42.67 31.84 -60.92
N GLU F 93 -42.51 30.78 -60.12
CA GLU F 93 -42.04 30.94 -58.76
C GLU F 93 -40.57 31.37 -58.73
N VAL F 94 -40.18 32.00 -57.63
CA VAL F 94 -38.83 32.50 -57.43
C VAL F 94 -38.23 31.81 -56.22
N PHE F 95 -37.05 31.24 -56.37
CA PHE F 95 -36.37 30.51 -55.31
C PHE F 95 -34.98 31.08 -55.08
N GLU F 96 -34.56 31.13 -53.83
CA GLU F 96 -33.29 31.73 -53.47
C GLU F 96 -32.17 30.69 -53.47
N CYS F 97 -31.02 31.06 -54.03
CA CYS F 97 -29.84 30.21 -54.04
C CYS F 97 -28.68 30.93 -53.40
N THR F 98 -27.72 30.16 -52.88
CA THR F 98 -26.54 30.69 -52.22
C THR F 98 -25.34 30.54 -53.15
N PHE F 99 -24.63 31.64 -53.37
CA PHE F 99 -23.43 31.65 -54.20
C PHE F 99 -22.23 32.07 -53.36
N THR F 100 -21.07 31.50 -53.70
CA THR F 100 -19.83 31.77 -52.98
C THR F 100 -18.76 32.25 -53.96
N CYS F 101 -17.96 33.21 -53.50
CA CYS F 101 -16.86 33.75 -54.28
C CYS F 101 -15.52 33.09 -53.96
N GLY F 102 -15.51 32.07 -53.10
CA GLY F 102 -14.29 31.46 -52.57
C GLY F 102 -13.78 32.15 -51.30
N ALA F 103 -13.99 33.46 -51.15
CA ALA F 103 -13.61 34.17 -49.93
C ALA F 103 -14.78 34.23 -48.95
N ASP F 104 -15.28 33.05 -48.61
CA ASP F 104 -16.40 32.84 -47.68
C ASP F 104 -17.54 33.82 -47.93
N CYS F 105 -17.89 33.99 -49.20
CA CYS F 105 -19.05 34.79 -49.54
C CYS F 105 -20.33 34.11 -49.08
N ARG F 106 -21.23 34.89 -48.48
CA ARG F 106 -22.50 34.39 -47.99
C ARG F 106 -23.69 35.05 -48.68
N GLY F 107 -23.48 35.59 -49.88
CA GLY F 107 -24.57 36.23 -50.59
C GLY F 107 -25.59 35.23 -51.12
N THR F 108 -26.82 35.70 -51.28
CA THR F 108 -27.92 34.89 -51.78
C THR F 108 -28.55 35.56 -52.99
N SER F 109 -28.87 34.79 -54.04
CA SER F 109 -29.45 35.36 -55.24
C SER F 109 -30.75 34.64 -55.58
N GLN F 110 -31.59 35.26 -56.40
CA GLN F 110 -32.87 34.66 -56.74
C GLN F 110 -32.95 34.13 -58.18
N TYR F 111 -33.63 32.99 -58.40
CA TYR F 111 -33.77 32.48 -59.74
C TYR F 111 -35.20 32.03 -59.98
N PRO F 112 -35.69 32.12 -61.21
CA PRO F 112 -37.03 31.62 -61.51
C PRO F 112 -37.10 30.10 -61.43
N CYS F 113 -38.29 29.61 -61.15
CA CYS F 113 -38.54 28.18 -60.97
C CYS F 113 -39.10 27.59 -62.27
N VAL F 114 -38.48 26.51 -62.73
CA VAL F 114 -38.91 25.81 -63.95
C VAL F 114 -39.34 24.41 -63.55
N GLN F 115 -40.59 24.07 -63.85
CA GLN F 115 -41.15 22.75 -63.55
C GLN F 115 -41.48 22.05 -64.86
N VAL F 116 -40.91 20.87 -65.06
CA VAL F 116 -41.06 20.07 -66.27
C VAL F 116 -41.63 18.72 -65.89
N TYR F 117 -42.69 18.31 -66.58
CA TYR F 117 -43.31 17.02 -66.35
C TYR F 117 -43.03 16.10 -67.53
N VAL F 118 -42.54 14.90 -67.22
CA VAL F 118 -42.15 13.85 -68.17
C VAL F 118 -43.15 12.71 -68.14
N ASN F 119 -43.06 11.83 -69.12
CA ASN F 119 -43.88 10.63 -69.21
C ASN F 119 -42.99 9.40 -69.35
N ASN F 120 -43.25 8.38 -68.54
CA ASN F 120 -42.46 7.16 -68.59
C ASN F 120 -42.82 6.35 -69.84
N SER F 121 -41.87 5.53 -70.28
CA SER F 121 -42.08 4.72 -71.48
C SER F 121 -42.91 3.48 -71.17
N GLU F 122 -42.40 2.60 -70.29
CA GLU F 122 -43.09 1.37 -69.97
C GLU F 122 -44.17 1.55 -68.91
N SER F 123 -44.19 2.69 -68.21
CA SER F 123 -45.18 2.94 -67.16
C SER F 123 -46.24 3.96 -67.55
N ASN F 124 -46.01 4.73 -68.63
CA ASN F 124 -46.92 5.77 -69.12
C ASN F 124 -47.54 6.59 -68.00
N SER F 125 -46.73 6.96 -67.00
CA SER F 125 -47.19 7.71 -65.85
C SER F 125 -46.51 9.08 -65.83
N ARG F 126 -47.30 10.12 -65.62
CA ARG F 126 -46.76 11.47 -65.54
C ARG F 126 -45.93 11.64 -64.28
N ALA F 127 -44.72 12.17 -64.42
CA ALA F 127 -43.80 12.29 -63.31
C ALA F 127 -43.06 13.63 -63.39
N LEU F 128 -42.45 14.03 -62.28
CA LEU F 128 -41.71 15.28 -62.22
C LEU F 128 -40.27 15.08 -62.67
N LEU F 129 -39.78 15.87 -63.62
CA LEU F 129 -38.36 15.83 -63.99
C LEU F 129 -37.51 16.45 -62.87
N HIS F 130 -36.29 15.92 -62.67
CA HIS F 130 -35.22 16.62 -61.92
C HIS F 130 -33.81 16.35 -62.59
N SER F 131 -32.89 17.34 -62.57
CA SER F 131 -31.51 17.17 -63.00
C SER F 131 -30.84 16.01 -62.26
N ASP F 132 -30.78 16.08 -60.93
CA ASP F 132 -29.92 15.22 -60.10
C ASP F 132 -30.37 15.21 -58.62
N GLU F 133 -29.83 14.28 -57.85
CA GLU F 133 -30.19 14.08 -56.43
C GLU F 133 -29.97 15.34 -55.58
N HIS F 134 -28.83 15.99 -55.79
CA HIS F 134 -28.48 17.20 -55.07
C HIS F 134 -29.60 18.21 -55.31
N GLN F 135 -29.89 18.54 -56.57
CA GLN F 135 -30.96 19.45 -56.96
C GLN F 135 -32.31 19.03 -56.36
N LEU F 136 -32.67 17.74 -56.40
CA LEU F 136 -33.93 17.27 -55.81
C LEU F 136 -34.02 17.60 -54.32
N LEU F 137 -32.99 17.25 -53.55
CA LEU F 137 -33.00 17.41 -52.10
C LEU F 137 -32.89 18.86 -51.67
N THR F 138 -32.25 19.73 -52.46
CA THR F 138 -32.25 21.18 -52.20
C THR F 138 -33.54 21.86 -52.65
N ASN F 139 -34.16 21.45 -53.77
CA ASN F 139 -35.49 21.94 -54.16
C ASN F 139 -36.23 21.00 -55.16
N PRO F 140 -37.32 20.33 -54.75
CA PRO F 140 -38.11 19.44 -55.60
C PRO F 140 -39.25 20.12 -56.39
N LYS F 141 -39.46 21.41 -56.19
CA LYS F 141 -40.50 22.14 -56.93
C LYS F 141 -40.07 22.46 -58.36
N CYS F 142 -38.78 22.75 -58.52
CA CYS F 142 -38.19 23.11 -59.80
C CYS F 142 -37.36 21.94 -60.36
N SER F 143 -37.67 21.51 -61.58
CA SER F 143 -37.04 20.39 -62.29
C SER F 143 -35.60 20.62 -62.73
N TYR F 144 -35.10 21.82 -62.52
CA TYR F 144 -33.71 22.21 -62.71
C TYR F 144 -33.41 23.33 -61.73
N ILE F 145 -32.18 23.33 -61.21
CA ILE F 145 -31.61 24.50 -60.56
C ILE F 145 -30.38 24.86 -61.39
N PRO F 146 -30.37 25.99 -62.11
CA PRO F 146 -29.12 26.46 -62.70
C PRO F 146 -28.12 26.83 -61.62
N PRO F 147 -26.83 26.87 -61.95
CA PRO F 147 -25.84 27.31 -60.96
C PRO F 147 -26.12 28.73 -60.51
N CYS F 148 -25.92 28.97 -59.22
CA CYS F 148 -26.23 30.27 -58.64
C CYS F 148 -25.31 31.34 -59.19
N LYS F 149 -25.89 32.45 -59.63
CA LYS F 149 -25.15 33.53 -60.26
C LYS F 149 -25.27 34.80 -59.43
N ARG F 150 -24.23 35.64 -59.43
CA ARG F 150 -24.26 36.86 -58.64
C ARG F 150 -25.26 37.89 -59.21
N GLU F 151 -25.55 37.82 -60.50
CA GLU F 151 -26.53 38.71 -61.11
C GLU F 151 -27.81 37.95 -61.41
N ASN F 152 -28.94 38.51 -61.00
CA ASN F 152 -30.22 37.87 -61.28
C ASN F 152 -30.52 37.84 -62.78
N GLN F 153 -30.09 38.86 -63.51
CA GLN F 153 -30.30 38.88 -64.96
C GLN F 153 -29.57 37.73 -65.63
N LYS F 154 -28.33 37.47 -65.22
CA LYS F 154 -27.58 36.35 -65.80
C LYS F 154 -28.23 35.02 -65.46
N ASN F 155 -28.74 34.88 -64.23
CA ASN F 155 -29.43 33.65 -63.86
C ASN F 155 -30.69 33.46 -64.69
N LEU F 156 -31.44 34.54 -64.93
CA LEU F 156 -32.63 34.45 -65.77
C LEU F 156 -32.26 34.07 -67.20
N GLU F 157 -31.17 34.65 -67.72
CA GLU F 157 -30.73 34.29 -69.06
C GLU F 157 -30.32 32.83 -69.15
N SER F 158 -29.63 32.32 -68.12
CA SER F 158 -29.27 30.91 -68.09
C SER F 158 -30.52 30.02 -68.04
N VAL F 159 -31.55 30.43 -67.29
CA VAL F 159 -32.83 29.73 -67.30
C VAL F 159 -33.43 29.74 -68.69
N MET F 160 -33.51 30.89 -69.37
CA MET F 160 -34.06 30.94 -70.72
C MET F 160 -33.21 30.12 -71.72
N ASN F 161 -31.90 30.12 -71.57
CA ASN F 161 -30.96 29.32 -72.34
C ASN F 161 -31.20 27.81 -72.13
N TRP F 162 -31.22 27.36 -70.88
CA TRP F 162 -31.47 25.96 -70.54
C TRP F 162 -32.89 25.54 -70.94
N GLN F 163 -33.85 26.48 -70.77
CA GLN F 163 -35.29 26.30 -71.14
C GLN F 163 -35.41 26.11 -72.62
N GLN F 164 -34.69 26.85 -73.45
CA GLN F 164 -34.63 26.68 -74.90
C GLN F 164 -33.97 25.35 -75.29
N TYR F 165 -32.89 24.97 -74.60
CA TYR F 165 -32.22 23.68 -74.75
C TYR F 165 -33.05 22.49 -74.24
N TRP F 166 -34.24 22.72 -73.72
CA TRP F 166 -35.16 21.70 -73.25
C TRP F 166 -36.51 21.69 -73.99
N LYS F 167 -36.88 22.78 -74.64
CA LYS F 167 -38.11 22.90 -75.45
C LYS F 167 -38.00 22.22 -76.82
N ASP F 168 -36.78 22.08 -77.32
CA ASP F 168 -36.57 21.47 -78.64
C ASP F 168 -36.84 19.97 -78.65
N GLU F 169 -36.46 19.30 -77.57
CA GLU F 169 -36.67 17.86 -77.46
C GLU F 169 -37.90 17.57 -76.60
N ILE F 170 -39.08 17.56 -77.23
CA ILE F 170 -40.31 17.31 -76.51
C ILE F 170 -41.12 16.16 -77.13
N GLY F 171 -41.57 15.16 -76.35
CA GLY F 171 -42.36 14.07 -76.90
C GLY F 171 -41.61 12.94 -77.54
N SER F 172 -41.07 13.16 -78.72
CA SER F 172 -40.34 12.17 -79.51
C SER F 172 -38.87 11.99 -79.10
N GLN F 173 -37.97 11.33 -79.85
CA GLN F 173 -36.59 11.04 -79.44
C GLN F 173 -36.39 10.54 -77.97
N PRO F 174 -36.97 9.34 -77.60
CA PRO F 174 -36.65 8.97 -76.22
C PRO F 174 -35.17 8.63 -76.06
N PHE F 175 -34.63 8.92 -74.89
CA PHE F 175 -33.20 8.85 -74.57
C PHE F 175 -33.00 8.02 -73.30
N THR F 176 -31.75 7.64 -73.00
CA THR F 176 -31.44 6.94 -71.76
C THR F 176 -32.02 7.71 -70.58
N CYS F 177 -32.80 7.04 -69.75
CA CYS F 177 -33.42 7.69 -68.61
C CYS F 177 -33.40 6.83 -67.35
N TYR F 178 -33.27 7.49 -66.20
CA TYR F 178 -33.25 6.80 -64.92
C TYR F 178 -34.56 7.07 -64.19
N PHE F 179 -35.25 6.01 -63.79
CA PHE F 179 -36.53 6.17 -63.11
C PHE F 179 -36.70 5.23 -61.91
N ASN F 180 -37.17 5.78 -60.80
CA ASN F 180 -37.41 5.00 -59.59
C ASN F 180 -38.89 4.72 -59.41
N GLN F 181 -39.23 3.47 -59.09
CA GLN F 181 -40.62 3.09 -58.89
C GLN F 181 -40.81 2.38 -57.56
N HIS F 182 -40.13 2.86 -56.53
CA HIS F 182 -40.22 2.26 -55.21
C HIS F 182 -40.46 3.32 -54.12
N GLN F 183 -39.62 4.34 -54.11
CA GLN F 183 -39.73 5.40 -53.11
C GLN F 183 -40.28 6.69 -53.73
N ARG F 184 -39.82 7.06 -54.92
CA ARG F 184 -40.12 8.35 -55.56
C ARG F 184 -40.69 8.12 -56.97
N PRO F 185 -41.90 7.52 -57.08
CA PRO F 185 -42.52 7.16 -58.36
C PRO F 185 -42.85 8.38 -59.22
N ASP F 186 -42.96 9.55 -58.61
CA ASP F 186 -43.26 10.77 -59.34
C ASP F 186 -41.99 11.57 -59.62
N ASP F 187 -40.79 11.03 -59.37
CA ASP F 187 -39.53 11.70 -59.66
C ASP F 187 -38.75 10.96 -60.73
N VAL F 188 -38.10 11.73 -61.59
CA VAL F 188 -37.30 11.23 -62.71
C VAL F 188 -35.96 11.95 -62.77
N LEU F 189 -34.82 11.25 -62.64
CA LEU F 189 -33.50 11.92 -62.70
C LEU F 189 -32.86 11.85 -64.09
N LEU F 190 -32.26 12.96 -64.55
CA LEU F 190 -31.41 12.98 -65.73
C LEU F 190 -30.03 12.36 -65.49
N HIS F 191 -29.50 12.59 -64.29
CA HIS F 191 -28.18 12.09 -63.93
C HIS F 191 -28.25 11.11 -62.73
N ARG F 192 -27.26 10.23 -62.64
CA ARG F 192 -27.20 9.23 -61.59
C ARG F 192 -26.79 9.83 -60.23
N THR F 193 -27.30 9.27 -59.13
CA THR F 193 -26.96 9.77 -57.77
C THR F 193 -25.47 9.57 -57.44
N HIS F 194 -24.89 8.47 -57.94
CA HIS F 194 -23.56 7.97 -57.59
C HIS F 194 -22.88 7.30 -58.79
N ASP F 195 -21.57 7.13 -58.65
CA ASP F 195 -20.63 6.53 -59.61
C ASP F 195 -20.05 5.24 -59.04
N GLU F 196 -20.03 4.16 -59.83
CA GLU F 196 -19.38 2.91 -59.42
C GLU F 196 -17.86 3.08 -59.25
N ILE F 197 -17.25 4.08 -59.91
CA ILE F 197 -15.79 4.24 -59.91
C ILE F 197 -15.26 4.49 -58.51
N VAL F 198 -15.88 5.36 -57.69
CA VAL F 198 -15.41 5.60 -56.31
C VAL F 198 -15.77 4.44 -55.38
N LEU F 199 -16.92 3.80 -55.60
CA LEU F 199 -17.31 2.61 -54.84
C LEU F 199 -16.30 1.48 -55.03
N LEU F 200 -15.89 1.21 -56.27
CA LEU F 200 -14.86 0.22 -56.58
C LEU F 200 -13.48 0.67 -56.08
N HIS F 201 -13.10 1.93 -56.34
CA HIS F 201 -11.78 2.44 -56.01
C HIS F 201 -11.51 2.36 -54.52
N CYS F 202 -12.49 2.63 -53.65
CA CYS F 202 -12.31 2.40 -52.22
C CYS F 202 -12.41 0.92 -51.80
N PHE F 203 -13.14 0.06 -52.53
CA PHE F 203 -13.22 -1.36 -52.19
C PHE F 203 -12.00 -2.19 -52.59
N LEU F 204 -11.29 -1.85 -53.68
CA LEU F 204 -10.16 -2.67 -54.12
C LEU F 204 -8.98 -2.61 -53.13
N TRP F 205 -8.75 -1.47 -52.49
CA TRP F 205 -7.62 -1.27 -51.58
C TRP F 205 -7.58 -2.22 -50.38
N PRO F 206 -8.65 -2.43 -49.61
CA PRO F 206 -8.62 -3.38 -48.51
C PRO F 206 -8.48 -4.83 -48.99
N LEU F 207 -9.04 -5.19 -50.14
CA LEU F 207 -8.85 -6.52 -50.73
C LEU F 207 -7.38 -6.78 -51.05
N VAL F 208 -6.71 -5.88 -51.77
CA VAL F 208 -5.27 -6.04 -52.02
C VAL F 208 -4.45 -5.94 -50.73
N THR F 209 -4.87 -5.11 -49.77
CA THR F 209 -4.18 -5.01 -48.47
C THR F 209 -4.24 -6.33 -47.70
N PHE F 210 -5.36 -7.06 -47.78
CA PHE F 210 -5.45 -8.41 -47.25
C PHE F 210 -4.49 -9.38 -47.96
N VAL F 211 -4.43 -9.35 -49.29
CA VAL F 211 -3.48 -10.17 -50.07
C VAL F 211 -2.02 -9.88 -49.70
N VAL F 212 -1.66 -8.60 -49.58
CA VAL F 212 -0.33 -8.16 -49.13
C VAL F 212 -0.04 -8.63 -47.71
N GLY F 213 -1.03 -8.70 -46.83
CA GLY F 213 -0.84 -9.33 -45.52
C GLY F 213 -0.57 -10.84 -45.64
N VAL F 214 -1.37 -11.56 -46.43
CA VAL F 214 -1.22 -13.02 -46.59
C VAL F 214 0.16 -13.38 -47.16
N LEU F 215 0.63 -12.71 -48.21
CA LEU F 215 1.96 -13.01 -48.74
C LEU F 215 3.05 -12.76 -47.72
N ILE F 216 2.97 -11.70 -46.91
CA ILE F 216 3.98 -11.44 -45.89
C ILE F 216 3.96 -12.53 -44.80
N VAL F 217 2.80 -13.05 -44.41
CA VAL F 217 2.73 -14.19 -43.49
C VAL F 217 3.37 -15.44 -44.10
N VAL F 218 2.88 -15.92 -45.26
CA VAL F 218 3.37 -17.19 -45.80
C VAL F 218 4.81 -17.09 -46.29
N LEU F 219 5.26 -15.96 -46.83
CA LEU F 219 6.65 -15.77 -47.23
C LEU F 219 7.58 -15.73 -46.01
N THR F 220 7.13 -15.20 -44.86
CA THR F 220 7.89 -15.33 -43.61
C THR F 220 8.01 -16.79 -43.19
N ILE F 221 6.92 -17.57 -43.26
CA ILE F 221 6.96 -19.01 -42.94
C ILE F 221 7.89 -19.76 -43.90
N CYS F 222 7.92 -19.37 -45.19
CA CYS F 222 8.86 -19.93 -46.16
C CYS F 222 10.32 -19.61 -45.80
N ALA F 223 10.64 -18.40 -45.33
CA ALA F 223 11.97 -18.03 -44.87
C ALA F 223 12.36 -18.74 -43.55
N LYS F 224 11.40 -19.00 -42.66
CA LYS F 224 11.63 -19.57 -41.33
C LYS F 224 12.11 -21.01 -41.39
N SER F 225 11.76 -21.74 -42.44
CA SER F 225 12.19 -23.13 -42.62
C SER F 225 13.71 -23.22 -42.69
N LEU F 226 14.39 -22.41 -43.49
CA LEU F 226 15.82 -22.59 -43.77
C LEU F 226 16.46 -21.31 -44.35
N THR G 35 -24.11 -40.46 -5.43
CA THR G 35 -25.51 -40.20 -5.01
C THR G 35 -25.66 -38.81 -4.42
N VAL G 36 -26.89 -38.29 -4.32
CA VAL G 36 -27.22 -36.95 -3.80
C VAL G 36 -28.47 -36.96 -2.92
N THR G 37 -28.56 -35.98 -2.03
CA THR G 37 -29.68 -35.75 -1.09
C THR G 37 -30.58 -34.59 -1.57
N ALA G 38 -31.24 -33.87 -0.66
CA ALA G 38 -31.91 -32.58 -0.94
C ALA G 38 -30.97 -31.50 -1.55
N LEU G 39 -29.65 -31.73 -1.52
CA LEU G 39 -28.64 -31.12 -2.38
C LEU G 39 -29.07 -31.01 -3.86
N LYS G 40 -29.91 -31.93 -4.35
CA LYS G 40 -30.48 -31.95 -5.71
C LYS G 40 -31.45 -30.79 -6.00
N ALA G 41 -32.03 -30.16 -4.98
CA ALA G 41 -32.94 -29.02 -5.17
C ALA G 41 -32.20 -27.77 -5.65
N GLY G 42 -31.15 -27.36 -4.93
CA GLY G 42 -30.28 -26.22 -5.25
C GLY G 42 -30.97 -24.87 -5.04
N GLU G 43 -31.83 -24.56 -6.02
CA GLU G 43 -32.66 -23.36 -6.17
C GLU G 43 -31.89 -22.15 -6.74
N ASP G 44 -31.45 -21.15 -5.95
CA ASP G 44 -30.75 -19.97 -6.48
C ASP G 44 -31.43 -19.22 -7.66
N LYS G 45 -31.40 -19.76 -8.88
CA LYS G 45 -32.00 -19.12 -10.04
C LYS G 45 -33.48 -19.49 -10.28
N SER G 46 -34.34 -19.09 -9.34
CA SER G 46 -35.79 -19.31 -9.43
C SER G 46 -36.47 -18.30 -8.48
N ILE G 47 -36.38 -18.47 -7.16
CA ILE G 47 -36.92 -17.41 -6.29
C ILE G 47 -36.26 -16.06 -6.57
N ARG G 48 -34.98 -16.07 -6.95
CA ARG G 48 -34.25 -14.84 -7.29
C ARG G 48 -34.89 -14.20 -8.53
N LEU G 49 -35.06 -14.99 -9.59
CA LEU G 49 -35.76 -14.51 -10.80
C LEU G 49 -37.16 -14.01 -10.44
N GLY G 50 -37.93 -14.76 -9.65
CA GLY G 50 -39.28 -14.38 -9.26
C GLY G 50 -39.33 -13.01 -8.56
N LEU G 51 -38.42 -12.76 -7.62
CA LEU G 51 -38.28 -11.45 -6.99
C LEU G 51 -37.91 -10.35 -8.01
N PHE G 52 -36.99 -10.59 -8.93
CA PHE G 52 -36.68 -9.60 -9.96
C PHE G 52 -37.90 -9.34 -10.88
N LEU G 53 -38.69 -10.36 -11.21
CA LEU G 53 -39.92 -10.21 -11.98
C LEU G 53 -40.97 -9.38 -11.25
N ILE G 54 -41.26 -9.62 -9.96
CA ILE G 54 -42.23 -8.75 -9.26
C ILE G 54 -41.71 -7.32 -9.17
N ILE G 55 -40.42 -7.12 -8.92
CA ILE G 55 -39.85 -5.77 -8.79
C ILE G 55 -39.90 -5.04 -10.13
N SER G 56 -39.58 -5.70 -11.23
CA SER G 56 -39.67 -5.12 -12.55
C SER G 56 -41.11 -4.75 -12.91
N GLY G 57 -42.07 -5.62 -12.56
CA GLY G 57 -43.49 -5.38 -12.81
C GLY G 57 -44.01 -4.14 -12.07
N VAL G 58 -43.78 -4.03 -10.77
CA VAL G 58 -44.25 -2.88 -9.99
C VAL G 58 -43.58 -1.58 -10.40
N VAL G 59 -42.27 -1.57 -10.65
CA VAL G 59 -41.57 -0.36 -11.07
C VAL G 59 -42.02 0.09 -12.45
N SER G 60 -42.24 -0.83 -13.38
CA SER G 60 -42.67 -0.48 -14.73
C SER G 60 -44.05 0.19 -14.74
N LEU G 61 -45.05 -0.38 -14.08
CA LEU G 61 -46.36 0.28 -13.99
C LEU G 61 -46.29 1.58 -13.18
N PHE G 62 -45.40 1.68 -12.20
CA PHE G 62 -45.19 2.91 -11.43
C PHE G 62 -44.59 4.02 -12.29
N ILE G 63 -43.65 3.71 -13.18
CA ILE G 63 -43.10 4.64 -14.16
C ILE G 63 -44.17 5.03 -15.18
N PHE G 64 -44.85 4.06 -15.78
CA PHE G 64 -45.92 4.37 -16.74
C PHE G 64 -47.03 5.21 -16.10
N GLY G 65 -47.35 5.01 -14.83
CA GLY G 65 -48.31 5.83 -14.09
C GLY G 65 -47.97 7.31 -14.10
N PHE G 66 -46.72 7.66 -13.77
CA PHE G 66 -46.31 9.07 -13.79
C PHE G 66 -46.21 9.63 -15.19
N CYS G 67 -46.10 8.75 -16.17
CA CYS G 67 -45.81 9.15 -17.54
C CYS G 67 -47.06 9.19 -18.44
N TRP G 68 -48.18 8.59 -18.02
CA TRP G 68 -49.40 8.54 -18.85
C TRP G 68 -50.50 9.45 -18.32
N LEU G 69 -50.36 10.00 -17.10
CA LEU G 69 -51.37 10.90 -16.55
C LEU G 69 -51.66 12.06 -17.49
N SER G 70 -50.62 12.65 -18.10
CA SER G 70 -50.83 13.79 -18.97
C SER G 70 -51.67 13.46 -20.20
N PRO G 71 -51.35 12.46 -21.03
CA PRO G 71 -52.22 12.15 -22.17
C PRO G 71 -53.60 11.66 -21.70
N ALA G 72 -53.67 10.92 -20.59
CA ALA G 72 -54.95 10.55 -19.99
C ALA G 72 -55.74 11.77 -19.46
N LEU G 73 -55.05 12.77 -18.89
CA LEU G 73 -55.68 14.00 -18.43
C LEU G 73 -56.27 14.75 -19.63
N GLN G 74 -55.47 14.91 -20.68
CA GLN G 74 -55.92 15.60 -21.87
C GLN G 74 -57.12 14.90 -22.50
N ASP G 75 -57.11 13.56 -22.54
CA ASP G 75 -58.23 12.82 -23.09
C ASP G 75 -59.49 13.01 -22.26
N LEU G 76 -59.36 12.96 -20.94
CA LEU G 76 -60.52 13.11 -20.07
C LEU G 76 -61.02 14.55 -20.03
N GLN G 77 -60.14 15.52 -20.26
CA GLN G 77 -60.54 16.92 -20.22
C GLN G 77 -61.53 17.28 -21.32
N ALA G 78 -61.56 16.51 -22.41
CA ALA G 78 -62.49 16.75 -23.50
C ALA G 78 -63.73 15.88 -23.33
N THR G 79 -64.90 16.50 -23.37
CA THR G 79 -66.16 15.80 -23.19
C THR G 79 -66.87 15.64 -24.53
N GLU G 80 -68.01 14.95 -24.50
CA GLU G 80 -68.77 14.62 -25.70
C GLU G 80 -69.91 15.62 -25.85
N ALA G 81 -70.04 16.27 -27.01
CA ALA G 81 -71.15 17.18 -27.26
C ALA G 81 -71.68 16.89 -28.67
N ASN G 82 -72.66 17.65 -29.15
CA ASN G 82 -73.14 17.45 -30.50
C ASN G 82 -72.91 18.75 -31.26
N CYS G 83 -71.65 19.14 -31.37
CA CYS G 83 -71.33 20.42 -32.00
C CYS G 83 -71.81 20.43 -33.45
N THR G 84 -72.29 21.55 -33.98
CA THR G 84 -72.82 21.69 -35.35
C THR G 84 -72.01 22.67 -36.17
N VAL G 85 -71.78 22.42 -37.45
CA VAL G 85 -71.08 23.40 -38.31
C VAL G 85 -71.93 24.66 -38.48
N LEU G 86 -71.40 25.80 -38.07
CA LEU G 86 -72.10 27.09 -38.11
C LEU G 86 -71.83 27.84 -39.41
N SER G 87 -70.57 27.89 -39.84
CA SER G 87 -70.19 28.46 -41.14
C SER G 87 -68.78 28.02 -41.55
N VAL G 88 -68.61 27.72 -42.83
CA VAL G 88 -67.32 27.64 -43.49
C VAL G 88 -67.16 28.85 -44.38
N GLN G 89 -66.08 29.58 -44.17
CA GLN G 89 -65.63 30.62 -45.09
C GLN G 89 -64.20 30.33 -45.51
N GLN G 90 -63.84 30.85 -46.68
CA GLN G 90 -62.49 30.71 -47.22
C GLN G 90 -61.71 31.99 -46.93
N ILE G 91 -60.81 31.92 -45.95
CA ILE G 91 -60.02 33.09 -45.58
C ILE G 91 -59.08 33.48 -46.72
N GLY G 92 -58.55 32.50 -47.46
CA GLY G 92 -57.66 32.76 -48.55
C GLY G 92 -56.18 32.78 -48.21
N GLU G 93 -55.83 32.55 -46.94
CA GLU G 93 -54.43 32.52 -46.55
C GLU G 93 -53.74 31.29 -47.13
N VAL G 94 -52.42 31.39 -47.27
CA VAL G 94 -51.59 30.33 -47.81
C VAL G 94 -50.58 29.92 -46.75
N PHE G 95 -50.51 28.61 -46.47
CA PHE G 95 -49.61 28.08 -45.45
C PHE G 95 -48.73 27.00 -46.06
N GLU G 96 -47.47 26.96 -45.61
CA GLU G 96 -46.49 26.04 -46.17
C GLU G 96 -46.49 24.72 -45.38
N CYS G 97 -46.43 23.61 -46.12
CA CYS G 97 -46.33 22.29 -45.52
C CYS G 97 -45.10 21.57 -46.06
N THR G 98 -44.60 20.63 -45.27
CA THR G 98 -43.42 19.84 -45.62
C THR G 98 -43.85 18.44 -46.05
N PHE G 99 -43.39 18.02 -47.22
CA PHE G 99 -43.68 16.70 -47.75
C PHE G 99 -42.38 15.92 -47.93
N THR G 100 -42.47 14.60 -47.73
CA THR G 100 -41.31 13.72 -47.83
C THR G 100 -41.60 12.60 -48.82
N CYS G 101 -40.58 12.25 -49.59
CA CYS G 101 -40.66 11.17 -50.57
C CYS G 101 -40.17 9.84 -50.02
N GLY G 102 -39.78 9.77 -48.75
CA GLY G 102 -39.11 8.62 -48.13
C GLY G 102 -37.59 8.67 -48.27
N ALA G 103 -37.05 9.26 -49.34
CA ALA G 103 -35.61 9.42 -49.51
C ALA G 103 -35.16 10.79 -48.98
N ASP G 104 -35.47 11.01 -47.69
CA ASP G 104 -35.14 12.23 -46.95
C ASP G 104 -35.40 13.50 -47.78
N CYS G 105 -36.56 13.53 -48.42
CA CYS G 105 -36.97 14.73 -49.13
C CYS G 105 -37.28 15.85 -48.15
N ARG G 106 -36.79 17.05 -48.46
CA ARG G 106 -37.00 18.23 -47.63
C ARG G 106 -37.78 19.32 -48.36
N GLY G 107 -38.54 18.96 -49.39
CA GLY G 107 -39.30 19.95 -50.12
C GLY G 107 -40.47 20.48 -49.32
N THR G 108 -40.88 21.70 -49.64
CA THR G 108 -41.99 22.36 -48.98
C THR G 108 -43.01 22.80 -50.02
N SER G 109 -44.31 22.63 -49.74
CA SER G 109 -45.35 23.01 -50.69
C SER G 109 -46.35 23.92 -50.01
N GLN G 110 -47.13 24.65 -50.81
CA GLN G 110 -48.10 25.58 -50.25
C GLN G 110 -49.57 25.13 -50.39
N TYR G 111 -50.40 25.39 -49.37
CA TYR G 111 -51.80 25.02 -49.48
C TYR G 111 -52.67 26.17 -48.99
N PRO G 112 -53.87 26.32 -49.55
CA PRO G 112 -54.79 27.35 -49.04
C PRO G 112 -55.30 27.01 -47.66
N CYS G 113 -55.66 28.06 -46.92
CA CYS G 113 -56.11 27.95 -45.54
C CYS G 113 -57.63 27.97 -45.50
N VAL G 114 -58.22 26.98 -44.82
CA VAL G 114 -59.67 26.86 -44.67
C VAL G 114 -60.01 26.98 -43.19
N GLN G 115 -60.81 27.98 -42.84
CA GLN G 115 -61.23 28.22 -41.47
C GLN G 115 -62.74 27.98 -41.37
N VAL G 116 -63.14 27.09 -40.48
CA VAL G 116 -64.53 26.69 -40.27
C VAL G 116 -64.90 26.95 -38.82
N TYR G 117 -66.00 27.64 -38.61
CA TYR G 117 -66.51 27.92 -37.27
C TYR G 117 -67.75 27.09 -37.01
N VAL G 118 -67.76 26.41 -35.88
CA VAL G 118 -68.82 25.51 -35.41
C VAL G 118 -69.56 26.13 -34.24
N ASN G 119 -70.70 25.55 -33.88
CA ASN G 119 -71.50 25.97 -32.74
C ASN G 119 -71.76 24.77 -31.84
N ASN G 120 -71.52 24.94 -30.54
CA ASN G 120 -71.74 23.87 -29.58
C ASN G 120 -73.23 23.66 -29.36
N SER G 121 -73.58 22.44 -28.94
CA SER G 121 -74.98 22.10 -28.71
C SER G 121 -75.46 22.61 -27.36
N GLU G 122 -74.85 22.13 -26.28
CA GLU G 122 -75.25 22.53 -24.94
C GLU G 122 -74.66 23.86 -24.50
N SER G 123 -73.65 24.37 -25.20
CA SER G 123 -73.01 25.62 -24.84
C SER G 123 -73.35 26.78 -25.77
N ASN G 124 -73.91 26.49 -26.94
CA ASN G 124 -74.28 27.48 -27.97
C ASN G 124 -73.22 28.58 -28.12
N SER G 125 -71.95 28.19 -28.13
CA SER G 125 -70.84 29.13 -28.24
C SER G 125 -70.08 28.87 -29.54
N ARG G 126 -69.80 29.94 -30.27
CA ARG G 126 -69.05 29.83 -31.52
C ARG G 126 -67.61 29.44 -31.23
N ALA G 127 -67.11 28.43 -31.93
CA ALA G 127 -65.78 27.90 -31.68
C ALA G 127 -65.11 27.56 -33.01
N LEU G 128 -63.79 27.40 -32.97
CA LEU G 128 -63.02 27.06 -34.16
C LEU G 128 -62.97 25.56 -34.37
N LEU G 129 -63.32 25.07 -35.56
CA LEU G 129 -63.15 23.65 -35.88
C LEU G 129 -61.67 23.32 -36.05
N HIS G 130 -61.25 22.10 -35.67
CA HIS G 130 -59.98 21.51 -36.11
C HIS G 130 -60.16 19.95 -36.35
N SER G 131 -59.46 19.37 -37.35
CA SER G 131 -59.40 17.93 -37.57
C SER G 131 -58.95 17.19 -36.31
N ASP G 132 -57.75 17.50 -35.81
CA ASP G 132 -57.05 16.70 -34.80
C ASP G 132 -55.95 17.50 -34.10
N GLU G 133 -55.42 16.95 -32.99
CA GLU G 133 -54.41 17.60 -32.16
C GLU G 133 -53.13 17.98 -32.93
N HIS G 134 -52.67 17.03 -33.76
CA HIS G 134 -51.50 17.23 -34.58
C HIS G 134 -51.72 18.48 -35.42
N GLN G 135 -52.78 18.49 -36.23
CA GLN G 135 -53.17 19.63 -37.05
C GLN G 135 -53.28 20.93 -36.24
N LEU G 136 -53.91 20.90 -35.05
CA LEU G 136 -54.02 22.10 -34.22
C LEU G 136 -52.65 22.66 -33.86
N LEU G 137 -51.76 21.82 -33.34
CA LEU G 137 -50.45 22.26 -32.86
C LEU G 137 -49.50 22.66 -33.99
N THR G 138 -49.65 22.09 -35.18
CA THR G 138 -48.90 22.55 -36.36
C THR G 138 -49.49 23.82 -36.98
N ASN G 139 -50.81 23.98 -37.02
CA ASN G 139 -51.45 25.24 -37.44
C ASN G 139 -52.91 25.41 -36.95
N PRO G 140 -53.19 26.34 -36.02
CA PRO G 140 -54.53 26.61 -35.49
C PRO G 140 -55.37 27.63 -36.28
N LYS G 141 -54.79 28.24 -37.31
CA LYS G 141 -55.52 29.20 -38.13
C LYS G 141 -56.49 28.51 -39.11
N CYS G 142 -56.07 27.36 -39.61
CA CYS G 142 -56.83 26.56 -40.56
C CYS G 142 -57.44 25.33 -39.88
N SER G 143 -58.76 25.17 -39.98
CA SER G 143 -59.57 24.11 -39.37
C SER G 143 -59.35 22.71 -39.96
N TYR G 144 -58.56 22.64 -41.02
CA TYR G 144 -58.09 21.41 -41.63
C TYR G 144 -56.73 21.69 -42.25
N ILE G 145 -55.84 20.70 -42.20
CA ILE G 145 -54.66 20.66 -43.03
C ILE G 145 -54.80 19.39 -43.88
N PRO G 146 -55.00 19.50 -45.19
CA PRO G 146 -54.90 18.31 -46.04
C PRO G 146 -53.48 17.77 -46.05
N PRO G 147 -53.30 16.50 -46.39
CA PRO G 147 -51.94 15.96 -46.50
C PRO G 147 -51.13 16.73 -47.52
N CYS G 148 -49.85 16.94 -47.21
CA CYS G 148 -48.99 17.75 -48.07
C CYS G 148 -48.75 17.03 -49.40
N LYS G 149 -48.93 17.76 -50.49
CA LYS G 149 -48.83 17.20 -51.83
C LYS G 149 -47.68 17.87 -52.58
N ARG G 150 -47.01 17.13 -53.47
CA ARG G 150 -45.90 17.70 -54.21
C ARG G 150 -46.35 18.76 -55.24
N GLU G 151 -47.60 18.66 -55.69
CA GLU G 151 -48.14 19.65 -56.62
C GLU G 151 -49.13 20.55 -55.89
N ASN G 152 -48.97 21.85 -56.06
CA ASN G 152 -49.90 22.80 -55.44
C ASN G 152 -51.30 22.67 -56.02
N GLN G 153 -51.42 22.35 -57.31
CA GLN G 153 -52.73 22.17 -57.92
C GLN G 153 -53.47 21.00 -57.29
N LYS G 154 -52.77 19.89 -57.05
CA LYS G 154 -53.41 18.74 -56.41
C LYS G 154 -53.83 19.07 -54.98
N ASN G 155 -53.01 19.82 -54.26
CA ASN G 155 -53.38 20.24 -52.91
C ASN G 155 -54.62 21.13 -52.92
N LEU G 156 -54.69 22.06 -53.89
CA LEU G 156 -55.87 22.91 -54.00
C LEU G 156 -57.11 22.08 -54.34
N GLU G 157 -56.96 21.10 -55.23
CA GLU G 157 -58.09 20.24 -55.56
C GLU G 157 -58.56 19.45 -54.34
N SER G 158 -57.62 18.94 -53.55
CA SER G 158 -57.98 18.23 -52.32
C SER G 158 -58.69 19.16 -51.34
N VAL G 159 -58.25 20.41 -51.24
CA VAL G 159 -58.98 21.40 -50.45
C VAL G 159 -60.39 21.61 -50.98
N MET G 160 -60.58 21.81 -52.28
CA MET G 160 -61.92 21.97 -52.84
C MET G 160 -62.77 20.71 -52.65
N ASN G 161 -62.19 19.53 -52.77
CA ASN G 161 -62.81 18.24 -52.53
C ASN G 161 -63.27 18.11 -51.05
N TRP G 162 -62.36 18.34 -50.10
CA TRP G 162 -62.66 18.29 -48.68
C TRP G 162 -63.67 19.36 -48.28
N GLN G 163 -63.51 20.56 -48.92
CA GLN G 163 -64.41 21.75 -48.71
C GLN G 163 -65.80 21.42 -49.17
N GLN G 164 -65.99 20.73 -50.29
CA GLN G 164 -67.28 20.25 -50.78
C GLN G 164 -67.86 19.17 -49.85
N TYR G 165 -67.03 18.25 -49.37
CA TYR G 165 -67.39 17.24 -48.37
C TYR G 165 -67.68 17.81 -46.97
N TRP G 166 -67.57 19.12 -46.79
CA TRP G 166 -67.86 19.82 -45.55
C TRP G 166 -68.98 20.87 -45.68
N LYS G 167 -69.27 21.33 -46.89
CA LYS G 167 -70.36 22.28 -47.17
C LYS G 167 -71.75 21.65 -47.17
N ASP G 168 -71.81 20.35 -47.44
CA ASP G 168 -73.08 19.63 -47.50
C ASP G 168 -73.74 19.48 -46.12
N GLU G 169 -72.92 19.24 -45.11
CA GLU G 169 -73.42 19.06 -43.75
C GLU G 169 -73.23 20.34 -42.95
N ILE G 170 -74.18 21.27 -43.05
CA ILE G 170 -74.09 22.54 -42.34
C ILE G 170 -75.33 22.82 -41.49
N GLY G 171 -75.18 23.15 -40.20
CA GLY G 171 -76.33 23.46 -39.35
C GLY G 171 -77.03 22.28 -38.73
N SER G 172 -77.78 21.53 -39.51
CA SER G 172 -78.56 20.38 -39.06
C SER G 172 -77.74 19.08 -38.93
N GLN G 173 -78.33 17.88 -38.80
CA GLN G 173 -77.59 16.62 -38.54
C GLN G 173 -76.44 16.69 -37.49
N PRO G 174 -76.76 17.00 -36.18
CA PRO G 174 -75.59 16.96 -35.29
C PRO G 174 -75.05 15.54 -35.13
N PHE G 175 -73.75 15.42 -34.95
CA PHE G 175 -73.01 14.18 -34.94
C PHE G 175 -72.13 14.11 -33.69
N THR G 176 -71.57 12.93 -33.39
CA THR G 176 -70.65 12.77 -32.27
C THR G 176 -69.56 13.82 -32.37
N CYS G 177 -69.37 14.59 -31.29
CA CYS G 177 -68.36 15.65 -31.30
C CYS G 177 -67.58 15.73 -29.99
N TYR G 178 -66.31 16.08 -30.10
CA TYR G 178 -65.44 16.22 -28.93
C TYR G 178 -65.18 17.70 -28.67
N PHE G 179 -65.48 18.16 -27.46
CA PHE G 179 -65.28 19.57 -27.14
C PHE G 179 -64.66 19.79 -25.76
N ASN G 180 -63.67 20.67 -25.70
CA ASN G 180 -62.99 20.99 -24.45
C ASN G 180 -63.46 22.34 -23.92
N GLN G 181 -63.76 22.40 -22.62
CA GLN G 181 -64.22 23.63 -22.01
C GLN G 181 -63.40 23.97 -20.77
N HIS G 182 -62.09 23.74 -20.85
CA HIS G 182 -61.20 24.02 -19.72
C HIS G 182 -59.97 24.81 -20.15
N GLN G 183 -59.29 24.31 -21.18
CA GLN G 183 -58.08 24.97 -21.67
C GLN G 183 -58.33 25.66 -23.02
N ARG G 184 -59.05 25.02 -23.94
CA ARG G 184 -59.26 25.48 -25.31
C ARG G 184 -60.75 25.57 -25.63
N PRO G 185 -61.48 26.50 -24.99
CA PRO G 185 -62.94 26.64 -25.14
C PRO G 185 -63.36 27.03 -26.55
N ASP G 186 -62.44 27.62 -27.32
CA ASP G 186 -62.74 28.04 -28.68
C ASP G 186 -62.23 27.01 -29.68
N ASP G 187 -61.79 25.81 -29.25
CA ASP G 187 -61.35 24.75 -30.16
C ASP G 187 -62.27 23.55 -30.07
N VAL G 188 -62.50 22.93 -31.21
CA VAL G 188 -63.35 21.75 -31.36
C VAL G 188 -62.67 20.68 -32.21
N LEU G 189 -62.42 19.48 -31.69
CA LEU G 189 -61.76 18.43 -32.49
C LEU G 189 -62.75 17.45 -33.12
N LEU G 190 -62.54 17.09 -34.39
CA LEU G 190 -63.25 15.98 -35.05
C LEU G 190 -62.77 14.60 -34.56
N HIS G 191 -61.47 14.49 -34.33
CA HIS G 191 -60.88 13.23 -33.90
C HIS G 191 -60.23 13.34 -32.51
N ARG G 192 -60.13 12.21 -31.82
CA ARG G 192 -59.56 12.16 -30.48
C ARG G 192 -58.02 12.30 -30.49
N THR G 193 -57.46 12.92 -29.43
CA THR G 193 -56.00 13.09 -29.34
C THR G 193 -55.26 11.76 -29.22
N HIS G 194 -55.87 10.79 -28.53
CA HIS G 194 -55.29 9.51 -28.13
C HIS G 194 -56.33 8.37 -28.14
N ASP G 195 -55.81 7.15 -28.11
CA ASP G 195 -56.52 5.87 -28.12
C ASP G 195 -56.30 5.13 -26.80
N GLU G 196 -57.36 4.63 -26.18
CA GLU G 196 -57.24 3.78 -24.98
C GLU G 196 -56.49 2.47 -25.27
N ILE G 197 -56.48 2.00 -26.52
CA ILE G 197 -55.91 0.70 -26.87
C ILE G 197 -54.41 0.64 -26.55
N VAL G 198 -53.62 1.67 -26.88
CA VAL G 198 -52.18 1.67 -26.57
C VAL G 198 -51.92 1.93 -25.08
N LEU G 199 -52.75 2.75 -24.44
CA LEU G 199 -52.67 3.01 -23.01
C LEU G 199 -52.89 1.70 -22.23
N LEU G 200 -53.92 0.93 -22.57
CA LEU G 200 -54.18 -0.37 -21.97
C LEU G 200 -53.10 -1.40 -22.35
N HIS G 201 -52.73 -1.48 -23.62
CA HIS G 201 -51.79 -2.47 -24.12
C HIS G 201 -50.43 -2.36 -23.43
N CYS G 202 -49.94 -1.14 -23.17
CA CYS G 202 -48.72 -0.99 -22.37
C CYS G 202 -48.94 -1.18 -20.86
N PHE G 203 -50.13 -0.93 -20.31
CA PHE G 203 -50.39 -1.16 -18.88
C PHE G 203 -50.61 -2.63 -18.49
N LEU G 204 -51.17 -3.47 -19.35
CA LEU G 204 -51.45 -4.86 -18.96
C LEU G 204 -50.17 -5.67 -18.75
N TRP G 205 -49.11 -5.40 -19.52
CA TRP G 205 -47.87 -6.15 -19.46
C TRP G 205 -47.16 -6.13 -18.10
N PRO G 206 -46.96 -4.99 -17.43
CA PRO G 206 -46.34 -4.98 -16.11
C PRO G 206 -47.23 -5.64 -15.05
N LEU G 207 -48.56 -5.52 -15.16
CA LEU G 207 -49.48 -6.20 -14.25
C LEU G 207 -49.33 -7.73 -14.36
N VAL G 208 -49.39 -8.30 -15.57
CA VAL G 208 -49.16 -9.74 -15.72
C VAL G 208 -47.71 -10.13 -15.37
N THR G 209 -46.73 -9.27 -15.63
CA THR G 209 -45.33 -9.52 -15.25
C THR G 209 -45.18 -9.63 -13.74
N PHE G 210 -45.90 -8.81 -12.97
CA PHE G 210 -45.97 -8.95 -11.52
C PHE G 210 -46.60 -10.29 -11.10
N VAL G 211 -47.72 -10.69 -11.71
CA VAL G 211 -48.35 -11.99 -11.44
C VAL G 211 -47.41 -13.17 -11.75
N VAL G 212 -46.71 -13.13 -12.88
CA VAL G 212 -45.69 -14.12 -13.26
C VAL G 212 -44.54 -14.14 -12.26
N GLY G 213 -44.15 -13.01 -11.68
CA GLY G 213 -43.19 -13.01 -10.59
C GLY G 213 -43.74 -13.70 -9.33
N VAL G 214 -44.97 -13.37 -8.92
CA VAL G 214 -45.58 -13.95 -7.71
C VAL G 214 -45.73 -15.46 -7.82
N LEU G 215 -46.21 -15.99 -8.94
CA LEU G 215 -46.32 -17.45 -9.08
C LEU G 215 -44.96 -18.12 -9.01
N ILE G 216 -43.90 -17.55 -9.59
CA ILE G 216 -42.57 -18.15 -9.52
C ILE G 216 -42.04 -18.13 -8.08
N VAL G 217 -42.31 -17.09 -7.29
CA VAL G 217 -41.96 -17.09 -5.86
C VAL G 217 -42.71 -18.18 -5.11
N VAL G 218 -44.05 -18.17 -5.11
CA VAL G 218 -44.81 -19.12 -4.28
C VAL G 218 -44.68 -20.56 -4.77
N LEU G 219 -44.58 -20.79 -6.08
CA LEU G 219 -44.37 -22.14 -6.61
C LEU G 219 -42.98 -22.67 -6.25
N THR G 220 -41.95 -21.81 -6.16
CA THR G 220 -40.65 -22.21 -5.61
C THR G 220 -40.78 -22.60 -4.13
N ILE G 221 -41.51 -21.83 -3.33
CA ILE G 221 -41.73 -22.17 -1.91
C ILE G 221 -42.52 -23.49 -1.79
N CYS G 222 -43.47 -23.75 -2.69
CA CYS G 222 -44.19 -25.03 -2.75
C CYS G 222 -43.24 -26.21 -3.07
N ALA G 223 -42.29 -26.03 -3.99
CA ALA G 223 -41.28 -27.05 -4.29
C ALA G 223 -40.26 -27.26 -3.16
N LYS G 224 -39.93 -26.20 -2.40
CA LYS G 224 -38.91 -26.22 -1.34
C LYS G 224 -39.32 -27.06 -0.15
N SER G 225 -40.62 -27.22 0.09
CA SER G 225 -41.13 -28.04 1.18
C SER G 225 -40.68 -29.49 1.03
N LEU G 226 -40.84 -30.11 -0.14
CA LEU G 226 -40.63 -31.56 -0.30
C LEU G 226 -40.44 -31.95 -1.77
N THR H 35 -27.30 11.11 37.49
CA THR H 35 -27.29 12.59 37.62
C THR H 35 -26.32 13.22 36.63
N VAL H 36 -26.43 14.52 36.38
CA VAL H 36 -25.59 15.29 35.43
C VAL H 36 -25.22 16.67 35.97
N THR H 37 -24.11 17.21 35.48
CA THR H 37 -23.57 18.54 35.81
C THR H 37 -23.86 19.55 34.69
N ALA H 38 -23.01 20.57 34.50
CA ALA H 38 -23.01 21.45 33.31
C ALA H 38 -22.84 20.69 31.97
N LEU H 39 -22.48 19.41 32.02
CA LEU H 39 -22.69 18.39 30.97
C LEU H 39 -24.09 18.48 30.31
N LYS H 40 -25.13 18.92 31.05
CA LYS H 40 -26.50 19.13 30.55
C LYS H 40 -26.63 20.25 29.52
N ALA H 41 -25.70 21.21 29.46
CA ALA H 41 -25.74 22.29 28.49
C ALA H 41 -25.47 21.79 27.05
N GLY H 42 -24.36 21.08 26.86
CA GLY H 42 -23.95 20.47 25.59
C GLY H 42 -23.50 21.50 24.54
N GLU H 43 -24.52 22.15 23.97
CA GLU H 43 -24.48 23.19 22.93
C GLU H 43 -24.29 22.63 21.50
N ASP H 44 -23.11 22.66 20.88
CA ASP H 44 -22.92 22.16 19.51
C ASP H 44 -23.90 22.70 18.43
N LYS H 45 -25.15 22.25 18.41
CA LYS H 45 -26.12 22.70 17.42
C LYS H 45 -26.93 23.94 17.85
N SER H 46 -26.25 25.07 17.98
CA SER H 46 -26.87 26.35 18.34
C SER H 46 -25.89 27.47 17.91
N ILE H 47 -24.77 27.67 18.61
CA ILE H 47 -23.79 28.64 18.10
C ILE H 47 -23.34 28.28 16.68
N ARG H 48 -23.26 26.99 16.37
CA ARG H 48 -22.89 26.53 15.02
C ARG H 48 -23.95 27.00 14.00
N LEU H 49 -25.22 26.70 14.29
CA LEU H 49 -26.31 27.19 13.45
C LEU H 49 -26.28 28.71 13.33
N GLY H 50 -26.10 29.44 14.44
CA GLY H 50 -26.04 30.90 14.43
C GLY H 50 -24.96 31.45 13.50
N LEU H 51 -23.75 30.88 13.55
CA LEU H 51 -22.68 31.22 12.62
C LEU H 51 -23.05 30.91 11.17
N PHE H 52 -23.65 29.75 10.88
CA PHE H 52 -24.10 29.47 9.52
C PHE H 52 -25.19 30.46 9.05
N LEU H 53 -26.10 30.87 9.92
CA LEU H 53 -27.13 31.87 9.64
C LEU H 53 -26.52 33.25 9.33
N ILE H 54 -25.57 33.76 10.12
CA ILE H 54 -24.95 35.05 9.77
C ILE H 54 -24.20 34.94 8.44
N ILE H 55 -23.48 33.84 8.21
CA ILE H 55 -22.70 33.67 6.97
C ILE H 55 -23.62 33.57 5.76
N SER H 56 -24.72 32.85 5.86
CA SER H 56 -25.70 32.77 4.77
C SER H 56 -26.34 34.12 4.50
N GLY H 57 -26.65 34.89 5.54
CA GLY H 57 -27.24 36.23 5.41
C GLY H 57 -26.32 37.20 4.67
N VAL H 58 -25.06 37.32 5.09
CA VAL H 58 -24.10 38.23 4.46
C VAL H 58 -23.78 37.83 3.02
N VAL H 59 -23.58 36.54 2.74
CA VAL H 59 -23.28 36.07 1.38
C VAL H 59 -24.47 36.29 0.45
N SER H 60 -25.69 36.04 0.92
CA SER H 60 -26.89 36.21 0.10
C SER H 60 -27.09 37.66 -0.33
N LEU H 61 -27.04 38.63 0.59
CA LEU H 61 -27.14 40.04 0.20
C LEU H 61 -25.94 40.49 -0.63
N PHE H 62 -24.75 39.92 -0.43
CA PHE H 62 -23.57 40.20 -1.23
C PHE H 62 -23.73 39.72 -2.69
N ILE H 63 -24.32 38.54 -2.89
CA ILE H 63 -24.67 38.02 -4.21
C ILE H 63 -25.76 38.88 -4.85
N PHE H 64 -26.86 39.14 -4.14
CA PHE H 64 -27.92 39.99 -4.67
C PHE H 64 -27.41 41.38 -5.02
N GLY H 65 -26.47 41.93 -4.26
CA GLY H 65 -25.84 43.22 -4.57
C GLY H 65 -25.20 43.25 -5.95
N PHE H 66 -24.39 42.27 -6.29
CA PHE H 66 -23.76 42.22 -7.62
C PHE H 66 -24.75 41.93 -8.71
N CYS H 67 -25.89 41.36 -8.36
CA CYS H 67 -26.86 40.87 -9.33
C CYS H 67 -28.03 41.83 -9.56
N TRP H 68 -28.24 42.84 -8.72
CA TRP H 68 -29.37 43.77 -8.86
C TRP H 68 -28.93 45.17 -9.30
N LEU H 69 -27.62 45.46 -9.31
CA LEU H 69 -27.13 46.76 -9.76
C LEU H 69 -27.62 47.09 -11.16
N SER H 70 -27.61 46.11 -12.07
CA SER H 70 -28.02 46.38 -13.44
C SER H 70 -29.49 46.80 -13.55
N PRO H 71 -30.49 46.05 -13.04
CA PRO H 71 -31.87 46.52 -13.13
C PRO H 71 -32.08 47.81 -12.31
N ALA H 72 -31.40 47.96 -11.17
CA ALA H 72 -31.41 49.21 -10.42
C ALA H 72 -30.77 50.37 -11.19
N LEU H 73 -29.68 50.12 -11.93
CA LEU H 73 -29.03 51.12 -12.77
C LEU H 73 -30.00 51.58 -13.87
N GLN H 74 -30.60 50.61 -14.56
CA GLN H 74 -31.55 50.93 -15.62
C GLN H 74 -32.73 51.73 -15.09
N ASP H 75 -33.24 51.37 -13.92
CA ASP H 75 -34.36 52.11 -13.34
C ASP H 75 -33.96 53.54 -12.99
N LEU H 76 -32.77 53.73 -12.41
CA LEU H 76 -32.33 55.06 -12.03
C LEU H 76 -31.94 55.90 -13.23
N GLN H 77 -31.51 55.25 -14.32
CA GLN H 77 -31.10 55.98 -15.51
C GLN H 77 -32.23 56.74 -16.17
N ALA H 78 -33.48 56.32 -15.93
CA ALA H 78 -34.65 56.98 -16.48
C ALA H 78 -35.21 57.97 -15.46
N THR H 79 -35.39 59.22 -15.88
CA THR H 79 -35.89 60.28 -15.02
C THR H 79 -37.35 60.57 -15.34
N GLU H 80 -37.94 61.48 -14.56
CA GLU H 80 -39.34 61.83 -14.67
C GLU H 80 -39.49 63.11 -15.48
N ALA H 81 -40.31 63.11 -16.54
CA ALA H 81 -40.55 64.32 -17.30
C ALA H 81 -42.05 64.40 -17.58
N ASN H 82 -42.51 65.40 -18.33
CA ASN H 82 -43.93 65.48 -18.65
C ASN H 82 -44.04 65.40 -20.17
N CYS H 83 -43.60 64.28 -20.74
CA CYS H 83 -43.58 64.15 -22.19
C CYS H 83 -45.00 64.26 -22.74
N THR H 84 -45.21 64.86 -23.91
CA THR H 84 -46.52 65.07 -24.53
C THR H 84 -46.63 64.35 -25.86
N VAL H 85 -47.77 63.76 -26.21
CA VAL H 85 -47.95 63.14 -27.54
C VAL H 85 -47.91 64.21 -28.63
N LEU H 86 -46.97 64.11 -29.56
CA LEU H 86 -46.76 65.08 -30.64
C LEU H 86 -47.54 64.69 -31.90
N SER H 87 -47.50 63.42 -32.29
CA SER H 87 -48.31 62.89 -33.38
C SER H 87 -48.37 61.36 -33.36
N VAL H 88 -49.55 60.82 -33.64
CA VAL H 88 -49.75 59.43 -34.02
C VAL H 88 -50.05 59.37 -35.50
N GLN H 89 -49.25 58.59 -36.21
CA GLN H 89 -49.53 58.21 -37.58
C GLN H 89 -49.55 56.69 -37.68
N GLN H 90 -50.27 56.19 -38.69
CA GLN H 90 -50.36 54.76 -38.96
C GLN H 90 -49.40 54.43 -40.09
N ILE H 91 -48.28 53.79 -39.73
CA ILE H 91 -47.28 53.43 -40.74
C ILE H 91 -47.83 52.37 -41.68
N GLY H 92 -48.66 51.46 -41.18
CA GLY H 92 -49.25 50.42 -42.00
C GLY H 92 -48.46 49.12 -42.07
N GLU H 93 -47.33 49.04 -41.37
CA GLU H 93 -46.55 47.81 -41.36
C GLU H 93 -47.28 46.71 -40.59
N VAL H 94 -46.94 45.47 -40.90
CA VAL H 94 -47.54 44.30 -40.28
C VAL H 94 -46.44 43.51 -39.60
N PHE H 95 -46.64 43.18 -38.33
CA PHE H 95 -45.66 42.45 -37.54
C PHE H 95 -46.30 41.20 -36.93
N GLU H 96 -45.52 40.13 -36.87
CA GLU H 96 -46.03 38.84 -36.40
C GLU H 96 -45.82 38.70 -34.90
N CYS H 97 -46.84 38.18 -34.22
CA CYS H 97 -46.78 37.92 -32.79
C CYS H 97 -47.10 36.45 -32.54
N THR H 98 -46.60 35.94 -31.42
CA THR H 98 -46.81 34.56 -31.01
C THR H 98 -47.83 34.50 -29.89
N PHE H 99 -48.86 33.68 -30.05
CA PHE H 99 -49.90 33.50 -29.05
C PHE H 99 -49.93 32.06 -28.59
N THR H 100 -50.25 31.86 -27.32
CA THR H 100 -50.29 30.53 -26.71
C THR H 100 -51.65 30.28 -26.09
N CYS H 101 -52.14 29.05 -26.22
CA CYS H 101 -53.40 28.62 -25.65
C CYS H 101 -53.25 27.96 -24.29
N GLY H 102 -52.03 27.88 -23.75
CA GLY H 102 -51.71 27.12 -22.54
C GLY H 102 -51.32 25.68 -22.85
N ALA H 103 -51.87 25.06 -23.90
CA ALA H 103 -51.49 23.71 -24.30
C ALA H 103 -50.40 23.75 -25.36
N ASP H 104 -49.29 24.41 -24.98
CA ASP H 104 -48.09 24.57 -25.81
C ASP H 104 -48.44 24.93 -27.25
N CYS H 105 -49.37 25.88 -27.41
CA CYS H 105 -49.69 26.39 -28.74
C CYS H 105 -48.51 27.19 -29.29
N ARG H 106 -48.20 26.96 -30.57
CA ARG H 106 -47.11 27.65 -31.24
C ARG H 106 -47.60 28.47 -32.43
N GLY H 107 -48.88 28.85 -32.44
CA GLY H 107 -49.39 29.64 -33.53
C GLY H 107 -48.88 31.06 -33.52
N THR H 108 -48.85 31.67 -34.70
CA THR H 108 -48.39 33.04 -34.88
C THR H 108 -49.46 33.85 -35.57
N SER H 109 -49.69 35.09 -35.13
CA SER H 109 -50.72 35.93 -35.73
C SER H 109 -50.12 37.27 -36.14
N GLN H 110 -50.80 37.98 -37.02
CA GLN H 110 -50.28 39.26 -37.51
C GLN H 110 -51.03 40.49 -36.96
N TYR H 111 -50.32 41.58 -36.67
CA TYR H 111 -50.99 42.78 -36.20
C TYR H 111 -50.43 44.00 -36.91
N PRO H 112 -51.23 45.03 -37.12
CA PRO H 112 -50.72 46.27 -37.72
C PRO H 112 -49.78 46.99 -36.76
N CYS H 113 -48.88 47.76 -37.35
CA CYS H 113 -47.86 48.49 -36.61
C CYS H 113 -48.30 49.93 -36.41
N VAL H 114 -48.24 50.40 -35.16
CA VAL H 114 -48.62 51.78 -34.81
C VAL H 114 -47.39 52.47 -34.25
N GLN H 115 -46.98 53.56 -34.89
CA GLN H 115 -45.82 54.34 -34.47
C GLN H 115 -46.30 55.71 -34.03
N VAL H 116 -45.98 56.09 -32.79
CA VAL H 116 -46.38 57.34 -32.17
C VAL H 116 -45.14 58.10 -31.75
N TYR H 117 -45.06 59.37 -32.13
CA TYR H 117 -43.94 60.23 -31.77
C TYR H 117 -44.41 61.25 -30.75
N VAL H 118 -43.67 61.35 -29.65
CA VAL H 118 -43.93 62.24 -28.52
C VAL H 118 -42.91 63.38 -28.48
N ASN H 119 -43.18 64.39 -27.67
CA ASN H 119 -42.28 65.51 -27.46
C ASN H 119 -42.00 65.67 -25.98
N ASN H 120 -40.73 65.81 -25.62
CA ASN H 120 -40.35 65.98 -24.23
C ASN H 120 -40.70 67.38 -23.75
N SER H 121 -40.89 67.50 -22.43
CA SER H 121 -41.26 68.78 -21.83
C SER H 121 -40.05 69.69 -21.67
N GLU H 122 -39.07 69.25 -20.87
CA GLU H 122 -37.88 70.06 -20.61
C GLU H 122 -36.83 69.94 -21.70
N SER H 123 -36.94 68.94 -22.58
CA SER H 123 -35.97 68.74 -23.65
C SER H 123 -36.46 69.12 -25.03
N ASN H 124 -37.78 69.29 -25.19
CA ASN H 124 -38.43 69.63 -26.46
C ASN H 124 -37.84 68.89 -27.65
N SER H 125 -37.57 67.59 -27.47
CA SER H 125 -36.98 66.75 -28.50
C SER H 125 -37.97 65.67 -28.91
N ARG H 126 -38.13 65.50 -30.22
CA ARG H 126 -39.03 64.47 -30.74
C ARG H 126 -38.45 63.08 -30.45
N ALA H 127 -39.28 62.20 -29.90
CA ALA H 127 -38.82 60.87 -29.49
C ALA H 127 -39.89 59.84 -29.83
N LEU H 128 -39.50 58.58 -29.84
CA LEU H 128 -40.42 57.49 -30.14
C LEU H 128 -41.13 57.01 -28.88
N LEU H 129 -42.46 56.94 -28.89
CA LEU H 129 -43.20 56.35 -27.78
C LEU H 129 -42.99 54.83 -27.75
N HIS H 130 -42.97 54.23 -26.54
CA HIS H 130 -43.16 52.79 -26.36
C HIS H 130 -44.00 52.51 -25.05
N SER H 131 -44.86 51.47 -25.04
CA SER H 131 -45.55 51.00 -23.84
C SER H 131 -44.57 50.70 -22.71
N ASP H 132 -43.64 49.77 -22.92
CA ASP H 132 -42.82 49.16 -21.88
C ASP H 132 -41.56 48.49 -22.44
N GLU H 133 -40.63 48.13 -21.56
CA GLU H 133 -39.34 47.54 -21.93
C GLU H 133 -39.48 46.24 -22.76
N HIS H 134 -40.40 45.38 -22.31
CA HIS H 134 -40.67 44.13 -22.99
C HIS H 134 -41.03 44.44 -24.43
N GLN H 135 -42.06 45.26 -24.65
CA GLN H 135 -42.49 45.70 -25.96
C GLN H 135 -41.35 46.32 -26.76
N LEU H 136 -40.53 47.19 -26.17
CA LEU H 136 -39.40 47.79 -26.88
C LEU H 136 -38.44 46.73 -27.42
N LEU H 137 -38.00 45.80 -26.56
CA LEU H 137 -37.00 44.81 -26.91
C LEU H 137 -37.54 43.74 -27.87
N THR H 138 -38.84 43.46 -27.85
CA THR H 138 -39.47 42.58 -28.85
C THR H 138 -39.75 43.30 -30.18
N ASN H 139 -40.14 44.58 -30.16
CA ASN H 139 -40.25 45.38 -31.39
C ASN H 139 -40.23 46.91 -31.15
N PRO H 140 -39.16 47.64 -31.56
CA PRO H 140 -39.03 49.09 -31.40
C PRO H 140 -39.62 49.94 -32.55
N LYS H 141 -40.12 49.30 -33.59
CA LYS H 141 -40.73 50.03 -34.71
C LYS H 141 -42.14 50.53 -34.37
N CYS H 142 -42.86 49.72 -33.60
CA CYS H 142 -44.22 50.02 -33.19
C CYS H 142 -44.27 50.45 -31.72
N SER H 143 -44.84 51.63 -31.44
CA SER H 143 -44.95 52.27 -30.13
C SER H 143 -45.90 51.57 -29.15
N TYR H 144 -46.59 50.55 -29.62
CA TYR H 144 -47.44 49.67 -28.84
C TYR H 144 -47.44 48.31 -29.52
N ILE H 145 -47.46 47.25 -28.73
CA ILE H 145 -47.84 45.92 -29.20
C ILE H 145 -49.08 45.55 -28.40
N PRO H 146 -50.26 45.44 -29.02
CA PRO H 146 -51.40 44.85 -28.32
C PRO H 146 -51.15 43.38 -28.02
N PRO H 147 -51.86 42.81 -27.05
CA PRO H 147 -51.71 41.38 -26.78
C PRO H 147 -52.06 40.56 -28.01
N CYS H 148 -51.31 39.49 -28.24
CA CYS H 148 -51.50 38.68 -29.43
C CYS H 148 -52.84 37.96 -29.38
N LYS H 149 -53.59 38.04 -30.46
CA LYS H 149 -54.93 37.48 -30.53
C LYS H 149 -54.98 36.39 -31.60
N ARG H 150 -55.81 35.37 -31.39
CA ARG H 150 -55.91 34.29 -32.37
C ARG H 150 -56.57 34.74 -33.69
N GLU H 151 -57.39 35.78 -33.63
CA GLU H 151 -58.02 36.30 -34.83
C GLU H 151 -57.38 37.63 -35.21
N ASN H 152 -56.99 37.76 -36.48
CA ASN H 152 -56.41 39.01 -36.95
C ASN H 152 -57.41 40.16 -36.89
N GLN H 153 -58.69 39.88 -37.13
CA GLN H 153 -59.71 40.93 -37.05
C GLN H 153 -59.82 41.49 -35.64
N LYS H 154 -59.79 40.61 -34.63
CA LYS H 154 -59.84 41.07 -33.25
C LYS H 154 -58.62 41.90 -32.89
N ASN H 155 -57.45 41.48 -33.37
CA ASN H 155 -56.23 42.26 -33.13
C ASN H 155 -56.32 43.63 -33.78
N LEU H 156 -56.84 43.70 -35.00
CA LEU H 156 -57.02 44.99 -35.66
C LEU H 156 -58.01 45.87 -34.91
N GLU H 157 -59.10 45.28 -34.40
CA GLU H 157 -60.06 46.04 -33.62
C GLU H 157 -59.43 46.58 -32.34
N SER H 158 -58.61 45.76 -31.68
CA SER H 158 -57.92 46.22 -30.48
C SER H 158 -56.94 47.35 -30.81
N VAL H 159 -56.27 47.27 -31.95
CA VAL H 159 -55.44 48.39 -32.42
C VAL H 159 -56.28 49.63 -32.64
N MET H 160 -57.41 49.56 -33.34
CA MET H 160 -58.27 50.72 -33.54
C MET H 160 -58.83 51.25 -32.22
N ASN H 161 -59.18 50.37 -31.29
CA ASN H 161 -59.63 50.71 -29.94
C ASN H 161 -58.53 51.45 -29.15
N TRP H 162 -57.32 50.88 -29.07
CA TRP H 162 -56.20 51.50 -28.39
C TRP H 162 -55.78 52.80 -29.06
N GLN H 163 -55.85 52.81 -30.42
CA GLN H 163 -55.54 53.99 -31.29
C GLN H 163 -56.50 55.09 -31.00
N GLN H 164 -57.79 54.84 -30.83
CA GLN H 164 -58.80 55.81 -30.43
C GLN H 164 -58.56 56.31 -29.00
N TYR H 165 -58.21 55.42 -28.08
CA TYR H 165 -57.82 55.75 -26.71
C TYR H 165 -56.48 56.50 -26.60
N TRP H 166 -55.81 56.76 -27.72
CA TRP H 166 -54.56 57.51 -27.78
C TRP H 166 -54.64 58.78 -28.63
N LYS H 167 -55.63 58.89 -29.52
CA LYS H 167 -55.88 60.08 -30.35
C LYS H 167 -56.55 61.21 -29.60
N ASP H 168 -57.27 60.90 -28.53
CA ASP H 168 -57.99 61.90 -27.75
C ASP H 168 -57.05 62.80 -26.95
N GLU H 169 -55.99 62.21 -26.40
CA GLU H 169 -55.03 62.97 -25.63
C GLU H 169 -53.80 63.30 -26.47
N ILE H 170 -53.87 64.40 -27.21
CA ILE H 170 -52.76 64.79 -28.07
C ILE H 170 -52.30 66.23 -27.79
N GLY H 171 -51.00 66.48 -27.58
CA GLY H 171 -50.52 67.84 -27.36
C GLY H 171 -50.62 68.35 -25.94
N SER H 172 -51.81 68.69 -25.49
CA SER H 172 -52.09 69.25 -24.17
C SER H 172 -52.18 68.19 -23.05
N GLN H 173 -52.69 68.47 -21.83
CA GLN H 173 -52.68 67.52 -20.70
C GLN H 173 -51.38 66.71 -20.47
N PRO H 174 -50.22 67.41 -20.16
CA PRO H 174 -49.08 66.51 -19.90
C PRO H 174 -49.28 65.70 -18.63
N PHE H 175 -48.75 64.49 -18.62
CA PHE H 175 -48.95 63.47 -17.60
C PHE H 175 -47.60 62.94 -17.12
N THR H 176 -47.59 62.20 -16.01
CA THR H 176 -46.37 61.57 -15.52
C THR H 176 -45.73 60.77 -16.65
N CYS H 177 -44.45 61.05 -16.92
CA CYS H 177 -43.75 60.35 -17.99
C CYS H 177 -42.33 59.96 -17.62
N TYR H 178 -41.88 58.83 -18.15
CA TYR H 178 -40.54 58.33 -17.90
C TYR H 178 -39.70 58.51 -19.15
N PHE H 179 -38.56 59.19 -19.02
CA PHE H 179 -37.70 59.43 -20.18
C PHE H 179 -36.22 59.24 -19.86
N ASN H 180 -35.53 58.53 -20.76
CA ASN H 180 -34.10 58.27 -20.62
C ASN H 180 -33.30 59.18 -21.55
N GLN H 181 -32.24 59.78 -21.03
CA GLN H 181 -31.40 60.67 -21.82
C GLN H 181 -29.93 60.29 -21.70
N HIS H 182 -29.66 58.99 -21.70
CA HIS H 182 -28.30 58.48 -21.60
C HIS H 182 -27.99 57.42 -22.64
N GLN H 183 -28.85 56.40 -22.72
CA GLN H 183 -28.67 55.32 -23.68
C GLN H 183 -29.67 55.41 -24.82
N ARG H 184 -30.94 55.70 -24.54
CA ARG H 184 -32.04 55.67 -25.50
C ARG H 184 -32.77 57.03 -25.52
N PRO H 185 -32.10 58.10 -25.99
CA PRO H 185 -32.64 59.47 -25.99
C PRO H 185 -33.87 59.62 -26.89
N ASP H 186 -34.03 58.72 -27.85
CA ASP H 186 -35.17 58.77 -28.75
C ASP H 186 -36.26 57.80 -28.32
N ASP H 187 -36.17 57.20 -27.13
CA ASP H 187 -37.22 56.29 -26.61
C ASP H 187 -37.87 56.88 -25.37
N VAL H 188 -39.16 56.68 -25.26
CA VAL H 188 -40.00 57.15 -24.16
C VAL H 188 -40.91 56.05 -23.65
N LEU H 189 -40.81 55.63 -22.38
CA LEU H 189 -41.69 54.56 -21.85
C LEU H 189 -42.91 55.10 -21.10
N LEU H 190 -44.07 54.50 -21.33
CA LEU H 190 -45.28 54.74 -20.53
C LEU H 190 -45.20 54.07 -19.15
N HIS H 191 -44.63 52.87 -19.11
CA HIS H 191 -44.52 52.11 -17.88
C HIS H 191 -43.05 51.85 -17.49
N ARG H 192 -42.82 51.65 -16.19
CA ARG H 192 -41.48 51.42 -15.66
C ARG H 192 -40.95 50.02 -16.00
N THR H 193 -39.63 49.89 -16.18
CA THR H 193 -39.01 48.58 -16.48
C THR H 193 -39.15 47.58 -15.33
N HIS H 194 -39.11 48.09 -14.09
CA HIS H 194 -39.02 47.33 -12.84
C HIS H 194 -39.78 48.02 -11.70
N ASP H 195 -40.02 47.23 -10.66
CA ASP H 195 -40.72 47.58 -9.42
C ASP H 195 -39.77 47.50 -8.22
N GLU H 196 -39.75 48.52 -7.38
CA GLU H 196 -38.96 48.49 -6.13
C GLU H 196 -39.45 47.40 -5.17
N ILE H 197 -40.71 46.97 -5.28
CA ILE H 197 -41.31 46.03 -4.33
C ILE H 197 -40.58 44.68 -4.33
N VAL H 198 -40.24 44.11 -5.50
CA VAL H 198 -39.51 42.83 -5.56
C VAL H 198 -38.04 43.01 -5.21
N LEU H 199 -37.44 44.15 -5.57
CA LEU H 199 -36.06 44.48 -5.21
C LEU H 199 -35.92 44.55 -3.68
N LEU H 200 -36.83 45.24 -3.00
CA LEU H 200 -36.85 45.31 -1.53
C LEU H 200 -37.22 43.94 -0.91
N HIS H 201 -38.24 43.27 -1.43
CA HIS H 201 -38.74 42.02 -0.85
C HIS H 201 -37.66 40.94 -0.86
N CYS H 202 -36.83 40.84 -1.90
CA CYS H 202 -35.69 39.93 -1.86
C CYS H 202 -34.51 40.45 -1.02
N PHE H 203 -34.31 41.76 -0.86
CA PHE H 203 -33.22 42.30 -0.03
C PHE H 203 -33.48 42.23 1.48
N LEU H 204 -34.73 42.34 1.95
CA LEU H 204 -34.99 42.35 3.41
C LEU H 204 -34.68 41.00 4.05
N TRP H 205 -34.92 39.88 3.35
CA TRP H 205 -34.74 38.54 3.89
C TRP H 205 -33.32 38.22 4.34
N PRO H 206 -32.26 38.47 3.57
CA PRO H 206 -30.90 38.21 4.04
C PRO H 206 -30.49 39.14 5.19
N LEU H 207 -30.96 40.38 5.22
CA LEU H 207 -30.71 41.29 6.33
C LEU H 207 -31.31 40.75 7.63
N VAL H 208 -32.59 40.37 7.64
CA VAL H 208 -33.18 39.76 8.84
C VAL H 208 -32.55 38.40 9.15
N THR H 209 -32.15 37.63 8.14
CA THR H 209 -31.47 36.34 8.35
C THR H 209 -30.13 36.53 9.06
N PHE H 210 -29.39 37.60 8.74
CA PHE H 210 -28.19 37.98 9.48
C PHE H 210 -28.51 38.33 10.94
N VAL H 211 -29.55 39.13 11.19
CA VAL H 211 -29.98 39.48 12.56
C VAL H 211 -30.38 38.23 13.37
N VAL H 212 -31.14 37.31 12.76
CA VAL H 212 -31.50 36.02 13.36
C VAL H 212 -30.27 35.16 13.65
N GLY H 213 -29.23 35.22 12.82
CA GLY H 213 -27.96 34.58 13.16
C GLY H 213 -27.29 35.23 14.37
N VAL H 214 -27.19 36.56 14.41
CA VAL H 214 -26.54 37.29 15.51
C VAL H 214 -27.23 37.03 16.86
N LEU H 215 -28.56 37.08 16.93
CA LEU H 215 -29.25 36.78 18.18
C LEU H 215 -28.99 35.35 18.64
N ILE H 216 -28.97 34.37 17.74
CA ILE H 216 -28.69 32.98 18.14
C ILE H 216 -27.25 32.83 18.66
N VAL H 217 -26.27 33.53 18.09
CA VAL H 217 -24.91 33.54 18.64
C VAL H 217 -24.88 34.16 20.04
N VAL H 218 -25.31 35.42 20.20
CA VAL H 218 -25.17 36.10 21.51
C VAL H 218 -26.08 35.52 22.57
N LEU H 219 -27.28 35.05 22.23
CA LEU H 219 -28.17 34.38 23.17
C LEU H 219 -27.58 33.03 23.63
N THR H 220 -26.87 32.30 22.76
CA THR H 220 -26.12 31.11 23.18
C THR H 220 -25.02 31.49 24.17
N ILE H 221 -24.26 32.56 23.91
CA ILE H 221 -23.22 33.03 24.83
C ILE H 221 -23.83 33.47 26.18
N CYS H 222 -25.02 34.08 26.16
CA CYS H 222 -25.77 34.41 27.37
C CYS H 222 -26.18 33.16 28.18
N ALA H 223 -26.62 32.08 27.51
CA ALA H 223 -26.93 30.81 28.16
C ALA H 223 -25.68 30.08 28.69
N LYS H 224 -24.53 30.21 28.02
CA LYS H 224 -23.29 29.50 28.34
C LYS H 224 -22.68 29.97 29.66
N SER H 225 -22.93 31.21 30.06
CA SER H 225 -22.44 31.73 31.32
C SER H 225 -22.95 30.93 32.51
N LEU H 226 -24.26 30.64 32.60
CA LEU H 226 -24.86 30.06 33.81
C LEU H 226 -26.22 29.42 33.53
C1 CLR I . -3.13 47.96 -29.08
C2 CLR I . -3.80 49.01 -29.96
C3 CLR I . -3.63 48.70 -31.43
C4 CLR I . -4.21 47.31 -31.69
C5 CLR I . -3.53 46.26 -30.86
C6 CLR I . -2.93 45.25 -31.47
C7 CLR I . -2.01 44.27 -30.81
C8 CLR I . -2.16 44.24 -29.29
C9 CLR I . -2.35 45.64 -28.72
C10 CLR I . -3.49 46.48 -29.36
C11 CLR I . -2.42 45.57 -27.18
C12 CLR I . -1.23 44.85 -26.54
C13 CLR I . -0.95 43.46 -27.15
C14 CLR I . -0.90 43.65 -28.67
C15 CLR I . -0.37 42.32 -29.19
C16 CLR I . 0.66 41.91 -28.11
C17 CLR I . 0.46 42.86 -26.90
C18 CLR I . -2.01 42.44 -26.75
C19 CLR I . -4.89 46.18 -28.78
C20 CLR I . 0.77 42.14 -25.57
C21 CLR I . 0.79 43.05 -24.35
C22 CLR I . 2.10 41.39 -25.67
C23 CLR I . 2.48 40.58 -24.43
C24 CLR I . 3.81 39.86 -24.60
C25 CLR I . 3.72 38.36 -24.87
C26 CLR I . 5.11 37.76 -24.98
C27 CLR I . 2.90 37.63 -23.80
O1 CLR I . -4.29 49.70 -32.18
K K J . -19.48 17.08 -22.03
C1 CLR K . -9.33 8.07 -54.67
C2 CLR K . -9.92 8.78 -55.88
C3 CLR K . -11.30 8.23 -56.22
C4 CLR K . -12.20 8.38 -54.99
C5 CLR K . -11.63 7.65 -53.81
C6 CLR K . -12.35 6.69 -53.23
C7 CLR K . -11.83 5.72 -52.22
C8 CLR K . -10.54 6.18 -51.55
C9 CLR K . -9.59 6.84 -52.54
C10 CLR K . -10.21 7.99 -53.40
C11 CLR K . -8.28 7.21 -51.85
C12 CLR K . -7.61 6.03 -51.11
C13 CLR K . -8.56 5.30 -50.15
C14 CLR K . -9.83 4.97 -50.95
C15 CLR K . -10.61 4.03 -50.04
C16 CLR K . -9.49 3.18 -49.38
C17 CLR K . -8.13 3.87 -49.72
C18 CLR K . -8.87 6.12 -48.91
C19 CLR K . -10.20 9.35 -52.68
C20 CLR K . -7.12 3.69 -48.57
C21 CLR K . -5.70 4.15 -48.89
C22 CLR K . -7.08 2.21 -48.13
C23 CLR K . -6.16 1.91 -46.96
C24 CLR K . -6.16 0.43 -46.57
C25 CLR K . -6.97 0.10 -45.32
C26 CLR K . -6.87 -1.40 -45.03
C27 CLR K . -6.51 0.90 -44.11
O1 CLR K . -11.80 8.94 -57.34
C1 CLR L . -47.71 -2.87 -28.90
C2 CLR L . -48.70 -2.43 -29.97
C3 CLR L . -49.68 -1.41 -29.44
C4 CLR L . -48.89 -0.21 -28.92
C5 CLR L . -47.94 -0.62 -27.83
C6 CLR L . -48.04 -0.06 -26.63
C7 CLR L . -47.35 -0.53 -25.40
C8 CLR L . -46.14 -1.42 -25.67
C9 CLR L . -46.42 -2.39 -26.84
C10 CLR L . -46.96 -1.74 -28.15
C11 CLR L . -45.23 -3.33 -27.05
C12 CLR L . -44.78 -4.06 -25.77
C13 CLR L . -44.56 -3.14 -24.57
C14 CLR L . -45.81 -2.25 -24.45
C15 CLR L . -45.64 -1.55 -23.11
C16 CLR L . -45.00 -2.64 -22.23
C17 CLR L . -44.56 -3.79 -23.16
C18 CLR L . -43.29 -2.28 -24.73
C19 CLR L . -45.84 -1.18 -29.05
C20 CLR L . -43.28 -4.48 -22.64
C21 CLR L . -42.88 -5.75 -23.40
C22 CLR L . -43.42 -4.80 -21.14
C23 CLR L . -42.20 -5.42 -20.50
C24 CLR L . -42.40 -5.71 -19.02
C25 CLR L . -41.73 -4.73 -18.05
C26 CLR L . -41.99 -5.16 -16.61
C27 CLR L . -40.24 -4.62 -18.31
O1 CLR L . -50.56 -1.04 -30.49
C1 CLR M . -41.75 36.95 -3.05
C2 CLR M . -42.85 37.74 -3.75
C3 CLR M . -42.33 39.03 -4.32
C4 CLR M . -41.19 38.72 -5.28
C5 CLR M . -40.07 37.98 -4.58
C6 CLR M . -38.85 38.50 -4.57
C7 CLR M . -37.73 38.03 -3.72
C8 CLR M . -37.91 36.62 -3.20
C9 CLR M . -39.37 36.36 -2.77
C10 CLR M . -40.45 36.71 -3.83
C11 CLR M . -39.50 34.95 -2.18
C12 CLR M . -38.52 34.67 -1.04
C13 CLR M . -37.05 34.98 -1.40
C14 CLR M . -37.04 36.40 -1.98
C15 CLR M . -35.55 36.73 -2.07
C16 CLR M . -34.97 36.07 -0.80
C17 CLR M . -36.06 35.14 -0.21
C18 CLR M . -36.48 33.96 -2.39
C19 CLR M . -40.68 35.58 -4.87
C20 CLR M . -35.44 33.90 0.46
C21 CLR M . -36.43 33.03 1.23
C22 CLR M . -34.30 34.32 1.39
C23 CLR M . -33.56 33.16 2.06
C24 CLR M . -32.44 33.64 2.97
C25 CLR M . -31.03 33.48 2.41
C26 CLR M . -29.99 33.97 3.41
C27 CLR M . -30.73 32.04 1.99
O1 CLR M . -43.39 39.70 -4.98
#